data_6EQO
#
_entry.id   6EQO
#
_cell.length_a   383.414
_cell.length_b   86.740
_cell.length_c   133.958
_cell.angle_alpha   90.000
_cell.angle_beta   108.890
_cell.angle_gamma   90.000
#
_symmetry.space_group_name_H-M   'C 1 2 1'
#
loop_
_entity.id
_entity.type
_entity.pdbx_description
1 polymer 'Acetyl-coenzyme A synthetase'
2 non-polymer 'PHOSPHOMETHYLPHOSPHONIC ACID ADENYLATE ESTER'
3 non-polymer 'NADP NICOTINAMIDE-ADENINE-DINUCLEOTIDE PHOSPHATE'
4 water water
#
_entity_poly.entity_id   1
_entity_poly.type   'polypeptide(L)'
_entity_poly.pdbx_seq_one_letter_code
;MIGEGDDIGSSNNLEKQSHGLRISDRDHFQRLREECRSDPGEFHGRLAKREICWLIEGPGGNPAWAFYDDAAETWTGWDA
SSAAPITLDLPESFEPWERAFNDDDPPNWRWFEGGLTSTAFNEVDRHVLSGHGDEAAMIFEGDRWNMASEGGRGGPVDSE
VISRRKLLLESAKCALALKALGLEAGDRIALNMPSIPEQIYWTEGAKRMGIVYTPVFGGFSDKTLSDRIADAGARVVVTA
DGSYRNAQMVPFKPSYTDPALDNFIAVPVAMELLGQALEDGELVVAPEHAGLIRSEVAGLLDGEVTVERSDVMRGVGKAL
TAIASGEAAGGAMTPRQAAQLRIAIASALVDSPPRVDAVVVVKHTAQPDLPWNEARDHWSHDLTAAAGEELLKAARDAGF
DVADEEALLALSDTEFVRAIWAGAPVLAVDAEYPNFIIYTSGSTGKPKGVVHVHGGYASGVAATMPAAFGAEPGDVMYVV
ADPGWITGQSYQIAASLLSRVTTVITEGSPVFPHAGRFASIIERYGVNVFKAGVTFLKSVMQNPENLKDIQRYDLSSLKV
ATFCAEPVSPAVQAFAMEHITHRYINSYWATEHGGMVWTHFADADGFPLEADAHTYPLPWIMGDVWVEDADGSSNGPVEY
ERDTGTGGAPWRVAEDGEKGEIVIALPYPYLTRTIWGDVENFTVEHVGNLARVAGGWRGDEVRYADTYWRRWKGAWAYTQ
GDFAMRHPDGSFSLHGRSDDVINVSGHRIGTEEIEGAILRDKALDPNSPVGNVIVIGAPHSQKGVTPIAFVTPVEGRRLT
QDDKRRLTDLVRTEKGAVAVPQDFIELSEFPETRSGKYMRRMVRAVVEGGEVGDASTLRNPESLDELARAVDGWKRRQSL
SDTQALFERYRFFTIQYNLVAPGKRVATVTVKNPPVNALNERALDELVIIAEHLARKDDVAAVVFTGSGTASFVAGADIR
QMLEEVNSVEEAKALPDNAQLAFRTIEEMDKPCIAAIQGVALGGGMEFALACHYRVAEPKARFGQPEINLRLLPGYGGTQ
RLPRLLADGGGETGLRDALDLILGGRAIDADAALAVGAVDALADGSDNALSHAHAMVREFVRSGDDSALGKAFAARKTQT
QSWHEPASIDLDAVLEDEFLQRILNQLEWAGRDKAGERALDAVRTGWTQGMTAGLECEAQRFAEAIIDPEGGKTGIQQFM
DKQSPPLPVRRDGVWEDDQHEATKTALIEAGDLLPLGAPFYPGVTAIPPKQLAFGIARDPDTGAPRFGPPETHERELVVN
TPKPGANEALIYLLSSEVNFNDIWALTGIPVSPFDAHDEDVQITGSGGLALVAALGSELKEEGRLQVGDLVSVYSGTSEL
LSPLAGDDPMYAGFAIQGYETKTGSHAQFLTVQGPQLHRPPADLTLEQAGAYTLNLGTVARCLFTTLEIQAGKTAFVEGS
ATGTGLDALKSSVRTGLAVTGLVSSEDRAEFVKSHGSVGAINRKDPEIADCFTPVPDDPDEARQWEADGEKLLDAYRETN
GGKLADYVVSHAGERAFPRSFQLLAEGGRLAFYGASSGYHFSFMGKGGEARPDEMLARANLRGGESVLLYYGPGSHELAD
EKGLEMVEAARLMKARMVIVTTSDGQREFLQSLGLEDAVEGIVSIEGLKRRLSDFHWPDTLPRLPDARTDIENFKIGVRA
YQQNTMKPFGTAVGKLLRSPGNPRGVPDLVIERAGQDTLGVSTSLVKPFGGRVIYAEEMAGRRYTFYAPQVWTRQRRIYM
PSAEIFGTHLCNAYEVTMMNEMVAAGLLDVTEPTMVPWEGLPEAHQAMWDNRHSGATYVVNHALPAMGLTTKDELLEYWV
AAQSDTGETS
;
_entity_poly.pdbx_strand_id   A,B
#
# COMPACT_ATOMS: atom_id res chain seq x y z
N ILE A 23 3.52 84.77 -3.58
CA ILE A 23 4.97 84.78 -3.48
C ILE A 23 5.60 83.94 -4.59
N SER A 24 6.72 84.42 -5.12
CA SER A 24 7.43 83.74 -6.22
C SER A 24 8.60 84.59 -6.68
N ASP A 25 9.68 83.96 -7.15
CA ASP A 25 10.83 84.67 -7.69
C ASP A 25 10.73 84.78 -9.21
N ARG A 26 10.83 86.01 -9.72
CA ARG A 26 10.49 86.30 -11.11
C ARG A 26 11.59 85.86 -12.07
N ASP A 27 12.79 86.39 -11.88
CA ASP A 27 13.84 86.32 -12.87
C ASP A 27 15.06 85.62 -12.29
N HIS A 28 16.09 85.49 -13.13
CA HIS A 28 17.39 85.05 -12.66
C HIS A 28 18.09 86.14 -11.85
N PHE A 29 17.85 87.42 -12.21
CA PHE A 29 18.32 88.52 -11.37
C PHE A 29 17.77 88.41 -9.96
N GLN A 30 16.49 88.05 -9.85
CA GLN A 30 15.83 88.01 -8.56
C GLN A 30 16.48 86.98 -7.63
N ARG A 31 16.79 85.78 -8.14
CA ARG A 31 17.47 84.80 -7.30
C ARG A 31 18.71 85.43 -6.66
N LEU A 32 19.54 86.06 -7.48
CA LEU A 32 20.80 86.58 -6.97
C LEU A 32 20.63 87.83 -6.14
N ARG A 33 19.65 88.69 -6.48
CA ARG A 33 19.35 89.80 -5.59
C ARG A 33 19.01 89.28 -4.20
N GLU A 34 18.12 88.30 -4.12
CA GLU A 34 17.69 87.77 -2.83
C GLU A 34 18.82 87.02 -2.12
N GLU A 35 19.61 86.25 -2.87
CA GLU A 35 20.63 85.43 -2.23
C GLU A 35 21.61 86.27 -1.42
N CYS A 36 22.14 87.34 -2.03
CA CYS A 36 23.03 88.23 -1.27
C CYS A 36 22.24 89.09 -0.29
N ARG A 37 21.07 89.57 -0.72
CA ARG A 37 20.15 90.25 0.19
C ARG A 37 19.89 89.40 1.43
N SER A 38 20.01 88.08 1.32
CA SER A 38 19.72 87.18 2.42
C SER A 38 20.80 87.27 3.49
N ASP A 39 20.90 88.43 4.14
CA ASP A 39 21.65 88.56 5.39
C ASP A 39 20.78 87.99 6.50
N PRO A 40 21.03 86.74 6.89
CA PRO A 40 19.97 85.88 7.44
C PRO A 40 18.84 86.58 8.18
N GLY A 41 19.17 87.29 9.25
CA GLY A 41 18.14 87.87 10.10
C GLY A 41 17.11 88.68 9.35
N GLU A 42 17.55 89.76 8.70
CA GLU A 42 16.60 90.65 8.05
C GLU A 42 15.71 89.90 7.07
N PHE A 43 16.32 89.03 6.27
CA PHE A 43 15.62 88.36 5.18
C PHE A 43 14.49 87.47 5.68
N HIS A 44 14.83 86.34 6.31
CA HIS A 44 13.80 85.44 6.81
C HIS A 44 12.85 86.14 7.76
N GLY A 45 13.33 87.17 8.45
CA GLY A 45 12.43 87.94 9.30
C GLY A 45 11.31 88.60 8.50
N ARG A 46 11.63 89.11 7.30
CA ARG A 46 10.62 89.77 6.49
C ARG A 46 9.46 88.84 6.19
N LEU A 47 9.76 87.58 5.88
CA LEU A 47 8.73 86.65 5.44
C LEU A 47 8.00 86.02 6.61
N ALA A 48 8.72 85.71 7.69
CA ALA A 48 8.09 85.06 8.83
C ALA A 48 6.98 85.92 9.42
N LYS A 49 7.10 87.25 9.35
CA LYS A 49 6.03 88.13 9.82
C LYS A 49 4.74 87.87 9.06
N ARG A 50 4.84 87.41 7.81
CA ARG A 50 3.70 87.32 6.91
C ARG A 50 3.16 85.92 6.74
N GLU A 51 4.04 84.91 6.65
CA GLU A 51 3.57 83.55 6.39
C GLU A 51 2.80 83.01 7.57
N ILE A 52 3.27 83.23 8.80
CA ILE A 52 2.62 82.74 10.01
C ILE A 52 2.34 83.91 10.95
N CYS A 53 1.44 83.65 11.91
CA CYS A 53 1.02 84.64 12.89
C CYS A 53 1.89 84.57 14.14
N TRP A 54 1.96 85.69 14.86
CA TRP A 54 2.70 85.81 16.09
C TRP A 54 1.84 86.47 17.16
N LEU A 55 2.15 86.18 18.42
CA LEU A 55 1.45 86.79 19.54
C LEU A 55 2.15 88.10 19.87
N ILE A 56 1.45 89.21 19.67
CA ILE A 56 1.98 90.55 19.84
C ILE A 56 1.15 91.30 20.87
N GLU A 57 1.81 92.16 21.63
CA GLU A 57 1.14 92.98 22.63
C GLU A 57 0.03 93.81 22.01
N GLY A 61 -2.81 97.79 26.24
CA GLY A 61 -3.49 96.95 25.27
C GLY A 61 -3.43 95.48 25.64
N ASN A 62 -4.17 94.66 24.90
CA ASN A 62 -4.21 93.23 25.15
C ASN A 62 -3.48 92.46 24.06
N PRO A 63 -3.09 91.22 24.32
CA PRO A 63 -2.36 90.44 23.32
C PRO A 63 -3.26 89.90 22.22
N ALA A 64 -2.66 89.70 21.04
CA ALA A 64 -3.42 89.35 19.85
C ALA A 64 -2.54 88.57 18.87
N TRP A 65 -3.15 87.60 18.19
CA TRP A 65 -2.48 86.89 17.12
C TRP A 65 -2.58 87.73 15.86
N ALA A 66 -1.45 88.05 15.25
CA ALA A 66 -1.45 88.95 14.12
C ALA A 66 -0.29 88.64 13.19
N PHE A 67 -0.40 89.14 11.97
CA PHE A 67 0.65 89.03 10.99
C PHE A 67 0.60 90.27 10.12
N TYR A 68 1.71 90.56 9.44
CA TYR A 68 1.75 91.70 8.53
C TYR A 68 1.09 91.29 7.22
N ASP A 69 -0.03 91.93 6.90
CA ASP A 69 -0.79 91.64 5.68
C ASP A 69 -0.44 92.67 4.63
N ASP A 70 0.09 92.22 3.49
CA ASP A 70 0.44 93.15 2.41
C ASP A 70 -0.81 93.75 1.77
N ALA A 71 -1.84 92.94 1.55
CA ALA A 71 -3.08 93.46 0.99
C ALA A 71 -3.64 94.61 1.82
N ALA A 72 -3.35 94.63 3.12
CA ALA A 72 -3.80 95.69 4.01
C ALA A 72 -2.68 96.60 4.46
N GLU A 73 -1.42 96.24 4.21
CA GLU A 73 -0.26 97.05 4.56
C GLU A 73 -0.19 97.38 6.05
N THR A 74 -0.92 96.64 6.89
CA THR A 74 -0.81 96.75 8.34
C THR A 74 -0.98 95.35 8.93
N TRP A 75 -0.61 95.22 10.20
CA TRP A 75 -0.74 93.94 10.89
C TRP A 75 -2.21 93.65 11.14
N THR A 76 -2.77 92.71 10.40
CA THR A 76 -4.09 92.19 10.70
C THR A 76 -3.96 90.96 11.59
N GLY A 77 -5.05 90.60 12.25
CA GLY A 77 -4.98 89.52 13.22
C GLY A 77 -6.26 89.41 14.02
N TRP A 78 -6.14 88.88 15.23
CA TRP A 78 -7.29 88.55 16.07
C TRP A 78 -6.90 88.64 17.54
N ASP A 79 -7.83 89.15 18.35
CA ASP A 79 -7.66 89.17 19.79
C ASP A 79 -7.44 87.76 20.32
N ALA A 80 -6.53 87.62 21.28
CA ALA A 80 -6.23 86.31 21.86
C ALA A 80 -7.39 85.75 22.67
N SER A 81 -8.46 86.53 22.87
CA SER A 81 -9.62 86.09 23.64
C SER A 81 -10.94 86.27 22.92
N SER A 82 -10.95 86.63 21.64
CA SER A 82 -12.22 86.75 20.90
C SER A 82 -12.06 86.96 19.39
N ALA A 83 -12.25 88.21 18.93
CA ALA A 83 -12.51 88.49 17.51
C ALA A 83 -11.41 89.30 16.85
N ALA A 84 -11.72 89.94 15.72
CA ALA A 84 -10.72 90.43 14.78
C ALA A 84 -10.46 91.92 14.95
N PRO A 85 -9.23 92.36 15.27
CA PRO A 85 -8.87 93.76 15.08
C PRO A 85 -7.62 93.91 14.22
N ILE A 86 -7.10 95.12 14.11
CA ILE A 86 -5.88 95.39 13.38
C ILE A 86 -4.96 96.12 14.34
N THR A 87 -3.66 95.87 14.26
CA THR A 87 -2.73 96.54 15.12
C THR A 87 -1.76 97.24 14.23
N LEU A 88 -1.68 98.55 14.29
CA LEU A 88 -0.77 99.24 13.39
C LEU A 88 0.62 99.54 13.90
N ASP A 89 1.10 98.93 14.97
CA ASP A 89 2.38 99.35 15.45
C ASP A 89 3.53 99.08 14.50
N LEU A 90 4.20 100.13 14.02
CA LEU A 90 5.45 100.03 13.25
C LEU A 90 5.36 98.97 12.25
N PRO A 91 4.43 99.07 11.39
CA PRO A 91 4.28 97.80 10.69
C PRO A 91 5.36 97.14 9.84
N GLU A 92 6.01 97.70 8.85
CA GLU A 92 7.00 96.89 8.17
C GLU A 92 8.19 96.58 9.06
N SER A 93 8.60 97.56 9.86
CA SER A 93 9.82 97.44 10.63
C SER A 93 9.64 96.56 11.86
N PHE A 94 8.45 96.55 12.45
CA PHE A 94 8.24 95.89 13.74
C PHE A 94 8.65 94.43 13.66
N GLU A 95 9.14 93.91 14.78
CA GLU A 95 9.57 92.52 14.89
C GLU A 95 8.87 91.87 16.07
N PRO A 96 8.08 90.81 15.86
CA PRO A 96 7.41 90.15 17.01
C PRO A 96 8.34 89.33 17.88
N TRP A 97 9.64 89.32 17.60
CA TRP A 97 10.61 88.56 18.37
C TRP A 97 11.58 89.52 19.03
N GLU A 98 12.46 88.96 19.87
CA GLU A 98 13.51 89.74 20.53
C GLU A 98 14.78 89.84 19.71
N ARG A 99 15.01 88.90 18.79
CA ARG A 99 16.18 88.91 17.92
C ARG A 99 15.96 87.92 16.79
N ALA A 100 15.98 88.42 15.55
CA ALA A 100 15.71 87.56 14.40
C ALA A 100 16.67 86.38 14.34
N PHE A 101 17.97 86.66 14.21
CA PHE A 101 18.97 85.62 13.98
C PHE A 101 20.06 85.71 15.02
N ASN A 102 20.50 84.56 15.50
CA ASN A 102 21.53 84.46 16.53
C ASN A 102 22.59 83.47 16.08
N ASP A 103 23.84 83.93 15.99
CA ASP A 103 24.93 83.15 15.39
C ASP A 103 26.12 82.97 16.33
N ASP A 104 25.90 83.11 17.64
CA ASP A 104 27.02 83.15 18.57
C ASP A 104 27.71 81.78 18.69
N ASP A 105 26.94 80.73 18.91
CA ASP A 105 27.54 79.40 18.94
C ASP A 105 27.85 78.93 17.53
N PRO A 106 28.81 78.02 17.36
CA PRO A 106 29.32 77.75 16.02
C PRO A 106 28.25 77.13 15.13
N PRO A 107 27.56 76.03 15.57
CA PRO A 107 26.45 75.52 14.75
C PRO A 107 25.09 75.58 15.41
N ASN A 108 25.03 76.13 16.63
CA ASN A 108 23.78 76.16 17.40
C ASN A 108 23.10 77.50 17.13
N TRP A 109 22.17 77.50 16.19
CA TRP A 109 21.51 78.71 15.76
C TRP A 109 20.16 78.87 16.45
N ARG A 110 19.75 80.12 16.61
CA ARG A 110 18.47 80.45 17.21
C ARG A 110 17.82 81.49 16.30
N TRP A 111 16.62 81.17 15.82
CA TRP A 111 15.89 82.05 14.92
C TRP A 111 14.65 82.57 15.62
N PHE A 112 14.45 83.88 15.59
CA PHE A 112 13.23 84.51 16.09
C PHE A 112 13.04 84.28 17.59
N GLU A 113 14.14 84.23 18.33
CA GLU A 113 14.08 84.13 19.78
C GLU A 113 13.17 85.20 20.37
N GLY A 114 12.41 84.82 21.41
CA GLY A 114 11.50 85.72 22.07
C GLY A 114 10.17 85.89 21.39
N GLY A 115 10.05 85.49 20.12
CA GLY A 115 8.76 85.54 19.45
C GLY A 115 7.90 84.38 19.90
N LEU A 116 6.64 84.67 20.19
CA LEU A 116 5.67 83.65 20.59
C LEU A 116 4.82 83.29 19.38
N THR A 117 4.77 82.01 19.04
CA THR A 117 3.95 81.52 17.95
C THR A 117 3.44 80.12 18.32
N SER A 118 2.84 79.43 17.35
CA SER A 118 2.32 78.10 17.59
C SER A 118 2.09 77.41 16.26
N THR A 119 2.58 76.18 16.14
CA THR A 119 2.27 75.39 14.94
C THR A 119 0.79 75.05 14.88
N ALA A 120 0.14 74.90 16.04
CA ALA A 120 -1.28 74.55 16.05
C ALA A 120 -2.13 75.73 15.60
N PHE A 121 -1.84 76.92 16.10
CA PHE A 121 -2.64 78.09 15.75
C PHE A 121 -2.61 78.35 14.25
N ASN A 122 -1.41 78.46 13.67
CA ASN A 122 -1.28 78.74 12.25
C ASN A 122 -1.74 77.59 11.37
N GLU A 123 -1.87 76.39 11.93
CA GLU A 123 -2.34 75.24 11.17
C GLU A 123 -3.84 75.02 11.30
N VAL A 124 -4.46 75.44 12.40
CA VAL A 124 -5.86 75.15 12.67
C VAL A 124 -6.66 76.43 12.93
N ASP A 125 -6.42 77.03 14.08
CA ASP A 125 -7.26 78.15 14.53
C ASP A 125 -7.25 79.28 13.51
N ARG A 126 -6.06 79.68 13.04
CA ARG A 126 -5.92 80.83 12.16
C ARG A 126 -6.99 80.85 11.06
N HIS A 127 -7.18 79.72 10.38
CA HIS A 127 -8.00 79.71 9.17
C HIS A 127 -9.49 79.63 9.47
N VAL A 128 -9.88 78.90 10.51
CA VAL A 128 -11.24 79.03 11.01
C VAL A 128 -11.52 80.46 11.42
N LEU A 129 -10.61 81.02 12.21
CA LEU A 129 -10.74 82.35 12.79
C LEU A 129 -10.70 83.45 11.71
N SER A 130 -10.19 83.16 10.51
CA SER A 130 -10.21 84.09 9.40
C SER A 130 -11.38 83.85 8.46
N GLY A 131 -12.37 83.07 8.87
CA GLY A 131 -13.59 82.92 8.08
C GLY A 131 -13.55 81.83 7.04
N HIS A 132 -12.72 80.81 7.22
CA HIS A 132 -12.66 79.68 6.32
C HIS A 132 -12.96 78.39 7.08
N GLY A 133 -13.97 78.44 7.95
CA GLY A 133 -14.25 77.30 8.80
C GLY A 133 -14.78 76.10 8.03
N ASP A 134 -15.71 76.33 7.11
CA ASP A 134 -16.31 75.24 6.34
C ASP A 134 -15.39 74.74 5.25
N GLU A 135 -14.22 75.34 5.08
CA GLU A 135 -13.29 74.91 4.06
C GLU A 135 -12.72 73.53 4.38
N ALA A 136 -12.35 72.80 3.33
CA ALA A 136 -11.84 71.44 3.47
C ALA A 136 -10.38 71.49 3.88
N ALA A 137 -10.10 71.14 5.14
CA ALA A 137 -8.72 71.02 5.58
C ALA A 137 -8.08 69.76 5.03
N MET A 138 -8.78 68.64 5.17
CA MET A 138 -8.26 67.33 4.79
C MET A 138 -9.31 66.56 4.01
N ILE A 139 -8.85 65.84 3.00
CA ILE A 139 -9.66 64.81 2.34
C ILE A 139 -9.00 63.48 2.67
N PHE A 140 -9.74 62.59 3.30
CA PHE A 140 -9.23 61.30 3.72
C PHE A 140 -9.77 60.20 2.81
N GLU A 141 -8.89 59.33 2.36
CA GLU A 141 -9.27 58.21 1.51
C GLU A 141 -8.76 56.93 2.15
N GLY A 142 -9.68 56.00 2.42
CA GLY A 142 -9.30 54.71 2.94
C GLY A 142 -8.68 53.82 1.88
N ASP A 143 -8.11 52.72 2.35
CA ASP A 143 -7.38 51.81 1.47
C ASP A 143 -8.32 51.03 0.57
N ARG A 144 -9.42 50.50 1.13
CA ARG A 144 -10.25 49.54 0.42
C ARG A 144 -10.92 50.19 -0.79
N TRP A 145 -11.18 49.38 -1.82
CA TRP A 145 -11.45 49.89 -3.16
C TRP A 145 -12.62 49.14 -3.78
N ASN A 146 -13.58 49.89 -4.32
CA ASN A 146 -14.69 49.32 -5.07
C ASN A 146 -14.40 49.54 -6.56
N MET A 147 -13.96 48.49 -7.24
CA MET A 147 -13.63 48.58 -8.66
C MET A 147 -14.79 49.14 -9.47
N ALA A 148 -16.02 48.78 -9.13
CA ALA A 148 -17.16 49.12 -9.97
C ALA A 148 -17.70 50.52 -9.71
N SER A 149 -17.38 51.13 -8.57
CA SER A 149 -17.78 52.51 -8.30
C SER A 149 -17.33 53.41 -9.44
N GLU A 150 -17.95 54.59 -9.54
CA GLU A 150 -17.58 55.58 -10.55
C GLU A 150 -17.69 55.00 -11.95
N GLY A 151 -18.76 54.23 -12.17
CA GLY A 151 -18.94 53.60 -13.46
C GLY A 151 -17.73 52.83 -13.91
N GLY A 152 -17.28 51.88 -13.10
CA GLY A 152 -16.18 51.00 -13.48
C GLY A 152 -14.80 51.58 -13.34
N ARG A 153 -14.68 52.83 -12.95
CA ARG A 153 -13.38 53.45 -12.75
C ARG A 153 -12.83 53.22 -11.36
N GLY A 154 -13.71 52.99 -10.40
CA GLY A 154 -13.30 52.70 -9.05
C GLY A 154 -13.49 53.88 -8.11
N GLY A 155 -13.72 53.56 -6.85
CA GLY A 155 -13.81 54.55 -5.81
C GLY A 155 -13.46 53.93 -4.47
N PRO A 156 -13.17 54.76 -3.47
CA PRO A 156 -12.85 54.23 -2.15
C PRO A 156 -14.10 53.79 -1.40
N VAL A 157 -13.86 52.88 -0.47
CA VAL A 157 -14.93 52.42 0.40
C VAL A 157 -15.14 53.41 1.54
N ASP A 158 -14.05 54.00 2.04
CA ASP A 158 -14.07 54.95 3.13
C ASP A 158 -13.50 56.27 2.63
N SER A 159 -14.16 57.35 2.98
CA SER A 159 -13.68 58.65 2.53
C SER A 159 -14.43 59.72 3.31
N GLU A 160 -13.72 60.80 3.65
CA GLU A 160 -14.29 61.87 4.44
C GLU A 160 -13.65 63.19 4.06
N VAL A 161 -14.46 64.24 4.05
CA VAL A 161 -13.97 65.61 3.92
C VAL A 161 -14.04 66.25 5.30
N ILE A 162 -12.89 66.72 5.80
CA ILE A 162 -12.80 67.31 7.13
C ILE A 162 -12.76 68.81 6.99
N SER A 163 -13.78 69.47 7.54
CA SER A 163 -13.79 70.93 7.57
C SER A 163 -12.75 71.44 8.56
N ARG A 164 -12.29 72.67 8.33
CA ARG A 164 -11.35 73.27 9.26
C ARG A 164 -11.96 73.39 10.65
N ARG A 165 -13.29 73.46 10.74
CA ARG A 165 -13.91 73.54 12.05
C ARG A 165 -13.88 72.18 12.75
N LYS A 166 -14.00 71.09 12.00
CA LYS A 166 -13.88 69.78 12.63
C LYS A 166 -12.45 69.54 13.09
N LEU A 167 -11.47 69.87 12.25
CA LEU A 167 -10.07 69.73 12.62
C LEU A 167 -9.76 70.49 13.90
N LEU A 168 -10.40 71.65 14.09
CA LEU A 168 -10.23 72.42 15.32
C LEU A 168 -10.94 71.76 16.49
N LEU A 169 -12.17 71.28 16.27
CA LEU A 169 -12.92 70.66 17.36
C LEU A 169 -12.26 69.35 17.81
N GLU A 170 -12.01 68.44 16.87
CA GLU A 170 -11.47 67.14 17.25
C GLU A 170 -10.07 67.27 17.85
N SER A 171 -9.27 68.20 17.36
CA SER A 171 -7.94 68.39 17.93
C SER A 171 -8.01 69.08 19.28
N ALA A 172 -8.91 70.06 19.44
CA ALA A 172 -9.11 70.64 20.76
C ALA A 172 -9.60 69.59 21.74
N LYS A 173 -10.40 68.64 21.26
CA LYS A 173 -10.80 67.52 22.11
C LYS A 173 -9.59 66.67 22.46
N CYS A 174 -8.75 66.37 21.47
CA CYS A 174 -7.55 65.59 21.77
C CYS A 174 -6.66 66.33 22.77
N ALA A 175 -6.53 67.64 22.62
CA ALA A 175 -5.67 68.39 23.53
C ALA A 175 -6.12 68.22 24.97
N LEU A 176 -7.42 68.30 25.23
CA LEU A 176 -7.93 68.12 26.59
C LEU A 176 -7.77 66.69 27.06
N ALA A 177 -7.81 65.73 26.14
CA ALA A 177 -7.60 64.34 26.51
C ALA A 177 -6.17 64.12 26.99
N LEU A 178 -5.20 64.68 26.28
CA LEU A 178 -3.81 64.62 26.73
C LEU A 178 -3.66 65.27 28.09
N LYS A 179 -4.34 66.39 28.32
CA LYS A 179 -4.31 67.03 29.64
C LYS A 179 -4.92 66.12 30.71
N ALA A 180 -6.05 65.51 30.40
CA ALA A 180 -6.71 64.62 31.35
C ALA A 180 -5.86 63.39 31.67
N LEU A 181 -4.97 63.00 30.76
CA LEU A 181 -4.05 61.91 31.01
C LEU A 181 -2.89 62.32 31.91
N GLY A 182 -2.81 63.59 32.31
CA GLY A 182 -1.73 64.06 33.14
C GLY A 182 -0.53 64.60 32.42
N LEU A 183 -0.65 64.92 31.14
CA LEU A 183 0.47 65.44 30.37
C LEU A 183 0.57 66.96 30.51
N GLU A 184 1.79 67.44 30.67
CA GLU A 184 2.06 68.87 30.79
C GLU A 184 2.74 69.37 29.52
N ALA A 185 3.04 70.66 29.50
CA ALA A 185 3.52 71.30 28.28
C ALA A 185 4.87 70.72 27.84
N GLY A 186 5.70 70.29 28.78
CA GLY A 186 6.98 69.75 28.38
C GLY A 186 6.98 68.27 27.99
N ASP A 187 6.03 67.52 28.54
CA ASP A 187 6.07 66.06 28.45
C ASP A 187 6.04 65.60 26.99
N ARG A 188 6.23 64.30 26.80
CA ARG A 188 6.35 63.77 25.46
C ARG A 188 5.48 62.53 25.27
N ILE A 189 5.01 62.36 24.03
CA ILE A 189 4.17 61.24 23.65
C ILE A 189 4.77 60.59 22.41
N ALA A 190 4.35 59.35 22.15
CA ALA A 190 4.77 58.62 20.96
C ALA A 190 3.53 58.19 20.20
N LEU A 191 3.51 58.49 18.90
CA LEU A 191 2.44 58.07 18.02
C LEU A 191 2.89 56.88 17.21
N ASN A 192 2.06 55.85 17.17
CA ASN A 192 2.32 54.66 16.37
C ASN A 192 1.00 54.34 15.68
N MET A 193 0.72 55.05 14.58
CA MET A 193 -0.60 55.04 13.98
C MET A 193 -0.50 54.97 12.46
N PRO A 194 -1.56 54.53 11.80
CA PRO A 194 -1.62 54.61 10.34
C PRO A 194 -2.05 56.00 9.89
N SER A 195 -1.80 56.26 8.61
CA SER A 195 -2.22 57.52 8.00
C SER A 195 -3.74 57.62 7.96
N ILE A 196 -4.33 58.09 9.06
CA ILE A 196 -5.77 58.26 9.20
C ILE A 196 -6.05 59.61 9.85
N PRO A 197 -7.29 60.10 9.74
CA PRO A 197 -7.58 61.45 10.27
C PRO A 197 -7.29 61.60 11.75
N GLU A 198 -7.42 60.53 12.52
CA GLU A 198 -7.27 60.65 13.97
C GLU A 198 -5.84 61.00 14.36
N GLN A 199 -4.85 60.51 13.62
CA GLN A 199 -3.47 60.87 13.95
C GLN A 199 -3.26 62.36 13.85
N ILE A 200 -3.86 62.99 12.84
CA ILE A 200 -3.78 64.44 12.72
C ILE A 200 -4.42 65.11 13.93
N TYR A 201 -5.64 64.68 14.28
CA TYR A 201 -6.33 65.28 15.41
C TYR A 201 -5.44 65.29 16.64
N TRP A 202 -4.90 64.12 17.01
CA TRP A 202 -4.00 64.06 18.15
C TRP A 202 -2.76 64.93 17.92
N THR A 203 -2.14 64.80 16.75
CA THR A 203 -0.95 65.60 16.45
C THR A 203 -1.23 67.09 16.65
N GLU A 204 -2.28 67.61 16.01
CA GLU A 204 -2.58 69.03 16.19
C GLU A 204 -3.00 69.33 17.62
N GLY A 205 -3.58 68.36 18.31
CA GLY A 205 -3.90 68.56 19.70
C GLY A 205 -2.66 68.56 20.59
N ALA A 206 -1.67 67.74 20.23
CA ALA A 206 -0.41 67.76 20.96
C ALA A 206 0.30 69.10 20.81
N LYS A 207 0.32 69.65 19.59
CA LYS A 207 0.93 70.96 19.39
C LYS A 207 0.23 72.03 20.23
N ARG A 208 -1.09 71.94 20.35
CA ARG A 208 -1.87 72.95 21.06
C ARG A 208 -1.50 73.03 22.54
N MET A 209 -0.98 71.94 23.10
CA MET A 209 -0.62 71.88 24.51
C MET A 209 0.88 71.94 24.74
N GLY A 210 1.67 72.16 23.69
CA GLY A 210 3.10 72.16 23.82
C GLY A 210 3.71 70.79 24.00
N ILE A 211 2.92 69.73 23.89
CA ILE A 211 3.41 68.37 24.11
C ILE A 211 4.18 67.92 22.87
N VAL A 212 5.43 67.52 23.08
CA VAL A 212 6.30 67.09 21.98
C VAL A 212 6.05 65.61 21.71
N TYR A 213 5.84 65.28 20.44
CA TYR A 213 5.48 63.94 20.03
C TYR A 213 6.52 63.39 19.05
N THR A 214 6.43 62.09 18.81
CA THR A 214 7.30 61.40 17.86
C THR A 214 6.43 60.50 16.99
N PRO A 215 6.34 60.75 15.68
CA PRO A 215 5.56 59.85 14.81
C PRO A 215 6.39 58.63 14.43
N VAL A 216 5.88 57.46 14.76
CA VAL A 216 6.56 56.20 14.48
C VAL A 216 5.78 55.49 13.39
N PHE A 217 6.33 55.51 12.18
CA PHE A 217 5.77 54.81 11.04
C PHE A 217 5.53 53.35 11.37
N GLY A 218 4.40 52.82 10.88
CA GLY A 218 3.99 51.45 11.17
C GLY A 218 4.81 50.37 10.49
N GLY A 219 5.80 50.73 9.69
CA GLY A 219 6.62 49.74 9.01
C GLY A 219 7.78 49.25 9.85
N PHE A 220 8.14 50.01 10.88
CA PHE A 220 9.24 49.62 11.75
C PHE A 220 8.81 48.47 12.65
N SER A 221 9.72 48.06 13.53
CA SER A 221 9.55 46.91 14.41
C SER A 221 9.22 47.34 15.83
N ASP A 222 8.64 46.39 16.59
CA ASP A 222 8.32 46.69 17.98
C ASP A 222 9.55 47.16 18.75
N LYS A 223 10.75 46.70 18.38
CA LYS A 223 11.94 47.14 19.07
C LYS A 223 12.36 48.55 18.66
N THR A 224 12.11 48.92 17.42
CA THR A 224 12.32 50.31 17.02
C THR A 224 11.39 51.22 17.80
N LEU A 225 10.09 50.92 17.79
CA LEU A 225 9.14 51.70 18.56
C LEU A 225 9.54 51.77 20.02
N SER A 226 10.03 50.65 20.58
CA SER A 226 10.48 50.65 21.98
C SER A 226 11.66 51.59 22.18
N ASP A 227 12.60 51.61 21.24
CA ASP A 227 13.75 52.48 21.35
C ASP A 227 13.34 53.95 21.30
N ARG A 228 12.39 54.30 20.42
CA ARG A 228 11.99 55.70 20.30
C ARG A 228 11.18 56.15 21.51
N ILE A 229 10.40 55.25 22.11
CA ILE A 229 9.68 55.59 23.34
C ILE A 229 10.67 55.87 24.46
N ALA A 230 11.60 54.94 24.68
CA ALA A 230 12.58 55.11 25.74
C ALA A 230 13.35 56.41 25.56
N ASP A 231 13.86 56.65 24.35
CA ASP A 231 14.74 57.79 24.13
C ASP A 231 13.98 59.11 24.19
N ALA A 232 12.72 59.13 23.77
CA ALA A 232 11.97 60.36 23.86
C ALA A 232 11.45 60.62 25.27
N GLY A 233 11.43 59.60 26.12
CA GLY A 233 10.83 59.77 27.43
C GLY A 233 9.33 59.96 27.37
N ALA A 234 8.66 59.28 26.45
CA ALA A 234 7.21 59.37 26.33
C ALA A 234 6.53 58.44 27.32
N ARG A 235 5.72 59.01 28.21
CA ARG A 235 4.95 58.22 29.16
C ARG A 235 3.57 57.89 28.64
N VAL A 236 3.21 58.34 27.44
CA VAL A 236 1.92 58.03 26.83
C VAL A 236 2.17 57.69 25.38
N VAL A 237 1.46 56.69 24.87
CA VAL A 237 1.53 56.30 23.47
C VAL A 237 0.13 56.37 22.87
N VAL A 238 0.05 56.79 21.62
CA VAL A 238 -1.20 56.81 20.87
C VAL A 238 -1.00 55.88 19.67
N THR A 239 -1.84 54.85 19.57
CA THR A 239 -1.74 53.89 18.49
C THR A 239 -3.14 53.61 17.97
N ALA A 240 -3.31 52.48 17.31
CA ALA A 240 -4.58 52.09 16.73
C ALA A 240 -4.73 50.59 16.89
N ASP A 241 -5.98 50.10 16.76
CA ASP A 241 -6.20 48.66 16.72
C ASP A 241 -5.64 48.06 15.43
N GLY A 242 -5.73 48.80 14.33
CA GLY A 242 -5.24 48.30 13.06
C GLY A 242 -5.53 49.29 11.95
N SER A 243 -4.97 48.97 10.79
CA SER A 243 -5.20 49.72 9.57
C SER A 243 -5.55 48.75 8.46
N TYR A 244 -5.73 49.29 7.27
CA TYR A 244 -6.02 48.48 6.08
C TYR A 244 -4.93 48.74 5.07
N ARG A 245 -4.14 47.71 4.78
CA ARG A 245 -3.10 47.77 3.75
C ARG A 245 -3.45 46.74 2.68
N ASN A 246 -3.72 47.22 1.47
CA ASN A 246 -4.02 46.35 0.33
C ASN A 246 -5.27 45.51 0.59
N ALA A 247 -6.30 46.15 1.16
CA ALA A 247 -7.60 45.53 1.42
C ALA A 247 -7.49 44.36 2.40
N GLN A 248 -6.55 44.43 3.33
CA GLN A 248 -6.37 43.39 4.35
C GLN A 248 -6.17 44.04 5.70
N MET A 249 -6.73 43.43 6.74
CA MET A 249 -6.72 44.00 8.09
C MET A 249 -5.38 43.71 8.76
N VAL A 250 -4.58 44.75 8.97
CA VAL A 250 -3.25 44.63 9.55
C VAL A 250 -3.31 45.12 11.00
N PRO A 251 -3.24 44.22 11.98
CA PRO A 251 -3.17 44.69 13.38
C PRO A 251 -2.02 45.65 13.63
N PHE A 252 -2.25 46.56 14.58
CA PHE A 252 -1.26 47.55 14.98
C PHE A 252 -0.90 47.41 16.46
N LYS A 253 -1.82 47.63 17.37
CA LYS A 253 -1.51 47.57 18.80
C LYS A 253 -0.93 46.23 19.20
N PRO A 254 -1.55 45.09 18.89
CA PRO A 254 -1.02 43.81 19.37
C PRO A 254 0.33 43.46 18.79
N SER A 255 0.72 44.07 17.69
CA SER A 255 1.93 43.69 16.97
C SER A 255 3.07 44.67 17.15
N TYR A 256 2.83 45.85 17.71
CA TYR A 256 3.87 46.86 17.85
C TYR A 256 3.89 47.44 19.26
N THR A 257 2.87 48.21 19.61
CA THR A 257 2.86 48.89 20.89
C THR A 257 2.90 47.89 22.05
N ASP A 258 2.01 46.89 22.04
CA ASP A 258 1.99 45.91 23.12
C ASP A 258 3.35 45.25 23.35
N PRO A 259 3.98 44.62 22.35
CA PRO A 259 5.30 44.01 22.61
C PRO A 259 6.39 45.02 22.94
N ALA A 260 6.32 46.22 22.38
CA ALA A 260 7.36 47.21 22.65
C ALA A 260 7.36 47.61 24.12
N LEU A 261 6.18 47.72 24.71
CA LEU A 261 6.07 48.06 26.12
C LEU A 261 6.31 46.84 27.00
N ASP A 262 5.77 45.69 26.60
CA ASP A 262 5.84 44.51 27.45
C ASP A 262 7.22 43.85 27.43
N ASN A 263 7.84 43.73 26.26
CA ASN A 263 8.94 42.80 26.07
C ASN A 263 10.31 43.44 26.08
N PHE A 264 10.41 44.75 26.27
CA PHE A 264 11.69 45.45 26.26
C PHE A 264 11.79 46.37 27.46
N ILE A 265 13.02 46.60 27.91
CA ILE A 265 13.29 47.57 28.96
C ILE A 265 14.56 48.34 28.59
N ALA A 266 14.63 49.59 29.03
CA ALA A 266 15.79 50.43 28.75
C ALA A 266 17.01 49.91 29.50
N VAL A 267 18.19 50.06 28.87
CA VAL A 267 19.40 49.44 29.40
C VAL A 267 19.77 50.08 30.72
N PRO A 268 19.60 51.40 30.92
CA PRO A 268 19.91 51.95 32.24
C PRO A 268 18.97 51.46 33.32
N VAL A 269 17.77 51.03 32.95
CA VAL A 269 16.85 50.47 33.94
C VAL A 269 17.26 49.04 34.29
N ALA A 270 17.66 48.27 33.28
CA ALA A 270 18.15 46.92 33.55
C ALA A 270 19.38 46.95 34.45
N MET A 271 20.27 47.93 34.24
CA MET A 271 21.43 48.05 35.11
C MET A 271 21.04 48.48 36.51
N GLU A 272 20.16 49.48 36.62
CA GLU A 272 19.65 49.89 37.94
C GLU A 272 19.09 48.70 38.71
N LEU A 273 18.23 47.92 38.05
CA LEU A 273 17.70 46.71 38.67
C LEU A 273 18.78 45.67 38.89
N LEU A 274 19.79 45.62 38.02
CA LEU A 274 20.91 44.71 38.23
C LEU A 274 21.67 45.08 39.50
N GLY A 275 21.87 46.38 39.73
CA GLY A 275 22.52 46.81 40.96
C GLY A 275 21.68 46.49 42.19
N GLN A 276 20.35 46.66 42.08
CA GLN A 276 19.46 46.31 43.18
C GLN A 276 19.54 44.82 43.50
N ALA A 277 19.51 43.97 42.46
CA ALA A 277 19.63 42.54 42.68
C ALA A 277 20.92 42.21 43.40
N LEU A 278 22.03 42.77 42.94
CA LEU A 278 23.35 42.51 43.52
C LEU A 278 23.48 43.04 44.94
N GLU A 279 22.42 43.61 45.53
CA GLU A 279 22.47 44.17 46.87
C GLU A 279 21.18 43.88 47.65
N VAL A 284 24.71 40.16 49.58
CA VAL A 284 25.50 39.04 50.08
C VAL A 284 26.45 38.55 48.99
N VAL A 285 26.98 39.50 48.20
CA VAL A 285 27.76 39.21 47.02
C VAL A 285 29.20 39.64 47.24
N ALA A 286 30.13 38.95 46.58
CA ALA A 286 31.53 39.34 46.60
C ALA A 286 31.77 40.48 45.61
N PRO A 287 32.26 41.64 46.05
CA PRO A 287 32.40 42.79 45.14
C PRO A 287 33.10 42.49 43.82
N GLU A 288 34.06 41.56 43.81
CA GLU A 288 34.74 41.22 42.57
C GLU A 288 33.80 40.51 41.60
N HIS A 289 32.90 39.69 42.15
CA HIS A 289 31.92 39.00 41.31
C HIS A 289 30.86 39.96 40.80
N ALA A 290 30.42 40.90 41.65
CA ALA A 290 29.44 41.88 41.21
C ALA A 290 29.98 42.75 40.08
N GLY A 291 31.24 43.16 40.18
CA GLY A 291 31.81 44.01 39.14
C GLY A 291 31.88 43.31 37.79
N LEU A 292 32.31 42.04 37.78
CA LEU A 292 32.38 41.29 36.53
C LEU A 292 31.01 41.20 35.87
N ILE A 293 29.95 41.08 36.67
CA ILE A 293 28.61 40.90 36.12
C ILE A 293 28.12 42.17 35.44
N ARG A 294 28.36 43.34 36.06
CA ARG A 294 27.91 44.60 35.48
C ARG A 294 28.58 44.86 34.13
N SER A 295 29.91 44.73 34.08
CA SER A 295 30.64 45.00 32.84
C SER A 295 30.26 44.00 31.76
N GLU A 296 30.05 42.73 32.12
CA GLU A 296 29.72 41.72 31.12
C GLU A 296 28.44 42.09 30.38
N VAL A 297 27.40 42.51 31.11
CA VAL A 297 26.14 42.87 30.47
C VAL A 297 26.27 44.20 29.74
N ALA A 298 27.02 45.13 30.31
CA ALA A 298 27.15 46.45 29.71
C ALA A 298 27.75 46.36 28.32
N GLY A 299 28.70 45.45 28.12
CA GLY A 299 29.29 45.28 26.80
C GLY A 299 28.34 44.68 25.81
N LEU A 300 27.43 43.82 26.27
CA LEU A 300 26.41 43.26 25.41
C LEU A 300 25.28 44.22 25.12
N LEU A 301 25.14 45.28 25.92
CA LEU A 301 24.12 46.28 25.71
C LEU A 301 24.67 47.61 25.22
N ASP A 302 25.98 47.72 25.03
CA ASP A 302 26.56 48.98 24.57
C ASP A 302 25.97 49.37 23.23
N GLY A 303 25.64 50.66 23.09
CA GLY A 303 24.99 51.15 21.89
C GLY A 303 23.51 50.92 21.82
N GLU A 304 22.99 49.91 22.51
CA GLU A 304 21.56 49.64 22.50
C GLU A 304 20.80 50.68 23.33
N VAL A 305 19.50 50.76 23.05
CA VAL A 305 18.60 51.66 23.76
C VAL A 305 17.71 50.88 24.72
N THR A 306 16.93 49.95 24.20
CA THR A 306 16.19 48.99 24.99
C THR A 306 16.49 47.60 24.45
N VAL A 307 16.33 46.59 25.31
CA VAL A 307 16.63 45.21 24.97
C VAL A 307 15.63 44.30 25.67
N GLU A 308 15.53 43.08 25.16
CA GLU A 308 14.75 42.06 25.85
C GLU A 308 15.46 41.66 27.14
N ARG A 309 14.66 41.32 28.15
CA ARG A 309 15.25 40.93 29.42
C ARG A 309 16.21 39.76 29.26
N SER A 310 15.99 38.91 28.25
CA SER A 310 16.85 37.76 28.02
C SER A 310 18.27 38.18 27.66
N ASP A 311 18.43 39.29 26.94
CA ASP A 311 19.78 39.75 26.61
C ASP A 311 20.58 40.01 27.87
N VAL A 312 19.92 40.49 28.93
CA VAL A 312 20.59 40.73 30.21
C VAL A 312 20.98 39.41 30.85
N MET A 313 20.04 38.46 30.89
CA MET A 313 20.31 37.19 31.55
C MET A 313 21.47 36.47 30.87
N ARG A 314 21.41 36.34 29.54
CA ARG A 314 22.51 35.72 28.81
C ARG A 314 23.84 36.36 29.19
N GLY A 315 23.85 37.68 29.39
CA GLY A 315 25.06 38.33 29.85
C GLY A 315 25.47 37.89 31.24
N VAL A 316 24.49 37.69 32.13
CA VAL A 316 24.80 37.23 33.48
C VAL A 316 25.35 35.81 33.44
N GLY A 317 24.81 34.98 32.56
CA GLY A 317 25.28 33.60 32.45
C GLY A 317 26.71 33.49 31.99
N LYS A 318 27.19 34.46 31.20
CA LYS A 318 28.60 34.47 30.83
C LYS A 318 29.48 34.89 31.99
N ALA A 319 28.95 35.72 32.90
CA ALA A 319 29.73 36.17 34.04
C ALA A 319 29.78 35.13 35.14
N LEU A 320 28.65 34.46 35.40
CA LEU A 320 28.63 33.42 36.44
C LEU A 320 29.43 32.21 36.00
N THR A 321 29.28 31.78 34.75
CA THR A 321 30.07 30.66 34.25
C THR A 321 31.56 30.96 34.36
N ALA A 322 31.95 32.22 34.18
CA ALA A 322 33.35 32.61 34.34
C ALA A 322 33.77 32.59 35.80
N ILE A 323 32.86 32.90 36.72
CA ILE A 323 33.19 32.87 38.14
C ILE A 323 33.27 31.43 38.64
N ALA A 324 32.33 30.59 38.20
CA ALA A 324 32.38 29.19 38.56
C ALA A 324 33.69 28.55 38.12
N SER A 325 34.26 29.01 37.01
CA SER A 325 35.56 28.52 36.58
C SER A 325 36.65 28.79 37.61
N GLY A 326 36.55 29.91 38.32
CA GLY A 326 37.55 30.28 39.30
C GLY A 326 38.71 31.08 38.74
N GLU A 327 38.71 31.36 37.44
CA GLU A 327 39.86 31.97 36.77
C GLU A 327 39.78 33.48 36.69
N ALA A 328 38.63 34.08 37.00
CA ALA A 328 38.46 35.52 36.89
C ALA A 328 38.35 36.14 38.28
N ALA A 329 39.18 37.16 38.54
CA ALA A 329 39.10 37.95 39.77
C ALA A 329 39.00 37.06 41.00
N GLY A 330 39.78 35.97 40.99
CA GLY A 330 39.74 35.03 42.09
C GLY A 330 38.33 34.57 42.37
N GLY A 331 38.00 34.48 43.66
CA GLY A 331 36.66 34.16 44.08
C GLY A 331 36.18 32.79 43.64
N ALA A 332 35.17 32.28 44.36
CA ALA A 332 34.58 30.98 44.07
C ALA A 332 33.14 31.05 44.55
N MET A 333 32.20 31.19 43.63
CA MET A 333 30.80 31.30 43.99
C MET A 333 30.30 29.96 44.48
N THR A 334 29.60 29.96 45.59
CA THR A 334 28.97 28.74 46.05
C THR A 334 27.83 28.40 45.10
N PRO A 335 27.77 27.16 44.55
CA PRO A 335 26.72 26.84 43.57
C PRO A 335 25.37 27.41 43.94
N ARG A 336 25.07 27.41 45.25
CA ARG A 336 23.84 28.01 45.73
C ARG A 336 23.82 29.51 45.48
N GLN A 337 24.94 30.19 45.76
CA GLN A 337 24.98 31.64 45.61
C GLN A 337 24.77 32.05 44.17
N ALA A 338 25.39 31.32 43.23
CA ALA A 338 25.18 31.63 41.82
C ALA A 338 23.72 31.46 41.43
N ALA A 339 23.09 30.38 41.88
CA ALA A 339 21.68 30.17 41.58
C ALA A 339 20.84 31.29 42.20
N GLN A 340 21.12 31.64 43.45
CA GLN A 340 20.39 32.72 44.11
C GLN A 340 20.49 34.02 43.32
N LEU A 341 21.68 34.30 42.76
CA LEU A 341 21.84 35.51 41.96
C LEU A 341 20.98 35.44 40.70
N ARG A 342 21.03 34.32 39.99
CA ARG A 342 20.22 34.16 38.80
C ARG A 342 18.75 34.43 39.10
N ILE A 343 18.30 34.04 40.30
CA ILE A 343 16.92 34.26 40.69
C ILE A 343 16.67 35.73 40.98
N ALA A 344 17.54 36.34 41.79
CA ALA A 344 17.35 37.74 42.14
C ALA A 344 17.37 38.64 40.92
N ILE A 345 18.31 38.39 39.98
CA ILE A 345 18.38 39.19 38.77
C ILE A 345 17.17 38.93 37.88
N ALA A 346 16.80 37.67 37.72
CA ALA A 346 15.60 37.37 36.93
C ALA A 346 14.40 38.10 37.51
N SER A 347 14.12 37.87 38.80
CA SER A 347 12.92 38.42 39.42
C SER A 347 12.87 39.94 39.27
N ALA A 348 14.02 40.61 39.33
CA ALA A 348 14.04 42.07 39.26
C ALA A 348 13.69 42.57 37.86
N LEU A 349 14.20 41.89 36.82
CA LEU A 349 13.99 42.36 35.46
C LEU A 349 12.53 42.20 35.03
N VAL A 350 11.88 41.13 35.49
CA VAL A 350 10.50 40.89 35.08
C VAL A 350 9.53 41.75 35.86
N ASP A 351 9.84 42.08 37.12
CA ASP A 351 9.06 43.02 37.93
C ASP A 351 9.49 44.46 37.71
N SER A 352 9.99 44.79 36.52
CA SER A 352 10.38 46.15 36.21
C SER A 352 9.16 47.05 36.24
N PRO A 353 9.36 48.36 36.44
CA PRO A 353 8.23 49.26 36.59
C PRO A 353 7.58 49.54 35.26
N PRO A 354 6.33 50.00 35.23
CA PRO A 354 5.68 50.31 33.96
C PRO A 354 6.41 51.42 33.23
N ARG A 355 6.63 51.22 31.92
CA ARG A 355 7.31 52.23 31.13
C ARG A 355 6.39 53.35 30.69
N VAL A 356 5.09 53.12 30.67
CA VAL A 356 4.11 54.08 30.13
C VAL A 356 2.94 54.17 31.09
N ASP A 357 2.42 55.39 31.29
CA ASP A 357 1.28 55.61 32.18
C ASP A 357 -0.05 55.26 31.51
N ALA A 358 -0.15 55.38 30.20
CA ALA A 358 -1.38 55.07 29.50
C ALA A 358 -1.09 55.01 28.02
N VAL A 359 -1.87 54.21 27.31
CA VAL A 359 -1.81 54.03 25.88
C VAL A 359 -3.17 54.34 25.29
N VAL A 360 -3.25 55.17 24.29
CA VAL A 360 -4.53 55.54 23.69
C VAL A 360 -4.68 54.74 22.42
N VAL A 361 -5.87 54.19 22.21
CA VAL A 361 -6.10 53.24 21.13
C VAL A 361 -7.30 53.70 20.33
N VAL A 362 -7.06 54.06 19.07
CA VAL A 362 -8.11 54.42 18.14
C VAL A 362 -8.78 53.15 17.64
N LYS A 363 -10.10 53.13 17.69
CA LYS A 363 -10.85 52.10 17.00
C LYS A 363 -10.90 52.48 15.53
N HIS A 364 -10.31 51.66 14.68
CA HIS A 364 -10.32 51.95 13.25
C HIS A 364 -10.76 50.74 12.43
N THR A 365 -10.11 49.59 12.68
CA THR A 365 -10.50 48.35 12.01
C THR A 365 -11.56 47.58 12.79
N ALA A 366 -11.61 47.76 14.11
CA ALA A 366 -12.66 47.15 14.93
C ALA A 366 -12.66 45.63 14.80
N GLN A 367 -11.49 45.04 14.79
CA GLN A 367 -11.45 43.59 14.74
C GLN A 367 -11.81 42.98 16.10
N PRO A 368 -12.36 41.77 16.12
CA PRO A 368 -12.70 41.14 17.40
C PRO A 368 -11.45 40.70 18.17
N ASP A 369 -11.65 40.47 19.47
CA ASP A 369 -10.64 39.86 20.32
C ASP A 369 -9.32 40.62 20.25
N LEU A 370 -9.41 41.92 20.49
CA LEU A 370 -8.23 42.77 20.56
C LEU A 370 -7.59 42.63 21.92
N PRO A 371 -6.34 42.17 22.02
CA PRO A 371 -5.67 42.14 23.33
C PRO A 371 -5.75 43.50 24.01
N TRP A 372 -6.15 43.48 25.29
CA TRP A 372 -6.42 44.71 26.03
C TRP A 372 -5.81 44.61 27.42
N ASN A 373 -5.18 45.70 27.85
CA ASN A 373 -4.64 45.83 29.20
C ASN A 373 -5.47 46.91 29.91
N GLU A 374 -6.26 46.48 30.90
CA GLU A 374 -7.17 47.40 31.56
C GLU A 374 -6.42 48.50 32.32
N ALA A 375 -5.17 48.24 32.70
CA ALA A 375 -4.42 49.18 33.53
C ALA A 375 -3.84 50.35 32.75
N ARG A 376 -3.71 50.25 31.42
CA ARG A 376 -3.14 51.35 30.66
C ARG A 376 -3.87 51.67 29.37
N ASP A 377 -4.60 50.73 28.78
CA ASP A 377 -5.24 50.94 27.49
C ASP A 377 -6.49 51.81 27.65
N HIS A 378 -6.61 52.82 26.80
CA HIS A 378 -7.81 53.63 26.72
C HIS A 378 -8.28 53.69 25.28
N TRP A 379 -9.59 53.55 25.08
CA TRP A 379 -10.17 53.79 23.76
C TRP A 379 -10.19 55.29 23.48
N SER A 380 -9.59 55.69 22.37
CA SER A 380 -9.51 57.12 22.05
C SER A 380 -10.88 57.78 22.12
N HIS A 381 -11.93 57.09 21.64
CA HIS A 381 -13.24 57.74 21.60
C HIS A 381 -13.78 58.02 22.99
N ASP A 382 -13.58 57.10 23.93
CA ASP A 382 -13.91 57.39 25.34
C ASP A 382 -13.31 58.72 25.77
N LEU A 383 -12.02 58.92 25.51
CA LEU A 383 -11.31 60.10 26.01
C LEU A 383 -11.70 61.36 25.25
N THR A 384 -11.89 61.26 23.92
CA THR A 384 -12.26 62.44 23.15
C THR A 384 -13.68 62.89 23.47
N ALA A 385 -14.57 61.94 23.74
CA ALA A 385 -15.94 62.30 24.07
C ALA A 385 -16.00 63.02 25.40
N ALA A 386 -15.36 62.48 26.43
CA ALA A 386 -15.24 63.19 27.69
C ALA A 386 -14.62 64.57 27.48
N ALA A 387 -13.65 64.65 26.56
CA ALA A 387 -13.03 65.94 26.26
C ALA A 387 -14.03 66.90 25.61
N GLY A 388 -14.97 66.37 24.82
CA GLY A 388 -16.01 67.23 24.28
C GLY A 388 -16.93 67.79 25.35
N GLU A 389 -17.32 66.96 26.33
CA GLU A 389 -18.17 67.46 27.39
C GLU A 389 -17.47 68.54 28.19
N GLU A 390 -16.18 68.33 28.51
CA GLU A 390 -15.40 69.38 29.14
C GLU A 390 -15.35 70.61 28.25
N LEU A 391 -15.22 70.39 26.94
CA LEU A 391 -15.18 71.51 26.01
C LEU A 391 -16.53 72.23 25.96
N LEU A 392 -17.62 71.46 26.02
CA LEU A 392 -18.95 72.04 25.96
C LEU A 392 -19.34 72.71 27.27
N LYS A 393 -18.97 72.12 28.40
CA LYS A 393 -19.28 72.76 29.68
C LYS A 393 -18.57 74.10 29.78
N ALA A 394 -17.27 74.13 29.47
CA ALA A 394 -16.54 75.39 29.53
C ALA A 394 -17.19 76.46 28.66
N ALA A 395 -17.61 76.09 27.46
CA ALA A 395 -18.28 77.05 26.59
C ALA A 395 -19.54 77.58 27.25
N ARG A 396 -20.28 76.71 27.95
CA ARG A 396 -21.52 77.14 28.59
C ARG A 396 -21.24 78.05 29.79
N ASP A 397 -20.11 77.84 30.48
CA ASP A 397 -19.72 78.75 31.56
C ASP A 397 -19.33 80.13 31.01
N ALA A 398 -18.92 80.19 29.75
CA ALA A 398 -18.69 81.45 29.07
C ALA A 398 -19.95 81.98 28.39
N GLY A 399 -21.08 81.31 28.55
CA GLY A 399 -22.35 81.80 28.06
C GLY A 399 -22.53 81.64 26.56
N PHE A 400 -22.42 80.41 26.05
CA PHE A 400 -22.66 80.15 24.64
C PHE A 400 -23.94 79.37 24.36
N ASP A 401 -24.47 78.63 25.33
CA ASP A 401 -25.72 77.90 25.13
C ASP A 401 -25.55 76.86 24.03
N VAL A 402 -24.78 75.84 24.39
CA VAL A 402 -24.50 74.72 23.50
C VAL A 402 -24.67 73.46 24.34
N ALA A 403 -25.81 72.79 24.19
CA ALA A 403 -26.03 71.56 24.93
C ALA A 403 -25.23 70.41 24.37
N ASP A 404 -24.95 70.44 23.07
CA ASP A 404 -24.32 69.31 22.40
C ASP A 404 -23.47 69.82 21.25
N GLU A 405 -22.66 68.91 20.71
CA GLU A 405 -21.75 69.27 19.64
C GLU A 405 -22.50 69.82 18.43
N GLU A 406 -23.73 69.35 18.18
CA GLU A 406 -24.50 69.90 17.07
C GLU A 406 -24.73 71.39 17.26
N ALA A 407 -25.08 71.80 18.48
CA ALA A 407 -25.28 73.21 18.75
C ALA A 407 -23.99 74.01 18.50
N LEU A 408 -22.85 73.45 18.90
CA LEU A 408 -21.59 74.15 18.72
C LEU A 408 -21.31 74.40 17.24
N LEU A 409 -21.49 73.38 16.41
CA LEU A 409 -21.16 73.50 14.99
C LEU A 409 -22.21 74.32 14.23
N ALA A 410 -23.04 75.07 14.95
CA ALA A 410 -23.96 76.02 14.35
C ALA A 410 -23.53 77.47 14.52
N LEU A 411 -22.56 77.76 15.39
CA LEU A 411 -22.09 79.12 15.60
C LEU A 411 -21.33 79.63 14.38
N SER A 412 -21.13 80.93 14.33
CA SER A 412 -20.26 81.51 13.31
C SER A 412 -18.82 81.08 13.54
N ASP A 413 -17.97 81.35 12.56
CA ASP A 413 -16.56 81.00 12.69
C ASP A 413 -15.90 81.72 13.86
N THR A 414 -16.19 83.02 14.03
CA THR A 414 -15.59 83.76 15.12
C THR A 414 -16.06 83.24 16.47
N GLU A 415 -17.37 83.04 16.63
CA GLU A 415 -17.90 82.56 17.89
C GLU A 415 -17.66 81.07 18.12
N PHE A 416 -17.59 80.29 17.04
CA PHE A 416 -17.20 78.89 17.17
C PHE A 416 -15.83 78.76 17.81
N VAL A 417 -14.87 79.59 17.38
CA VAL A 417 -13.52 79.48 17.90
C VAL A 417 -13.42 80.12 19.27
N ARG A 418 -14.25 81.14 19.54
CA ARG A 418 -14.29 81.71 20.87
C ARG A 418 -14.73 80.66 21.88
N ALA A 419 -15.72 79.85 21.53
CA ALA A 419 -16.22 78.82 22.43
C ALA A 419 -15.15 77.75 22.68
N ILE A 420 -14.43 77.35 21.63
CA ILE A 420 -13.37 76.37 21.79
C ILE A 420 -12.31 76.88 22.75
N TRP A 421 -11.98 78.17 22.65
CA TRP A 421 -10.95 78.75 23.51
C TRP A 421 -11.36 78.79 24.97
N ALA A 422 -12.65 78.75 25.25
CA ALA A 422 -13.11 78.77 26.63
C ALA A 422 -12.49 77.62 27.42
N GLY A 423 -12.52 76.41 26.86
CA GLY A 423 -12.07 75.24 27.58
C GLY A 423 -10.74 74.68 27.12
N ALA A 424 -10.27 75.08 25.93
CA ALA A 424 -9.03 74.53 25.35
C ALA A 424 -8.27 75.62 24.62
N PRO A 425 -7.79 76.63 25.34
CA PRO A 425 -7.03 77.70 24.71
C PRO A 425 -5.75 77.18 24.05
N VAL A 426 -5.21 77.97 23.14
CA VAL A 426 -3.97 77.64 22.46
C VAL A 426 -2.79 78.08 23.33
N LEU A 427 -1.79 77.20 23.43
CA LEU A 427 -0.55 77.53 24.12
C LEU A 427 0.40 78.23 23.16
N ALA A 428 0.91 79.39 23.58
CA ALA A 428 1.88 80.14 22.79
C ALA A 428 3.28 79.78 23.26
N VAL A 429 4.11 79.30 22.33
CA VAL A 429 5.44 78.78 22.65
C VAL A 429 6.51 79.61 21.95
N ASP A 430 7.64 79.74 22.62
CA ASP A 430 8.79 80.39 22.02
C ASP A 430 9.10 79.76 20.67
N ALA A 431 9.65 80.57 19.76
CA ALA A 431 9.96 80.08 18.41
C ALA A 431 10.84 78.85 18.45
N GLU A 432 11.74 78.75 19.42
CA GLU A 432 12.65 77.62 19.50
C GLU A 432 12.06 76.45 20.27
N TYR A 433 10.79 76.52 20.62
CA TYR A 433 10.17 75.45 21.36
C TYR A 433 10.09 74.20 20.48
N PRO A 434 10.41 73.02 21.01
CA PRO A 434 10.35 71.82 20.17
C PRO A 434 8.93 71.51 19.70
N ASN A 435 8.79 71.32 18.40
CA ASN A 435 7.51 70.97 17.79
C ASN A 435 7.30 69.46 17.77
N PHE A 436 8.28 68.70 17.28
CA PHE A 436 8.22 67.24 17.28
C PHE A 436 9.63 66.68 17.17
N ILE A 437 9.73 65.37 17.40
CA ILE A 437 10.98 64.62 17.34
C ILE A 437 10.79 63.50 16.32
N ILE A 438 11.52 63.57 15.22
CA ILE A 438 11.44 62.56 14.16
C ILE A 438 12.80 61.89 14.03
N TYR A 439 12.79 60.56 14.03
CA TYR A 439 14.02 59.78 13.97
C TYR A 439 14.33 59.39 12.53
N THR A 440 15.61 59.49 12.17
CA THR A 440 16.07 59.10 10.84
C THR A 440 17.41 58.39 10.97
N SER A 441 17.56 57.29 10.20
CA SER A 441 18.73 56.44 10.34
C SER A 441 20.00 57.18 9.96
N GLY A 442 21.09 56.89 10.69
CA GLY A 442 22.36 57.53 10.48
C GLY A 442 23.41 56.54 10.01
N SER A 443 24.61 57.07 9.80
CA SER A 443 25.69 56.26 9.26
C SER A 443 26.22 55.27 10.28
N THR A 444 26.33 55.69 11.55
CA THR A 444 26.71 54.80 12.63
C THR A 444 25.73 54.93 13.78
N GLY A 445 25.54 53.83 14.50
CA GLY A 445 24.73 53.83 15.69
C GLY A 445 23.25 53.83 15.40
N LYS A 446 22.48 53.82 16.49
CA LYS A 446 21.04 53.74 16.39
C LYS A 446 20.48 55.04 15.81
N PRO A 447 19.36 54.97 15.08
CA PRO A 447 18.79 56.19 14.50
C PRO A 447 18.55 57.25 15.57
N LYS A 448 18.82 58.50 15.22
CA LYS A 448 18.73 59.62 16.13
C LYS A 448 17.50 60.46 15.83
N GLY A 449 17.00 61.15 16.86
CA GLY A 449 15.85 61.99 16.71
C GLY A 449 16.27 63.44 16.53
N VAL A 450 15.82 64.03 15.46
CA VAL A 450 16.11 65.43 15.18
C VAL A 450 14.95 66.24 15.72
N VAL A 451 15.24 67.45 16.17
CA VAL A 451 14.23 68.34 16.73
C VAL A 451 13.87 69.38 15.70
N HIS A 452 12.58 69.69 15.60
CA HIS A 452 12.12 70.83 14.83
C HIS A 452 11.26 71.72 15.71
N VAL A 453 11.52 73.02 15.64
CA VAL A 453 10.89 73.99 16.53
C VAL A 453 9.58 74.46 15.93
N HIS A 454 8.87 75.32 16.64
CA HIS A 454 7.62 75.89 16.13
C HIS A 454 7.87 77.04 15.16
N GLY A 455 8.82 77.92 15.49
CA GLY A 455 8.98 79.17 14.76
C GLY A 455 9.55 79.06 13.37
N GLY A 456 10.86 78.86 13.26
CA GLY A 456 11.48 78.79 11.96
C GLY A 456 10.92 77.68 11.09
N TYR A 457 10.62 76.53 11.70
CA TYR A 457 10.10 75.40 10.94
C TYR A 457 8.81 75.76 10.21
N ALA A 458 7.86 76.38 10.94
CA ALA A 458 6.57 76.69 10.34
C ALA A 458 6.71 77.77 9.27
N SER A 459 7.37 78.88 9.62
CA SER A 459 7.52 79.97 8.66
C SER A 459 8.33 79.53 7.45
N GLY A 460 9.25 78.59 7.63
CA GLY A 460 10.12 78.17 6.55
C GLY A 460 9.39 77.34 5.51
N VAL A 461 8.80 76.22 5.92
CA VAL A 461 8.10 75.36 4.98
C VAL A 461 6.91 76.08 4.37
N ALA A 462 6.27 76.96 5.14
CA ALA A 462 5.15 77.72 4.59
C ALA A 462 5.57 78.53 3.37
N ALA A 463 6.82 78.98 3.33
CA ALA A 463 7.29 79.82 2.25
C ALA A 463 7.57 79.03 0.98
N THR A 464 7.92 77.75 1.12
CA THR A 464 8.28 76.94 -0.04
C THR A 464 7.06 76.61 -0.90
N MET A 465 5.86 76.69 -0.33
CA MET A 465 4.66 76.32 -1.07
C MET A 465 4.41 77.24 -2.24
N PRO A 466 4.37 78.56 -2.09
CA PRO A 466 4.25 79.44 -3.26
C PRO A 466 5.54 79.58 -4.05
N ALA A 467 6.69 79.33 -3.43
CA ALA A 467 7.96 79.53 -4.11
C ALA A 467 8.27 78.42 -5.10
N ALA A 468 7.98 77.17 -4.74
CA ALA A 468 8.28 76.02 -5.59
C ALA A 468 7.07 75.60 -6.43
N PHE A 469 5.90 75.52 -5.81
CA PHE A 469 4.64 75.31 -6.50
C PHE A 469 3.93 76.65 -6.67
N GLY A 470 2.83 76.60 -7.41
CA GLY A 470 2.03 77.80 -7.53
C GLY A 470 1.04 77.92 -6.39
N ALA A 471 1.33 77.22 -5.29
CA ALA A 471 0.36 76.98 -4.24
C ALA A 471 -0.20 78.26 -3.65
N GLU A 472 -1.48 78.50 -3.89
CA GLU A 472 -2.22 79.59 -3.28
C GLU A 472 -3.31 78.99 -2.40
N PRO A 473 -3.88 79.77 -1.49
CA PRO A 473 -4.95 79.22 -0.65
C PRO A 473 -6.08 78.66 -1.50
N GLY A 474 -6.71 77.60 -0.97
CA GLY A 474 -7.80 76.92 -1.63
C GLY A 474 -7.36 75.74 -2.47
N ASP A 475 -6.11 75.74 -2.95
CA ASP A 475 -5.60 74.66 -3.77
C ASP A 475 -5.72 73.32 -3.06
N VAL A 476 -5.37 72.24 -3.76
CA VAL A 476 -5.39 70.88 -3.24
C VAL A 476 -4.04 70.24 -3.50
N MET A 477 -3.50 69.57 -2.47
CA MET A 477 -2.22 68.88 -2.59
C MET A 477 -2.37 67.44 -2.12
N TYR A 478 -1.78 66.53 -2.89
CA TYR A 478 -1.74 65.10 -2.58
C TYR A 478 -0.28 64.73 -2.37
N VAL A 479 0.10 64.49 -1.12
CA VAL A 479 1.47 64.14 -0.75
C VAL A 479 1.47 62.67 -0.36
N VAL A 480 2.01 61.82 -1.23
CA VAL A 480 2.14 60.41 -0.93
C VAL A 480 3.15 60.28 0.20
N ALA A 481 2.67 60.01 1.41
CA ALA A 481 3.55 59.93 2.56
C ALA A 481 2.78 59.40 3.76
N ASP A 482 3.52 59.14 4.83
CA ASP A 482 3.05 58.70 6.13
C ASP A 482 3.53 59.70 7.19
N PRO A 483 2.67 60.10 8.13
CA PRO A 483 3.10 61.10 9.14
C PRO A 483 4.39 60.74 9.84
N GLY A 484 4.75 59.46 9.79
CA GLY A 484 6.02 58.98 10.33
C GLY A 484 7.23 59.42 9.55
N TRP A 485 7.02 60.00 8.37
CA TRP A 485 8.07 60.52 7.53
C TRP A 485 8.05 62.05 7.55
N ILE A 486 9.19 62.65 7.22
CA ILE A 486 9.28 64.11 7.25
C ILE A 486 8.39 64.73 6.19
N THR A 487 8.24 64.10 5.02
CA THR A 487 7.27 64.61 4.05
C THR A 487 5.88 64.68 4.65
N GLY A 488 5.52 63.68 5.45
CA GLY A 488 4.25 63.74 6.15
C GLY A 488 4.17 64.92 7.10
N GLN A 489 5.20 65.10 7.92
CA GLN A 489 5.15 66.17 8.93
C GLN A 489 5.19 67.55 8.29
N SER A 490 6.02 67.73 7.25
CA SER A 490 6.30 69.06 6.72
C SER A 490 5.36 69.49 5.58
N TYR A 491 4.79 68.55 4.84
CA TYR A 491 3.98 68.94 3.68
C TYR A 491 2.61 68.31 3.72
N GLN A 492 2.51 66.99 3.92
CA GLN A 492 1.18 66.39 4.08
C GLN A 492 0.38 67.09 5.16
N ILE A 493 1.04 67.50 6.24
CA ILE A 493 0.36 68.14 7.36
C ILE A 493 0.73 69.61 7.44
N ALA A 494 1.96 69.90 7.86
CA ALA A 494 2.37 71.26 8.21
C ALA A 494 2.16 72.26 7.07
N ALA A 495 2.90 72.12 5.96
CA ALA A 495 2.83 73.12 4.90
C ALA A 495 1.43 73.20 4.29
N SER A 496 0.67 72.10 4.34
CA SER A 496 -0.70 72.14 3.82
C SER A 496 -1.60 73.01 4.69
N LEU A 497 -1.72 72.65 5.97
CA LEU A 497 -2.60 73.40 6.88
C LEU A 497 -2.12 74.83 7.04
N LEU A 498 -0.81 75.06 6.93
CA LEU A 498 -0.27 76.41 7.08
C LEU A 498 -0.65 77.29 5.90
N SER A 499 -0.71 76.72 4.70
CA SER A 499 -0.98 77.45 3.48
C SER A 499 -2.44 77.46 3.11
N ARG A 500 -3.30 76.86 3.93
CA ARG A 500 -4.73 76.75 3.63
C ARG A 500 -4.93 75.96 2.34
N VAL A 501 -4.08 74.96 2.13
CA VAL A 501 -4.14 74.06 0.98
C VAL A 501 -4.67 72.72 1.47
N THR A 502 -5.81 72.29 0.92
CA THR A 502 -6.39 71.01 1.30
C THR A 502 -5.40 69.89 1.01
N THR A 503 -5.23 69.00 1.98
CA THR A 503 -4.31 67.88 1.88
C THR A 503 -5.12 66.59 1.75
N VAL A 504 -4.65 65.69 0.90
CA VAL A 504 -5.29 64.38 0.71
C VAL A 504 -4.58 63.38 1.60
N ILE A 505 -5.29 62.88 2.59
CA ILE A 505 -4.78 61.85 3.48
C ILE A 505 -5.15 60.48 2.90
N THR A 506 -4.15 59.67 2.65
CA THR A 506 -4.34 58.34 2.09
C THR A 506 -3.85 57.31 3.09
N GLU A 507 -4.67 56.29 3.33
CA GLU A 507 -4.29 55.21 4.23
C GLU A 507 -3.36 54.20 3.56
N GLY A 508 -3.37 54.11 2.23
CA GLY A 508 -2.67 53.07 1.53
C GLY A 508 -1.78 53.54 0.39
N SER A 509 -1.24 52.59 -0.34
CA SER A 509 -0.30 52.84 -1.43
C SER A 509 -0.87 53.49 -2.65
N PRO A 510 -0.12 54.38 -3.29
CA PRO A 510 -0.65 55.06 -4.48
C PRO A 510 -0.83 54.15 -5.68
N VAL A 511 -0.53 52.86 -5.57
CA VAL A 511 -0.62 51.95 -6.71
C VAL A 511 -1.46 50.73 -6.35
N PHE A 512 -2.17 50.79 -5.19
CA PHE A 512 -3.09 49.71 -4.87
C PHE A 512 -4.52 50.13 -5.17
N PRO A 513 -5.34 49.30 -5.82
CA PRO A 513 -5.04 47.96 -6.38
C PRO A 513 -4.23 48.00 -7.67
N HIS A 514 -4.43 49.00 -8.52
CA HIS A 514 -3.70 49.11 -9.77
C HIS A 514 -2.91 50.41 -9.80
N ALA A 515 -2.10 50.55 -10.85
CA ALA A 515 -1.18 51.67 -10.98
C ALA A 515 -1.88 53.01 -11.08
N GLY A 516 -3.18 53.00 -11.38
CA GLY A 516 -3.98 54.19 -11.53
C GLY A 516 -4.64 54.72 -10.26
N ARG A 517 -4.34 54.15 -9.09
CA ARG A 517 -4.95 54.65 -7.85
C ARG A 517 -4.62 56.12 -7.63
N PHE A 518 -3.33 56.47 -7.66
CA PHE A 518 -2.95 57.87 -7.47
C PHE A 518 -3.56 58.76 -8.54
N ALA A 519 -3.77 58.24 -9.75
CA ALA A 519 -4.42 59.04 -10.78
C ALA A 519 -5.90 59.26 -10.45
N SER A 520 -6.55 58.24 -9.91
CA SER A 520 -7.95 58.38 -9.54
C SER A 520 -8.12 59.44 -8.47
N ILE A 521 -7.27 59.42 -7.45
CA ILE A 521 -7.32 60.43 -6.41
C ILE A 521 -7.18 61.82 -7.02
N ILE A 522 -6.21 61.99 -7.91
CA ILE A 522 -6.00 63.29 -8.54
C ILE A 522 -7.28 63.74 -9.24
N GLU A 523 -7.89 62.84 -10.01
CA GLU A 523 -9.10 63.20 -10.74
C GLU A 523 -10.23 63.59 -9.80
N ARG A 524 -10.58 62.71 -8.87
CA ARG A 524 -11.81 62.90 -8.11
C ARG A 524 -11.72 64.11 -7.18
N TYR A 525 -10.55 64.40 -6.63
CA TYR A 525 -10.36 65.53 -5.73
C TYR A 525 -9.76 66.74 -6.44
N GLY A 526 -9.53 66.66 -7.74
CA GLY A 526 -8.91 67.75 -8.48
C GLY A 526 -7.62 68.21 -7.83
N VAL A 527 -6.71 67.27 -7.58
CA VAL A 527 -5.42 67.62 -7.02
C VAL A 527 -4.69 68.58 -7.95
N ASN A 528 -4.08 69.61 -7.35
CA ASN A 528 -3.30 70.58 -8.09
C ASN A 528 -1.79 70.42 -7.92
N VAL A 529 -1.36 69.79 -6.82
CA VAL A 529 0.05 69.59 -6.52
C VAL A 529 0.25 68.16 -6.07
N PHE A 530 1.26 67.50 -6.64
CA PHE A 530 1.55 66.10 -6.35
C PHE A 530 2.99 65.98 -5.88
N LYS A 531 3.18 65.42 -4.69
CA LYS A 531 4.51 65.22 -4.11
C LYS A 531 4.63 63.77 -3.67
N ALA A 532 5.58 63.06 -4.25
CA ALA A 532 5.74 61.62 -4.02
C ALA A 532 7.18 61.24 -4.35
N GLY A 533 7.48 59.97 -4.17
CA GLY A 533 8.80 59.43 -4.45
C GLY A 533 8.97 59.01 -5.89
N VAL A 534 9.82 57.99 -6.10
CA VAL A 534 10.25 57.57 -7.42
C VAL A 534 9.92 56.10 -7.64
N THR A 535 9.99 55.31 -6.57
CA THR A 535 9.82 53.87 -6.70
C THR A 535 8.46 53.52 -7.27
N PHE A 536 7.40 54.22 -6.85
CA PHE A 536 6.07 53.86 -7.32
C PHE A 536 5.96 54.00 -8.83
N LEU A 537 6.66 54.95 -9.43
CA LEU A 537 6.58 55.11 -10.88
C LEU A 537 7.36 54.01 -11.59
N LYS A 538 8.59 53.74 -11.16
CA LYS A 538 9.37 52.69 -11.81
C LYS A 538 8.63 51.35 -11.76
N SER A 539 7.88 51.10 -10.69
CA SER A 539 7.04 49.91 -10.66
C SER A 539 5.91 50.01 -11.68
N VAL A 540 5.50 51.24 -12.02
CA VAL A 540 4.48 51.42 -13.05
C VAL A 540 5.06 51.10 -14.42
N MET A 541 6.31 51.46 -14.65
CA MET A 541 6.92 51.32 -15.96
C MET A 541 7.34 49.89 -16.27
N GLN A 542 7.20 48.96 -15.33
CA GLN A 542 7.56 47.56 -15.57
C GLN A 542 6.83 47.05 -16.82
N ASN A 543 5.50 46.81 -16.72
CA ASN A 543 4.77 46.38 -17.90
C ASN A 543 3.96 47.53 -18.46
N PRO A 544 3.76 47.58 -19.79
CA PRO A 544 3.02 48.69 -20.37
C PRO A 544 1.57 48.73 -19.95
N GLU A 545 1.00 47.60 -19.50
CA GLU A 545 -0.39 47.59 -19.08
C GLU A 545 -0.67 48.61 -17.99
N ASN A 546 0.30 48.87 -17.11
CA ASN A 546 0.05 49.80 -16.01
C ASN A 546 -0.22 51.20 -16.55
N LEU A 547 0.48 51.61 -17.61
CA LEU A 547 0.25 52.95 -18.14
C LEU A 547 -1.19 53.12 -18.58
N LYS A 548 -1.76 52.11 -19.23
CA LYS A 548 -3.14 52.22 -19.67
C LYS A 548 -4.06 52.51 -18.50
N ASP A 549 -3.81 51.90 -17.34
CA ASP A 549 -4.63 52.14 -16.15
C ASP A 549 -4.55 53.61 -15.71
N ILE A 550 -3.36 54.22 -15.83
CA ILE A 550 -3.21 55.63 -15.47
C ILE A 550 -3.94 56.51 -16.48
N GLN A 551 -3.92 56.11 -17.75
CA GLN A 551 -4.53 56.91 -18.81
C GLN A 551 -6.05 56.93 -18.70
N ARG A 552 -6.63 56.13 -17.81
CA ARG A 552 -8.06 56.20 -17.57
C ARG A 552 -8.49 57.55 -17.00
N TYR A 553 -7.61 58.23 -16.28
CA TYR A 553 -8.03 59.29 -15.36
C TYR A 553 -7.63 60.67 -15.85
N ASP A 554 -8.44 61.66 -15.46
CA ASP A 554 -8.33 63.04 -15.91
C ASP A 554 -7.43 63.80 -14.93
N LEU A 555 -6.16 63.99 -15.31
CA LEU A 555 -5.18 64.64 -14.46
C LEU A 555 -5.03 66.12 -14.77
N SER A 556 -5.97 66.71 -15.51
CA SER A 556 -5.78 68.09 -15.95
C SER A 556 -5.78 69.07 -14.78
N SER A 557 -6.24 68.66 -13.60
CA SER A 557 -6.19 69.52 -12.42
C SER A 557 -4.78 69.71 -11.90
N LEU A 558 -3.82 68.93 -12.39
CA LEU A 558 -2.47 68.96 -11.86
C LEU A 558 -1.68 70.08 -12.55
N LYS A 559 -1.17 71.03 -11.76
CA LYS A 559 -0.32 72.08 -12.28
C LYS A 559 1.15 71.88 -11.92
N VAL A 560 1.46 70.99 -10.97
CA VAL A 560 2.84 70.64 -10.69
C VAL A 560 2.84 69.33 -9.91
N ALA A 561 3.85 68.50 -10.19
CA ALA A 561 4.21 67.38 -9.35
C ALA A 561 5.69 67.49 -9.02
N THR A 562 6.17 66.61 -8.15
CA THR A 562 7.58 66.60 -7.80
C THR A 562 8.01 65.22 -7.34
N PHE A 563 9.28 64.91 -7.61
CA PHE A 563 9.99 63.78 -7.00
C PHE A 563 10.69 64.28 -5.74
N CYS A 564 10.91 63.38 -4.77
CA CYS A 564 11.55 63.91 -3.57
C CYS A 564 12.26 62.94 -2.62
N ALA A 565 12.23 61.65 -2.85
CA ALA A 565 12.73 60.72 -1.84
C ALA A 565 13.96 59.92 -2.24
N GLU A 566 14.28 59.85 -3.52
CA GLU A 566 15.38 59.01 -3.99
C GLU A 566 15.85 59.55 -5.32
N PRO A 567 17.02 59.11 -5.78
CA PRO A 567 17.48 59.52 -7.11
C PRO A 567 16.48 59.07 -8.18
N VAL A 568 16.12 60.01 -9.06
CA VAL A 568 15.21 59.75 -10.17
C VAL A 568 16.01 59.82 -11.46
N SER A 569 15.87 58.79 -12.31
CA SER A 569 16.57 58.79 -13.58
C SER A 569 15.85 59.70 -14.57
N PRO A 570 16.60 60.33 -15.49
CA PRO A 570 15.93 61.18 -16.50
C PRO A 570 14.91 60.43 -17.31
N ALA A 571 15.01 59.11 -17.39
CA ALA A 571 13.96 58.34 -18.05
C ALA A 571 12.65 58.41 -17.29
N VAL A 572 12.70 58.30 -15.96
CA VAL A 572 11.47 58.37 -15.18
C VAL A 572 10.85 59.76 -15.32
N GLN A 573 11.64 60.80 -15.10
CA GLN A 573 11.11 62.15 -15.14
C GLN A 573 10.41 62.43 -16.47
N ALA A 574 11.00 61.98 -17.57
CA ALA A 574 10.41 62.19 -18.90
C ALA A 574 9.09 61.43 -19.04
N PHE A 575 9.10 60.14 -18.69
CA PHE A 575 7.87 59.35 -18.65
C PHE A 575 6.79 60.07 -17.86
N ALA A 576 7.15 60.57 -16.68
CA ALA A 576 6.19 61.25 -15.83
C ALA A 576 5.79 62.61 -16.39
N MET A 577 6.70 63.26 -17.13
CA MET A 577 6.37 64.51 -17.77
C MET A 577 5.34 64.33 -18.88
N GLU A 578 5.38 63.19 -19.57
CA GLU A 578 4.46 62.96 -20.68
C GLU A 578 3.12 62.42 -20.23
N HIS A 579 3.05 61.72 -19.08
CA HIS A 579 1.86 60.99 -18.71
C HIS A 579 1.20 61.42 -17.40
N ILE A 580 1.80 62.34 -16.66
CA ILE A 580 1.17 62.83 -15.43
C ILE A 580 0.97 64.33 -15.52
N THR A 581 2.08 65.09 -15.58
CA THR A 581 2.01 66.53 -15.80
C THR A 581 3.34 66.99 -16.37
N HIS A 582 3.28 67.99 -17.24
CA HIS A 582 4.51 68.50 -17.86
C HIS A 582 5.49 69.00 -16.80
N ARG A 583 5.03 69.87 -15.91
CA ARG A 583 5.90 70.44 -14.90
C ARG A 583 6.03 69.42 -13.77
N TYR A 584 6.83 68.39 -14.03
CA TYR A 584 7.12 67.36 -13.03
C TYR A 584 8.58 67.58 -12.61
N ILE A 585 8.75 68.41 -11.57
CA ILE A 585 10.05 68.88 -11.13
C ILE A 585 10.70 67.86 -10.20
N ASN A 586 11.98 68.06 -9.92
CA ASN A 586 12.72 67.27 -8.96
C ASN A 586 13.06 68.14 -7.75
N SER A 587 12.88 67.59 -6.56
CA SER A 587 13.16 68.31 -5.31
C SER A 587 14.01 67.43 -4.41
N TYR A 588 15.02 68.03 -3.79
CA TYR A 588 15.93 67.31 -2.91
C TYR A 588 15.90 67.91 -1.52
N TRP A 589 15.73 67.05 -0.52
CA TRP A 589 15.86 67.43 0.89
C TRP A 589 15.79 66.17 1.73
N ALA A 590 16.14 66.30 3.01
CA ALA A 590 16.17 65.18 3.93
C ALA A 590 15.46 65.58 5.23
N THR A 591 15.22 64.57 6.07
CA THR A 591 14.57 64.81 7.35
C THR A 591 15.16 66.04 8.03
N GLU A 592 16.48 66.11 8.06
CA GLU A 592 17.15 67.21 8.76
C GLU A 592 16.84 68.56 8.13
N HIS A 593 16.60 68.59 6.82
CA HIS A 593 16.40 69.87 6.14
C HIS A 593 15.09 70.54 6.54
N GLY A 594 14.11 69.76 7.01
CA GLY A 594 12.85 70.30 7.49
C GLY A 594 11.86 70.62 6.39
N GLY A 595 12.35 71.12 5.26
CA GLY A 595 11.54 71.35 4.09
C GLY A 595 12.38 71.24 2.84
N MET A 596 11.79 71.53 1.68
CA MET A 596 12.55 71.50 0.44
C MET A 596 13.63 72.58 0.47
N VAL A 597 14.83 72.22 -0.02
CA VAL A 597 15.95 73.16 -0.09
C VAL A 597 16.41 73.27 -1.55
N TRP A 598 16.27 72.17 -2.29
CA TRP A 598 16.54 72.14 -3.74
C TRP A 598 15.26 71.78 -4.47
N THR A 599 14.85 72.65 -5.39
CA THR A 599 13.60 72.43 -6.11
C THR A 599 13.64 73.28 -7.39
N HIS A 600 12.46 73.53 -7.97
CA HIS A 600 12.31 74.45 -9.08
C HIS A 600 11.33 75.55 -8.67
N PHE A 601 11.42 76.68 -9.36
CA PHE A 601 10.73 77.90 -8.95
C PHE A 601 9.52 78.13 -9.83
N ALA A 602 8.37 78.36 -9.20
CA ALA A 602 7.13 78.52 -9.94
C ALA A 602 7.08 79.89 -10.62
N ASP A 603 6.67 79.89 -11.89
CA ASP A 603 6.43 81.12 -12.63
C ASP A 603 7.71 81.93 -12.81
N ALA A 604 8.86 81.26 -12.85
CA ALA A 604 10.15 81.92 -13.06
C ALA A 604 10.56 81.83 -14.52
N ASP A 605 11.42 82.75 -14.93
CA ASP A 605 11.85 82.87 -16.32
C ASP A 605 13.27 82.41 -16.58
N GLY A 606 14.20 82.69 -15.68
CA GLY A 606 15.58 82.35 -15.96
C GLY A 606 15.93 80.89 -15.78
N PHE A 607 15.06 80.12 -15.16
CA PHE A 607 15.37 78.74 -14.79
C PHE A 607 14.55 77.79 -15.64
N PRO A 608 15.15 77.05 -16.56
CA PRO A 608 14.41 76.10 -17.36
C PRO A 608 14.09 74.83 -16.56
N LEU A 609 13.36 73.92 -17.21
CA LEU A 609 13.01 72.63 -16.60
C LEU A 609 13.16 71.55 -17.64
N GLU A 610 14.14 70.67 -17.46
CA GLU A 610 14.42 69.59 -18.38
C GLU A 610 14.33 68.26 -17.64
N ALA A 611 14.25 67.17 -18.41
CA ALA A 611 14.20 65.83 -17.82
C ALA A 611 15.62 65.31 -17.58
N ASP A 612 16.38 66.08 -16.80
CA ASP A 612 17.74 65.75 -16.43
C ASP A 612 17.90 65.45 -14.93
N ALA A 613 16.80 65.40 -14.18
CA ALA A 613 16.86 65.16 -12.74
C ALA A 613 17.67 66.24 -12.02
N HIS A 614 17.74 67.43 -12.60
CA HIS A 614 18.42 68.56 -12.00
C HIS A 614 17.49 69.31 -11.05
N THR A 615 18.09 70.00 -10.08
CA THR A 615 17.37 70.83 -9.12
C THR A 615 18.14 72.12 -8.89
N TYR A 616 17.42 73.17 -8.49
CA TYR A 616 18.04 74.45 -8.20
C TYR A 616 18.02 74.73 -6.69
N PRO A 617 19.08 75.34 -6.14
CA PRO A 617 19.03 75.71 -4.73
C PRO A 617 18.24 76.99 -4.53
N LEU A 618 17.42 77.01 -3.49
CA LEU A 618 16.64 78.19 -3.19
C LEU A 618 17.57 79.34 -2.80
N PRO A 619 17.15 80.59 -3.00
CA PRO A 619 18.06 81.72 -2.74
C PRO A 619 18.65 81.71 -1.33
N TRP A 620 17.83 81.42 -0.33
CA TRP A 620 18.33 81.40 1.05
C TRP A 620 19.19 80.20 1.34
N ILE A 621 19.39 79.31 0.39
CA ILE A 621 20.25 78.15 0.56
C ILE A 621 21.56 78.42 -0.16
N MET A 622 22.65 78.51 0.61
CA MET A 622 23.98 78.68 0.05
C MET A 622 24.59 77.30 -0.21
N GLY A 623 24.01 76.60 -1.16
CA GLY A 623 24.48 75.27 -1.49
C GLY A 623 25.70 75.30 -2.38
N ASP A 624 26.50 74.25 -2.28
CA ASP A 624 27.71 74.12 -3.07
C ASP A 624 28.17 72.68 -2.94
N VAL A 625 29.08 72.28 -3.82
CA VAL A 625 29.66 70.95 -3.82
C VAL A 625 31.13 71.09 -3.49
N TRP A 626 31.57 70.40 -2.44
CA TRP A 626 32.95 70.39 -2.01
C TRP A 626 33.48 68.96 -2.08
N VAL A 627 34.80 68.82 -2.00
CA VAL A 627 35.44 67.52 -2.07
C VAL A 627 36.74 67.56 -1.26
N GLU A 628 37.05 66.43 -0.63
CA GLU A 628 38.32 66.29 0.07
C GLU A 628 39.45 66.23 -0.95
N ASP A 629 40.51 67.00 -0.69
CA ASP A 629 41.69 67.02 -1.56
C ASP A 629 42.90 67.23 -0.67
N ALA A 630 43.77 66.22 -0.60
CA ALA A 630 44.96 66.26 0.23
C ALA A 630 45.61 67.65 0.23
N ASP A 631 45.74 68.25 -0.96
CA ASP A 631 46.23 69.62 -1.09
C ASP A 631 45.03 70.56 -1.04
N GLY A 632 44.75 71.10 0.15
CA GLY A 632 43.48 71.77 0.37
C GLY A 632 43.56 73.28 0.54
N SER A 633 43.14 74.01 -0.49
CA SER A 633 43.00 75.46 -0.35
C SER A 633 42.08 75.82 0.82
N SER A 634 41.03 75.03 1.02
CA SER A 634 40.13 75.19 2.17
C SER A 634 39.73 76.65 2.37
N ASN A 635 39.51 77.36 1.26
CA ASN A 635 39.04 78.75 1.30
C ASN A 635 37.97 78.89 0.22
N GLY A 636 36.75 78.48 0.56
CA GLY A 636 35.63 78.59 -0.33
C GLY A 636 34.64 79.64 0.15
N PRO A 637 33.35 79.48 -0.21
CA PRO A 637 32.32 80.38 0.31
C PRO A 637 31.98 80.08 1.76
N VAL A 638 32.53 80.85 2.69
CA VAL A 638 32.41 80.58 4.12
C VAL A 638 32.00 81.88 4.80
N GLU A 639 30.79 81.90 5.36
CA GLU A 639 30.37 83.01 6.18
C GLU A 639 30.72 82.81 7.66
N TYR A 640 31.18 81.63 8.04
CA TYR A 640 31.53 81.35 9.43
C TYR A 640 32.66 80.34 9.46
N GLU A 641 33.85 80.79 9.84
CA GLU A 641 35.05 79.98 9.79
C GLU A 641 35.32 79.35 11.16
N ARG A 642 36.42 78.61 11.25
CA ARG A 642 36.76 77.91 12.48
C ARG A 642 38.18 77.39 12.38
N ASP A 643 38.80 77.17 13.53
CA ASP A 643 40.07 76.47 13.62
C ASP A 643 39.86 75.13 14.31
N THR A 644 40.89 74.28 14.26
CA THR A 644 40.81 72.94 14.84
C THR A 644 42.13 72.22 14.68
N PRO A 650 41.12 69.22 4.81
CA PRO A 650 41.58 69.52 3.44
C PRO A 650 40.46 69.38 2.42
N TRP A 651 40.01 70.51 1.88
CA TRP A 651 38.88 70.51 0.96
C TRP A 651 39.05 71.63 -0.06
N ARG A 652 38.34 71.48 -1.17
CA ARG A 652 38.33 72.50 -2.21
C ARG A 652 36.96 72.48 -2.89
N VAL A 653 36.61 73.62 -3.49
CA VAL A 653 35.35 73.75 -4.21
C VAL A 653 35.41 72.87 -5.45
N ALA A 654 34.52 71.89 -5.52
CA ALA A 654 34.52 70.93 -6.61
C ALA A 654 34.31 71.61 -7.95
N GLU A 655 34.98 71.08 -8.98
CA GLU A 655 34.85 71.62 -10.33
C GLU A 655 33.48 71.26 -10.89
N ASP A 656 32.99 72.12 -11.79
CA ASP A 656 31.74 71.83 -12.48
C ASP A 656 31.76 70.42 -13.04
N GLY A 657 30.72 69.65 -12.75
CA GLY A 657 30.61 68.28 -13.21
C GLY A 657 31.43 67.28 -12.43
N GLU A 658 32.02 67.68 -11.30
CA GLU A 658 32.89 66.81 -10.49
C GLU A 658 32.13 66.36 -9.24
N LYS A 659 32.00 65.06 -9.07
CA LYS A 659 31.16 64.54 -8.00
C LYS A 659 31.87 64.67 -6.66
N GLY A 660 31.16 65.17 -5.67
CA GLY A 660 31.69 65.31 -4.33
C GLY A 660 30.55 65.35 -3.32
N GLU A 661 30.79 66.02 -2.20
CA GLU A 661 29.78 66.17 -1.15
C GLU A 661 28.94 67.42 -1.41
N ILE A 662 27.65 67.32 -1.12
CA ILE A 662 26.76 68.47 -1.15
C ILE A 662 26.71 69.09 0.23
N VAL A 663 26.74 70.42 0.30
CA VAL A 663 26.86 71.13 1.56
C VAL A 663 26.05 72.41 1.53
N ILE A 664 25.73 72.91 2.72
CA ILE A 664 25.11 74.22 2.89
C ILE A 664 26.01 75.05 3.81
N ALA A 665 26.38 76.25 3.34
CA ALA A 665 27.36 77.08 4.01
C ALA A 665 26.75 78.08 4.98
N LEU A 666 25.43 78.25 4.95
CA LEU A 666 24.76 79.22 5.79
C LEU A 666 23.50 78.54 6.32
N PRO A 667 23.23 78.64 7.62
CA PRO A 667 22.01 78.04 8.16
C PRO A 667 20.76 78.77 7.68
N TYR A 668 19.61 78.17 7.97
CA TYR A 668 18.33 78.76 7.61
C TYR A 668 17.32 78.38 8.69
N PRO A 669 16.17 79.06 8.73
CA PRO A 669 15.24 78.85 9.86
C PRO A 669 14.75 77.42 10.02
N TYR A 670 14.23 76.81 8.95
CA TYR A 670 13.55 75.52 9.10
C TYR A 670 14.51 74.33 9.10
N LEU A 671 15.80 74.56 9.36
CA LEU A 671 16.75 73.48 9.54
C LEU A 671 16.70 72.98 10.98
N THR A 672 16.92 71.67 11.15
CA THR A 672 16.93 71.09 12.49
C THR A 672 17.97 71.78 13.36
N ARG A 673 17.63 71.99 14.63
CA ARG A 673 18.50 72.72 15.55
C ARG A 673 19.45 71.79 16.29
N THR A 674 19.01 70.60 16.67
CA THR A 674 19.82 69.73 17.49
C THR A 674 19.22 68.32 17.49
N ILE A 675 20.02 67.38 17.98
CA ILE A 675 19.53 66.03 18.25
C ILE A 675 18.84 66.03 19.60
N TRP A 676 17.77 65.25 19.71
CA TRP A 676 17.07 65.11 20.97
C TRP A 676 17.97 64.45 22.00
N GLY A 677 18.27 65.18 23.06
CA GLY A 677 19.07 64.64 24.14
C GLY A 677 19.10 65.60 25.31
N ASP A 678 19.95 65.27 26.29
CA ASP A 678 20.04 66.08 27.50
C ASP A 678 18.67 66.23 28.17
N VAL A 679 17.92 65.12 28.23
CA VAL A 679 16.56 65.15 28.73
C VAL A 679 16.52 65.69 30.15
N GLU A 680 17.59 65.47 30.92
CA GLU A 680 17.59 65.87 32.33
C GLU A 680 17.41 67.38 32.48
N ASN A 681 17.84 68.15 31.49
CA ASN A 681 17.80 69.61 31.54
C ASN A 681 16.72 70.20 30.64
N PHE A 682 15.80 69.38 30.15
CA PHE A 682 14.70 69.89 29.34
C PHE A 682 13.56 70.23 30.29
N THR A 683 13.41 71.52 30.58
CA THR A 683 12.36 71.99 31.48
C THR A 683 11.70 73.20 30.83
N VAL A 684 10.36 73.21 30.85
CA VAL A 684 9.58 74.26 30.20
C VAL A 684 9.07 75.23 31.26
N GLU A 685 9.24 76.53 30.99
CA GLU A 685 8.58 77.56 31.78
C GLU A 685 7.18 77.72 31.25
N HIS A 686 6.19 77.29 32.02
CA HIS A 686 4.79 77.33 31.64
C HIS A 686 4.05 78.21 32.63
N VAL A 687 3.70 79.42 32.21
CA VAL A 687 2.96 80.36 33.04
C VAL A 687 1.82 80.93 32.19
N GLY A 688 0.59 80.69 32.63
CA GLY A 688 -0.56 81.09 31.84
C GLY A 688 -0.68 80.22 30.61
N ASN A 689 -0.97 80.84 29.48
CA ASN A 689 -0.99 80.17 28.19
C ASN A 689 0.25 80.48 27.36
N LEU A 690 1.38 80.72 28.02
CA LEU A 690 2.66 80.98 27.39
C LEU A 690 3.69 79.97 27.89
N ALA A 691 4.57 79.52 26.99
CA ALA A 691 5.57 78.53 27.37
C ALA A 691 6.88 78.83 26.68
N ARG A 692 7.98 78.55 27.39
CA ARG A 692 9.33 78.67 26.87
C ARG A 692 10.18 77.57 27.48
N VAL A 693 11.29 77.26 26.83
CA VAL A 693 12.23 76.24 27.31
C VAL A 693 13.34 76.94 28.09
N ALA A 694 13.46 76.60 29.38
CA ALA A 694 14.37 77.29 30.28
C ALA A 694 15.78 77.32 29.70
N GLY A 695 16.32 78.53 29.57
CA GLY A 695 17.63 78.72 28.96
C GLY A 695 18.65 77.72 29.42
N GLY A 696 19.58 77.36 28.54
CA GLY A 696 20.63 76.42 28.88
C GLY A 696 20.45 75.04 28.28
N TRP A 697 19.35 74.77 27.59
CA TRP A 697 19.14 73.47 26.97
C TRP A 697 19.40 73.59 25.48
N ARG A 698 20.18 72.63 24.95
CA ARG A 698 20.51 72.61 23.53
C ARG A 698 20.52 71.18 23.00
N GLY A 699 19.75 70.28 23.62
CA GLY A 699 19.75 68.89 23.25
C GLY A 699 21.15 68.31 23.33
N ASP A 700 21.42 67.30 22.50
CA ASP A 700 22.75 66.71 22.40
C ASP A 700 23.57 67.51 21.40
N GLU A 701 23.88 68.75 21.78
CA GLU A 701 24.58 69.67 20.89
C GLU A 701 25.85 69.05 20.30
N VAL A 702 26.65 68.37 21.13
CA VAL A 702 27.94 67.87 20.67
C VAL A 702 27.73 66.88 19.52
N ARG A 703 26.87 65.89 19.73
CA ARG A 703 26.62 64.91 18.67
C ARG A 703 25.99 65.55 17.45
N TYR A 704 25.35 66.72 17.61
CA TYR A 704 24.76 67.41 16.47
C TYR A 704 25.83 68.04 15.60
N ALA A 705 26.78 68.74 16.22
CA ALA A 705 27.83 69.39 15.46
C ALA A 705 28.74 68.37 14.80
N ASP A 706 29.18 67.36 15.56
CA ASP A 706 30.11 66.37 15.01
C ASP A 706 29.54 65.73 13.75
N THR A 707 28.25 65.36 13.78
CA THR A 707 27.67 64.60 12.69
C THR A 707 27.49 65.45 11.44
N TYR A 708 27.06 66.70 11.60
CA TYR A 708 26.56 67.50 10.49
C TYR A 708 27.42 68.70 10.12
N TRP A 709 28.27 69.17 11.03
CA TRP A 709 28.92 70.48 10.86
C TRP A 709 30.44 70.45 10.94
N ARG A 710 31.05 69.39 11.44
CA ARG A 710 32.49 69.35 11.66
C ARG A 710 33.17 68.43 10.66
N ARG A 711 32.70 68.48 9.42
CA ARG A 711 33.32 67.72 8.33
C ARG A 711 34.50 68.49 7.73
N TRP A 712 34.28 69.74 7.38
CA TRP A 712 35.27 70.53 6.64
C TRP A 712 36.06 71.38 7.63
N LYS A 713 37.37 71.15 7.67
CA LYS A 713 38.23 71.96 8.52
C LYS A 713 38.34 73.37 7.95
N GLY A 714 38.17 74.35 8.82
CA GLY A 714 38.29 75.75 8.43
C GLY A 714 36.97 76.48 8.33
N ALA A 715 35.87 75.76 8.11
CA ALA A 715 34.61 76.41 7.82
C ALA A 715 33.47 75.69 8.51
N TRP A 716 32.38 76.42 8.74
CA TRP A 716 31.14 75.88 9.29
C TRP A 716 30.14 75.72 8.14
N ALA A 717 29.81 74.48 7.81
CA ALA A 717 28.89 74.20 6.72
C ALA A 717 28.15 72.89 7.02
N TYR A 718 26.87 72.84 6.62
CA TYR A 718 26.06 71.66 6.88
C TYR A 718 26.31 70.59 5.83
N THR A 719 26.64 69.38 6.30
CA THR A 719 27.05 68.28 5.43
C THR A 719 26.04 67.14 5.52
N GLN A 720 25.07 67.13 4.61
CA GLN A 720 23.98 66.16 4.70
C GLN A 720 24.46 64.75 4.34
N GLY A 721 25.53 64.63 3.56
CA GLY A 721 26.07 63.34 3.23
C GLY A 721 25.52 62.76 1.93
N ASP A 722 25.47 63.59 0.89
CA ASP A 722 24.92 63.17 -0.39
C ASP A 722 25.85 63.55 -1.52
N PHE A 723 26.00 62.67 -2.49
CA PHE A 723 26.81 62.94 -3.67
C PHE A 723 26.02 63.79 -4.65
N ALA A 724 26.50 65.00 -4.91
CA ALA A 724 25.93 65.90 -5.90
C ALA A 724 27.05 66.48 -6.74
N MET A 725 26.68 67.25 -7.76
CA MET A 725 27.67 67.96 -8.55
C MET A 725 27.04 69.20 -9.16
N ARG A 726 27.77 70.31 -9.09
CA ARG A 726 27.31 71.59 -9.59
C ARG A 726 27.49 71.64 -11.11
N HIS A 727 26.72 72.53 -11.74
CA HIS A 727 26.74 72.71 -13.18
C HIS A 727 26.85 74.20 -13.49
N PRO A 728 27.33 74.55 -14.68
CA PRO A 728 27.55 75.98 -14.97
C PRO A 728 26.31 76.85 -14.86
N ASP A 729 25.15 76.33 -15.23
CA ASP A 729 23.91 77.11 -15.20
C ASP A 729 23.34 77.29 -13.79
N GLY A 730 24.07 76.88 -12.76
CA GLY A 730 23.61 77.04 -11.39
C GLY A 730 22.72 75.93 -10.89
N SER A 731 22.71 74.78 -11.56
CA SER A 731 21.89 73.64 -11.18
C SER A 731 22.73 72.55 -10.53
N PHE A 732 22.06 71.60 -9.91
CA PHE A 732 22.70 70.51 -9.17
C PHE A 732 22.05 69.18 -9.54
N SER A 733 22.85 68.11 -9.49
CA SER A 733 22.37 66.76 -9.75
C SER A 733 22.90 65.82 -8.69
N LEU A 734 22.01 65.07 -8.05
CA LEU A 734 22.35 64.23 -6.91
C LEU A 734 22.57 62.79 -7.36
N HIS A 735 23.54 62.12 -6.74
CA HIS A 735 23.98 60.81 -7.20
C HIS A 735 24.05 59.80 -6.07
N GLY A 736 23.26 59.97 -5.03
CA GLY A 736 23.12 58.99 -3.97
C GLY A 736 23.82 59.42 -2.70
N ARG A 737 23.61 58.61 -1.67
CA ARG A 737 24.18 58.88 -0.36
C ARG A 737 25.68 58.58 -0.37
N SER A 738 26.46 59.46 0.26
CA SER A 738 27.91 59.30 0.29
C SER A 738 28.38 58.44 1.46
N ASP A 739 27.83 58.64 2.66
CA ASP A 739 28.22 57.89 3.84
C ASP A 739 27.62 56.49 3.77
N ASP A 740 27.60 55.78 4.89
CA ASP A 740 27.20 54.37 4.89
C ASP A 740 25.71 54.22 5.20
N VAL A 741 24.87 54.97 4.48
CA VAL A 741 23.43 54.88 4.61
C VAL A 741 22.85 54.59 3.23
N ILE A 742 21.95 53.61 3.16
CA ILE A 742 21.30 53.23 1.91
C ILE A 742 19.85 53.70 1.93
N ASN A 743 19.35 54.05 0.75
CA ASN A 743 17.97 54.53 0.58
C ASN A 743 17.19 53.43 -0.12
N VAL A 744 16.53 52.59 0.68
CA VAL A 744 15.80 51.43 0.17
C VAL A 744 14.39 51.92 -0.17
N SER A 745 14.19 52.35 -1.40
CA SER A 745 12.89 52.82 -1.86
C SER A 745 12.42 53.99 -1.01
N GLY A 746 13.26 55.02 -0.92
CA GLY A 746 12.94 56.17 -0.13
C GLY A 746 13.06 55.98 1.36
N HIS A 747 13.27 54.75 1.82
CA HIS A 747 13.48 54.47 3.23
C HIS A 747 14.97 54.60 3.54
N ARG A 748 15.31 55.57 4.36
CA ARG A 748 16.69 55.80 4.76
C ARG A 748 17.07 54.84 5.86
N ILE A 749 18.07 54.01 5.64
CA ILE A 749 18.47 52.97 6.59
C ILE A 749 19.99 52.88 6.62
N GLY A 750 20.55 52.75 7.83
CA GLY A 750 21.99 52.57 7.97
C GLY A 750 22.40 51.11 7.81
N THR A 751 23.53 50.90 7.13
CA THR A 751 24.00 49.54 6.95
C THR A 751 24.44 48.91 8.27
N GLU A 752 24.97 49.72 9.19
CA GLU A 752 25.36 49.20 10.49
C GLU A 752 24.16 48.62 11.22
N GLU A 753 23.00 49.26 11.10
CA GLU A 753 21.79 48.76 11.75
C GLU A 753 21.46 47.36 11.25
N ILE A 754 21.62 47.13 9.95
CA ILE A 754 21.34 45.82 9.38
C ILE A 754 22.42 44.82 9.79
N GLU A 755 23.69 45.21 9.67
CA GLU A 755 24.79 44.35 10.08
C GLU A 755 24.61 43.87 11.52
N GLY A 756 24.35 44.81 12.43
CA GLY A 756 24.22 44.44 13.84
C GLY A 756 23.14 43.40 14.05
N ALA A 757 21.96 43.62 13.48
CA ALA A 757 20.88 42.65 13.63
C ALA A 757 21.30 41.27 13.12
N ILE A 758 22.03 41.22 12.00
CA ILE A 758 22.54 39.95 11.50
C ILE A 758 23.52 39.35 12.52
N LEU A 759 24.38 40.19 13.09
CA LEU A 759 25.37 39.71 14.05
C LEU A 759 24.73 39.21 15.35
N ARG A 760 23.45 39.51 15.59
CA ARG A 760 22.80 39.07 16.82
C ARG A 760 22.74 37.53 16.91
N ASP A 761 22.70 36.85 15.77
CA ASP A 761 22.71 35.39 15.74
C ASP A 761 23.84 34.83 16.60
N LYS A 762 24.98 35.52 16.61
CA LYS A 762 26.12 35.07 17.43
C LYS A 762 25.84 35.26 18.91
N ALA A 763 25.08 36.29 19.29
CA ALA A 763 24.71 36.48 20.69
C ALA A 763 23.60 35.54 21.12
N LEU A 764 22.76 35.09 20.20
CA LEU A 764 21.69 34.15 20.51
C LEU A 764 22.12 32.70 20.38
N ASP A 765 22.97 32.39 19.41
CA ASP A 765 23.41 31.02 19.13
C ASP A 765 24.92 30.92 19.26
N PRO A 766 25.45 30.34 20.35
CA PRO A 766 26.91 30.20 20.47
C PRO A 766 27.51 29.34 19.37
N ASN A 767 26.70 28.60 18.62
CA ASN A 767 27.13 27.76 17.51
C ASN A 767 26.68 28.35 16.18
N SER A 768 26.70 29.69 16.08
CA SER A 768 26.25 30.36 14.87
C SER A 768 27.32 30.25 13.79
N PRO A 769 26.97 29.89 12.55
CA PRO A 769 27.97 29.85 11.48
C PRO A 769 28.43 31.22 11.04
N VAL A 770 27.75 32.28 11.48
CA VAL A 770 28.10 33.63 11.10
C VAL A 770 29.37 34.07 11.82
N GLY A 771 30.25 34.76 11.09
CA GLY A 771 31.50 35.24 11.64
C GLY A 771 31.64 36.74 11.54
N ASN A 772 31.64 37.27 10.32
CA ASN A 772 31.68 38.71 10.08
C ASN A 772 30.58 39.07 9.09
N VAL A 773 30.18 40.33 9.09
CA VAL A 773 29.06 40.77 8.27
C VAL A 773 29.37 42.15 7.70
N ILE A 774 29.10 42.30 6.41
CA ILE A 774 29.11 43.60 5.74
C ILE A 774 27.86 43.65 4.87
N VAL A 775 27.15 44.78 4.92
CA VAL A 775 25.92 44.98 4.17
C VAL A 775 26.14 46.14 3.20
N ILE A 776 25.81 45.91 1.94
CA ILE A 776 26.00 46.90 0.88
C ILE A 776 24.66 47.15 0.20
N GLY A 777 24.48 48.38 -0.28
CA GLY A 777 23.34 48.71 -1.11
C GLY A 777 23.65 48.48 -2.57
N ALA A 778 23.09 47.41 -3.14
CA ALA A 778 23.34 47.08 -4.54
C ALA A 778 22.28 47.72 -5.44
N PRO A 779 22.67 48.19 -6.64
CA PRO A 779 21.67 48.72 -7.56
C PRO A 779 20.55 47.72 -7.84
N HIS A 780 19.32 48.24 -7.84
CA HIS A 780 18.14 47.42 -8.08
C HIS A 780 17.27 48.08 -9.13
N SER A 781 16.69 47.27 -10.01
CA SER A 781 15.93 47.80 -11.14
C SER A 781 14.87 48.79 -10.67
N GLN A 782 14.09 48.41 -9.67
CA GLN A 782 12.96 49.21 -9.21
C GLN A 782 13.18 49.81 -7.83
N LYS A 783 13.59 49.00 -6.85
CA LYS A 783 13.83 49.50 -5.50
C LYS A 783 14.81 50.66 -5.47
N GLY A 784 15.59 50.85 -6.52
CA GLY A 784 16.61 51.89 -6.54
C GLY A 784 17.90 51.40 -5.91
N VAL A 785 17.81 50.96 -4.66
CA VAL A 785 18.91 50.33 -3.95
C VAL A 785 18.32 49.24 -3.06
N THR A 786 19.01 48.10 -2.98
CA THR A 786 18.53 47.01 -2.14
C THR A 786 19.69 46.43 -1.35
N PRO A 787 19.49 46.12 -0.06
CA PRO A 787 20.61 45.69 0.78
C PRO A 787 20.99 44.26 0.53
N ILE A 788 22.28 44.03 0.27
CA ILE A 788 22.86 42.69 0.16
C ILE A 788 23.79 42.49 1.33
N ALA A 789 23.72 41.31 1.94
CA ALA A 789 24.51 40.99 3.13
C ALA A 789 25.64 40.03 2.76
N PHE A 790 26.86 40.54 2.75
CA PHE A 790 28.05 39.71 2.60
C PHE A 790 28.52 39.28 3.99
N VAL A 791 28.67 37.99 4.13
CA VAL A 791 29.09 37.36 5.35
C VAL A 791 30.19 36.35 5.18
N THR A 792 31.19 36.40 6.04
CA THR A 792 32.22 35.36 6.07
C THR A 792 31.88 34.40 7.19
N PRO A 793 31.94 33.09 6.98
CA PRO A 793 31.51 32.15 8.00
C PRO A 793 32.64 31.81 8.99
N VAL A 794 32.23 31.17 10.09
CA VAL A 794 33.18 30.66 11.05
C VAL A 794 33.96 29.50 10.44
N GLU A 795 35.20 29.32 10.89
CA GLU A 795 36.05 28.27 10.34
C GLU A 795 35.33 26.92 10.35
N GLY A 796 35.34 26.26 9.19
CA GLY A 796 34.68 24.99 9.03
C GLY A 796 33.18 25.06 8.82
N ARG A 797 32.57 26.22 9.00
CA ARG A 797 31.12 26.34 8.94
C ARG A 797 30.67 26.81 7.56
N ARG A 798 29.50 26.33 7.15
CA ARG A 798 28.85 26.74 5.93
C ARG A 798 27.54 27.45 6.29
N LEU A 799 27.08 28.32 5.39
CA LEU A 799 25.89 29.13 5.63
C LEU A 799 24.69 28.48 4.92
N THR A 800 24.05 27.55 5.62
CA THR A 800 22.90 26.85 5.08
C THR A 800 21.82 27.85 4.68
N GLN A 801 20.87 27.37 3.86
CA GLN A 801 19.69 28.18 3.56
C GLN A 801 18.77 28.32 4.76
N ASP A 802 18.82 27.36 5.69
CA ASP A 802 18.13 27.55 6.97
C ASP A 802 18.73 28.70 7.75
N ASP A 803 20.05 28.91 7.63
CA ASP A 803 20.69 30.06 8.28
C ASP A 803 20.25 31.37 7.66
N LYS A 804 20.37 31.51 6.34
CA LYS A 804 19.92 32.73 5.69
C LYS A 804 18.47 33.05 6.05
N ARG A 805 17.60 32.03 6.07
CA ARG A 805 16.21 32.26 6.43
C ARG A 805 16.07 32.75 7.87
N ARG A 806 17.00 32.33 8.76
CA ARG A 806 16.96 32.78 10.14
C ARG A 806 17.53 34.18 10.28
N LEU A 807 18.66 34.45 9.61
CA LEU A 807 19.24 35.79 9.60
C LEU A 807 18.32 36.79 8.90
N THR A 808 17.40 36.30 8.08
CA THR A 808 16.44 37.20 7.43
C THR A 808 15.34 37.60 8.40
N ASP A 809 14.74 36.63 9.09
CA ASP A 809 13.77 36.95 10.13
C ASP A 809 14.40 37.70 11.29
N LEU A 810 15.73 37.73 11.37
CA LEU A 810 16.37 38.41 12.49
C LEU A 810 16.38 39.93 12.28
N VAL A 811 16.70 40.39 11.08
CA VAL A 811 16.59 41.82 10.80
C VAL A 811 15.13 42.25 10.85
N ARG A 812 14.23 41.39 10.40
CA ARG A 812 12.81 41.72 10.41
C ARG A 812 12.34 42.06 11.84
N THR A 813 12.55 41.13 12.76
CA THR A 813 12.11 41.31 14.13
C THR A 813 12.90 42.41 14.85
N GLU A 814 14.11 42.71 14.39
CA GLU A 814 14.96 43.69 15.05
C GLU A 814 14.68 45.11 14.54
N LYS A 815 14.86 45.34 13.24
CA LYS A 815 14.71 46.68 12.67
C LYS A 815 13.38 46.85 11.91
N GLY A 816 13.14 46.03 10.91
CA GLY A 816 11.92 46.15 10.14
C GLY A 816 12.05 45.48 8.79
N ALA A 817 10.88 45.09 8.24
CA ALA A 817 10.86 44.36 6.98
C ALA A 817 11.43 45.17 5.83
N VAL A 818 11.57 46.49 6.00
CA VAL A 818 12.20 47.30 4.97
C VAL A 818 13.71 47.08 4.96
N ALA A 819 14.30 46.89 6.13
CA ALA A 819 15.75 46.69 6.28
C ALA A 819 16.15 45.22 6.10
N VAL A 820 15.44 44.47 5.27
CA VAL A 820 15.73 43.06 5.08
C VAL A 820 16.67 42.89 3.88
N PRO A 821 17.76 42.15 4.00
CA PRO A 821 18.58 41.86 2.83
C PRO A 821 17.81 41.04 1.82
N GLN A 822 17.99 41.38 0.54
CA GLN A 822 17.36 40.60 -0.53
C GLN A 822 18.04 39.24 -0.68
N ASP A 823 19.35 39.20 -0.50
CA ASP A 823 20.10 37.95 -0.55
C ASP A 823 21.21 37.98 0.49
N PHE A 824 21.74 36.80 0.82
CA PHE A 824 22.89 36.64 1.69
C PHE A 824 24.01 35.98 0.90
N ILE A 825 25.09 36.72 0.68
CA ILE A 825 26.23 36.25 -0.10
C ILE A 825 27.32 35.79 0.86
N GLU A 826 27.62 34.50 0.85
CA GLU A 826 28.72 33.98 1.64
C GLU A 826 30.04 34.24 0.91
N LEU A 827 31.07 34.53 1.70
CA LEU A 827 32.42 34.70 1.16
C LEU A 827 33.40 33.99 2.08
N SER A 828 34.55 33.63 1.52
CA SER A 828 35.61 33.02 2.31
C SER A 828 36.27 34.04 3.24
N GLU A 829 36.28 35.31 2.85
CA GLU A 829 36.97 36.35 3.61
C GLU A 829 36.63 37.70 3.00
N PHE A 830 36.93 38.75 3.76
CA PHE A 830 36.75 40.12 3.31
C PHE A 830 38.08 40.77 3.02
N PRO A 831 38.11 41.80 2.18
CA PRO A 831 39.29 42.65 2.10
C PRO A 831 39.77 43.12 3.47
N GLU A 832 40.86 42.53 3.97
CA GLU A 832 41.47 42.97 5.21
C GLU A 832 42.69 43.83 4.90
N THR A 833 42.94 44.83 5.73
CA THR A 833 44.00 45.78 5.48
C THR A 833 45.28 45.33 6.20
N ARG A 834 46.24 46.22 6.36
CA ARG A 834 47.49 45.90 7.07
C ARG A 834 47.19 45.26 8.42
N SER A 835 46.42 45.94 9.26
CA SER A 835 46.20 45.51 10.64
C SER A 835 45.01 44.56 10.79
N GLY A 836 44.09 44.56 9.83
CA GLY A 836 42.94 43.68 9.89
C GLY A 836 41.63 44.38 9.56
N LYS A 837 41.65 45.71 9.55
CA LYS A 837 40.42 46.48 9.29
C LYS A 837 39.80 46.05 7.97
N TYR A 838 38.47 46.07 7.95
CA TYR A 838 37.71 45.73 6.75
C TYR A 838 37.49 46.98 5.93
N MET A 839 37.83 46.88 4.65
CA MET A 839 37.69 48.01 3.72
C MET A 839 36.26 47.96 3.17
N ARG A 840 35.35 48.65 3.86
CA ARG A 840 33.97 48.70 3.41
C ARG A 840 33.89 49.29 2.01
N ARG A 841 34.72 50.30 1.74
CA ARG A 841 34.65 50.99 0.46
C ARG A 841 35.03 50.07 -0.69
N MET A 842 36.09 49.27 -0.51
CA MET A 842 36.47 48.28 -1.52
C MET A 842 35.28 47.43 -1.91
N VAL A 843 34.53 46.94 -0.93
CA VAL A 843 33.35 46.11 -1.21
C VAL A 843 32.27 46.94 -1.86
N ARG A 844 32.02 48.15 -1.34
CA ARG A 844 31.03 49.03 -1.93
C ARG A 844 31.39 49.35 -3.37
N ALA A 845 32.67 49.61 -3.64
CA ALA A 845 33.10 49.95 -5.00
C ALA A 845 32.84 48.81 -5.96
N VAL A 846 33.15 47.58 -5.57
CA VAL A 846 32.97 46.45 -6.47
C VAL A 846 31.48 46.21 -6.72
N VAL A 847 30.70 46.13 -5.65
CA VAL A 847 29.25 45.94 -5.79
C VAL A 847 28.67 47.02 -6.69
N GLU A 848 29.02 48.28 -6.43
CA GLU A 848 28.51 49.38 -7.23
C GLU A 848 29.22 49.56 -8.56
N GLY A 849 30.24 48.74 -8.84
CA GLY A 849 30.98 48.86 -10.09
C GLY A 849 31.92 50.02 -10.16
N GLY A 850 32.09 50.78 -9.09
CA GLY A 850 32.97 51.95 -9.10
C GLY A 850 34.43 51.59 -9.01
N GLU A 851 35.26 52.61 -9.08
CA GLU A 851 36.71 52.45 -9.07
C GLU A 851 37.17 52.23 -7.63
N VAL A 852 37.57 50.99 -7.33
CA VAL A 852 38.12 50.63 -6.05
C VAL A 852 39.15 51.66 -5.56
N LEU A 858 44.31 47.67 -3.37
CA LEU A 858 45.70 48.08 -3.42
C LEU A 858 46.44 47.69 -2.14
N ARG A 859 45.88 48.05 -0.99
CA ARG A 859 46.53 47.83 0.30
C ARG A 859 46.17 46.49 0.94
N ASN A 860 45.96 45.41 0.18
CA ASN A 860 45.39 44.24 0.83
C ASN A 860 45.54 43.01 -0.06
N PRO A 861 45.21 41.80 0.47
CA PRO A 861 45.30 40.53 -0.29
C PRO A 861 44.37 40.35 -1.49
N GLU A 862 44.14 39.08 -1.88
CA GLU A 862 43.48 38.71 -3.13
C GLU A 862 41.99 38.40 -2.98
N SER A 863 41.43 38.58 -1.79
CA SER A 863 39.99 38.36 -1.61
C SER A 863 39.17 39.09 -2.66
N LEU A 864 39.67 40.18 -3.16
CA LEU A 864 38.92 41.03 -4.03
C LEU A 864 38.39 40.28 -5.22
N ASP A 865 39.09 39.27 -5.67
CA ASP A 865 38.63 38.50 -6.81
C ASP A 865 37.39 37.68 -6.44
N GLU A 866 37.35 37.13 -5.23
CA GLU A 866 36.22 36.30 -4.84
C GLU A 866 34.95 37.13 -4.75
N LEU A 867 35.05 38.40 -4.35
CA LEU A 867 33.88 39.27 -4.31
C LEU A 867 33.29 39.43 -5.71
N ALA A 868 34.07 39.99 -6.64
CA ALA A 868 33.60 40.21 -8.01
C ALA A 868 32.88 38.98 -8.55
N ARG A 869 33.49 37.80 -8.38
CA ARG A 869 32.87 36.56 -8.81
C ARG A 869 31.47 36.42 -8.24
N ALA A 870 31.31 36.71 -6.95
CA ALA A 870 30.01 36.55 -6.30
C ALA A 870 29.06 37.69 -6.70
N VAL A 871 29.60 38.91 -6.84
CA VAL A 871 28.76 40.02 -7.30
C VAL A 871 28.33 39.81 -8.74
N ASP A 872 29.25 39.36 -9.61
CA ASP A 872 28.89 39.06 -10.98
C ASP A 872 27.75 38.04 -11.02
N GLY A 873 27.95 36.89 -10.39
CA GLY A 873 26.91 35.86 -10.35
C GLY A 873 25.58 36.41 -9.86
N TRP A 874 25.64 37.27 -8.83
CA TRP A 874 24.41 37.82 -8.27
C TRP A 874 23.74 38.78 -9.25
N LYS A 875 24.52 39.72 -9.80
CA LYS A 875 23.94 40.72 -10.70
C LYS A 875 23.31 40.07 -11.92
N ARG A 876 23.64 38.82 -12.21
CA ARG A 876 23.05 38.13 -13.36
C ARG A 876 21.77 37.41 -12.99
N ARG A 877 21.71 36.81 -11.81
CA ARG A 877 20.45 36.26 -11.31
C ARG A 877 19.38 37.35 -11.19
N GLN A 878 19.78 38.57 -10.82
CA GLN A 878 18.82 39.67 -10.77
C GLN A 878 18.38 40.09 -12.17
N SER A 879 19.28 40.06 -13.15
CA SER A 879 18.88 40.39 -14.50
C SER A 879 17.84 39.41 -15.02
N LEU A 880 18.02 38.12 -14.72
CA LEU A 880 17.05 37.13 -15.18
C LEU A 880 15.71 37.29 -14.48
N SER A 881 15.73 37.67 -13.19
CA SER A 881 14.48 37.88 -12.47
C SER A 881 13.69 39.03 -13.07
N ASP A 882 14.37 40.12 -13.41
CA ASP A 882 13.70 41.32 -13.87
C ASP A 882 13.33 41.25 -15.35
N THR A 883 13.90 40.32 -16.10
CA THR A 883 13.60 40.18 -17.53
C THR A 883 12.66 39.02 -17.84
N GLN A 884 12.51 38.05 -16.94
CA GLN A 884 11.65 36.91 -17.21
C GLN A 884 10.23 37.36 -17.47
N ALA A 885 9.64 36.83 -18.55
CA ALA A 885 8.26 37.12 -18.93
C ALA A 885 7.37 35.89 -18.84
N LEU A 886 7.78 34.86 -18.10
CA LEU A 886 6.97 33.65 -17.98
C LEU A 886 5.88 33.80 -16.93
N PHE A 887 6.23 34.34 -15.76
CA PHE A 887 5.35 34.38 -14.60
C PHE A 887 5.08 35.82 -14.22
N GLU A 888 3.81 36.15 -13.98
CA GLU A 888 3.42 37.38 -13.32
C GLU A 888 2.83 37.00 -11.97
N ARG A 889 3.39 37.55 -10.90
CA ARG A 889 3.12 37.10 -9.55
C ARG A 889 2.35 38.17 -8.80
N TYR A 890 1.05 37.93 -8.61
CA TYR A 890 0.22 38.74 -7.73
C TYR A 890 0.17 38.08 -6.35
N ARG A 891 -0.53 38.72 -5.42
CA ARG A 891 -0.58 38.21 -4.05
C ARG A 891 -1.32 36.87 -3.97
N PHE A 892 -2.48 36.79 -4.60
CA PHE A 892 -3.28 35.56 -4.55
C PHE A 892 -3.46 34.95 -5.94
N PHE A 893 -2.58 35.28 -6.88
CA PHE A 893 -2.67 34.69 -8.22
C PHE A 893 -1.27 34.60 -8.82
N THR A 894 -1.16 33.77 -9.85
CA THR A 894 0.03 33.67 -10.68
C THR A 894 -0.44 33.50 -12.11
N ILE A 895 0.16 34.25 -13.03
CA ILE A 895 -0.13 34.16 -14.45
C ILE A 895 1.07 33.53 -15.13
N GLN A 896 0.85 32.43 -15.84
CA GLN A 896 1.90 31.74 -16.59
C GLN A 896 1.59 31.84 -18.08
N TYR A 897 2.45 32.53 -18.81
CA TYR A 897 2.30 32.70 -20.24
C TYR A 897 3.09 31.64 -20.99
N ASN A 898 2.54 31.19 -22.12
CA ASN A 898 3.20 30.16 -22.92
C ASN A 898 2.88 30.39 -24.38
N LEU A 899 3.91 30.29 -25.23
CA LEU A 899 3.78 30.50 -26.67
C LEU A 899 3.11 29.30 -27.33
N VAL A 900 1.97 29.54 -27.97
CA VAL A 900 1.27 28.52 -28.73
C VAL A 900 1.50 28.69 -30.21
N ALA A 901 1.39 29.91 -30.71
CA ALA A 901 1.71 30.26 -32.08
C ALA A 901 2.60 31.48 -32.08
N PRO A 902 3.29 31.76 -33.20
CA PRO A 902 4.35 32.78 -33.20
C PRO A 902 3.94 34.12 -32.61
N GLY A 903 2.64 34.40 -32.61
CA GLY A 903 2.17 35.65 -32.04
C GLY A 903 1.01 35.47 -31.08
N LYS A 904 0.82 34.25 -30.57
CA LYS A 904 -0.30 33.94 -29.71
C LYS A 904 0.21 33.23 -28.46
N ARG A 905 0.14 33.93 -27.31
CA ARG A 905 0.45 33.33 -26.02
C ARG A 905 -0.85 32.91 -25.35
N VAL A 906 -0.77 31.81 -24.59
CA VAL A 906 -1.87 31.39 -23.74
C VAL A 906 -1.52 31.78 -22.31
N ALA A 907 -2.54 32.08 -21.52
CA ALA A 907 -2.35 32.58 -20.16
C ALA A 907 -3.01 31.63 -19.17
N THR A 908 -2.26 31.23 -18.14
CA THR A 908 -2.76 30.36 -17.08
C THR A 908 -2.82 31.17 -15.79
N VAL A 909 -4.03 31.53 -15.39
CA VAL A 909 -4.27 32.22 -14.14
C VAL A 909 -4.58 31.20 -13.06
N THR A 910 -3.75 31.15 -12.03
CA THR A 910 -3.89 30.17 -10.95
C THR A 910 -4.19 30.90 -9.66
N VAL A 911 -5.26 30.48 -8.98
CA VAL A 911 -5.63 31.05 -7.70
C VAL A 911 -4.80 30.39 -6.61
N LYS A 912 -4.35 31.17 -5.67
CA LYS A 912 -3.62 30.63 -4.57
C LYS A 912 -3.74 31.35 -3.23
N ASN A 913 -4.74 30.99 -2.43
CA ASN A 913 -4.95 31.46 -1.07
C ASN A 913 -4.93 30.16 -0.38
N PRO A 914 -3.89 29.87 0.35
CA PRO A 914 -3.73 28.47 0.70
C PRO A 914 -4.67 27.56 1.41
N PRO A 915 -5.49 27.89 2.42
CA PRO A 915 -6.26 26.71 2.84
C PRO A 915 -7.21 26.17 1.78
N VAL A 916 -8.08 27.01 1.26
CA VAL A 916 -9.04 26.58 0.24
C VAL A 916 -9.23 27.43 -0.99
N ASN A 917 -8.34 28.36 -1.32
CA ASN A 917 -8.47 29.28 -2.43
C ASN A 917 -9.72 30.07 -2.33
N ALA A 918 -10.11 30.47 -1.15
CA ALA A 918 -11.26 31.36 -1.05
C ALA A 918 -10.89 32.74 -1.58
N LEU A 919 -11.89 33.43 -2.12
CA LEU A 919 -11.70 34.77 -2.64
C LEU A 919 -12.06 35.75 -1.54
N ASN A 920 -11.05 36.40 -0.98
CA ASN A 920 -11.26 37.57 -0.13
C ASN A 920 -11.22 38.82 -1.01
N GLU A 921 -11.44 39.99 -0.40
CA GLU A 921 -11.60 41.19 -1.20
C GLU A 921 -10.39 41.44 -2.08
N ARG A 922 -9.19 41.33 -1.51
CA ARG A 922 -7.98 41.63 -2.27
C ARG A 922 -7.86 40.73 -3.50
N ALA A 923 -8.23 39.45 -3.36
CA ALA A 923 -8.21 38.55 -4.51
C ALA A 923 -9.19 39.01 -5.60
N LEU A 924 -10.38 39.48 -5.21
CA LEU A 924 -11.29 40.06 -6.19
C LEU A 924 -10.67 41.28 -6.86
N ASP A 925 -9.95 42.10 -6.07
CA ASP A 925 -9.28 43.27 -6.63
C ASP A 925 -8.26 42.86 -7.67
N GLU A 926 -7.40 41.90 -7.33
CA GLU A 926 -6.42 41.39 -8.29
C GLU A 926 -7.10 40.74 -9.47
N LEU A 927 -8.17 39.97 -9.23
CA LEU A 927 -8.84 39.25 -10.31
C LEU A 927 -9.50 40.20 -11.29
N VAL A 928 -9.95 41.38 -10.84
CA VAL A 928 -10.47 42.37 -11.77
C VAL A 928 -9.35 42.86 -12.68
N ILE A 929 -8.23 43.28 -12.07
CA ILE A 929 -7.08 43.74 -12.85
C ILE A 929 -6.64 42.68 -13.83
N ILE A 930 -6.55 41.43 -13.37
CA ILE A 930 -6.06 40.36 -14.22
C ILE A 930 -6.96 40.20 -15.44
N ALA A 931 -8.27 40.14 -15.19
CA ALA A 931 -9.23 40.00 -16.28
C ALA A 931 -9.18 41.17 -17.25
N GLU A 932 -9.16 42.40 -16.73
CA GLU A 932 -9.08 43.56 -17.60
C GLU A 932 -7.77 43.58 -18.38
N HIS A 933 -6.64 43.29 -17.71
CA HIS A 933 -5.35 43.33 -18.41
C HIS A 933 -5.29 42.29 -19.54
N LEU A 934 -5.50 41.02 -19.18
CA LEU A 934 -5.44 39.96 -20.18
C LEU A 934 -6.44 40.20 -21.31
N ALA A 935 -7.54 40.89 -21.01
CA ALA A 935 -8.51 41.20 -22.05
C ALA A 935 -7.91 42.16 -23.08
N ARG A 936 -7.11 43.12 -22.64
CA ARG A 936 -6.55 44.11 -23.56
C ARG A 936 -5.30 43.62 -24.26
N LYS A 937 -4.68 42.54 -23.78
CA LYS A 937 -3.45 42.03 -24.39
C LYS A 937 -3.81 41.27 -25.66
N ASP A 938 -3.68 41.92 -26.81
CA ASP A 938 -3.78 41.20 -28.09
C ASP A 938 -2.77 40.06 -28.18
N ASP A 939 -1.69 40.15 -27.41
CA ASP A 939 -0.69 39.11 -27.30
C ASP A 939 -1.27 37.78 -26.82
N VAL A 940 -2.42 37.79 -26.15
CA VAL A 940 -2.95 36.63 -25.45
C VAL A 940 -4.16 36.13 -26.22
N ALA A 941 -4.08 34.89 -26.72
CA ALA A 941 -5.13 34.32 -27.55
C ALA A 941 -6.23 33.67 -26.74
N ALA A 942 -5.94 33.21 -25.53
CA ALA A 942 -6.94 32.54 -24.72
C ALA A 942 -6.47 32.56 -23.27
N VAL A 943 -7.39 32.26 -22.37
CA VAL A 943 -7.15 32.32 -20.92
C VAL A 943 -7.67 31.03 -20.30
N VAL A 944 -6.86 30.42 -19.43
CA VAL A 944 -7.28 29.25 -18.67
C VAL A 944 -7.15 29.60 -17.19
N PHE A 945 -8.27 29.57 -16.48
CA PHE A 945 -8.29 29.79 -15.04
C PHE A 945 -8.31 28.44 -14.33
N THR A 946 -7.57 28.35 -13.22
CA THR A 946 -7.59 27.13 -12.42
C THR A 946 -7.11 27.49 -11.01
N GLY A 947 -7.16 26.51 -10.13
CA GLY A 947 -6.72 26.69 -8.74
C GLY A 947 -5.57 25.78 -8.40
N SER A 948 -4.66 26.27 -7.56
CA SER A 948 -3.54 25.42 -7.16
C SER A 948 -4.00 24.44 -6.09
N GLY A 949 -3.23 23.38 -5.92
CA GLY A 949 -3.58 22.32 -5.01
C GLY A 949 -4.58 21.35 -5.63
N THR A 950 -4.85 20.28 -4.87
CA THR A 950 -5.70 19.19 -5.32
C THR A 950 -7.07 19.19 -4.67
N ALA A 951 -7.33 20.09 -3.72
CA ALA A 951 -8.54 20.04 -2.92
C ALA A 951 -9.66 20.91 -3.49
N SER A 952 -9.37 22.17 -3.79
CA SER A 952 -10.41 23.13 -4.15
C SER A 952 -9.96 24.04 -5.29
N PHE A 953 -10.80 24.13 -6.30
CA PHE A 953 -10.66 25.17 -7.32
C PHE A 953 -10.84 26.52 -6.63
N VAL A 954 -12.07 26.79 -6.21
CA VAL A 954 -12.38 27.90 -5.32
C VAL A 954 -13.59 27.46 -4.49
N ALA A 955 -13.45 27.38 -3.17
CA ALA A 955 -14.52 26.87 -2.33
C ALA A 955 -15.44 27.94 -1.76
N GLY A 956 -15.23 29.20 -2.09
CA GLY A 956 -16.20 30.23 -1.75
C GLY A 956 -15.51 31.54 -1.47
N ALA A 957 -16.31 32.52 -1.08
CA ALA A 957 -15.78 33.76 -0.57
C ALA A 957 -15.27 33.54 0.84
N ASP A 958 -14.37 34.42 1.26
CA ASP A 958 -13.88 34.43 2.63
C ASP A 958 -15.03 34.68 3.60
N ILE A 959 -15.39 33.67 4.38
CA ILE A 959 -16.56 33.75 5.26
C ILE A 959 -16.28 34.62 6.47
N ARG A 960 -15.11 34.43 7.10
CA ARG A 960 -14.75 35.25 8.26
C ARG A 960 -14.71 36.73 7.92
N GLN A 961 -14.29 37.06 6.70
CA GLN A 961 -14.16 38.46 6.33
C GLN A 961 -15.53 39.13 6.22
N MET A 962 -16.53 38.42 5.71
CA MET A 962 -17.87 38.97 5.62
C MET A 962 -18.47 39.21 6.99
N LEU A 963 -17.93 38.58 8.03
CA LEU A 963 -18.45 38.74 9.38
C LEU A 963 -17.68 39.80 10.17
N GLU A 964 -16.35 39.82 10.06
CA GLU A 964 -15.52 40.63 10.95
C GLU A 964 -15.06 41.94 10.33
N GLU A 965 -15.18 42.11 9.02
CA GLU A 965 -14.68 43.30 8.33
C GLU A 965 -15.75 44.01 7.51
N VAL A 966 -17.01 43.61 7.64
CA VAL A 966 -18.13 44.23 6.92
C VAL A 966 -19.14 44.70 7.97
N ASN A 967 -19.04 45.97 8.37
CA ASN A 967 -19.93 46.57 9.35
C ASN A 967 -20.67 47.77 8.79
N SER A 968 -21.02 47.73 7.50
CA SER A 968 -21.75 48.80 6.83
C SER A 968 -22.08 48.33 5.42
N VAL A 969 -23.06 48.99 4.80
CA VAL A 969 -23.46 48.59 3.45
C VAL A 969 -22.40 48.98 2.44
N GLU A 970 -21.71 50.11 2.64
CA GLU A 970 -20.63 50.49 1.73
C GLU A 970 -19.58 49.40 1.66
N GLU A 971 -19.16 48.88 2.81
CA GLU A 971 -18.21 47.78 2.83
C GLU A 971 -18.77 46.55 2.15
N ALA A 972 -20.05 46.23 2.41
CA ALA A 972 -20.62 45.00 1.88
C ALA A 972 -20.74 45.04 0.36
N LYS A 973 -21.27 46.14 -0.17
CA LYS A 973 -21.51 46.26 -1.61
C LYS A 973 -20.23 46.09 -2.42
N ALA A 974 -19.06 46.29 -1.81
CA ALA A 974 -17.81 46.16 -2.56
C ALA A 974 -17.55 44.72 -2.98
N LEU A 975 -18.03 43.73 -2.19
CA LEU A 975 -17.73 42.33 -2.52
C LEU A 975 -18.50 41.85 -3.73
N PRO A 976 -19.80 42.05 -3.85
CA PRO A 976 -20.46 41.78 -5.14
C PRO A 976 -19.93 42.66 -6.26
N ASP A 977 -19.80 43.96 -6.01
CA ASP A 977 -19.42 44.89 -7.07
C ASP A 977 -18.06 44.52 -7.65
N ASN A 978 -17.10 44.19 -6.80
CA ASN A 978 -15.79 43.77 -7.28
C ASN A 978 -15.85 42.39 -7.91
N ALA A 979 -16.56 41.46 -7.27
CA ALA A 979 -16.62 40.08 -7.77
C ALA A 979 -17.40 39.99 -9.09
N GLN A 980 -18.52 40.72 -9.19
CA GLN A 980 -19.33 40.65 -10.40
C GLN A 980 -18.61 41.29 -11.57
N LEU A 981 -17.85 42.36 -11.29
CA LEU A 981 -17.12 43.04 -12.36
C LEU A 981 -16.04 42.14 -12.95
N ALA A 982 -15.30 41.43 -12.10
CA ALA A 982 -14.32 40.47 -12.62
C ALA A 982 -15.01 39.41 -13.46
N PHE A 983 -16.12 38.87 -12.96
CA PHE A 983 -16.79 37.79 -13.68
C PHE A 983 -17.45 38.30 -14.95
N ARG A 984 -18.00 39.52 -14.92
CA ARG A 984 -18.51 40.11 -16.15
C ARG A 984 -17.38 40.34 -17.14
N THR A 985 -16.20 40.73 -16.66
CA THR A 985 -15.09 40.97 -17.57
C THR A 985 -14.67 39.68 -18.27
N ILE A 986 -14.55 38.60 -17.49
CA ILE A 986 -14.25 37.30 -18.07
C ILE A 986 -15.35 36.88 -19.06
N GLU A 987 -16.61 37.05 -18.66
CA GLU A 987 -17.72 36.61 -19.50
C GLU A 987 -17.76 37.37 -20.83
N GLU A 988 -17.57 38.69 -20.78
CA GLU A 988 -17.70 39.55 -21.96
C GLU A 988 -16.38 39.69 -22.71
N MET A 989 -15.34 38.99 -22.28
CA MET A 989 -14.05 39.09 -22.93
C MET A 989 -14.13 38.62 -24.37
N ASP A 990 -13.17 39.06 -25.19
CA ASP A 990 -13.08 38.66 -26.59
C ASP A 990 -12.06 37.55 -26.81
N LYS A 991 -11.98 36.61 -25.88
CA LYS A 991 -11.06 35.49 -25.96
C LYS A 991 -11.68 34.33 -25.20
N PRO A 992 -11.49 33.10 -25.65
CA PRO A 992 -12.04 31.96 -24.91
C PRO A 992 -11.38 31.87 -23.54
N CYS A 993 -12.22 31.77 -22.51
CA CYS A 993 -11.77 31.63 -21.13
C CYS A 993 -12.29 30.30 -20.59
N ILE A 994 -11.38 29.37 -20.32
CA ILE A 994 -11.75 28.06 -19.82
C ILE A 994 -11.51 28.03 -18.32
N ALA A 995 -12.48 27.49 -17.60
CA ALA A 995 -12.26 27.06 -16.23
C ALA A 995 -11.81 25.60 -16.24
N ALA A 996 -10.58 25.34 -15.79
CA ALA A 996 -10.08 23.99 -15.54
C ALA A 996 -10.23 23.72 -14.05
N ILE A 997 -11.31 23.03 -13.69
CA ILE A 997 -11.70 22.86 -12.29
C ILE A 997 -11.08 21.56 -11.78
N GLN A 998 -10.00 21.70 -10.99
CA GLN A 998 -9.27 20.56 -10.46
C GLN A 998 -9.67 20.19 -9.05
N GLY A 999 -10.51 21.00 -8.41
CA GLY A 999 -11.02 20.71 -7.09
C GLY A 999 -12.47 21.12 -7.02
N VAL A 1000 -12.95 21.39 -5.83
CA VAL A 1000 -14.33 21.80 -5.68
C VAL A 1000 -14.49 23.25 -6.11
N ALA A 1001 -15.67 23.55 -6.65
CA ALA A 1001 -16.05 24.91 -7.04
C ALA A 1001 -17.35 25.21 -6.31
N LEU A 1002 -17.26 25.99 -5.24
CA LEU A 1002 -18.40 26.22 -4.36
C LEU A 1002 -18.63 27.70 -4.15
N GLY A 1003 -19.90 28.08 -4.07
CA GLY A 1003 -20.25 29.46 -3.81
C GLY A 1003 -19.64 30.37 -4.84
N GLY A 1004 -18.78 31.29 -4.37
CA GLY A 1004 -18.12 32.19 -5.30
C GLY A 1004 -17.32 31.47 -6.36
N GLY A 1005 -16.75 30.30 -6.01
CA GLY A 1005 -15.99 29.52 -6.97
C GLY A 1005 -16.85 28.93 -8.07
N MET A 1006 -18.07 28.54 -7.72
CA MET A 1006 -19.03 28.14 -8.76
C MET A 1006 -19.38 29.33 -9.64
N GLU A 1007 -19.57 30.50 -9.04
CA GLU A 1007 -19.86 31.70 -9.82
C GLU A 1007 -18.68 32.10 -10.69
N PHE A 1008 -17.45 31.89 -10.20
CA PHE A 1008 -16.26 32.08 -11.01
C PHE A 1008 -16.31 31.22 -12.26
N ALA A 1009 -16.55 29.92 -12.08
CA ALA A 1009 -16.60 29.00 -13.22
C ALA A 1009 -17.71 29.37 -14.19
N LEU A 1010 -18.90 29.67 -13.68
CA LEU A 1010 -20.03 30.01 -14.54
C LEU A 1010 -19.70 31.21 -15.43
N ALA A 1011 -18.87 32.13 -14.95
CA ALA A 1011 -18.45 33.28 -15.72
C ALA A 1011 -17.65 32.89 -16.96
N CYS A 1012 -17.05 31.71 -16.95
CA CYS A 1012 -16.17 31.32 -18.05
C CYS A 1012 -16.99 30.73 -19.20
N HIS A 1013 -16.33 30.60 -20.35
CA HIS A 1013 -16.98 30.21 -21.59
C HIS A 1013 -17.06 28.70 -21.77
N TYR A 1014 -16.12 27.97 -21.16
CA TYR A 1014 -16.10 26.53 -21.20
C TYR A 1014 -15.65 26.05 -19.84
N ARG A 1015 -16.13 24.87 -19.44
CA ARG A 1015 -15.80 24.33 -18.13
C ARG A 1015 -15.45 22.85 -18.27
N VAL A 1016 -14.23 22.50 -17.88
CA VAL A 1016 -13.76 21.12 -17.81
C VAL A 1016 -13.27 20.85 -16.39
N ALA A 1017 -13.77 19.77 -15.79
CA ALA A 1017 -13.56 19.51 -14.37
C ALA A 1017 -12.99 18.12 -14.16
N GLU A 1018 -12.37 17.95 -13.00
CA GLU A 1018 -11.91 16.65 -12.53
C GLU A 1018 -13.10 15.84 -12.01
N PRO A 1019 -13.11 14.52 -12.22
CA PRO A 1019 -14.22 13.72 -11.69
C PRO A 1019 -14.40 13.83 -10.19
N LYS A 1020 -13.41 14.30 -9.44
CA LYS A 1020 -13.54 14.43 -7.99
C LYS A 1020 -14.07 15.77 -7.56
N ALA A 1021 -14.27 16.70 -8.49
CA ALA A 1021 -14.76 18.02 -8.13
C ALA A 1021 -16.24 17.96 -7.77
N ARG A 1022 -16.64 18.84 -6.85
CA ARG A 1022 -18.03 18.96 -6.42
C ARG A 1022 -18.48 20.41 -6.61
N PHE A 1023 -19.80 20.60 -6.73
CA PHE A 1023 -20.35 21.88 -7.14
C PHE A 1023 -21.62 22.18 -6.35
N GLY A 1024 -21.82 23.47 -6.07
CA GLY A 1024 -22.99 23.88 -5.31
C GLY A 1024 -22.95 25.36 -4.98
N GLN A 1025 -24.01 25.80 -4.29
CA GLN A 1025 -24.20 27.19 -3.90
C GLN A 1025 -24.64 27.24 -2.44
N PRO A 1026 -23.71 27.04 -1.51
CA PRO A 1026 -24.08 26.92 -0.10
C PRO A 1026 -24.27 28.24 0.65
N GLU A 1027 -24.34 29.37 -0.06
CA GLU A 1027 -24.50 30.65 0.63
C GLU A 1027 -25.75 30.67 1.50
N ILE A 1028 -26.82 29.99 1.07
CA ILE A 1028 -28.03 29.93 1.88
C ILE A 1028 -27.74 29.38 3.26
N ASN A 1029 -26.78 28.45 3.38
CA ASN A 1029 -26.43 27.87 4.67
C ASN A 1029 -26.02 28.93 5.68
N LEU A 1030 -25.53 30.08 5.21
CA LEU A 1030 -25.13 31.20 6.05
C LEU A 1030 -26.18 32.30 6.10
N ARG A 1031 -27.40 32.04 5.65
CA ARG A 1031 -28.45 33.06 5.54
C ARG A 1031 -28.04 34.18 4.59
N LEU A 1032 -27.17 33.85 3.62
CA LEU A 1032 -26.86 34.69 2.50
C LEU A 1032 -27.51 34.10 1.24
N LEU A 1033 -27.01 34.51 0.08
CA LEU A 1033 -27.50 34.03 -1.21
C LEU A 1033 -26.35 34.19 -2.21
N PRO A 1034 -26.43 33.54 -3.36
CA PRO A 1034 -25.45 33.82 -4.40
C PRO A 1034 -25.44 35.31 -4.73
N GLY A 1035 -24.25 35.91 -4.68
CA GLY A 1035 -24.10 37.33 -4.83
C GLY A 1035 -23.15 37.73 -5.93
N TYR A 1036 -22.37 36.77 -6.44
CA TYR A 1036 -21.43 37.02 -7.52
C TYR A 1036 -21.95 36.50 -8.86
N GLY A 1037 -23.27 36.50 -9.06
CA GLY A 1037 -23.87 36.10 -10.32
C GLY A 1037 -24.58 34.77 -10.30
N GLY A 1038 -24.59 34.06 -9.16
CA GLY A 1038 -25.19 32.73 -9.13
C GLY A 1038 -26.67 32.74 -9.45
N THR A 1039 -27.41 33.77 -8.98
CA THR A 1039 -28.85 33.82 -9.20
C THR A 1039 -29.21 34.15 -10.64
N GLN A 1040 -28.22 34.45 -11.48
CA GLN A 1040 -28.47 34.75 -12.89
C GLN A 1040 -27.85 33.71 -13.82
N ARG A 1041 -26.57 33.42 -13.67
CA ARG A 1041 -25.89 32.57 -14.64
C ARG A 1041 -26.22 31.09 -14.41
N LEU A 1042 -26.54 30.70 -13.17
CA LEU A 1042 -26.84 29.29 -12.90
C LEU A 1042 -28.23 28.92 -13.42
N PRO A 1043 -29.30 29.62 -13.05
CA PRO A 1043 -30.61 29.28 -13.63
C PRO A 1043 -30.68 29.52 -15.13
N ARG A 1044 -29.98 30.54 -15.63
CA ARG A 1044 -29.95 30.76 -17.07
C ARG A 1044 -29.22 29.63 -17.77
N LEU A 1045 -28.06 29.24 -17.24
CA LEU A 1045 -27.28 28.19 -17.88
C LEU A 1045 -28.00 26.85 -17.85
N LEU A 1046 -28.54 26.48 -16.69
CA LEU A 1046 -29.19 25.17 -16.60
C LEU A 1046 -30.52 25.14 -17.32
N ALA A 1047 -31.19 26.29 -17.44
CA ALA A 1047 -32.46 26.32 -18.15
C ALA A 1047 -32.28 26.25 -19.65
N ASP A 1048 -31.19 26.82 -20.16
CA ASP A 1048 -30.92 26.71 -21.59
C ASP A 1048 -30.66 25.26 -21.98
N GLY A 1049 -30.06 24.49 -21.07
CA GLY A 1049 -29.74 23.11 -21.34
C GLY A 1049 -30.88 22.15 -21.09
N GLY A 1050 -31.72 22.46 -20.10
CA GLY A 1050 -32.72 21.52 -19.64
C GLY A 1050 -34.12 22.08 -19.51
N GLY A 1051 -34.41 23.16 -20.23
CA GLY A 1051 -35.75 23.67 -20.20
C GLY A 1051 -36.27 23.86 -18.78
N GLU A 1052 -37.59 23.75 -18.63
CA GLU A 1052 -38.23 23.96 -17.34
C GLU A 1052 -37.48 23.23 -16.21
N THR A 1053 -37.10 21.97 -16.43
CA THR A 1053 -36.41 21.20 -15.40
C THR A 1053 -35.08 21.85 -15.04
N GLY A 1054 -34.35 22.37 -16.03
CA GLY A 1054 -33.10 23.05 -15.74
C GLY A 1054 -33.28 24.16 -14.72
N LEU A 1055 -34.29 24.99 -14.92
CA LEU A 1055 -34.61 26.02 -13.94
C LEU A 1055 -34.88 25.41 -12.58
N ARG A 1056 -35.72 24.37 -12.53
CA ARG A 1056 -35.97 23.66 -11.28
C ARG A 1056 -34.66 23.22 -10.63
N ASP A 1057 -33.80 22.54 -11.40
CA ASP A 1057 -32.55 22.05 -10.83
C ASP A 1057 -31.71 23.19 -10.28
N ALA A 1058 -31.75 24.36 -10.93
CA ALA A 1058 -30.97 25.51 -10.44
C ALA A 1058 -31.53 26.01 -9.11
N LEU A 1059 -32.86 26.01 -8.98
CA LEU A 1059 -33.48 26.43 -7.72
C LEU A 1059 -33.16 25.45 -6.61
N ASP A 1060 -32.99 24.15 -6.94
CA ASP A 1060 -32.54 23.19 -5.95
C ASP A 1060 -31.20 23.60 -5.36
N LEU A 1061 -30.24 23.95 -6.22
CA LEU A 1061 -28.90 24.26 -5.75
C LEU A 1061 -28.87 25.53 -4.92
N ILE A 1062 -29.66 26.54 -5.31
CA ILE A 1062 -29.65 27.80 -4.59
C ILE A 1062 -30.40 27.67 -3.27
N LEU A 1063 -31.66 27.19 -3.32
CA LEU A 1063 -32.48 27.16 -2.11
C LEU A 1063 -32.04 26.07 -1.15
N GLY A 1064 -31.68 24.90 -1.68
CA GLY A 1064 -31.24 23.80 -0.84
C GLY A 1064 -29.82 23.98 -0.35
N GLY A 1065 -28.96 24.51 -1.22
CA GLY A 1065 -27.60 24.81 -0.84
C GLY A 1065 -26.71 23.62 -0.67
N ARG A 1066 -27.05 22.49 -1.28
CA ARG A 1066 -26.27 21.28 -1.17
C ARG A 1066 -25.43 21.06 -2.42
N ALA A 1067 -24.33 20.33 -2.24
CA ALA A 1067 -23.37 20.12 -3.33
C ALA A 1067 -23.64 18.81 -4.06
N ILE A 1068 -23.21 18.77 -5.32
CA ILE A 1068 -23.41 17.62 -6.19
C ILE A 1068 -22.06 17.13 -6.69
N ASP A 1069 -22.03 15.86 -7.11
CA ASP A 1069 -20.81 15.30 -7.66
C ASP A 1069 -20.63 15.77 -9.11
N ALA A 1070 -19.49 15.40 -9.69
CA ALA A 1070 -19.16 15.91 -11.02
C ALA A 1070 -20.01 15.27 -12.11
N ASP A 1071 -20.41 14.01 -11.95
CA ASP A 1071 -21.29 13.39 -12.96
C ASP A 1071 -22.63 14.12 -13.02
N ALA A 1072 -23.13 14.54 -11.87
CA ALA A 1072 -24.39 15.27 -11.83
C ALA A 1072 -24.25 16.67 -12.42
N ALA A 1073 -23.12 17.33 -12.15
CA ALA A 1073 -22.86 18.65 -12.71
C ALA A 1073 -22.82 18.62 -14.22
N LEU A 1074 -22.17 17.61 -14.80
CA LEU A 1074 -22.12 17.46 -16.25
C LEU A 1074 -23.51 17.16 -16.81
N ALA A 1075 -24.26 16.31 -16.11
CA ALA A 1075 -25.58 15.92 -16.58
C ALA A 1075 -26.53 17.12 -16.64
N VAL A 1076 -26.64 17.86 -15.54
CA VAL A 1076 -27.50 19.05 -15.51
C VAL A 1076 -27.00 20.15 -16.42
N GLY A 1077 -25.76 20.03 -16.91
CA GLY A 1077 -25.19 21.04 -17.78
C GLY A 1077 -24.42 22.13 -17.07
N ALA A 1078 -23.97 21.90 -15.84
CA ALA A 1078 -23.21 22.89 -15.10
C ALA A 1078 -21.73 22.90 -15.47
N VAL A 1079 -21.21 21.78 -15.99
CA VAL A 1079 -19.90 21.72 -16.62
C VAL A 1079 -20.03 21.06 -17.98
N ASP A 1080 -19.03 21.29 -18.83
CA ASP A 1080 -19.09 20.85 -20.22
C ASP A 1080 -18.30 19.58 -20.50
N ALA A 1081 -17.25 19.31 -19.74
CA ALA A 1081 -16.44 18.11 -19.96
C ALA A 1081 -15.84 17.65 -18.63
N LEU A 1082 -15.54 16.36 -18.56
CA LEU A 1082 -14.81 15.77 -17.44
C LEU A 1082 -13.51 15.17 -17.95
N ALA A 1083 -12.47 15.29 -17.13
CA ALA A 1083 -11.15 14.74 -17.46
C ALA A 1083 -11.04 13.33 -16.90
N ASP A 1084 -11.39 12.35 -17.73
CA ASP A 1084 -11.33 10.95 -17.34
C ASP A 1084 -9.89 10.43 -17.39
N GLY A 1085 -9.71 9.24 -16.82
CA GLY A 1085 -8.45 8.53 -16.98
C GLY A 1085 -7.26 9.29 -16.43
N SER A 1086 -6.21 9.37 -17.24
CA SER A 1086 -5.02 10.15 -16.89
C SER A 1086 -5.08 11.57 -17.43
N ASP A 1087 -6.13 11.91 -18.18
CA ASP A 1087 -6.40 13.30 -18.56
C ASP A 1087 -6.70 14.13 -17.32
N ASN A 1088 -6.32 15.40 -17.36
CA ASN A 1088 -6.61 16.30 -16.25
C ASN A 1088 -7.19 17.60 -16.77
N ALA A 1089 -7.83 18.33 -15.87
CA ALA A 1089 -8.57 19.52 -16.25
C ALA A 1089 -7.68 20.54 -16.96
N LEU A 1090 -6.49 20.80 -16.41
CA LEU A 1090 -5.66 21.88 -16.94
C LEU A 1090 -5.12 21.54 -18.33
N SER A 1091 -4.57 20.33 -18.49
CA SER A 1091 -4.04 19.88 -19.77
C SER A 1091 -5.14 19.85 -20.83
N HIS A 1092 -6.27 19.22 -20.50
CA HIS A 1092 -7.43 19.24 -21.38
C HIS A 1092 -7.70 20.65 -21.88
N ALA A 1093 -7.71 21.63 -20.96
CA ALA A 1093 -8.02 23.00 -21.34
C ALA A 1093 -7.00 23.52 -22.36
N HIS A 1094 -5.71 23.29 -22.08
CA HIS A 1094 -4.70 23.79 -22.99
C HIS A 1094 -4.74 23.10 -24.34
N ALA A 1095 -5.15 21.82 -24.37
CA ALA A 1095 -5.36 21.15 -25.64
C ALA A 1095 -6.51 21.78 -26.43
N MET A 1096 -7.53 22.29 -25.74
CA MET A 1096 -8.58 23.00 -26.44
C MET A 1096 -8.06 24.31 -26.99
N VAL A 1097 -7.17 24.97 -26.26
CA VAL A 1097 -6.59 26.21 -26.75
C VAL A 1097 -5.71 25.93 -27.96
N ARG A 1098 -4.96 24.82 -27.94
CA ARG A 1098 -4.13 24.45 -29.08
C ARG A 1098 -4.97 24.21 -30.33
N GLU A 1099 -6.04 23.41 -30.21
CA GLU A 1099 -6.90 23.17 -31.35
C GLU A 1099 -7.61 24.44 -31.79
N PHE A 1100 -7.77 25.42 -30.89
CA PHE A 1100 -8.41 26.67 -31.26
C PHE A 1100 -7.44 27.58 -32.01
N VAL A 1101 -6.16 27.56 -31.63
CA VAL A 1101 -5.17 28.37 -32.33
C VAL A 1101 -4.90 27.80 -33.72
N ARG A 1102 -5.14 26.50 -33.91
CA ARG A 1102 -4.84 25.84 -35.17
C ARG A 1102 -6.05 25.77 -36.09
N SER A 1103 -7.26 25.81 -35.54
CA SER A 1103 -8.48 25.65 -36.32
C SER A 1103 -9.48 26.78 -36.12
N GLY A 1104 -9.28 27.65 -35.13
CA GLY A 1104 -10.15 28.81 -34.99
C GLY A 1104 -11.57 28.43 -34.63
N ASP A 1105 -12.52 28.92 -35.43
CA ASP A 1105 -13.92 28.72 -35.10
C ASP A 1105 -14.39 27.30 -35.37
N ASP A 1106 -13.61 26.51 -36.11
CA ASP A 1106 -13.93 25.09 -36.26
C ASP A 1106 -13.57 24.27 -35.04
N SER A 1107 -12.69 24.77 -34.17
CA SER A 1107 -12.37 24.05 -32.95
C SER A 1107 -13.57 23.99 -32.03
N ALA A 1108 -13.59 22.95 -31.19
CA ALA A 1108 -14.64 22.84 -30.18
C ALA A 1108 -14.67 24.06 -29.26
N LEU A 1109 -13.50 24.65 -28.97
CA LEU A 1109 -13.47 25.81 -28.10
C LEU A 1109 -14.00 27.04 -28.82
N GLY A 1110 -13.69 27.17 -30.12
CA GLY A 1110 -14.19 28.30 -30.88
C GLY A 1110 -15.70 28.26 -31.01
N LYS A 1111 -16.26 27.07 -31.21
CA LYS A 1111 -17.71 26.93 -31.25
C LYS A 1111 -18.33 27.23 -29.89
N ALA A 1112 -17.73 26.70 -28.82
CA ALA A 1112 -18.24 26.97 -27.48
C ALA A 1112 -18.18 28.46 -27.18
N PHE A 1113 -17.11 29.13 -27.63
CA PHE A 1113 -16.97 30.56 -27.36
C PHE A 1113 -18.00 31.37 -28.15
N ALA A 1114 -18.17 31.08 -29.44
CA ALA A 1114 -19.19 31.77 -30.21
C ALA A 1114 -20.58 31.44 -29.70
N ALA A 1115 -20.80 30.20 -29.30
CA ALA A 1115 -22.10 29.81 -28.74
C ALA A 1115 -22.38 30.57 -27.45
N ARG A 1116 -21.40 30.62 -26.54
CA ARG A 1116 -21.62 31.31 -25.28
C ARG A 1116 -21.94 32.78 -25.51
N LYS A 1117 -21.20 33.44 -26.42
CA LYS A 1117 -21.49 34.83 -26.74
C LYS A 1117 -22.99 35.02 -26.98
N THR A 1118 -23.55 34.23 -27.91
CA THR A 1118 -24.98 34.28 -28.15
C THR A 1118 -25.75 34.00 -26.87
N GLN A 1119 -25.28 33.03 -26.08
CA GLN A 1119 -25.98 32.65 -24.86
C GLN A 1119 -26.01 33.79 -23.85
N THR A 1120 -24.87 34.45 -23.62
CA THR A 1120 -24.83 35.54 -22.65
C THR A 1120 -25.82 36.64 -23.01
N GLN A 1121 -25.81 37.09 -24.28
CA GLN A 1121 -26.66 38.21 -24.66
C GLN A 1121 -28.14 37.90 -24.48
N SER A 1122 -28.54 36.65 -24.66
CA SER A 1122 -29.93 36.28 -24.47
C SER A 1122 -30.32 36.32 -23.00
N TRP A 1123 -29.35 36.10 -22.10
CA TRP A 1123 -29.62 36.25 -20.68
C TRP A 1123 -29.99 37.69 -20.32
N HIS A 1124 -29.55 38.65 -21.12
CA HIS A 1124 -29.88 40.05 -20.87
C HIS A 1124 -31.30 40.41 -21.30
N GLU A 1125 -32.04 39.47 -21.87
CA GLU A 1125 -33.46 39.65 -22.15
C GLU A 1125 -34.29 38.81 -21.19
N PRO A 1126 -35.59 39.11 -21.06
CA PRO A 1126 -36.44 38.31 -20.17
C PRO A 1126 -36.52 36.86 -20.62
N ALA A 1127 -36.51 35.96 -19.64
CA ALA A 1127 -36.52 34.53 -19.92
C ALA A 1127 -37.93 34.08 -20.28
N SER A 1128 -38.00 32.98 -21.04
CA SER A 1128 -39.25 32.49 -21.60
C SER A 1128 -39.98 31.49 -20.70
N ILE A 1129 -39.36 31.05 -19.61
CA ILE A 1129 -39.91 29.97 -18.79
C ILE A 1129 -40.70 30.58 -17.64
N ASP A 1130 -41.80 29.94 -17.28
CA ASP A 1130 -42.66 30.43 -16.21
C ASP A 1130 -42.01 30.09 -14.87
N LEU A 1131 -41.46 31.10 -14.19
CA LEU A 1131 -40.81 30.84 -12.91
C LEU A 1131 -41.82 30.44 -11.85
N ASP A 1132 -42.86 31.25 -11.66
CA ASP A 1132 -43.85 30.97 -10.63
C ASP A 1132 -44.39 29.55 -10.76
N ALA A 1133 -44.52 29.05 -11.99
CA ALA A 1133 -45.02 27.71 -12.21
C ALA A 1133 -44.04 26.66 -11.70
N VAL A 1134 -42.74 26.86 -11.96
CA VAL A 1134 -41.74 25.89 -11.54
C VAL A 1134 -41.65 25.83 -10.02
N LEU A 1135 -41.79 26.98 -9.35
CA LEU A 1135 -41.77 27.04 -7.89
C LEU A 1135 -42.96 26.34 -7.24
N GLU A 1136 -43.93 25.87 -8.02
CA GLU A 1136 -45.01 25.04 -7.49
C GLU A 1136 -44.62 23.58 -7.37
N ASP A 1137 -43.45 23.20 -7.89
CA ASP A 1137 -42.91 21.86 -7.68
C ASP A 1137 -42.94 21.51 -6.20
N GLU A 1138 -43.35 20.28 -5.90
CA GLU A 1138 -43.59 19.90 -4.51
C GLU A 1138 -42.31 19.85 -3.70
N PHE A 1139 -41.17 19.54 -4.32
CA PHE A 1139 -39.91 19.47 -3.57
C PHE A 1139 -39.36 20.87 -3.30
N LEU A 1140 -39.51 21.79 -4.25
CA LEU A 1140 -39.13 23.17 -3.98
C LEU A 1140 -39.90 23.72 -2.79
N GLN A 1141 -41.15 23.27 -2.61
CA GLN A 1141 -41.92 23.67 -1.43
C GLN A 1141 -41.36 23.05 -0.16
N ARG A 1142 -40.97 21.77 -0.22
CA ARG A 1142 -40.37 21.13 0.96
C ARG A 1142 -39.09 21.84 1.37
N ILE A 1143 -38.37 22.43 0.41
CA ILE A 1143 -37.20 23.24 0.74
C ILE A 1143 -37.65 24.53 1.44
N LEU A 1144 -38.58 25.25 0.82
CA LEU A 1144 -39.03 26.51 1.41
C LEU A 1144 -39.53 26.30 2.84
N ASN A 1145 -40.29 25.21 3.07
CA ASN A 1145 -40.76 24.94 4.42
C ASN A 1145 -39.61 24.62 5.35
N GLN A 1146 -38.52 24.04 4.83
CA GLN A 1146 -37.35 23.74 5.65
C GLN A 1146 -36.54 24.99 5.97
N LEU A 1147 -36.47 25.93 5.03
CA LEU A 1147 -35.78 27.18 5.33
C LEU A 1147 -36.41 27.88 6.52
N GLU A 1148 -37.74 27.91 6.57
CA GLU A 1148 -38.44 28.52 7.70
C GLU A 1148 -38.12 27.78 8.99
N TRP A 1149 -38.07 26.45 8.91
CA TRP A 1149 -37.69 25.64 10.06
C TRP A 1149 -36.28 25.92 10.52
N ALA A 1150 -35.39 26.27 9.59
CA ALA A 1150 -33.99 26.51 9.90
C ALA A 1150 -33.63 27.99 9.99
N GLY A 1151 -34.60 28.88 9.90
CA GLY A 1151 -34.32 30.30 9.99
C GLY A 1151 -33.68 30.91 8.76
N ARG A 1152 -33.84 30.29 7.60
CA ARG A 1152 -33.26 30.80 6.37
C ARG A 1152 -34.30 31.27 5.37
N ASP A 1153 -35.55 31.46 5.81
CA ASP A 1153 -36.60 31.85 4.88
C ASP A 1153 -36.36 33.24 4.32
N LYS A 1154 -35.92 34.18 5.15
CA LYS A 1154 -35.67 35.52 4.65
C LYS A 1154 -34.47 35.53 3.71
N ALA A 1155 -33.55 34.59 3.88
CA ALA A 1155 -32.46 34.44 2.91
C ALA A 1155 -32.99 33.86 1.60
N GLY A 1156 -33.89 32.88 1.70
CA GLY A 1156 -34.54 32.37 0.50
C GLY A 1156 -35.33 33.43 -0.24
N GLU A 1157 -36.09 34.24 0.50
CA GLU A 1157 -36.82 35.35 -0.11
C GLU A 1157 -35.88 36.27 -0.89
N ARG A 1158 -34.74 36.62 -0.29
CA ARG A 1158 -33.80 37.49 -0.99
C ARG A 1158 -33.30 36.85 -2.28
N ALA A 1159 -33.01 35.55 -2.23
CA ALA A 1159 -32.48 34.86 -3.41
C ALA A 1159 -33.53 34.77 -4.51
N LEU A 1160 -34.74 34.33 -4.19
CA LEU A 1160 -35.79 34.31 -5.19
C LEU A 1160 -36.01 35.71 -5.78
N ASP A 1161 -35.99 36.74 -4.93
CA ASP A 1161 -36.12 38.09 -5.44
C ASP A 1161 -35.10 38.36 -6.54
N ALA A 1162 -33.83 38.07 -6.27
CA ALA A 1162 -32.79 38.23 -7.28
C ALA A 1162 -33.06 37.36 -8.50
N VAL A 1163 -33.39 36.09 -8.28
CA VAL A 1163 -33.70 35.20 -9.39
C VAL A 1163 -34.84 35.78 -10.22
N ARG A 1164 -35.95 36.12 -9.57
CA ARG A 1164 -37.16 36.57 -10.27
C ARG A 1164 -36.91 37.90 -10.96
N THR A 1165 -36.15 38.79 -10.31
CA THR A 1165 -35.88 40.10 -10.89
C THR A 1165 -35.19 39.97 -12.25
N GLY A 1166 -34.14 39.15 -12.31
CA GLY A 1166 -33.44 38.95 -13.56
C GLY A 1166 -34.19 38.11 -14.54
N TRP A 1167 -34.98 37.14 -14.05
CA TRP A 1167 -35.73 36.26 -14.93
C TRP A 1167 -36.76 37.04 -15.72
N THR A 1168 -37.31 38.10 -15.14
CA THR A 1168 -38.31 38.93 -15.81
C THR A 1168 -37.72 40.17 -16.45
N GLN A 1169 -36.68 40.77 -15.87
CA GLN A 1169 -36.15 42.03 -16.37
C GLN A 1169 -34.79 41.91 -17.04
N GLY A 1170 -34.13 40.75 -16.99
CA GLY A 1170 -32.87 40.57 -17.66
C GLY A 1170 -31.71 40.49 -16.68
N MET A 1171 -30.64 39.79 -17.10
CA MET A 1171 -29.53 39.51 -16.20
C MET A 1171 -29.03 40.78 -15.50
N THR A 1172 -28.96 41.89 -16.22
CA THR A 1172 -28.38 43.10 -15.65
C THR A 1172 -29.17 43.56 -14.44
N ALA A 1173 -30.50 43.56 -14.56
CA ALA A 1173 -31.34 43.95 -13.43
C ALA A 1173 -31.23 42.94 -12.31
N GLY A 1174 -31.15 41.66 -12.65
CA GLY A 1174 -30.97 40.64 -11.62
C GLY A 1174 -29.63 40.81 -10.91
N LEU A 1175 -28.57 41.07 -11.67
CA LEU A 1175 -27.25 41.24 -11.06
C LEU A 1175 -27.19 42.47 -10.17
N GLU A 1176 -27.93 43.52 -10.50
CA GLU A 1176 -27.99 44.68 -9.62
C GLU A 1176 -28.74 44.33 -8.34
N CYS A 1177 -29.90 43.69 -8.49
CA CYS A 1177 -30.71 43.31 -7.33
C CYS A 1177 -30.01 42.25 -6.50
N GLU A 1178 -29.41 41.25 -7.15
CA GLU A 1178 -28.66 40.24 -6.43
C GLU A 1178 -27.58 40.89 -5.57
N ALA A 1179 -26.83 41.83 -6.14
CA ALA A 1179 -25.72 42.45 -5.42
C ALA A 1179 -26.23 43.18 -4.19
N GLN A 1180 -27.28 43.99 -4.36
CA GLN A 1180 -27.86 44.72 -3.24
C GLN A 1180 -28.37 43.75 -2.16
N ARG A 1181 -29.14 42.74 -2.57
CA ARG A 1181 -29.69 41.79 -1.59
C ARG A 1181 -28.58 41.04 -0.86
N PHE A 1182 -27.52 40.68 -1.57
CA PHE A 1182 -26.38 40.03 -0.93
C PHE A 1182 -25.76 40.91 0.13
N ALA A 1183 -25.49 42.18 -0.20
CA ALA A 1183 -24.89 43.08 0.77
C ALA A 1183 -25.84 43.35 1.93
N GLU A 1184 -27.15 43.37 1.66
CA GLU A 1184 -28.11 43.59 2.73
C GLU A 1184 -28.13 42.40 3.68
N ALA A 1185 -27.94 41.20 3.16
CA ALA A 1185 -27.97 40.00 3.97
C ALA A 1185 -26.73 39.90 4.85
N ILE A 1186 -25.59 40.41 4.37
CA ILE A 1186 -24.34 40.30 5.14
C ILE A 1186 -24.45 41.07 6.45
N ILE A 1187 -24.78 42.37 6.35
CA ILE A 1187 -24.83 43.21 7.54
C ILE A 1187 -26.07 42.93 8.38
N ASP A 1188 -27.08 42.29 7.80
CA ASP A 1188 -28.31 41.99 8.51
C ASP A 1188 -28.03 41.20 9.79
N PRO A 1189 -28.42 41.69 10.97
CA PRO A 1189 -28.16 40.92 12.20
C PRO A 1189 -28.85 39.56 12.19
N GLU A 1190 -30.01 39.45 11.57
CA GLU A 1190 -30.71 38.18 11.44
C GLU A 1190 -30.36 37.45 10.15
N GLY A 1191 -29.30 37.88 9.47
CA GLY A 1191 -28.84 37.22 8.27
C GLY A 1191 -27.41 36.77 8.42
N GLY A 1192 -26.53 37.36 7.62
CA GLY A 1192 -25.14 36.94 7.62
C GLY A 1192 -24.54 36.93 9.00
N LYS A 1193 -24.88 37.94 9.82
CA LYS A 1193 -24.25 38.06 11.14
C LYS A 1193 -24.59 36.86 12.01
N THR A 1194 -25.82 36.35 11.88
CA THR A 1194 -26.21 35.13 12.59
C THR A 1194 -25.70 33.87 11.86
N GLY A 1195 -26.01 33.77 10.56
CA GLY A 1195 -25.68 32.55 9.82
C GLY A 1195 -24.20 32.21 9.87
N ILE A 1196 -23.34 33.17 9.52
CA ILE A 1196 -21.89 32.96 9.55
C ILE A 1196 -21.45 32.56 10.96
N GLN A 1197 -21.96 33.24 11.98
CA GLN A 1197 -21.57 32.91 13.35
C GLN A 1197 -21.90 31.46 13.65
N GLN A 1198 -23.14 31.05 13.34
CA GLN A 1198 -23.55 29.68 13.59
C GLN A 1198 -22.65 28.70 12.85
N PHE A 1199 -22.36 28.99 11.57
CA PHE A 1199 -21.54 28.09 10.77
C PHE A 1199 -20.16 27.90 11.39
N MET A 1200 -19.50 28.99 11.75
CA MET A 1200 -18.15 28.89 12.31
C MET A 1200 -18.17 28.17 13.66
N ASP A 1201 -19.16 28.45 14.51
CA ASP A 1201 -19.24 27.80 15.81
C ASP A 1201 -19.81 26.39 15.73
N LYS A 1202 -20.07 25.87 14.54
CA LYS A 1202 -20.58 24.51 14.36
C LYS A 1202 -21.97 24.37 14.98
N GLN A 1203 -22.83 25.34 14.70
CA GLN A 1203 -24.19 25.36 15.23
C GLN A 1203 -25.21 25.68 14.14
N SER A 1204 -24.89 25.37 12.88
CA SER A 1204 -25.86 25.54 11.82
C SER A 1204 -26.85 24.39 11.83
N PRO A 1205 -28.14 24.66 11.63
CA PRO A 1205 -29.10 23.57 11.40
C PRO A 1205 -28.80 22.85 10.11
N PRO A 1206 -29.32 21.62 9.94
CA PRO A 1206 -29.06 20.90 8.69
C PRO A 1206 -29.66 21.61 7.51
N LEU A 1207 -29.01 21.45 6.36
CA LEU A 1207 -29.62 21.80 5.09
C LEU A 1207 -30.61 20.72 4.69
N PRO A 1208 -31.51 21.02 3.76
CA PRO A 1208 -32.41 19.98 3.26
C PRO A 1208 -31.64 18.85 2.60
N VAL A 1209 -32.32 17.72 2.42
CA VAL A 1209 -31.76 16.64 1.63
C VAL A 1209 -31.92 16.96 0.14
N ARG A 1210 -31.11 16.29 -0.66
CA ARG A 1210 -31.21 16.44 -2.10
C ARG A 1210 -32.48 15.78 -2.61
N ARG A 1211 -32.90 16.20 -3.80
CA ARG A 1211 -34.10 15.65 -4.41
C ARG A 1211 -34.03 14.14 -4.48
N ASP A 1212 -32.85 13.56 -4.66
CA ASP A 1212 -32.68 12.12 -4.78
C ASP A 1212 -32.40 11.44 -3.45
N GLY A 1213 -32.45 12.18 -2.34
CA GLY A 1213 -32.19 11.60 -1.03
C GLY A 1213 -33.39 11.65 -0.11
N VAL A 1214 -34.56 11.27 -0.63
CA VAL A 1214 -35.80 11.29 0.14
C VAL A 1214 -36.16 9.85 0.46
N TRP A 1215 -36.04 9.49 1.73
CA TRP A 1215 -36.47 8.18 2.22
C TRP A 1215 -37.67 8.40 3.12
N GLU A 1216 -38.86 8.05 2.63
CA GLU A 1216 -40.07 8.12 3.42
C GLU A 1216 -40.54 6.71 3.76
N ASP A 1217 -40.82 6.48 5.05
CA ASP A 1217 -41.10 5.14 5.52
C ASP A 1217 -42.37 4.58 4.87
N ASP A 1218 -43.37 5.44 4.64
CA ASP A 1218 -44.58 5.01 3.96
C ASP A 1218 -44.28 4.35 2.63
N GLN A 1219 -43.20 4.77 1.97
CA GLN A 1219 -42.92 4.34 0.61
C GLN A 1219 -42.09 3.06 0.55
N HIS A 1220 -41.40 2.71 1.64
CA HIS A 1220 -40.37 1.66 1.58
C HIS A 1220 -40.90 0.34 1.02
N GLU A 1221 -41.81 -0.31 1.74
CA GLU A 1221 -42.27 -1.65 1.35
C GLU A 1221 -42.91 -1.63 -0.03
N ALA A 1222 -43.66 -0.58 -0.36
CA ALA A 1222 -44.27 -0.48 -1.68
C ALA A 1222 -43.22 -0.34 -2.77
N THR A 1223 -42.14 0.40 -2.50
CA THR A 1223 -41.08 0.59 -3.48
C THR A 1223 -40.24 -0.67 -3.61
N LYS A 1224 -39.96 -1.34 -2.49
CA LYS A 1224 -39.22 -2.59 -2.52
C LYS A 1224 -39.88 -3.60 -3.46
N THR A 1225 -41.19 -3.82 -3.27
CA THR A 1225 -41.88 -4.80 -4.12
C THR A 1225 -41.84 -4.36 -5.58
N ALA A 1226 -42.16 -3.09 -5.85
CA ALA A 1226 -42.16 -2.60 -7.23
C ALA A 1226 -40.83 -2.89 -7.91
N LEU A 1227 -39.72 -2.58 -7.24
CA LEU A 1227 -38.40 -2.82 -7.81
C LEU A 1227 -38.11 -4.30 -7.98
N ILE A 1228 -38.51 -5.13 -7.00
CA ILE A 1228 -38.28 -6.58 -7.11
C ILE A 1228 -39.02 -7.13 -8.33
N GLU A 1229 -40.29 -6.75 -8.49
CA GLU A 1229 -41.08 -7.31 -9.60
C GLU A 1229 -40.45 -7.01 -10.95
N ALA A 1230 -39.76 -5.88 -11.07
CA ALA A 1230 -38.91 -5.64 -12.22
C ALA A 1230 -37.52 -6.21 -11.96
N GLY A 1231 -36.62 -6.05 -12.92
CA GLY A 1231 -35.29 -6.62 -12.77
C GLY A 1231 -34.30 -5.68 -12.12
N ASP A 1232 -34.73 -4.91 -11.13
CA ASP A 1232 -33.91 -3.85 -10.55
C ASP A 1232 -33.48 -4.11 -9.12
N LEU A 1233 -34.14 -5.00 -8.40
CA LEU A 1233 -33.78 -5.27 -7.01
C LEU A 1233 -33.97 -6.75 -6.73
N LEU A 1234 -32.91 -7.41 -6.26
CA LEU A 1234 -33.02 -8.82 -5.89
C LEU A 1234 -33.64 -8.95 -4.51
N PRO A 1235 -34.53 -9.92 -4.29
CA PRO A 1235 -35.04 -10.16 -2.94
C PRO A 1235 -33.90 -10.51 -2.01
N LEU A 1236 -34.04 -10.14 -0.75
CA LEU A 1236 -33.00 -10.48 0.21
C LEU A 1236 -32.83 -11.99 0.29
N GLY A 1237 -31.59 -12.43 0.42
CA GLY A 1237 -31.26 -13.84 0.46
C GLY A 1237 -31.28 -14.51 -0.89
N ALA A 1238 -31.52 -13.74 -1.96
CA ALA A 1238 -31.58 -14.32 -3.29
C ALA A 1238 -30.21 -14.88 -3.69
N PRO A 1239 -30.17 -16.05 -4.33
CA PRO A 1239 -28.89 -16.55 -4.83
C PRO A 1239 -28.28 -15.56 -5.80
N PHE A 1240 -26.94 -15.53 -5.81
CA PHE A 1240 -26.19 -14.69 -6.74
C PHE A 1240 -25.01 -15.53 -7.23
N TYR A 1241 -24.99 -15.81 -8.53
CA TYR A 1241 -23.91 -16.58 -9.14
C TYR A 1241 -22.96 -15.60 -9.81
N PRO A 1242 -21.82 -15.31 -9.18
CA PRO A 1242 -20.91 -14.32 -9.77
C PRO A 1242 -20.53 -14.67 -11.21
N GLY A 1243 -20.43 -13.63 -12.04
CA GLY A 1243 -20.14 -13.78 -13.45
C GLY A 1243 -21.31 -14.22 -14.29
N VAL A 1244 -22.49 -14.36 -13.70
CA VAL A 1244 -23.65 -14.89 -14.40
C VAL A 1244 -24.85 -14.01 -14.09
N THR A 1245 -25.18 -13.91 -12.80
CA THR A 1245 -26.32 -13.11 -12.38
C THR A 1245 -26.04 -11.64 -12.65
N ALA A 1246 -26.99 -10.99 -13.33
CA ALA A 1246 -26.88 -9.56 -13.54
C ALA A 1246 -26.87 -8.82 -12.20
N ILE A 1247 -26.20 -7.69 -12.17
CA ILE A 1247 -26.04 -6.90 -10.95
C ILE A 1247 -27.21 -5.91 -10.88
N PRO A 1248 -28.07 -5.99 -9.87
CA PRO A 1248 -29.21 -5.07 -9.82
C PRO A 1248 -28.73 -3.67 -9.51
N PRO A 1249 -29.44 -2.63 -10.01
CA PRO A 1249 -29.02 -1.25 -9.71
C PRO A 1249 -29.42 -0.77 -8.32
N LYS A 1250 -30.49 -1.33 -7.77
CA LYS A 1250 -30.94 -1.01 -6.43
C LYS A 1250 -30.69 -2.18 -5.49
N GLN A 1251 -30.61 -1.87 -4.20
CA GLN A 1251 -30.30 -2.89 -3.21
C GLN A 1251 -30.98 -2.54 -1.89
N LEU A 1252 -31.02 -3.51 -0.99
CA LEU A 1252 -31.53 -3.33 0.36
C LEU A 1252 -30.39 -3.25 1.36
N ALA A 1253 -30.61 -2.48 2.43
CA ALA A 1253 -29.58 -2.22 3.41
C ALA A 1253 -30.23 -1.69 4.68
N PHE A 1254 -29.47 -1.73 5.77
CA PHE A 1254 -29.88 -1.15 7.05
C PHE A 1254 -29.05 0.09 7.32
N GLY A 1255 -29.70 1.15 7.79
CA GLY A 1255 -28.97 2.35 8.08
C GLY A 1255 -29.84 3.48 8.58
N ILE A 1256 -29.34 4.69 8.39
CA ILE A 1256 -29.97 5.93 8.83
C ILE A 1256 -30.07 6.84 7.62
N ALA A 1257 -31.25 7.43 7.42
CA ALA A 1257 -31.43 8.46 6.42
C ALA A 1257 -31.71 9.78 7.11
N ARG A 1258 -31.36 10.88 6.43
CA ARG A 1258 -31.76 12.19 6.92
C ARG A 1258 -33.26 12.36 6.79
N ASP A 1259 -33.84 13.17 7.66
CA ASP A 1259 -35.28 13.36 7.64
C ASP A 1259 -35.64 14.18 6.40
N PRO A 1260 -36.55 13.70 5.54
CA PRO A 1260 -36.85 14.46 4.31
C PRO A 1260 -37.45 15.82 4.57
N ASP A 1261 -37.97 16.07 5.77
CA ASP A 1261 -38.59 17.34 6.08
C ASP A 1261 -37.60 18.35 6.65
N THR A 1262 -36.68 17.90 7.50
CA THR A 1262 -35.74 18.81 8.15
C THR A 1262 -34.29 18.59 7.76
N GLY A 1263 -33.94 17.44 7.19
CA GLY A 1263 -32.56 17.15 6.86
C GLY A 1263 -31.74 16.64 8.02
N ALA A 1264 -32.31 16.56 9.20
CA ALA A 1264 -31.59 16.07 10.36
C ALA A 1264 -31.50 14.55 10.28
N PRO A 1265 -30.32 13.95 10.50
CA PRO A 1265 -30.25 12.49 10.58
C PRO A 1265 -31.21 11.96 11.63
N ARG A 1266 -31.89 10.86 11.29
CA ARG A 1266 -32.82 10.24 12.23
C ARG A 1266 -32.06 9.26 13.13
N PHE A 1267 -31.20 9.83 13.97
CA PHE A 1267 -30.51 9.05 15.00
C PHE A 1267 -31.48 8.57 16.07
N GLY A 1268 -31.16 7.42 16.66
CA GLY A 1268 -31.97 6.85 17.71
C GLY A 1268 -31.54 5.45 18.11
N PRO A 1269 -32.29 4.81 19.00
CA PRO A 1269 -31.96 3.45 19.42
C PRO A 1269 -32.12 2.46 18.28
N PRO A 1270 -31.13 1.59 18.06
CA PRO A 1270 -31.18 0.73 16.87
C PRO A 1270 -32.52 0.03 16.61
N GLU A 1271 -33.14 -0.55 17.65
CA GLU A 1271 -34.35 -1.33 17.39
C GLU A 1271 -35.50 -0.47 16.93
N THR A 1272 -35.49 0.83 17.24
CA THR A 1272 -36.55 1.73 16.81
C THR A 1272 -36.15 2.58 15.61
N HIS A 1273 -34.87 2.89 15.43
CA HIS A 1273 -34.46 3.85 14.40
C HIS A 1273 -33.59 3.27 13.30
N GLU A 1274 -32.87 2.18 13.54
CA GLU A 1274 -32.17 1.50 12.45
C GLU A 1274 -33.21 0.86 11.54
N ARG A 1275 -33.25 1.29 10.29
CA ARG A 1275 -34.32 0.90 9.38
C ARG A 1275 -33.74 0.32 8.08
N GLU A 1276 -34.53 -0.54 7.46
CA GLU A 1276 -34.21 -1.06 6.13
C GLU A 1276 -34.58 -0.02 5.08
N LEU A 1277 -33.62 0.31 4.22
CA LEU A 1277 -33.80 1.31 3.18
C LEU A 1277 -33.38 0.73 1.84
N VAL A 1278 -33.92 1.29 0.77
CA VAL A 1278 -33.53 0.96 -0.58
C VAL A 1278 -32.50 1.99 -1.03
N VAL A 1279 -31.33 1.52 -1.42
CA VAL A 1279 -30.24 2.38 -1.84
C VAL A 1279 -29.67 1.84 -3.16
N ASN A 1280 -28.61 2.49 -3.63
CA ASN A 1280 -28.02 2.14 -4.91
C ASN A 1280 -27.00 1.04 -4.72
N THR A 1281 -26.93 0.14 -5.68
CA THR A 1281 -25.85 -0.81 -5.73
C THR A 1281 -24.59 -0.06 -6.15
N PRO A 1282 -23.50 -0.15 -5.40
CA PRO A 1282 -22.33 0.67 -5.75
C PRO A 1282 -21.64 0.13 -6.99
N LYS A 1283 -20.75 0.96 -7.54
CA LYS A 1283 -19.86 0.59 -8.63
C LYS A 1283 -18.43 0.71 -8.16
N PRO A 1284 -17.58 -0.28 -8.40
CA PRO A 1284 -16.22 -0.24 -7.85
C PRO A 1284 -15.27 0.63 -8.64
N GLY A 1285 -14.36 1.25 -7.92
CA GLY A 1285 -13.26 1.96 -8.54
C GLY A 1285 -12.19 1.01 -9.05
N ALA A 1286 -11.15 1.59 -9.63
CA ALA A 1286 -10.06 0.80 -10.22
C ALA A 1286 -9.45 -0.15 -9.19
N ASN A 1287 -9.19 0.33 -7.98
CA ASN A 1287 -8.60 -0.49 -6.93
C ASN A 1287 -9.63 -1.20 -6.06
N GLU A 1288 -10.92 -1.15 -6.43
CA GLU A 1288 -11.98 -1.66 -5.57
C GLU A 1288 -12.64 -2.90 -6.17
N ALA A 1289 -13.37 -3.60 -5.31
CA ALA A 1289 -14.17 -4.74 -5.72
C ALA A 1289 -15.61 -4.54 -5.27
N LEU A 1290 -16.53 -5.15 -6.01
CA LEU A 1290 -17.92 -5.24 -5.62
C LEU A 1290 -18.18 -6.64 -5.09
N ILE A 1291 -18.88 -6.73 -3.95
CA ILE A 1291 -19.11 -8.00 -3.28
C ILE A 1291 -20.58 -8.14 -2.93
N TYR A 1292 -21.05 -9.39 -2.90
CA TYR A 1292 -22.43 -9.72 -2.57
C TYR A 1292 -22.43 -10.41 -1.21
N LEU A 1293 -22.97 -9.72 -0.21
CA LEU A 1293 -22.73 -10.10 1.18
C LEU A 1293 -23.66 -11.23 1.61
N LEU A 1294 -23.07 -12.33 2.08
CA LEU A 1294 -23.80 -13.48 2.59
C LEU A 1294 -24.13 -13.33 4.07
N SER A 1295 -23.22 -12.73 4.82
CA SER A 1295 -23.44 -12.46 6.22
C SER A 1295 -22.71 -11.15 6.55
N SER A 1296 -22.93 -10.66 7.76
CA SER A 1296 -22.39 -9.37 8.14
C SER A 1296 -22.05 -9.37 9.61
N GLU A 1297 -20.88 -8.82 9.95
CA GLU A 1297 -20.46 -8.73 11.35
C GLU A 1297 -21.33 -7.71 12.08
N VAL A 1298 -21.66 -8.01 13.33
CA VAL A 1298 -22.46 -7.13 14.18
C VAL A 1298 -21.54 -6.61 15.28
N ASN A 1299 -21.09 -5.36 15.15
CA ASN A 1299 -20.09 -4.79 16.03
C ASN A 1299 -20.61 -3.52 16.68
N PHE A 1300 -19.91 -3.10 17.73
CA PHE A 1300 -20.40 -2.00 18.53
C PHE A 1300 -20.33 -0.69 17.77
N ASN A 1301 -19.29 -0.52 16.93
CA ASN A 1301 -19.13 0.74 16.19
C ASN A 1301 -20.37 1.04 15.35
N ASP A 1302 -21.00 0.01 14.78
CA ASP A 1302 -22.31 0.20 14.16
C ASP A 1302 -23.21 1.04 15.05
N ILE A 1303 -23.28 0.68 16.33
CA ILE A 1303 -24.22 1.33 17.24
C ILE A 1303 -23.85 2.78 17.45
N TRP A 1304 -22.56 3.07 17.69
CA TRP A 1304 -22.12 4.46 17.82
C TRP A 1304 -22.53 5.27 16.60
N ALA A 1305 -22.42 4.69 15.40
CA ALA A 1305 -22.85 5.37 14.18
C ALA A 1305 -24.37 5.55 14.16
N LEU A 1306 -25.11 4.47 14.38
CA LEU A 1306 -26.57 4.53 14.33
C LEU A 1306 -27.14 5.56 15.31
N THR A 1307 -26.50 5.73 16.47
CA THR A 1307 -26.98 6.68 17.45
C THR A 1307 -26.34 8.05 17.33
N GLY A 1308 -25.41 8.24 16.41
CA GLY A 1308 -24.75 9.53 16.30
C GLY A 1308 -24.04 9.97 17.54
N ILE A 1309 -23.51 9.03 18.33
CA ILE A 1309 -22.87 9.32 19.60
C ILE A 1309 -21.44 8.81 19.54
N PRO A 1310 -20.44 9.61 19.90
CA PRO A 1310 -20.46 11.04 20.23
C PRO A 1310 -20.29 11.92 19.02
N VAL A 1311 -20.28 11.30 17.84
CA VAL A 1311 -19.99 11.97 16.59
C VAL A 1311 -21.02 11.52 15.55
N SER A 1312 -21.43 12.42 14.70
CA SER A 1312 -22.33 12.05 13.63
C SER A 1312 -21.54 11.39 12.50
N PRO A 1313 -21.92 10.21 12.03
CA PRO A 1313 -21.28 9.67 10.83
C PRO A 1313 -21.47 10.56 9.60
N PHE A 1314 -22.48 11.44 9.59
CA PHE A 1314 -22.74 12.29 8.43
C PHE A 1314 -21.77 13.46 8.32
N ASP A 1315 -20.94 13.70 9.34
CA ASP A 1315 -19.99 14.79 9.27
C ASP A 1315 -18.79 14.49 8.37
N ALA A 1316 -18.61 13.23 7.95
CA ALA A 1316 -17.46 12.84 7.14
C ALA A 1316 -17.79 12.59 5.68
N HIS A 1317 -19.06 12.71 5.29
CA HIS A 1317 -19.44 12.61 3.88
C HIS A 1317 -20.57 13.62 3.65
N ASP A 1318 -21.06 13.64 2.40
CA ASP A 1318 -22.13 14.57 2.00
C ASP A 1318 -23.34 13.83 1.43
N GLU A 1319 -23.58 12.61 1.87
CA GLU A 1319 -24.73 11.84 1.42
C GLU A 1319 -25.92 12.02 2.37
N ASP A 1320 -27.08 11.60 1.90
CA ASP A 1320 -28.32 11.70 2.67
C ASP A 1320 -28.65 10.42 3.42
N VAL A 1321 -27.76 9.43 3.41
CA VAL A 1321 -28.01 8.13 4.02
C VAL A 1321 -26.69 7.54 4.49
N GLN A 1322 -26.69 6.98 5.70
CA GLN A 1322 -25.55 6.29 6.28
C GLN A 1322 -25.85 4.80 6.40
N ILE A 1323 -24.91 3.96 6.00
CA ILE A 1323 -25.03 2.51 6.09
C ILE A 1323 -23.81 1.99 6.85
N THR A 1324 -24.05 1.21 7.90
CA THR A 1324 -22.97 0.70 8.74
C THR A 1324 -22.64 -0.73 8.34
N GLY A 1325 -21.69 -1.31 9.07
CA GLY A 1325 -21.32 -2.69 8.83
C GLY A 1325 -19.85 -2.85 8.51
N SER A 1326 -19.11 -3.48 9.42
CA SER A 1326 -17.66 -3.57 9.36
C SER A 1326 -17.28 -5.05 9.35
N GLY A 1327 -17.26 -5.63 8.17
CA GLY A 1327 -16.86 -7.01 8.00
C GLY A 1327 -18.03 -7.91 7.63
N GLY A 1328 -17.68 -9.12 7.25
CA GLY A 1328 -18.67 -10.11 6.90
C GLY A 1328 -18.08 -11.08 5.90
N LEU A 1329 -18.97 -11.89 5.34
CA LEU A 1329 -18.62 -12.89 4.34
C LEU A 1329 -19.35 -12.51 3.06
N ALA A 1330 -18.65 -12.55 1.93
CA ALA A 1330 -19.28 -12.18 0.68
C ALA A 1330 -18.64 -12.95 -0.46
N LEU A 1331 -19.26 -12.84 -1.63
CA LEU A 1331 -18.70 -13.30 -2.88
C LEU A 1331 -18.19 -12.09 -3.66
N VAL A 1332 -17.20 -12.33 -4.53
CA VAL A 1332 -16.70 -11.29 -5.43
C VAL A 1332 -17.59 -11.23 -6.66
N ALA A 1333 -18.17 -10.05 -6.92
CA ALA A 1333 -19.06 -9.85 -8.06
C ALA A 1333 -18.42 -9.06 -9.19
N ALA A 1334 -17.52 -8.13 -8.88
CA ALA A 1334 -16.85 -7.32 -9.91
C ALA A 1334 -15.52 -6.83 -9.35
N LEU A 1335 -14.55 -6.67 -10.25
CA LEU A 1335 -13.20 -6.23 -9.90
C LEU A 1335 -12.77 -5.09 -10.80
N GLY A 1336 -12.24 -4.03 -10.19
CA GLY A 1336 -11.72 -2.93 -10.96
C GLY A 1336 -10.47 -3.31 -11.74
N SER A 1337 -10.11 -2.43 -12.68
CA SER A 1337 -9.01 -2.71 -13.59
C SER A 1337 -7.73 -3.12 -12.87
N GLU A 1338 -7.43 -2.48 -11.74
CA GLU A 1338 -6.16 -2.73 -11.06
C GLU A 1338 -6.18 -3.96 -10.16
N LEU A 1339 -7.36 -4.38 -9.68
CA LEU A 1339 -7.45 -5.65 -8.98
C LEU A 1339 -7.44 -6.84 -9.94
N LYS A 1340 -7.79 -6.64 -11.20
CA LYS A 1340 -7.59 -7.70 -12.18
C LYS A 1340 -6.11 -7.81 -12.55
N GLU A 1341 -5.41 -6.68 -12.62
CA GLU A 1341 -3.97 -6.71 -12.81
C GLU A 1341 -3.27 -7.44 -11.67
N GLU A 1342 -3.70 -7.19 -10.43
CA GLU A 1342 -3.06 -7.83 -9.29
C GLU A 1342 -3.09 -9.34 -9.44
N GLY A 1343 -4.22 -9.89 -9.88
CA GLY A 1343 -4.37 -11.33 -10.04
C GLY A 1343 -4.76 -12.08 -8.78
N ARG A 1344 -4.76 -11.44 -7.61
CA ARG A 1344 -4.95 -12.17 -6.37
C ARG A 1344 -6.42 -12.58 -6.18
N LEU A 1345 -7.33 -11.63 -6.33
CA LEU A 1345 -8.76 -11.86 -6.21
C LEU A 1345 -9.33 -12.29 -7.55
N GLN A 1346 -10.54 -12.84 -7.52
CA GLN A 1346 -11.22 -13.19 -8.75
C GLN A 1346 -12.72 -13.10 -8.57
N VAL A 1347 -13.40 -12.82 -9.68
CA VAL A 1347 -14.86 -12.81 -9.67
C VAL A 1347 -15.33 -14.21 -9.34
N GLY A 1348 -16.09 -14.33 -8.26
CA GLY A 1348 -16.60 -15.60 -7.79
C GLY A 1348 -16.01 -16.06 -6.49
N ASP A 1349 -14.93 -15.45 -6.02
CA ASP A 1349 -14.26 -15.92 -4.82
C ASP A 1349 -15.10 -15.71 -3.57
N LEU A 1350 -15.00 -16.67 -2.65
CA LEU A 1350 -15.58 -16.53 -1.31
C LEU A 1350 -14.54 -15.87 -0.42
N VAL A 1351 -14.90 -14.75 0.20
CA VAL A 1351 -13.93 -13.92 0.92
C VAL A 1351 -14.56 -13.39 2.20
N SER A 1352 -13.72 -13.14 3.19
CA SER A 1352 -14.13 -12.41 4.38
C SER A 1352 -13.63 -10.97 4.27
N VAL A 1353 -14.36 -10.06 4.90
CA VAL A 1353 -14.17 -8.63 4.71
C VAL A 1353 -13.50 -8.06 5.95
N TYR A 1354 -12.39 -7.37 5.74
CA TYR A 1354 -11.73 -6.55 6.75
C TYR A 1354 -12.17 -5.11 6.53
N SER A 1355 -12.38 -4.38 7.62
CA SER A 1355 -13.07 -3.09 7.52
C SER A 1355 -12.13 -1.90 7.40
N GLY A 1356 -10.82 -2.10 7.35
CA GLY A 1356 -9.87 -1.00 7.33
C GLY A 1356 -9.62 -0.48 5.92
N THR A 1357 -9.62 0.85 5.79
CA THR A 1357 -9.35 1.51 4.52
C THR A 1357 -8.30 2.59 4.73
N SER A 1358 -7.40 2.73 3.75
CA SER A 1358 -6.25 3.60 3.89
C SER A 1358 -5.80 4.06 2.51
N GLU A 1359 -4.91 5.05 2.52
CA GLU A 1359 -4.28 5.59 1.31
C GLU A 1359 -3.25 4.59 0.78
N LEU A 1360 -3.74 3.57 0.07
CA LEU A 1360 -2.90 2.50 -0.42
C LEU A 1360 -1.71 3.02 -1.20
N LEU A 1361 -1.88 4.14 -1.88
CA LEU A 1361 -0.84 4.71 -2.74
C LEU A 1361 0.07 5.69 -2.02
N SER A 1362 -0.11 5.89 -0.73
CA SER A 1362 0.78 6.77 0.00
C SER A 1362 2.14 6.09 0.20
N PRO A 1363 3.22 6.87 0.21
CA PRO A 1363 4.53 6.29 0.58
C PRO A 1363 4.57 5.79 2.01
N LEU A 1364 3.72 6.33 2.89
CA LEU A 1364 3.68 5.93 4.29
C LEU A 1364 3.02 4.57 4.52
N ALA A 1365 2.52 3.93 3.46
CA ALA A 1365 2.02 2.57 3.62
C ALA A 1365 3.07 1.66 4.24
N GLY A 1366 4.32 1.78 3.79
CA GLY A 1366 5.38 0.90 4.24
C GLY A 1366 5.62 0.95 5.73
N ASP A 1367 5.19 2.03 6.38
CA ASP A 1367 5.21 2.08 7.84
C ASP A 1367 4.04 1.27 8.37
N ASP A 1368 2.86 1.88 8.43
CA ASP A 1368 1.67 1.19 8.90
C ASP A 1368 0.45 1.78 8.20
N PRO A 1369 -0.28 0.99 7.41
CA PRO A 1369 -1.48 1.53 6.77
C PRO A 1369 -2.37 2.29 7.73
N MET A 1370 -2.37 1.89 9.01
CA MET A 1370 -3.21 2.55 10.00
C MET A 1370 -2.80 3.99 10.22
N TYR A 1371 -1.59 4.37 9.80
CA TYR A 1371 -1.12 5.74 9.91
C TYR A 1371 -1.12 6.46 8.56
N ALA A 1372 -1.87 5.97 7.57
CA ALA A 1372 -1.91 6.59 6.24
C ALA A 1372 -3.36 6.82 5.85
N GLY A 1373 -3.96 7.85 6.42
CA GLY A 1373 -5.34 8.19 6.12
C GLY A 1373 -6.30 7.05 6.37
N PHE A 1374 -6.28 6.49 7.58
CA PHE A 1374 -7.07 5.30 7.90
C PHE A 1374 -8.50 5.70 8.23
N ALA A 1375 -9.42 4.77 7.95
CA ALA A 1375 -10.83 4.98 8.28
C ALA A 1375 -11.55 3.64 8.27
N ILE A 1376 -12.38 3.40 9.29
CA ILE A 1376 -13.16 2.17 9.38
C ILE A 1376 -14.41 2.29 8.53
N GLN A 1377 -14.62 1.30 7.66
CA GLN A 1377 -15.78 1.29 6.78
C GLN A 1377 -17.04 1.03 7.60
N GLY A 1378 -18.13 1.69 7.19
CA GLY A 1378 -19.42 1.56 7.85
C GLY A 1378 -19.62 2.50 9.04
N TYR A 1379 -18.54 2.83 9.73
CA TYR A 1379 -18.56 3.70 10.91
C TYR A 1379 -18.02 5.09 10.60
N GLU A 1380 -16.92 5.15 9.85
CA GLU A 1380 -16.30 6.39 9.40
C GLU A 1380 -16.37 6.56 7.88
N THR A 1381 -17.21 5.79 7.21
CA THR A 1381 -17.47 5.99 5.79
C THR A 1381 -18.96 5.84 5.52
N LYS A 1382 -19.38 6.26 4.33
CA LYS A 1382 -20.79 6.41 4.04
C LYS A 1382 -21.53 5.09 3.86
N THR A 1383 -20.85 4.01 3.49
CA THR A 1383 -21.51 2.73 3.26
C THR A 1383 -20.81 1.63 4.06
N GLY A 1384 -21.55 0.56 4.31
CA GLY A 1384 -21.06 -0.54 5.11
C GLY A 1384 -21.53 -1.91 4.65
N SER A 1385 -21.27 -2.94 5.45
CA SER A 1385 -21.58 -4.31 5.06
C SER A 1385 -22.98 -4.75 5.43
N HIS A 1386 -23.76 -3.93 6.14
CA HIS A 1386 -25.16 -4.24 6.42
C HIS A 1386 -26.03 -3.90 5.21
N ALA A 1387 -25.76 -4.63 4.11
CA ALA A 1387 -26.45 -4.41 2.85
C ALA A 1387 -26.18 -5.62 1.95
N GLN A 1388 -26.87 -5.64 0.81
CA GLN A 1388 -26.67 -6.74 -0.13
C GLN A 1388 -25.33 -6.63 -0.84
N PHE A 1389 -25.00 -5.42 -1.28
CA PHE A 1389 -23.81 -5.18 -2.08
C PHE A 1389 -22.95 -4.11 -1.42
N LEU A 1390 -21.65 -4.18 -1.68
CA LEU A 1390 -20.70 -3.24 -1.08
C LEU A 1390 -19.47 -3.13 -1.96
N THR A 1391 -18.81 -1.98 -1.89
CA THR A 1391 -17.51 -1.79 -2.52
C THR A 1391 -16.44 -1.70 -1.44
N VAL A 1392 -15.28 -2.32 -1.72
CA VAL A 1392 -14.19 -2.39 -0.77
C VAL A 1392 -12.86 -2.27 -1.52
N GLN A 1393 -11.84 -1.85 -0.81
CA GLN A 1393 -10.49 -1.92 -1.33
C GLN A 1393 -10.03 -3.38 -1.39
N GLY A 1394 -9.24 -3.70 -2.40
CA GLY A 1394 -8.66 -5.01 -2.53
C GLY A 1394 -8.17 -5.58 -1.21
N PRO A 1395 -7.35 -4.81 -0.47
CA PRO A 1395 -6.80 -5.34 0.77
C PRO A 1395 -7.85 -5.65 1.83
N GLN A 1396 -9.10 -5.26 1.62
CA GLN A 1396 -10.14 -5.61 2.59
C GLN A 1396 -10.59 -7.05 2.45
N LEU A 1397 -10.43 -7.64 1.25
CA LEU A 1397 -10.93 -8.98 0.97
C LEU A 1397 -9.84 -10.01 1.22
N HIS A 1398 -10.18 -11.05 1.99
CA HIS A 1398 -9.24 -12.06 2.42
C HIS A 1398 -9.81 -13.46 2.19
N ARG A 1399 -8.90 -14.42 2.05
CA ARG A 1399 -9.30 -15.82 1.98
C ARG A 1399 -9.53 -16.33 3.40
N PRO A 1400 -10.75 -16.77 3.74
CA PRO A 1400 -10.96 -17.28 5.09
C PRO A 1400 -10.24 -18.60 5.27
N PRO A 1401 -9.84 -18.95 6.49
CA PRO A 1401 -9.40 -20.32 6.74
C PRO A 1401 -10.46 -21.30 6.26
N ALA A 1402 -10.00 -22.35 5.55
CA ALA A 1402 -10.94 -23.27 4.92
C ALA A 1402 -11.64 -24.15 5.94
N ASP A 1403 -10.96 -24.46 7.05
CA ASP A 1403 -11.52 -25.32 8.08
C ASP A 1403 -12.58 -24.61 8.90
N LEU A 1404 -12.90 -23.36 8.59
CA LEU A 1404 -14.00 -22.67 9.26
C LEU A 1404 -15.32 -22.90 8.51
N THR A 1405 -16.42 -22.69 9.23
CA THR A 1405 -17.74 -22.72 8.63
C THR A 1405 -18.10 -21.34 8.12
N LEU A 1406 -19.14 -21.28 7.27
CA LEU A 1406 -19.53 -19.99 6.69
C LEU A 1406 -20.00 -19.02 7.76
N GLU A 1407 -20.65 -19.51 8.82
CA GLU A 1407 -21.07 -18.64 9.91
C GLU A 1407 -19.88 -17.98 10.56
N GLN A 1408 -18.81 -18.73 10.81
CA GLN A 1408 -17.65 -18.17 11.48
C GLN A 1408 -16.89 -17.21 10.55
N ALA A 1409 -16.65 -17.64 9.31
CA ALA A 1409 -15.75 -16.95 8.39
C ALA A 1409 -15.86 -15.43 8.45
N GLY A 1410 -17.06 -14.89 8.24
CA GLY A 1410 -17.24 -13.46 8.26
C GLY A 1410 -17.81 -12.94 9.57
N ALA A 1411 -17.21 -13.35 10.69
CA ALA A 1411 -17.76 -13.04 12.00
C ALA A 1411 -16.79 -12.42 12.99
N TYR A 1412 -15.48 -12.48 12.75
CA TYR A 1412 -14.50 -12.21 13.81
C TYR A 1412 -13.47 -11.16 13.46
N THR A 1413 -13.33 -10.78 12.19
CA THR A 1413 -12.14 -10.05 11.74
C THR A 1413 -11.97 -8.74 12.50
N LEU A 1414 -13.02 -7.95 12.62
CA LEU A 1414 -12.90 -6.70 13.38
C LEU A 1414 -12.47 -6.95 14.81
N ASN A 1415 -13.18 -7.82 15.53
CA ASN A 1415 -12.92 -8.00 16.95
C ASN A 1415 -11.58 -8.68 17.18
N LEU A 1416 -11.43 -9.92 16.68
CA LEU A 1416 -10.20 -10.66 16.92
C LEU A 1416 -9.00 -9.96 16.31
N GLY A 1417 -9.21 -9.23 15.21
CA GLY A 1417 -8.13 -8.44 14.64
C GLY A 1417 -7.69 -7.32 15.56
N THR A 1418 -8.65 -6.60 16.14
CA THR A 1418 -8.33 -5.59 17.15
C THR A 1418 -7.65 -6.24 18.35
N VAL A 1419 -8.19 -7.36 18.81
CA VAL A 1419 -7.58 -8.10 19.92
C VAL A 1419 -6.17 -8.55 19.54
N ALA A 1420 -5.95 -8.90 18.28
CA ALA A 1420 -4.64 -9.38 17.86
C ALA A 1420 -3.61 -8.26 17.95
N ARG A 1421 -3.91 -7.10 17.38
CA ARG A 1421 -2.99 -5.98 17.47
C ARG A 1421 -2.82 -5.54 18.92
N CYS A 1422 -3.89 -5.61 19.70
CA CYS A 1422 -3.77 -5.22 21.09
C CYS A 1422 -2.80 -6.14 21.84
N LEU A 1423 -2.95 -7.45 21.67
CA LEU A 1423 -2.17 -8.40 22.44
C LEU A 1423 -0.77 -8.58 21.88
N PHE A 1424 -0.65 -8.81 20.58
CA PHE A 1424 0.60 -9.26 20.00
C PHE A 1424 1.46 -8.13 19.47
N THR A 1425 0.87 -6.98 19.16
CA THR A 1425 1.60 -5.83 18.62
C THR A 1425 1.78 -4.72 19.64
N THR A 1426 0.73 -4.35 20.36
CA THR A 1426 0.83 -3.24 21.30
C THR A 1426 1.40 -3.70 22.63
N LEU A 1427 0.71 -4.63 23.29
CA LEU A 1427 1.19 -5.10 24.59
C LEU A 1427 2.38 -6.03 24.46
N GLU A 1428 2.44 -6.81 23.38
CA GLU A 1428 3.47 -7.84 23.23
C GLU A 1428 3.45 -8.75 24.46
N ILE A 1429 2.27 -9.34 24.69
CA ILE A 1429 2.09 -10.18 25.85
C ILE A 1429 3.03 -11.38 25.80
N GLN A 1430 3.46 -11.83 26.97
CA GLN A 1430 4.39 -12.94 27.10
C GLN A 1430 3.81 -14.00 28.01
N ALA A 1431 4.17 -15.24 27.72
CA ALA A 1431 3.70 -16.38 28.50
C ALA A 1431 4.22 -16.30 29.93
N GLY A 1432 3.38 -16.72 30.88
CA GLY A 1432 3.75 -16.74 32.27
C GLY A 1432 3.37 -15.49 33.04
N LYS A 1433 3.08 -14.40 32.34
CA LYS A 1433 2.62 -13.19 32.99
C LYS A 1433 1.13 -13.29 33.32
N THR A 1434 0.64 -12.37 34.14
CA THR A 1434 -0.77 -12.26 34.45
C THR A 1434 -1.43 -11.20 33.56
N ALA A 1435 -2.76 -11.25 33.49
CA ALA A 1435 -3.50 -10.32 32.65
C ALA A 1435 -4.92 -10.16 33.18
N PHE A 1436 -5.46 -8.95 32.98
CA PHE A 1436 -6.81 -8.58 33.39
C PHE A 1436 -7.55 -8.09 32.15
N VAL A 1437 -8.71 -8.68 31.86
CA VAL A 1437 -9.44 -8.43 30.62
C VAL A 1437 -10.84 -7.96 30.97
N GLU A 1438 -11.20 -6.76 30.53
CA GLU A 1438 -12.54 -6.22 30.73
C GLU A 1438 -13.55 -6.88 29.80
N GLY A 1439 -14.80 -6.94 30.25
CA GLY A 1439 -15.86 -7.52 29.43
C GLY A 1439 -15.53 -8.90 28.90
N SER A 1440 -14.89 -9.73 29.73
CA SER A 1440 -14.31 -10.98 29.27
C SER A 1440 -15.34 -11.97 28.75
N ALA A 1441 -16.62 -11.76 29.02
CA ALA A 1441 -17.64 -12.74 28.67
C ALA A 1441 -18.27 -12.50 27.30
N THR A 1442 -17.99 -11.37 26.66
CA THR A 1442 -18.60 -11.07 25.37
C THR A 1442 -17.63 -10.31 24.47
N GLY A 1443 -17.87 -10.42 23.17
CA GLY A 1443 -17.25 -9.54 22.20
C GLY A 1443 -15.74 -9.59 22.24
N THR A 1444 -15.13 -8.41 22.16
CA THR A 1444 -13.67 -8.34 22.12
C THR A 1444 -13.07 -8.90 23.40
N GLY A 1445 -13.69 -8.63 24.54
CA GLY A 1445 -13.17 -9.16 25.79
C GLY A 1445 -12.99 -10.65 25.75
N LEU A 1446 -13.99 -11.37 25.25
CA LEU A 1446 -13.88 -12.81 25.13
C LEU A 1446 -12.72 -13.19 24.21
N ASP A 1447 -12.65 -12.55 23.04
CA ASP A 1447 -11.55 -12.82 22.13
C ASP A 1447 -10.20 -12.62 22.82
N ALA A 1448 -10.07 -11.53 23.56
CA ALA A 1448 -8.82 -11.30 24.29
C ALA A 1448 -8.57 -12.38 25.33
N LEU A 1449 -9.60 -12.75 26.10
CA LEU A 1449 -9.43 -13.80 27.09
C LEU A 1449 -8.88 -15.08 26.46
N LYS A 1450 -9.61 -15.60 25.47
CA LYS A 1450 -9.19 -16.86 24.85
C LYS A 1450 -7.79 -16.76 24.27
N SER A 1451 -7.48 -15.63 23.63
CA SER A 1451 -6.18 -15.48 22.99
C SER A 1451 -5.05 -15.40 24.03
N SER A 1452 -5.29 -14.69 25.14
CA SER A 1452 -4.29 -14.59 26.19
C SER A 1452 -4.11 -15.93 26.92
N VAL A 1453 -5.20 -16.68 27.12
CA VAL A 1453 -5.08 -18.02 27.66
C VAL A 1453 -4.23 -18.90 26.74
N ARG A 1454 -4.46 -18.78 25.42
CA ARG A 1454 -3.77 -19.64 24.46
C ARG A 1454 -2.30 -19.25 24.29
N THR A 1455 -1.90 -18.07 24.73
CA THR A 1455 -0.49 -17.72 24.70
C THR A 1455 0.22 -18.02 26.01
N GLY A 1456 -0.51 -18.53 27.01
CA GLY A 1456 0.12 -19.02 28.21
C GLY A 1456 0.19 -18.01 29.34
N LEU A 1457 -0.87 -17.23 29.52
CA LEU A 1457 -0.93 -16.22 30.56
C LEU A 1457 -1.98 -16.61 31.59
N ALA A 1458 -1.85 -15.99 32.78
CA ALA A 1458 -2.80 -16.22 33.87
C ALA A 1458 -3.85 -15.13 33.80
N VAL A 1459 -4.86 -15.38 32.99
CA VAL A 1459 -5.86 -14.37 32.66
C VAL A 1459 -7.01 -14.49 33.64
N THR A 1460 -7.37 -13.36 34.25
CA THR A 1460 -8.62 -13.22 34.97
C THR A 1460 -9.48 -12.21 34.23
N GLY A 1461 -10.79 -12.44 34.24
CA GLY A 1461 -11.73 -11.63 33.47
C GLY A 1461 -12.70 -10.84 34.32
N LEU A 1462 -12.93 -9.58 33.92
CA LEU A 1462 -13.97 -8.76 34.51
C LEU A 1462 -15.32 -9.12 33.91
N VAL A 1463 -16.34 -9.01 34.75
CA VAL A 1463 -17.59 -9.73 34.55
C VAL A 1463 -18.67 -8.99 35.35
N SER A 1464 -19.93 -9.08 34.90
CA SER A 1464 -21.02 -8.41 35.61
C SER A 1464 -22.06 -9.35 36.22
N SER A 1465 -22.07 -10.63 35.83
CA SER A 1465 -22.98 -11.61 36.39
C SER A 1465 -22.21 -12.90 36.68
N GLU A 1466 -22.62 -13.59 37.73
CA GLU A 1466 -21.96 -14.85 38.09
C GLU A 1466 -22.07 -15.86 36.96
N ASP A 1467 -23.20 -15.86 36.23
CA ASP A 1467 -23.35 -16.78 35.11
C ASP A 1467 -22.28 -16.54 34.04
N ARG A 1468 -21.86 -15.28 33.86
CA ARG A 1468 -20.76 -14.98 32.94
C ARG A 1468 -19.41 -15.37 33.53
N ALA A 1469 -19.22 -15.17 34.84
CA ALA A 1469 -17.98 -15.58 35.49
C ALA A 1469 -17.73 -17.08 35.29
N GLU A 1470 -18.79 -17.88 35.39
CA GLU A 1470 -18.67 -19.31 35.11
C GLU A 1470 -18.29 -19.55 33.65
N PHE A 1471 -18.97 -18.85 32.74
CA PHE A 1471 -18.65 -18.98 31.32
C PHE A 1471 -17.20 -18.62 31.05
N VAL A 1472 -16.71 -17.56 31.68
CA VAL A 1472 -15.31 -17.15 31.50
C VAL A 1472 -14.37 -18.20 32.07
N LYS A 1473 -14.67 -18.72 33.27
CA LYS A 1473 -13.83 -19.75 33.86
C LYS A 1473 -13.74 -20.98 32.97
N SER A 1474 -14.83 -21.31 32.27
CA SER A 1474 -14.83 -22.47 31.39
C SER A 1474 -13.95 -22.27 30.17
N HIS A 1475 -13.32 -21.12 30.00
CA HIS A 1475 -12.41 -20.86 28.90
C HIS A 1475 -10.95 -20.84 29.35
N GLY A 1476 -10.64 -21.56 30.43
CA GLY A 1476 -9.27 -21.70 30.85
C GLY A 1476 -8.70 -20.48 31.54
N SER A 1477 -9.53 -19.76 32.30
CA SER A 1477 -9.06 -18.60 33.04
C SER A 1477 -8.76 -18.99 34.49
N VAL A 1478 -7.88 -18.20 35.11
CA VAL A 1478 -7.54 -18.42 36.51
C VAL A 1478 -8.64 -17.92 37.43
N GLY A 1479 -9.49 -17.04 36.95
CA GLY A 1479 -10.60 -16.55 37.73
C GLY A 1479 -11.34 -15.46 36.98
N ALA A 1480 -12.39 -14.97 37.62
CA ALA A 1480 -13.17 -13.85 37.11
C ALA A 1480 -13.63 -13.02 38.29
N ILE A 1481 -14.14 -11.82 37.99
CA ILE A 1481 -14.59 -10.89 39.01
C ILE A 1481 -15.91 -10.30 38.55
N ASN A 1482 -16.87 -10.23 39.46
CA ASN A 1482 -18.19 -9.65 39.17
C ASN A 1482 -18.18 -8.19 39.60
N ARG A 1483 -18.07 -7.29 38.65
CA ARG A 1483 -18.06 -5.85 38.95
C ARG A 1483 -19.38 -5.39 39.54
N LYS A 1484 -20.44 -6.18 39.45
CA LYS A 1484 -21.74 -5.83 40.00
C LYS A 1484 -21.96 -6.42 41.38
N ASP A 1485 -21.03 -7.24 41.88
CA ASP A 1485 -21.18 -7.83 43.20
C ASP A 1485 -21.28 -6.70 44.23
N PRO A 1486 -22.24 -6.76 45.17
CA PRO A 1486 -22.44 -5.61 46.06
C PRO A 1486 -21.26 -5.31 46.97
N GLU A 1487 -20.30 -6.21 47.09
CA GLU A 1487 -19.16 -5.95 47.95
C GLU A 1487 -18.17 -4.96 47.36
N ILE A 1488 -18.22 -4.75 46.04
CA ILE A 1488 -17.25 -3.90 45.34
C ILE A 1488 -17.90 -3.05 44.27
N ALA A 1489 -19.21 -3.21 44.08
CA ALA A 1489 -19.89 -2.55 42.96
C ALA A 1489 -19.66 -1.04 42.99
N ASP A 1490 -19.85 -0.42 44.16
CA ASP A 1490 -19.89 1.03 44.27
C ASP A 1490 -18.53 1.69 44.02
N CYS A 1491 -17.46 0.92 43.91
CA CYS A 1491 -16.12 1.47 43.78
C CYS A 1491 -15.70 1.72 42.33
N PHE A 1492 -16.43 1.16 41.35
CA PHE A 1492 -16.09 1.34 39.94
C PHE A 1492 -16.65 2.67 39.46
N THR A 1493 -15.89 3.73 39.75
CA THR A 1493 -16.23 5.09 39.37
C THR A 1493 -14.97 5.85 38.98
N PRO A 1494 -15.11 7.02 38.40
CA PRO A 1494 -13.93 7.87 38.15
C PRO A 1494 -13.33 8.41 39.43
N VAL A 1495 -12.20 9.10 39.30
CA VAL A 1495 -11.46 9.62 40.46
C VAL A 1495 -11.90 11.06 40.70
N PRO A 1496 -12.38 11.40 41.90
CA PRO A 1496 -12.93 12.74 42.12
C PRO A 1496 -11.87 13.84 41.99
N ASP A 1497 -12.34 15.08 41.92
CA ASP A 1497 -11.44 16.22 41.72
C ASP A 1497 -10.66 16.55 42.98
N ASP A 1498 -11.33 16.58 44.13
CA ASP A 1498 -10.64 16.87 45.39
C ASP A 1498 -9.53 15.85 45.59
N PRO A 1499 -8.27 16.27 45.70
CA PRO A 1499 -7.19 15.28 45.84
C PRO A 1499 -7.36 14.39 47.06
N ASP A 1500 -8.01 14.88 48.12
CA ASP A 1500 -8.19 14.04 49.30
C ASP A 1500 -9.24 12.96 49.06
N GLU A 1501 -10.36 13.33 48.43
CA GLU A 1501 -11.33 12.33 48.01
C GLU A 1501 -10.69 11.30 47.09
N ALA A 1502 -9.83 11.76 46.18
CA ALA A 1502 -9.16 10.85 45.24
C ALA A 1502 -8.38 9.78 45.98
N ARG A 1503 -7.59 10.18 46.99
CA ARG A 1503 -6.81 9.19 47.71
C ARG A 1503 -7.70 8.25 48.51
N GLN A 1504 -8.83 8.76 49.03
CA GLN A 1504 -9.81 7.87 49.66
C GLN A 1504 -10.43 6.95 48.62
N TRP A 1505 -10.79 7.50 47.45
CA TRP A 1505 -11.27 6.66 46.36
C TRP A 1505 -10.32 5.50 46.12
N GLU A 1506 -9.00 5.76 46.15
CA GLU A 1506 -8.02 4.71 45.89
C GLU A 1506 -8.06 3.65 46.97
N ALA A 1507 -8.21 4.07 48.23
CA ALA A 1507 -8.40 3.11 49.31
C ALA A 1507 -9.62 2.22 49.06
N ASP A 1508 -10.73 2.82 48.60
CA ASP A 1508 -11.98 2.08 48.42
C ASP A 1508 -11.87 0.98 47.36
N GLY A 1509 -10.78 0.92 46.62
CA GLY A 1509 -10.55 -0.20 45.74
C GLY A 1509 -9.74 -1.32 46.34
N GLU A 1510 -9.39 -1.19 47.62
CA GLU A 1510 -8.57 -2.21 48.29
C GLU A 1510 -9.24 -3.57 48.22
N LYS A 1511 -10.57 -3.63 48.41
CA LYS A 1511 -11.27 -4.90 48.30
C LYS A 1511 -11.14 -5.49 46.90
N LEU A 1512 -11.07 -4.64 45.88
CA LEU A 1512 -10.93 -5.14 44.51
C LEU A 1512 -9.58 -5.82 44.32
N LEU A 1513 -8.49 -5.15 44.70
CA LEU A 1513 -7.17 -5.74 44.51
C LEU A 1513 -6.99 -6.99 45.34
N ASP A 1514 -7.59 -7.05 46.53
CA ASP A 1514 -7.60 -8.28 47.31
C ASP A 1514 -8.23 -9.43 46.51
N ALA A 1515 -9.36 -9.17 45.87
CA ALA A 1515 -10.00 -10.17 45.03
C ALA A 1515 -9.05 -10.66 43.94
N TYR A 1516 -8.44 -9.75 43.20
CA TYR A 1516 -7.55 -10.14 42.11
C TYR A 1516 -6.39 -10.96 42.65
N ARG A 1517 -5.75 -10.47 43.67
CA ARG A 1517 -4.61 -11.14 44.25
C ARG A 1517 -4.91 -12.52 44.82
N GLU A 1518 -6.02 -12.69 45.49
CA GLU A 1518 -6.42 -14.01 46.00
C GLU A 1518 -6.48 -15.07 44.91
N THR A 1519 -6.62 -14.67 43.65
CA THR A 1519 -6.76 -15.59 42.54
C THR A 1519 -5.50 -15.69 41.68
N ASN A 1520 -4.45 -14.97 42.04
CA ASN A 1520 -3.24 -14.95 41.21
C ASN A 1520 -2.01 -15.09 42.08
N GLY A 1521 -2.12 -15.88 43.14
CA GLY A 1521 -0.96 -16.20 43.96
C GLY A 1521 -0.22 -14.98 44.46
N GLY A 1522 -0.95 -13.93 44.83
CA GLY A 1522 -0.35 -12.75 45.39
C GLY A 1522 0.04 -11.69 44.38
N LYS A 1523 -0.18 -11.92 43.08
CA LYS A 1523 0.30 -11.03 42.03
C LYS A 1523 -0.81 -10.14 41.49
N LEU A 1524 -0.40 -9.00 40.95
CA LEU A 1524 -1.29 -8.12 40.20
C LEU A 1524 -1.04 -8.29 38.70
N ALA A 1525 -1.88 -7.61 37.91
CA ALA A 1525 -1.95 -7.88 36.48
C ALA A 1525 -0.74 -7.31 35.75
N ASP A 1526 0.02 -8.17 35.09
CA ASP A 1526 1.13 -7.71 34.28
C ASP A 1526 0.63 -7.03 33.01
N TYR A 1527 -0.56 -7.40 32.55
CA TYR A 1527 -1.16 -6.81 31.36
C TYR A 1527 -2.62 -6.51 31.66
N VAL A 1528 -3.13 -5.47 31.02
CA VAL A 1528 -4.53 -5.08 31.18
C VAL A 1528 -5.07 -4.71 29.81
N VAL A 1529 -6.28 -5.17 29.53
CA VAL A 1529 -7.01 -4.85 28.31
C VAL A 1529 -8.29 -4.15 28.76
N SER A 1530 -8.43 -2.87 28.43
CA SER A 1530 -9.53 -2.05 28.90
C SER A 1530 -10.32 -1.54 27.71
N HIS A 1531 -11.64 -1.45 27.87
CA HIS A 1531 -12.48 -0.84 26.83
C HIS A 1531 -13.80 -0.29 27.36
N ALA A 1532 -14.16 -0.59 28.61
CA ALA A 1532 -15.41 -0.09 29.15
C ALA A 1532 -15.41 1.43 29.22
N GLY A 1533 -14.31 2.01 29.69
CA GLY A 1533 -14.12 3.45 29.61
C GLY A 1533 -14.07 4.18 30.94
N GLU A 1534 -14.75 5.32 30.96
CA GLU A 1534 -14.64 6.29 32.05
C GLU A 1534 -14.91 5.67 33.42
N ARG A 1535 -15.79 4.67 33.51
CA ARG A 1535 -16.21 4.14 34.81
C ARG A 1535 -15.52 2.84 35.18
N ALA A 1536 -14.56 2.37 34.38
CA ALA A 1536 -13.80 1.17 34.72
C ALA A 1536 -12.30 1.29 34.49
N PHE A 1537 -11.85 2.21 33.63
CA PHE A 1537 -10.41 2.39 33.40
C PHE A 1537 -9.64 2.67 34.68
N PRO A 1538 -10.07 3.57 35.58
CA PRO A 1538 -9.24 3.88 36.76
C PRO A 1538 -8.96 2.66 37.62
N ARG A 1539 -9.98 1.86 37.89
CA ARG A 1539 -9.77 0.64 38.67
C ARG A 1539 -8.95 -0.37 37.88
N SER A 1540 -9.23 -0.52 36.59
CA SER A 1540 -8.44 -1.43 35.77
C SER A 1540 -6.96 -1.05 35.78
N PHE A 1541 -6.67 0.25 35.84
CA PHE A 1541 -5.28 0.68 35.97
C PHE A 1541 -4.74 0.40 37.36
N GLN A 1542 -5.56 0.62 38.39
CA GLN A 1542 -5.14 0.31 39.76
C GLN A 1542 -4.81 -1.17 39.90
N LEU A 1543 -5.41 -2.03 39.08
CA LEU A 1543 -5.10 -3.45 39.16
C LEU A 1543 -3.75 -3.78 38.56
N LEU A 1544 -3.10 -2.85 37.87
CA LEU A 1544 -1.82 -3.15 37.26
C LEU A 1544 -0.76 -3.44 38.32
N ALA A 1545 0.15 -4.35 37.98
CA ALA A 1545 1.28 -4.65 38.84
C ALA A 1545 2.34 -3.56 38.67
N GLU A 1546 3.43 -3.70 39.42
CA GLU A 1546 4.59 -2.84 39.23
C GLU A 1546 5.25 -3.22 37.91
N GLY A 1547 5.40 -2.24 37.02
CA GLY A 1547 5.99 -2.51 35.73
C GLY A 1547 5.05 -3.13 34.72
N GLY A 1548 3.75 -3.13 34.98
CA GLY A 1548 2.78 -3.63 34.03
C GLY A 1548 2.50 -2.66 32.90
N ARG A 1549 1.67 -3.12 31.97
CA ARG A 1549 1.35 -2.36 30.77
C ARG A 1549 -0.13 -2.52 30.49
N LEU A 1550 -0.86 -1.41 30.50
CA LEU A 1550 -2.25 -1.40 30.10
C LEU A 1550 -2.37 -0.94 28.66
N ALA A 1551 -3.23 -1.61 27.90
CA ALA A 1551 -3.68 -1.13 26.61
C ALA A 1551 -5.19 -0.96 26.64
N PHE A 1552 -5.71 -0.14 25.72
CA PHE A 1552 -7.16 0.00 25.57
C PHE A 1552 -7.46 0.48 24.16
N TYR A 1553 -8.71 0.20 23.72
CA TYR A 1553 -9.14 0.52 22.37
C TYR A 1553 -10.57 1.05 22.33
N GLY A 1554 -11.11 1.49 23.47
CA GLY A 1554 -12.48 1.97 23.52
C GLY A 1554 -12.78 2.55 24.89
N ALA A 1555 -13.96 3.17 25.00
CA ALA A 1555 -14.37 3.82 26.24
C ALA A 1555 -15.88 4.04 26.31
N SER A 1556 -16.61 2.96 26.53
CA SER A 1556 -18.07 2.99 26.40
C SER A 1556 -18.73 3.84 27.48
N SER A 1557 -18.22 3.81 28.69
CA SER A 1557 -18.78 4.62 29.78
C SER A 1557 -18.60 6.09 29.64
N GLY A 1558 -17.62 6.48 28.86
CA GLY A 1558 -17.27 7.89 28.74
C GLY A 1558 -15.81 8.03 28.40
N TYR A 1559 -15.46 9.18 27.84
CA TYR A 1559 -14.11 9.42 27.39
C TYR A 1559 -13.27 10.18 28.40
N HIS A 1560 -13.83 10.54 29.56
CA HIS A 1560 -13.09 11.31 30.55
C HIS A 1560 -12.34 10.32 31.42
N PHE A 1561 -11.12 9.99 31.00
CA PHE A 1561 -10.33 9.02 31.72
C PHE A 1561 -9.60 9.66 32.89
N SER A 1562 -9.30 8.83 33.88
CA SER A 1562 -8.61 9.25 35.08
C SER A 1562 -7.88 8.04 35.67
N PHE A 1563 -6.87 8.32 36.47
CA PHE A 1563 -6.19 7.21 37.15
C PHE A 1563 -5.27 7.78 38.22
N MET A 1564 -5.18 7.08 39.33
CA MET A 1564 -4.25 7.43 40.39
C MET A 1564 -2.87 6.89 40.06
N GLY A 1565 -1.88 7.76 40.07
CA GLY A 1565 -0.52 7.35 39.73
C GLY A 1565 -0.04 6.22 40.61
N LYS A 1566 0.92 5.47 40.06
CA LYS A 1566 1.52 4.35 40.76
C LYS A 1566 2.86 4.76 41.35
N GLY A 1567 3.10 4.29 42.57
CA GLY A 1567 4.37 4.51 43.22
C GLY A 1567 5.53 4.19 42.30
N GLY A 1568 6.62 4.90 42.48
CA GLY A 1568 7.79 4.68 41.66
C GLY A 1568 8.34 5.95 41.07
N GLU A 1569 9.66 6.07 41.12
CA GLU A 1569 10.38 7.18 40.53
C GLU A 1569 11.47 6.62 39.63
N ALA A 1570 11.81 7.35 38.57
CA ALA A 1570 12.85 6.90 37.66
C ALA A 1570 13.65 8.11 37.16
N ARG A 1571 14.75 7.81 36.52
CA ARG A 1571 15.60 8.84 35.98
C ARG A 1571 15.05 9.32 34.64
N PRO A 1572 14.97 10.64 34.40
CA PRO A 1572 14.69 11.11 33.04
C PRO A 1572 15.48 10.35 32.00
N ASP A 1573 16.76 10.10 32.29
CA ASP A 1573 17.60 9.29 31.41
C ASP A 1573 16.89 7.99 31.04
N GLU A 1574 16.55 7.18 32.05
CA GLU A 1574 15.97 5.87 31.77
C GLU A 1574 14.63 5.99 31.07
N MET A 1575 13.81 6.96 31.46
CA MET A 1575 12.47 7.07 30.89
C MET A 1575 12.52 7.44 29.42
N LEU A 1576 13.40 8.38 29.04
CA LEU A 1576 13.55 8.68 27.63
C LEU A 1576 14.08 7.48 26.87
N ALA A 1577 14.89 6.65 27.52
CA ALA A 1577 15.35 5.41 26.91
C ALA A 1577 14.18 4.46 26.67
N ARG A 1578 13.33 4.29 27.68
CA ARG A 1578 12.15 3.45 27.52
C ARG A 1578 11.30 3.92 26.34
N ALA A 1579 11.09 5.22 26.22
CA ALA A 1579 10.30 5.77 25.12
C ALA A 1579 11.06 5.80 23.81
N ASN A 1580 12.27 5.24 23.78
CA ASN A 1580 13.09 5.13 22.57
C ASN A 1580 13.33 6.50 21.94
N LEU A 1581 13.76 7.44 22.76
CA LEU A 1581 14.10 8.77 22.27
C LEU A 1581 15.27 8.67 21.31
N ARG A 1582 15.12 9.28 20.14
CA ARG A 1582 16.15 9.28 19.10
C ARG A 1582 16.62 10.70 18.82
N GLY A 1583 17.89 10.83 18.46
CA GLY A 1583 18.47 12.11 18.09
C GLY A 1583 17.71 12.77 16.95
N GLY A 1584 17.41 14.05 17.11
CA GLY A 1584 16.67 14.80 16.11
C GLY A 1584 15.19 14.90 16.35
N GLU A 1585 14.65 14.07 17.25
CA GLU A 1585 13.23 14.15 17.55
C GLU A 1585 12.94 15.38 18.40
N SER A 1586 11.73 15.90 18.25
CA SER A 1586 11.31 17.12 18.94
C SER A 1586 10.69 16.75 20.28
N VAL A 1587 11.09 17.47 21.33
CA VAL A 1587 10.70 17.17 22.71
C VAL A 1587 10.08 18.41 23.32
N LEU A 1588 9.02 18.20 24.10
CA LEU A 1588 8.41 19.25 24.91
C LEU A 1588 8.66 18.95 26.38
N LEU A 1589 9.06 19.97 27.14
CA LEU A 1589 9.35 19.81 28.55
C LEU A 1589 8.71 20.95 29.35
N TYR A 1590 7.90 20.58 30.34
CA TYR A 1590 7.30 21.55 31.22
C TYR A 1590 8.26 21.87 32.37
N TYR A 1591 8.47 23.16 32.62
CA TYR A 1591 9.37 23.63 33.66
C TYR A 1591 8.59 24.41 34.70
N GLY A 1592 8.99 24.27 35.96
CA GLY A 1592 8.25 24.86 37.05
C GLY A 1592 6.78 24.50 36.96
N PRO A 1593 6.48 23.20 37.01
CA PRO A 1593 5.13 22.77 36.63
C PRO A 1593 4.04 23.36 37.49
N GLY A 1594 4.20 23.34 38.80
CA GLY A 1594 3.13 23.81 39.66
C GLY A 1594 3.35 25.17 40.29
N SER A 1595 4.57 25.69 40.21
CA SER A 1595 4.97 26.80 41.06
C SER A 1595 5.33 28.01 40.23
N HIS A 1596 5.65 29.09 40.94
CA HIS A 1596 6.30 30.27 40.38
C HIS A 1596 7.75 30.40 40.82
N GLU A 1597 8.25 29.46 41.63
CA GLU A 1597 9.63 29.53 42.10
C GLU A 1597 10.56 29.12 40.96
N LEU A 1598 11.57 29.95 40.72
CA LEU A 1598 12.42 29.79 39.55
C LEU A 1598 13.32 28.57 39.62
N ALA A 1599 13.45 27.95 40.78
CA ALA A 1599 14.30 26.78 40.95
C ALA A 1599 13.45 25.53 40.77
N ASP A 1600 13.79 24.73 39.75
CA ASP A 1600 13.17 23.43 39.52
C ASP A 1600 14.30 22.45 39.21
N GLU A 1601 14.90 21.89 40.28
CA GLU A 1601 16.08 21.06 40.10
C GLU A 1601 15.79 19.89 39.16
N LYS A 1602 14.66 19.22 39.37
CA LYS A 1602 14.29 18.11 38.49
C LYS A 1602 14.11 18.58 37.05
N GLY A 1603 13.53 19.77 36.88
CA GLY A 1603 13.32 20.28 35.53
C GLY A 1603 14.63 20.44 34.77
N LEU A 1604 15.67 20.91 35.47
CA LEU A 1604 16.96 21.06 34.82
C LEU A 1604 17.58 19.70 34.52
N GLU A 1605 17.44 18.75 35.45
CA GLU A 1605 17.90 17.39 35.19
C GLU A 1605 17.28 16.84 33.90
N MET A 1606 15.99 17.11 33.70
CA MET A 1606 15.32 16.64 32.48
C MET A 1606 15.90 17.31 31.24
N VAL A 1607 16.11 18.63 31.30
CA VAL A 1607 16.76 19.31 30.19
C VAL A 1607 18.09 18.65 29.88
N GLU A 1608 18.90 18.41 30.92
CA GLU A 1608 20.21 17.79 30.73
C GLU A 1608 20.05 16.40 30.10
N ALA A 1609 19.09 15.61 30.58
CA ALA A 1609 18.87 14.30 30.00
C ALA A 1609 18.58 14.42 28.50
N ALA A 1610 17.58 15.23 28.14
CA ALA A 1610 17.22 15.35 26.74
C ALA A 1610 18.37 15.92 25.92
N ARG A 1611 19.08 16.89 26.48
CA ARG A 1611 20.22 17.49 25.77
C ARG A 1611 21.25 16.43 25.42
N LEU A 1612 21.58 15.54 26.38
CA LEU A 1612 22.59 14.52 26.13
C LEU A 1612 22.19 13.57 25.01
N MET A 1613 20.90 13.44 24.73
CA MET A 1613 20.42 12.58 23.65
C MET A 1613 20.15 13.35 22.37
N LYS A 1614 20.66 14.59 22.26
CA LYS A 1614 20.62 15.35 21.01
C LYS A 1614 19.19 15.62 20.57
N ALA A 1615 18.38 16.17 21.47
CA ALA A 1615 16.97 16.39 21.25
C ALA A 1615 16.68 17.87 20.99
N ARG A 1616 15.87 18.15 19.97
CA ARG A 1616 15.34 19.49 19.75
C ARG A 1616 14.28 19.78 20.80
N MET A 1617 14.58 20.67 21.72
CA MET A 1617 13.74 20.90 22.90
C MET A 1617 13.03 22.24 22.81
N VAL A 1618 11.78 22.26 23.27
CA VAL A 1618 11.10 23.49 23.67
C VAL A 1618 10.69 23.35 25.12
N ILE A 1619 10.93 24.40 25.90
CA ILE A 1619 10.57 24.44 27.31
C ILE A 1619 9.34 25.30 27.47
N VAL A 1620 8.41 24.85 28.31
CA VAL A 1620 7.25 25.62 28.71
C VAL A 1620 7.34 25.85 30.21
N THR A 1621 7.48 27.10 30.62
CA THR A 1621 7.51 27.45 32.03
C THR A 1621 6.13 27.95 32.45
N THR A 1622 6.00 28.18 33.75
CA THR A 1622 4.77 28.79 34.25
C THR A 1622 4.81 30.31 34.11
N SER A 1623 5.93 30.93 34.51
CA SER A 1623 6.05 32.39 34.56
C SER A 1623 7.20 32.88 33.70
N ASP A 1624 7.23 34.21 33.52
CA ASP A 1624 8.31 34.85 32.78
C ASP A 1624 9.62 34.77 33.56
N GLY A 1625 9.55 34.89 34.89
CA GLY A 1625 10.75 34.76 35.70
C GLY A 1625 11.42 33.41 35.54
N GLN A 1626 10.62 32.35 35.38
CA GLN A 1626 11.19 31.03 35.16
C GLN A 1626 11.84 30.97 33.79
N ARG A 1627 11.26 31.62 32.79
CA ARG A 1627 11.85 31.67 31.46
C ARG A 1627 13.15 32.46 31.47
N GLU A 1628 13.19 33.60 32.16
CA GLU A 1628 14.40 34.40 32.20
C GLU A 1628 15.47 33.75 33.06
N PHE A 1629 15.08 32.94 34.03
CA PHE A 1629 16.04 32.15 34.80
C PHE A 1629 16.79 31.19 33.89
N LEU A 1630 16.08 30.47 33.02
CA LEU A 1630 16.73 29.50 32.15
C LEU A 1630 17.67 30.18 31.17
N GLN A 1631 17.38 31.43 30.80
CA GLN A 1631 18.11 32.10 29.73
C GLN A 1631 19.53 32.45 30.13
N SER A 1632 19.87 32.32 31.42
CA SER A 1632 21.22 32.56 31.89
C SER A 1632 22.00 31.27 32.12
N LEU A 1633 21.45 30.13 31.74
CA LEU A 1633 22.09 28.84 31.94
C LEU A 1633 22.79 28.31 30.70
N GLY A 1634 22.84 29.11 29.63
CA GLY A 1634 23.52 28.67 28.43
C GLY A 1634 22.99 27.37 27.88
N LEU A 1635 21.67 27.31 27.66
CA LEU A 1635 21.04 26.17 27.03
C LEU A 1635 20.76 26.39 25.54
N GLU A 1636 21.42 27.39 24.93
CA GLU A 1636 21.13 27.74 23.54
C GLU A 1636 21.44 26.60 22.59
N ASP A 1637 22.43 25.77 22.92
CA ASP A 1637 22.74 24.62 22.09
C ASP A 1637 21.73 23.49 22.22
N ALA A 1638 20.71 23.63 23.07
CA ALA A 1638 19.76 22.55 23.32
C ALA A 1638 18.32 22.96 23.05
N VAL A 1639 17.81 23.97 23.72
CA VAL A 1639 16.42 24.38 23.54
C VAL A 1639 16.33 25.31 22.34
N GLU A 1640 15.36 25.05 21.47
CA GLU A 1640 15.06 25.95 20.37
C GLU A 1640 14.26 27.17 20.83
N GLY A 1641 13.77 27.18 22.07
CA GLY A 1641 13.01 28.30 22.55
C GLY A 1641 12.30 27.97 23.85
N ILE A 1642 11.84 29.03 24.51
CA ILE A 1642 11.08 28.90 25.74
C ILE A 1642 9.86 29.80 25.65
N VAL A 1643 8.76 29.35 26.25
CA VAL A 1643 7.55 30.14 26.33
C VAL A 1643 6.95 29.94 27.72
N SER A 1644 6.38 31.02 28.28
CA SER A 1644 5.75 30.96 29.58
C SER A 1644 4.23 31.04 29.42
N ILE A 1645 3.53 30.22 30.20
CA ILE A 1645 2.07 30.28 30.21
C ILE A 1645 1.62 31.69 30.54
N GLU A 1646 2.33 32.36 31.45
CA GLU A 1646 2.03 33.73 31.80
C GLU A 1646 2.06 34.62 30.57
N GLY A 1647 3.03 34.42 29.70
CA GLY A 1647 3.16 35.28 28.53
C GLY A 1647 2.02 35.07 27.54
N LEU A 1648 1.62 33.82 27.34
CA LEU A 1648 0.51 33.56 26.43
C LEU A 1648 -0.78 34.18 26.96
N LYS A 1649 -1.02 34.08 28.27
CA LYS A 1649 -2.20 34.71 28.86
C LYS A 1649 -2.18 36.23 28.66
N ARG A 1650 -1.00 36.83 28.64
CA ARG A 1650 -0.92 38.28 28.42
C ARG A 1650 -1.27 38.63 26.99
N ARG A 1651 -0.85 37.81 26.02
CA ARG A 1651 -1.04 38.12 24.61
C ARG A 1651 -2.38 37.63 24.06
N LEU A 1652 -3.05 36.72 24.77
CA LEU A 1652 -4.30 36.11 24.28
C LEU A 1652 -5.33 36.19 25.39
N SER A 1653 -6.33 37.05 25.21
CA SER A 1653 -7.31 37.28 26.27
C SER A 1653 -7.98 35.99 26.71
N ASP A 1654 -8.29 35.11 25.76
CA ASP A 1654 -9.12 33.95 26.01
C ASP A 1654 -8.34 32.64 26.06
N PHE A 1655 -7.04 32.72 26.35
CA PHE A 1655 -6.22 31.52 26.50
C PHE A 1655 -6.41 30.92 27.89
N HIS A 1656 -6.72 29.63 27.93
CA HIS A 1656 -7.01 28.94 29.18
C HIS A 1656 -6.04 27.79 29.38
N TRP A 1657 -5.44 27.72 30.57
CA TRP A 1657 -4.51 26.66 30.94
C TRP A 1657 -5.12 25.83 32.06
N PRO A 1658 -5.79 24.72 31.76
CA PRO A 1658 -6.54 24.00 32.80
C PRO A 1658 -5.65 23.21 33.75
N ASP A 1659 -6.02 23.23 35.04
CA ASP A 1659 -5.37 22.40 36.05
C ASP A 1659 -5.58 20.93 35.79
N THR A 1660 -6.67 20.58 35.11
CA THR A 1660 -7.04 19.21 34.86
C THR A 1660 -8.02 19.23 33.71
N LEU A 1661 -8.19 18.07 33.08
CA LEU A 1661 -9.12 17.95 31.97
C LEU A 1661 -10.50 18.47 32.38
N PRO A 1662 -11.00 19.55 31.79
CA PRO A 1662 -12.34 20.04 32.16
C PRO A 1662 -13.42 19.03 31.81
N ARG A 1663 -14.25 18.70 32.80
CA ARG A 1663 -15.31 17.74 32.60
C ARG A 1663 -16.41 18.33 31.73
N LEU A 1664 -16.92 17.51 30.81
CA LEU A 1664 -17.99 17.91 29.91
C LEU A 1664 -19.25 17.10 30.19
N PRO A 1665 -20.42 17.60 29.77
CA PRO A 1665 -21.64 16.79 29.89
C PRO A 1665 -21.60 15.59 28.94
N ASP A 1666 -22.16 14.47 29.40
CA ASP A 1666 -22.16 13.27 28.58
C ASP A 1666 -22.95 13.51 27.30
N ALA A 1667 -22.38 13.09 26.17
CA ALA A 1667 -23.03 13.29 24.89
C ALA A 1667 -24.40 12.62 24.86
N ARG A 1668 -24.51 11.46 25.51
CA ARG A 1668 -25.81 10.83 25.67
C ARG A 1668 -26.83 11.83 26.20
N THR A 1669 -26.62 12.33 27.42
CA THR A 1669 -27.53 13.31 28.01
C THR A 1669 -27.63 14.56 27.14
N ASP A 1670 -26.51 15.26 26.97
CA ASP A 1670 -26.49 16.60 26.39
C ASP A 1670 -25.46 16.63 25.26
N ILE A 1671 -25.92 16.38 24.03
CA ILE A 1671 -25.00 16.36 22.88
C ILE A 1671 -24.46 17.76 22.64
N GLU A 1672 -25.35 18.72 22.40
CA GLU A 1672 -24.93 20.02 21.89
C GLU A 1672 -23.92 20.69 22.81
N ASN A 1673 -24.13 20.57 24.13
CA ASN A 1673 -23.20 21.19 25.07
C ASN A 1673 -21.89 20.40 25.15
N PHE A 1674 -21.93 19.10 24.89
CA PHE A 1674 -20.70 18.34 24.79
C PHE A 1674 -19.87 18.83 23.61
N LYS A 1675 -20.52 19.04 22.46
CA LYS A 1675 -19.79 19.57 21.31
C LYS A 1675 -19.26 20.97 21.58
N ILE A 1676 -19.97 21.76 22.40
CA ILE A 1676 -19.50 23.12 22.69
C ILE A 1676 -18.25 23.08 23.55
N GLY A 1677 -18.21 22.18 24.53
CA GLY A 1677 -17.08 22.13 25.44
C GLY A 1677 -15.79 21.66 24.79
N VAL A 1678 -15.89 20.68 23.89
CA VAL A 1678 -14.68 20.16 23.24
C VAL A 1678 -14.00 21.27 22.45
N ARG A 1679 -14.78 22.01 21.66
CA ARG A 1679 -14.17 23.02 20.80
C ARG A 1679 -13.66 24.22 21.60
N ALA A 1680 -14.19 24.43 22.81
CA ALA A 1680 -13.58 25.42 23.71
C ALA A 1680 -12.17 25.00 24.11
N TYR A 1681 -12.01 23.73 24.49
CA TYR A 1681 -10.68 23.20 24.76
C TYR A 1681 -9.75 23.43 23.56
N GLN A 1682 -10.19 23.00 22.37
CA GLN A 1682 -9.36 23.14 21.18
C GLN A 1682 -9.03 24.61 20.90
N GLN A 1683 -10.03 25.49 20.98
CA GLN A 1683 -9.82 26.86 20.53
C GLN A 1683 -9.10 27.71 21.58
N ASN A 1684 -9.44 27.54 22.86
CA ASN A 1684 -8.88 28.35 23.94
C ASN A 1684 -7.67 27.71 24.62
N THR A 1685 -7.38 26.44 24.36
CA THR A 1685 -6.24 25.78 24.99
C THR A 1685 -5.29 25.20 23.95
N MET A 1686 -5.73 24.25 23.13
CA MET A 1686 -4.82 23.54 22.25
C MET A 1686 -4.35 24.42 21.10
N LYS A 1687 -5.29 24.95 20.32
CA LYS A 1687 -4.89 25.70 19.13
C LYS A 1687 -3.96 26.86 19.45
N PRO A 1688 -4.12 27.59 20.55
CA PRO A 1688 -3.14 28.63 20.90
C PRO A 1688 -1.83 28.04 21.40
N PHE A 1689 -1.92 27.06 22.31
CA PHE A 1689 -0.71 26.50 22.91
C PHE A 1689 0.07 25.63 21.93
N GLY A 1690 -0.59 25.06 20.93
CA GLY A 1690 0.12 24.29 19.93
C GLY A 1690 0.79 25.17 18.90
N THR A 1691 0.14 26.28 18.56
CA THR A 1691 0.73 27.23 17.63
C THR A 1691 2.00 27.83 18.22
N ALA A 1692 1.92 28.33 19.46
CA ALA A 1692 3.10 28.91 20.09
C ALA A 1692 4.23 27.89 20.16
N VAL A 1693 3.92 26.64 20.54
CA VAL A 1693 4.96 25.61 20.61
C VAL A 1693 5.48 25.28 19.21
N GLY A 1694 4.58 25.18 18.24
CA GLY A 1694 5.00 24.82 16.90
C GLY A 1694 5.97 25.80 16.29
N LYS A 1695 5.67 27.09 16.39
CA LYS A 1695 6.54 28.11 15.81
C LYS A 1695 7.97 28.01 16.34
N LEU A 1696 8.16 27.43 17.53
CA LEU A 1696 9.49 27.24 18.07
C LEU A 1696 10.09 25.89 17.73
N LEU A 1697 9.27 24.91 17.35
CA LEU A 1697 9.76 23.61 16.91
C LEU A 1697 9.82 23.46 15.40
N ARG A 1698 9.25 24.38 14.63
CA ARG A 1698 9.33 24.29 13.18
C ARG A 1698 10.78 24.11 12.74
N SER A 1699 10.99 23.14 11.87
CA SER A 1699 12.30 22.92 11.25
C SER A 1699 12.06 22.11 9.98
N PRO A 1700 13.07 22.00 9.12
CA PRO A 1700 12.91 21.14 7.93
C PRO A 1700 12.46 19.73 8.27
N GLY A 1701 13.06 19.11 9.29
CA GLY A 1701 12.65 17.78 9.72
C GLY A 1701 11.28 17.73 10.36
N ASN A 1702 10.81 18.85 10.90
CA ASN A 1702 9.47 18.95 11.47
C ASN A 1702 8.85 20.27 10.99
N PRO A 1703 8.38 20.31 9.73
CA PRO A 1703 7.83 21.58 9.22
C PRO A 1703 6.69 22.15 10.06
N ARG A 1704 5.79 21.31 10.58
CA ARG A 1704 4.65 21.78 11.35
C ARG A 1704 4.94 21.84 12.85
N GLY A 1705 6.19 21.65 13.27
CA GLY A 1705 6.56 21.82 14.66
C GLY A 1705 5.70 21.08 15.66
N VAL A 1706 5.53 19.77 15.45
CA VAL A 1706 4.79 18.93 16.39
C VAL A 1706 5.76 18.15 17.28
N PRO A 1707 5.54 18.09 18.59
CA PRO A 1707 6.43 17.28 19.44
C PRO A 1707 6.29 15.80 19.15
N ASP A 1708 7.42 15.13 19.00
CA ASP A 1708 7.46 13.68 18.93
C ASP A 1708 7.33 13.04 20.31
N LEU A 1709 7.61 13.79 21.37
CA LEU A 1709 7.57 13.28 22.72
C LEU A 1709 7.43 14.44 23.68
N VAL A 1710 6.74 14.19 24.80
CA VAL A 1710 6.54 15.19 25.84
C VAL A 1710 7.05 14.64 27.17
N ILE A 1711 7.93 15.40 27.83
CA ILE A 1711 8.33 15.13 29.20
C ILE A 1711 7.32 15.84 30.09
N GLU A 1712 6.36 15.08 30.63
CA GLU A 1712 5.38 15.60 31.56
C GLU A 1712 5.99 15.76 32.95
N ARG A 1713 5.21 16.33 33.86
CA ARG A 1713 5.64 16.53 35.24
C ARG A 1713 4.55 16.02 36.16
N ALA A 1714 4.93 15.24 37.17
CA ALA A 1714 3.94 14.61 38.03
C ALA A 1714 3.19 15.61 38.87
N GLY A 1715 3.78 16.79 39.12
CA GLY A 1715 3.16 17.78 39.98
C GLY A 1715 2.02 18.55 39.38
N GLN A 1716 1.65 18.26 38.14
CA GLN A 1716 0.52 18.91 37.49
C GLN A 1716 -0.31 17.84 36.82
N ASP A 1717 -1.51 18.23 36.39
CA ASP A 1717 -2.40 17.36 35.64
C ASP A 1717 -2.69 17.99 34.29
N THR A 1718 -1.68 18.03 33.43
CA THR A 1718 -1.84 18.54 32.07
C THR A 1718 -1.81 17.42 31.03
N LEU A 1719 -2.03 16.18 31.45
CA LEU A 1719 -1.89 15.05 30.55
C LEU A 1719 -2.86 15.12 29.38
N GLY A 1720 -4.05 15.69 29.58
CA GLY A 1720 -4.96 15.91 28.47
C GLY A 1720 -4.35 16.77 27.39
N VAL A 1721 -3.63 17.83 27.78
CA VAL A 1721 -3.00 18.69 26.80
C VAL A 1721 -1.86 17.94 26.11
N SER A 1722 -1.01 17.28 26.90
CA SER A 1722 0.17 16.65 26.33
C SER A 1722 -0.21 15.53 25.37
N THR A 1723 -1.24 14.75 25.71
CA THR A 1723 -1.68 13.69 24.80
C THR A 1723 -2.38 14.25 23.57
N SER A 1724 -2.99 15.43 23.69
CA SER A 1724 -3.62 16.06 22.53
C SER A 1724 -2.61 16.73 21.62
N LEU A 1725 -1.46 17.16 22.15
CA LEU A 1725 -0.49 17.91 21.36
C LEU A 1725 0.50 17.01 20.63
N VAL A 1726 1.08 16.03 21.34
CA VAL A 1726 2.12 15.17 20.78
C VAL A 1726 1.61 14.51 19.51
N LYS A 1727 2.52 14.27 18.57
CA LYS A 1727 2.12 13.79 17.25
C LYS A 1727 1.25 12.55 17.40
N PRO A 1728 0.32 12.32 16.49
CA PRO A 1728 -0.43 11.06 16.50
C PRO A 1728 0.40 9.94 15.91
N PHE A 1729 -0.09 8.72 16.09
CA PHE A 1729 0.57 7.54 15.54
C PHE A 1729 1.97 7.36 16.15
N GLY A 1730 1.96 7.02 17.43
CA GLY A 1730 3.19 6.72 18.13
C GLY A 1730 3.69 7.80 19.07
N GLY A 1731 3.07 8.97 19.09
CA GLY A 1731 3.48 10.01 20.01
C GLY A 1731 3.58 9.50 21.43
N ARG A 1732 4.46 10.08 22.24
CA ARG A 1732 4.73 9.55 23.56
C ARG A 1732 4.78 10.65 24.61
N VAL A 1733 4.21 10.36 25.78
CA VAL A 1733 4.37 11.16 26.97
C VAL A 1733 5.05 10.28 28.03
N ILE A 1734 5.98 10.86 28.78
CA ILE A 1734 6.72 10.15 29.80
C ILE A 1734 6.70 10.97 31.07
N TYR A 1735 6.55 10.29 32.21
CA TYR A 1735 6.74 10.86 33.53
C TYR A 1735 7.98 10.23 34.13
N ALA A 1736 8.66 10.96 35.02
CA ALA A 1736 9.86 10.45 35.66
C ALA A 1736 9.90 10.75 37.15
N GLU A 1737 8.76 11.10 37.74
CA GLU A 1737 8.69 11.54 39.12
C GLU A 1737 7.60 10.75 39.85
N GLU A 1738 7.64 10.82 41.18
CA GLU A 1738 6.68 10.08 41.99
C GLU A 1738 5.27 10.58 41.72
N MET A 1739 4.47 9.76 41.05
CA MET A 1739 3.08 10.10 40.74
C MET A 1739 2.11 9.59 41.79
N ALA A 1740 2.61 9.01 42.89
CA ALA A 1740 1.73 8.37 43.87
C ALA A 1740 0.83 9.40 44.54
N GLY A 1741 -0.42 9.01 44.78
CA GLY A 1741 -1.37 9.85 45.49
C GLY A 1741 -1.94 11.01 44.70
N ARG A 1742 -1.75 11.04 43.39
CA ARG A 1742 -2.25 12.14 42.56
C ARG A 1742 -3.11 11.57 41.43
N ARG A 1743 -3.97 12.43 40.90
CA ARG A 1743 -4.82 12.08 39.77
C ARG A 1743 -4.25 12.66 38.48
N TYR A 1744 -4.51 11.97 37.38
CA TYR A 1744 -4.09 12.41 36.05
C TYR A 1744 -5.20 12.10 35.06
N THR A 1745 -5.55 13.08 34.24
CA THR A 1745 -6.71 12.98 33.37
C THR A 1745 -6.36 13.26 31.92
N PHE A 1746 -7.02 12.53 31.02
CA PHE A 1746 -6.87 12.75 29.60
C PHE A 1746 -8.11 12.24 28.88
N TYR A 1747 -8.23 12.66 27.63
CA TYR A 1747 -9.40 12.37 26.80
C TYR A 1747 -9.15 11.05 26.08
N ALA A 1748 -10.02 10.08 26.34
CA ALA A 1748 -9.80 8.70 25.89
C ALA A 1748 -9.40 8.62 24.41
N PRO A 1749 -10.21 9.14 23.49
CA PRO A 1749 -9.89 8.91 22.06
C PRO A 1749 -8.58 9.49 21.62
N GLN A 1750 -8.09 10.53 22.28
CA GLN A 1750 -6.80 11.09 21.89
C GLN A 1750 -5.67 10.08 22.00
N VAL A 1751 -5.81 9.07 22.85
CA VAL A 1751 -4.76 8.08 23.06
C VAL A 1751 -4.98 6.83 22.23
N TRP A 1752 -6.21 6.30 22.20
CA TRP A 1752 -6.42 5.02 21.54
C TRP A 1752 -6.58 5.18 20.03
N THR A 1753 -7.39 6.13 19.57
CA THR A 1753 -7.63 6.23 18.14
C THR A 1753 -6.37 6.66 17.39
N ARG A 1754 -5.49 7.42 18.05
CA ARG A 1754 -4.21 7.78 17.48
C ARG A 1754 -3.07 6.92 18.02
N GLN A 1755 -3.38 5.91 18.82
CA GLN A 1755 -2.40 4.94 19.30
C GLN A 1755 -1.13 5.65 19.80
N ARG A 1756 -1.33 6.56 20.74
CA ARG A 1756 -0.23 7.18 21.47
C ARG A 1756 0.08 6.37 22.71
N ARG A 1757 1.33 6.46 23.17
CA ARG A 1757 1.81 5.68 24.30
C ARG A 1757 2.20 6.59 25.46
N ILE A 1758 1.89 6.15 26.68
CA ILE A 1758 2.30 6.85 27.89
C ILE A 1758 3.21 5.91 28.66
N TYR A 1759 4.40 6.38 28.99
CA TYR A 1759 5.35 5.66 29.84
C TYR A 1759 5.45 6.34 31.19
N MET A 1760 5.41 5.55 32.25
CA MET A 1760 5.54 6.02 33.62
C MET A 1760 6.50 5.10 34.35
N PRO A 1761 7.00 5.51 35.51
CA PRO A 1761 8.05 4.71 36.16
C PRO A 1761 7.63 3.27 36.41
N SER A 1762 6.44 3.06 36.95
CA SER A 1762 5.99 1.72 37.31
C SER A 1762 4.81 1.24 36.48
N ALA A 1763 4.34 2.02 35.52
CA ALA A 1763 3.20 1.61 34.71
C ALA A 1763 3.35 2.18 33.30
N GLU A 1764 2.51 1.66 32.39
CA GLU A 1764 2.51 2.09 31.00
C GLU A 1764 1.10 1.97 30.44
N ILE A 1765 0.66 3.01 29.72
CA ILE A 1765 -0.65 3.06 29.09
C ILE A 1765 -0.44 3.27 27.60
N PHE A 1766 -0.66 2.23 26.81
CA PHE A 1766 -0.52 2.29 25.36
C PHE A 1766 -1.90 2.25 24.71
N GLY A 1767 -2.16 3.22 23.84
CA GLY A 1767 -3.37 3.16 23.05
C GLY A 1767 -3.19 2.22 21.86
N THR A 1768 -4.28 1.55 21.52
CA THR A 1768 -4.30 0.67 20.35
C THR A 1768 -5.66 0.85 19.67
N HIS A 1769 -5.72 0.43 18.41
CA HIS A 1769 -6.89 0.69 17.57
C HIS A 1769 -6.88 -0.29 16.41
N LEU A 1770 -7.90 -1.11 16.28
CA LEU A 1770 -8.16 -1.99 15.12
C LEU A 1770 -6.93 -2.74 14.69
N CYS A 1771 -6.68 -2.81 13.39
CA CYS A 1771 -5.46 -3.40 12.86
C CYS A 1771 -5.37 -3.11 11.36
N ASN A 1772 -4.18 -3.34 10.81
CA ASN A 1772 -3.97 -3.22 9.38
C ASN A 1772 -4.22 -4.57 8.71
N ALA A 1773 -4.33 -4.56 7.37
CA ALA A 1773 -4.68 -5.77 6.64
C ALA A 1773 -3.57 -6.83 6.69
N TYR A 1774 -2.32 -6.45 6.93
CA TYR A 1774 -1.29 -7.48 7.12
C TYR A 1774 -1.52 -8.23 8.43
N GLU A 1775 -1.92 -7.51 9.48
CA GLU A 1775 -2.22 -8.18 10.74
C GLU A 1775 -3.40 -9.12 10.60
N VAL A 1776 -4.30 -8.87 9.65
CA VAL A 1776 -5.40 -9.79 9.42
C VAL A 1776 -4.88 -11.09 8.82
N THR A 1777 -3.94 -10.99 7.87
CA THR A 1777 -3.38 -12.22 7.30
C THR A 1777 -2.70 -13.03 8.40
N MET A 1778 -2.06 -12.35 9.36
CA MET A 1778 -1.43 -13.05 10.47
C MET A 1778 -2.47 -13.64 11.42
N MET A 1779 -3.64 -13.01 11.50
CA MET A 1779 -4.70 -13.52 12.35
C MET A 1779 -5.25 -14.82 11.78
N ASN A 1780 -5.71 -14.79 10.53
CA ASN A 1780 -6.24 -16.00 9.92
C ASN A 1780 -5.18 -17.09 9.87
N GLU A 1781 -3.92 -16.70 9.68
CA GLU A 1781 -2.82 -17.66 9.73
C GLU A 1781 -2.81 -18.39 11.07
N MET A 1782 -2.86 -17.65 12.17
CA MET A 1782 -2.93 -18.27 13.49
C MET A 1782 -4.22 -19.05 13.69
N VAL A 1783 -5.35 -18.54 13.15
CA VAL A 1783 -6.62 -19.26 13.27
C VAL A 1783 -6.49 -20.64 12.62
N ALA A 1784 -6.07 -20.67 11.35
CA ALA A 1784 -5.91 -21.96 10.67
C ALA A 1784 -4.98 -22.88 11.47
N ALA A 1785 -3.92 -22.32 12.03
CA ALA A 1785 -2.96 -23.10 12.80
C ALA A 1785 -3.46 -23.47 14.18
N GLY A 1786 -4.62 -22.97 14.60
CA GLY A 1786 -5.17 -23.29 15.91
C GLY A 1786 -4.68 -22.43 17.04
N LEU A 1787 -3.69 -21.57 16.81
CA LEU A 1787 -3.21 -20.70 17.88
C LEU A 1787 -4.27 -19.69 18.29
N LEU A 1788 -5.29 -19.47 17.47
CA LEU A 1788 -6.41 -18.60 17.77
C LEU A 1788 -7.69 -19.36 17.42
N ASP A 1789 -8.77 -19.03 18.13
CA ASP A 1789 -10.04 -19.73 17.98
C ASP A 1789 -11.15 -18.71 17.76
N VAL A 1790 -11.92 -18.93 16.70
CA VAL A 1790 -13.08 -18.09 16.42
C VAL A 1790 -14.25 -18.55 17.28
N THR A 1791 -14.88 -17.62 17.97
CA THR A 1791 -16.05 -17.93 18.77
C THR A 1791 -17.27 -18.03 17.85
N GLU A 1792 -18.07 -19.06 18.06
CA GLU A 1792 -19.21 -19.30 17.17
C GLU A 1792 -20.16 -18.10 17.24
N PRO A 1793 -20.53 -17.51 16.11
CA PRO A 1793 -21.41 -16.34 16.15
C PRO A 1793 -22.85 -16.74 16.41
N THR A 1794 -23.53 -15.88 17.16
CA THR A 1794 -24.97 -16.01 17.38
C THR A 1794 -25.67 -15.44 16.17
N MET A 1795 -26.19 -16.32 15.31
CA MET A 1795 -26.78 -15.91 14.05
C MET A 1795 -28.19 -15.37 14.28
N VAL A 1796 -28.47 -14.21 13.68
CA VAL A 1796 -29.81 -13.62 13.76
C VAL A 1796 -30.25 -13.30 12.33
N PRO A 1797 -31.54 -13.26 12.05
CA PRO A 1797 -31.99 -12.98 10.68
C PRO A 1797 -31.82 -11.52 10.32
N TRP A 1798 -31.96 -11.25 9.02
CA TRP A 1798 -31.91 -9.87 8.52
C TRP A 1798 -32.84 -8.96 9.33
N GLU A 1799 -34.08 -9.40 9.53
CA GLU A 1799 -35.04 -8.58 10.26
C GLU A 1799 -34.64 -8.38 11.72
N GLY A 1800 -33.70 -9.18 12.23
CA GLY A 1800 -33.31 -9.08 13.62
C GLY A 1800 -32.11 -8.22 13.92
N LEU A 1801 -31.47 -7.66 12.90
CA LEU A 1801 -30.28 -6.85 13.13
C LEU A 1801 -30.53 -5.69 14.08
N PRO A 1802 -31.63 -4.92 13.96
CA PRO A 1802 -31.85 -3.84 14.93
C PRO A 1802 -31.92 -4.34 16.37
N GLU A 1803 -32.64 -5.45 16.60
CA GLU A 1803 -32.70 -6.03 17.94
C GLU A 1803 -31.33 -6.51 18.40
N ALA A 1804 -30.55 -7.12 17.48
CA ALA A 1804 -29.22 -7.58 17.84
C ALA A 1804 -28.34 -6.42 18.29
N HIS A 1805 -28.38 -5.31 17.56
CA HIS A 1805 -27.65 -4.11 17.96
C HIS A 1805 -28.10 -3.64 19.35
N GLN A 1806 -29.42 -3.56 19.57
CA GLN A 1806 -29.93 -3.07 20.85
C GLN A 1806 -29.58 -4.02 22.00
N ALA A 1807 -29.53 -5.32 21.72
CA ALA A 1807 -29.11 -6.26 22.75
C ALA A 1807 -27.68 -5.97 23.19
N MET A 1808 -26.80 -5.69 22.23
CA MET A 1808 -25.43 -5.31 22.59
C MET A 1808 -25.42 -4.04 23.44
N TRP A 1809 -26.23 -3.05 23.05
CA TRP A 1809 -26.24 -1.78 23.76
C TRP A 1809 -26.64 -1.97 25.22
N ASP A 1810 -27.70 -2.74 25.47
CA ASP A 1810 -28.20 -2.93 26.82
C ASP A 1810 -27.43 -3.99 27.61
N ASN A 1811 -26.41 -4.61 27.02
CA ASN A 1811 -25.69 -5.71 27.68
C ASN A 1811 -26.63 -6.90 27.95
N ARG A 1812 -27.62 -7.09 27.08
CA ARG A 1812 -28.56 -8.21 27.16
C ARG A 1812 -28.20 -9.31 26.18
N HIS A 1813 -26.89 -9.59 26.03
CA HIS A 1813 -26.42 -10.48 24.99
C HIS A 1813 -27.05 -11.87 25.12
N SER A 1814 -27.45 -12.43 23.98
CA SER A 1814 -27.88 -13.81 23.91
C SER A 1814 -26.76 -14.76 23.49
N GLY A 1815 -25.51 -14.32 23.61
CA GLY A 1815 -24.37 -15.11 23.20
C GLY A 1815 -23.07 -14.34 23.33
N ALA A 1816 -22.07 -14.67 22.52
CA ALA A 1816 -20.78 -13.99 22.59
C ALA A 1816 -20.72 -12.81 21.63
N THR A 1817 -20.96 -13.06 20.34
CA THR A 1817 -21.00 -12.02 19.33
C THR A 1817 -22.13 -12.33 18.35
N TYR A 1818 -22.66 -11.33 17.70
CA TYR A 1818 -23.76 -11.50 16.77
C TYR A 1818 -23.35 -11.38 15.31
N VAL A 1819 -24.03 -12.05 14.41
CA VAL A 1819 -23.77 -11.98 12.99
C VAL A 1819 -25.11 -11.96 12.31
N VAL A 1820 -25.30 -11.21 11.25
CA VAL A 1820 -26.59 -11.20 10.61
C VAL A 1820 -26.48 -11.97 9.35
N ASN A 1821 -27.42 -12.82 9.08
CA ASN A 1821 -27.39 -13.59 7.89
C ASN A 1821 -28.10 -12.90 6.73
N HIS A 1822 -27.45 -12.77 5.59
CA HIS A 1822 -28.07 -12.18 4.44
C HIS A 1822 -28.55 -13.21 3.41
N ALA A 1823 -27.72 -14.18 3.08
CA ALA A 1823 -28.09 -15.16 2.06
C ALA A 1823 -27.50 -16.55 2.31
N LEU A 1824 -27.16 -16.88 3.56
CA LEU A 1824 -26.75 -18.24 3.88
C LEU A 1824 -27.98 -19.13 3.97
N PRO A 1825 -28.16 -20.11 3.07
CA PRO A 1825 -29.41 -20.90 3.11
C PRO A 1825 -29.49 -21.84 4.30
N ALA A 1826 -28.36 -22.31 4.83
CA ALA A 1826 -28.36 -23.21 5.97
C ALA A 1826 -27.15 -22.91 6.83
N MET A 1827 -27.08 -23.59 7.97
CA MET A 1827 -25.96 -23.46 8.88
C MET A 1827 -25.14 -24.74 8.88
N GLY A 1828 -23.82 -24.60 8.94
CA GLY A 1828 -22.93 -25.73 8.91
C GLY A 1828 -22.18 -25.91 7.61
N LEU A 1829 -22.47 -25.10 6.60
CA LEU A 1829 -21.76 -25.22 5.33
C LEU A 1829 -20.31 -24.81 5.49
N THR A 1830 -19.46 -25.33 4.61
CA THR A 1830 -18.02 -25.12 4.73
C THR A 1830 -17.32 -24.76 3.43
N THR A 1831 -18.00 -24.83 2.28
CA THR A 1831 -17.39 -24.53 1.00
C THR A 1831 -18.28 -23.61 0.18
N LYS A 1832 -17.66 -22.96 -0.81
CA LYS A 1832 -18.43 -22.14 -1.74
C LYS A 1832 -19.35 -23.00 -2.60
N ASP A 1833 -18.86 -24.16 -3.04
CA ASP A 1833 -19.69 -25.01 -3.89
C ASP A 1833 -20.87 -25.60 -3.12
N GLU A 1834 -20.70 -25.82 -1.81
CA GLU A 1834 -21.84 -26.21 -0.97
C GLU A 1834 -22.86 -25.08 -0.86
N LEU A 1835 -22.40 -23.83 -0.85
CA LEU A 1835 -23.32 -22.69 -0.81
C LEU A 1835 -24.18 -22.65 -2.07
N LEU A 1836 -23.55 -22.70 -3.24
CA LEU A 1836 -24.32 -22.56 -4.48
C LEU A 1836 -25.21 -23.77 -4.71
N GLU A 1837 -24.80 -24.94 -4.25
CA GLU A 1837 -25.64 -26.12 -4.44
C GLU A 1837 -26.88 -26.07 -3.55
N TYR A 1838 -26.77 -25.55 -2.33
CA TYR A 1838 -27.95 -25.39 -1.48
C TYR A 1838 -28.90 -24.32 -2.00
N TRP A 1839 -28.38 -23.32 -2.70
CA TRP A 1839 -29.26 -22.34 -3.32
C TRP A 1839 -30.12 -22.97 -4.40
N VAL A 1840 -29.50 -23.71 -5.33
CA VAL A 1840 -30.28 -24.34 -6.40
C VAL A 1840 -31.28 -25.33 -5.82
N ALA A 1841 -30.88 -26.07 -4.78
CA ALA A 1841 -31.79 -27.01 -4.15
C ALA A 1841 -33.01 -26.30 -3.60
N ALA A 1842 -32.86 -25.02 -3.21
CA ALA A 1842 -33.97 -24.27 -2.64
C ALA A 1842 -34.92 -23.77 -3.72
N GLN A 1843 -34.38 -23.21 -4.80
CA GLN A 1843 -35.20 -22.59 -5.84
C GLN A 1843 -36.01 -23.65 -6.59
N ILE B 23 -22.38 -78.60 -24.80
CA ILE B 23 -22.32 -79.13 -23.44
C ILE B 23 -23.33 -78.43 -22.54
N SER B 24 -24.26 -77.71 -23.15
CA SER B 24 -25.30 -76.98 -22.42
C SER B 24 -26.40 -77.94 -21.97
N ASP B 25 -27.17 -77.52 -20.97
CA ASP B 25 -28.36 -78.25 -20.54
C ASP B 25 -29.63 -77.57 -21.07
N ARG B 26 -30.74 -78.33 -21.05
CA ARG B 26 -31.95 -77.92 -21.76
C ARG B 26 -33.14 -77.77 -20.81
N ASP B 27 -33.68 -78.87 -20.28
CA ASP B 27 -35.00 -78.86 -19.67
C ASP B 27 -34.93 -78.57 -18.17
N HIS B 28 -36.08 -78.15 -17.64
CA HIS B 28 -36.21 -77.96 -16.20
C HIS B 28 -36.09 -79.28 -15.46
N PHE B 29 -36.81 -80.31 -15.93
CA PHE B 29 -36.69 -81.64 -15.33
C PHE B 29 -35.32 -82.26 -15.57
N GLN B 30 -34.57 -81.76 -16.55
CA GLN B 30 -33.22 -82.27 -16.74
C GLN B 30 -32.25 -81.70 -15.71
N ARG B 31 -32.41 -80.43 -15.34
CA ARG B 31 -31.62 -79.87 -14.24
C ARG B 31 -31.79 -80.72 -12.99
N LEU B 32 -33.02 -81.16 -12.76
CA LEU B 32 -33.32 -81.94 -11.59
C LEU B 32 -32.55 -83.22 -11.57
N ARG B 33 -32.49 -83.87 -12.70
CA ARG B 33 -31.70 -85.09 -12.83
C ARG B 33 -30.25 -84.88 -12.40
N GLU B 34 -29.70 -83.69 -12.62
CA GLU B 34 -28.28 -83.46 -12.38
C GLU B 34 -27.96 -83.49 -10.89
N GLU B 35 -28.78 -82.82 -10.08
CA GLU B 35 -28.53 -82.75 -8.65
C GLU B 35 -28.53 -84.14 -8.02
N CYS B 36 -29.62 -84.89 -8.20
CA CYS B 36 -29.67 -86.26 -7.72
C CYS B 36 -28.53 -87.08 -8.32
N ARG B 37 -28.42 -87.07 -9.65
CA ARG B 37 -27.31 -87.73 -10.32
C ARG B 37 -25.96 -87.29 -9.75
N SER B 38 -25.90 -86.08 -9.19
CA SER B 38 -24.64 -85.51 -8.73
C SER B 38 -24.13 -86.22 -7.47
N ASP B 39 -23.78 -87.49 -7.59
CA ASP B 39 -22.92 -88.12 -6.60
C ASP B 39 -21.50 -87.68 -6.93
N PRO B 40 -20.87 -86.88 -6.07
CA PRO B 40 -19.74 -86.05 -6.48
C PRO B 40 -18.73 -86.74 -7.39
N GLY B 41 -18.10 -87.81 -6.89
CA GLY B 41 -17.01 -88.43 -7.62
C GLY B 41 -17.37 -88.74 -9.06
N GLU B 42 -18.50 -89.41 -9.26
CA GLU B 42 -18.91 -89.77 -10.62
C GLU B 42 -19.24 -88.54 -11.44
N PHE B 43 -20.11 -87.68 -10.92
CA PHE B 43 -20.62 -86.52 -11.64
C PHE B 43 -19.50 -85.59 -12.09
N HIS B 44 -18.87 -84.90 -11.14
CA HIS B 44 -17.80 -83.96 -11.48
C HIS B 44 -16.63 -84.67 -12.16
N GLY B 45 -16.43 -85.96 -11.87
CA GLY B 45 -15.40 -86.72 -12.55
C GLY B 45 -15.75 -86.99 -14.00
N ARG B 46 -17.04 -87.19 -14.30
CA ARG B 46 -17.46 -87.45 -15.66
C ARG B 46 -17.03 -86.33 -16.61
N LEU B 47 -17.32 -85.08 -16.25
CA LEU B 47 -16.97 -83.95 -17.11
C LEU B 47 -15.48 -83.62 -17.05
N ALA B 48 -14.84 -83.82 -15.89
CA ALA B 48 -13.42 -83.49 -15.76
C ALA B 48 -12.57 -84.25 -16.77
N LYS B 49 -13.03 -85.44 -17.19
CA LYS B 49 -12.30 -86.20 -18.20
C LYS B 49 -12.33 -85.52 -19.55
N ARG B 50 -13.34 -84.69 -19.79
CA ARG B 50 -13.59 -84.09 -21.09
C ARG B 50 -12.99 -82.70 -21.24
N GLU B 51 -13.16 -81.83 -20.24
CA GLU B 51 -12.81 -80.42 -20.40
C GLU B 51 -11.31 -80.25 -20.61
N ILE B 52 -10.49 -80.82 -19.72
CA ILE B 52 -9.05 -80.57 -19.70
C ILE B 52 -8.30 -81.87 -20.00
N CYS B 53 -7.09 -81.72 -20.53
CA CYS B 53 -6.22 -82.86 -20.80
C CYS B 53 -5.47 -83.29 -19.56
N TRP B 54 -5.24 -84.60 -19.47
CA TRP B 54 -4.48 -85.20 -18.38
C TRP B 54 -3.27 -85.92 -18.97
N LEU B 55 -2.34 -86.29 -18.10
CA LEU B 55 -1.16 -87.03 -18.51
C LEU B 55 -1.36 -88.51 -18.21
N ILE B 56 -1.43 -89.32 -19.26
CA ILE B 56 -1.64 -90.76 -19.13
C ILE B 56 -0.47 -91.49 -19.81
N GLU B 57 -0.01 -92.55 -19.19
CA GLU B 57 1.05 -93.39 -19.73
C GLU B 57 0.53 -94.77 -20.06
N ASN B 62 4.07 -95.51 -22.73
CA ASN B 62 4.69 -94.23 -23.05
C ASN B 62 3.77 -93.07 -22.69
N PRO B 63 4.28 -92.06 -21.97
CA PRO B 63 3.40 -90.98 -21.52
C PRO B 63 2.78 -90.22 -22.69
N ALA B 64 1.63 -89.60 -22.43
CA ALA B 64 0.97 -88.80 -23.44
C ALA B 64 -0.13 -87.96 -22.80
N TRP B 65 -0.30 -86.74 -23.30
CA TRP B 65 -1.44 -85.91 -22.92
C TRP B 65 -2.68 -86.35 -23.69
N ALA B 66 -3.81 -86.37 -22.99
CA ALA B 66 -5.04 -86.84 -23.62
C ALA B 66 -6.23 -86.32 -22.84
N PHE B 67 -7.40 -86.44 -23.46
CA PHE B 67 -8.67 -86.11 -22.84
C PHE B 67 -9.72 -87.05 -23.41
N TYR B 68 -10.94 -86.94 -22.92
CA TYR B 68 -12.03 -87.77 -23.41
C TYR B 68 -12.77 -87.02 -24.51
N ASP B 69 -12.63 -87.49 -25.76
CA ASP B 69 -13.22 -86.86 -26.92
C ASP B 69 -14.61 -87.43 -27.14
N ASP B 70 -15.62 -86.68 -26.69
CA ASP B 70 -17.01 -87.11 -26.80
C ASP B 70 -17.40 -87.40 -28.24
N ALA B 71 -17.04 -86.49 -29.17
CA ALA B 71 -17.48 -86.63 -30.56
C ALA B 71 -16.85 -87.85 -31.22
N ALA B 72 -15.58 -88.13 -30.93
CA ALA B 72 -14.87 -89.24 -31.54
C ALA B 72 -15.05 -90.55 -30.77
N GLU B 73 -15.87 -90.55 -29.72
CA GLU B 73 -16.19 -91.78 -28.97
C GLU B 73 -14.92 -92.52 -28.57
N THR B 74 -13.93 -91.77 -28.10
CA THR B 74 -12.65 -92.34 -27.68
C THR B 74 -11.90 -91.26 -26.90
N TRP B 75 -10.63 -91.52 -26.62
CA TRP B 75 -9.77 -90.59 -25.91
C TRP B 75 -8.68 -90.11 -26.88
N THR B 76 -8.76 -88.84 -27.24
CA THR B 76 -7.82 -88.21 -28.16
C THR B 76 -6.83 -87.36 -27.39
N GLY B 77 -5.60 -87.28 -27.89
CA GLY B 77 -4.56 -86.57 -27.18
C GLY B 77 -3.34 -86.36 -28.02
N TRP B 78 -2.22 -86.10 -27.33
CA TRP B 78 -0.95 -85.80 -27.97
C TRP B 78 0.17 -86.41 -27.13
N ASP B 79 1.17 -86.97 -27.79
CA ASP B 79 2.29 -87.59 -27.07
C ASP B 79 3.02 -86.52 -26.26
N ALA B 80 3.47 -86.91 -25.06
CA ALA B 80 4.13 -85.98 -24.15
C ALA B 80 5.45 -85.46 -24.67
N SER B 81 5.90 -85.94 -25.84
CA SER B 81 7.14 -85.45 -26.44
C SER B 81 7.09 -85.38 -27.96
N SER B 82 5.91 -85.49 -28.58
CA SER B 82 5.86 -85.52 -30.05
C SER B 82 4.52 -85.05 -30.62
N ALA B 83 3.78 -85.96 -31.28
CA ALA B 83 2.66 -85.61 -32.15
C ALA B 83 1.38 -86.29 -31.65
N ALA B 84 0.35 -86.29 -32.50
CA ALA B 84 -1.02 -86.58 -32.09
C ALA B 84 -1.32 -88.06 -32.18
N PRO B 85 -1.73 -88.73 -31.07
CA PRO B 85 -2.23 -90.11 -31.18
C PRO B 85 -3.63 -90.30 -30.62
N ILE B 86 -4.03 -91.57 -30.55
CA ILE B 86 -5.30 -92.00 -29.95
C ILE B 86 -4.98 -93.03 -28.89
N THR B 87 -5.81 -93.08 -27.86
CA THR B 87 -5.69 -94.09 -26.79
C THR B 87 -7.02 -94.80 -26.63
N LEU B 88 -6.98 -96.12 -26.56
CA LEU B 88 -8.19 -96.95 -26.45
C LEU B 88 -8.38 -97.30 -24.98
N ASP B 89 -9.23 -96.53 -24.31
CA ASP B 89 -9.64 -96.80 -22.94
C ASP B 89 -11.16 -96.79 -22.87
N LEU B 90 -11.67 -97.35 -21.78
CA LEU B 90 -13.11 -97.50 -21.64
C LEU B 90 -13.77 -96.13 -21.76
N PRO B 91 -14.74 -95.96 -22.67
CA PRO B 91 -15.34 -94.64 -22.87
C PRO B 91 -16.31 -94.31 -21.75
N GLU B 92 -16.06 -93.20 -21.05
CA GLU B 92 -16.90 -92.72 -19.97
C GLU B 92 -16.74 -93.56 -18.71
N SER B 93 -15.67 -94.32 -18.60
CA SER B 93 -15.39 -95.12 -17.43
C SER B 93 -13.99 -94.91 -16.89
N PHE B 94 -13.01 -94.76 -17.78
CA PHE B 94 -11.64 -94.58 -17.33
C PHE B 94 -11.50 -93.27 -16.56
N GLU B 95 -10.63 -93.30 -15.54
CA GLU B 95 -10.37 -92.13 -14.70
C GLU B 95 -8.87 -91.88 -14.67
N PRO B 96 -8.40 -90.71 -15.09
CA PRO B 96 -6.96 -90.45 -15.11
C PRO B 96 -6.34 -90.16 -13.74
N TRP B 97 -7.08 -90.38 -12.67
CA TRP B 97 -6.66 -90.02 -11.32
C TRP B 97 -6.72 -91.26 -10.43
N GLU B 98 -6.27 -91.09 -9.18
CA GLU B 98 -6.32 -92.17 -8.21
C GLU B 98 -7.69 -92.24 -7.54
N ARG B 99 -8.27 -91.08 -7.20
CA ARG B 99 -9.59 -91.02 -6.61
C ARG B 99 -10.31 -89.79 -7.13
N ALA B 100 -11.57 -89.97 -7.55
CA ALA B 100 -12.31 -88.86 -8.14
C ALA B 100 -12.61 -87.79 -7.10
N PHE B 101 -13.07 -88.20 -5.92
CA PHE B 101 -13.50 -87.24 -4.90
C PHE B 101 -13.19 -87.82 -3.52
N ASN B 102 -11.99 -87.51 -3.01
CA ASN B 102 -11.67 -87.85 -1.64
C ASN B 102 -12.50 -86.99 -0.70
N ASP B 103 -13.27 -87.63 0.18
CA ASP B 103 -13.97 -86.95 1.26
C ASP B 103 -13.71 -87.67 2.59
N ASP B 104 -12.50 -88.17 2.76
CA ASP B 104 -12.14 -88.86 4.00
C ASP B 104 -12.14 -87.88 5.18
N ASP B 105 -11.52 -86.70 5.01
CA ASP B 105 -11.54 -85.74 6.10
C ASP B 105 -12.75 -84.80 5.96
N PRO B 106 -13.44 -84.49 7.04
CA PRO B 106 -14.73 -83.80 6.92
C PRO B 106 -14.63 -82.48 6.16
N PRO B 107 -13.48 -81.76 6.22
CA PRO B 107 -13.38 -80.52 5.42
C PRO B 107 -12.16 -80.40 4.51
N ASN B 108 -11.49 -81.50 4.19
CA ASN B 108 -10.28 -81.44 3.37
C ASN B 108 -10.61 -81.24 1.89
N TRP B 109 -11.48 -82.07 1.34
CA TRP B 109 -11.94 -81.95 -0.05
C TRP B 109 -10.79 -81.92 -1.05
N ARG B 110 -10.27 -83.09 -1.40
CA ARG B 110 -9.39 -83.23 -2.55
C ARG B 110 -10.16 -83.85 -3.71
N TRP B 111 -9.73 -83.53 -4.93
CA TRP B 111 -10.39 -84.02 -6.14
C TRP B 111 -9.34 -84.51 -7.12
N PHE B 112 -9.57 -85.69 -7.70
CA PHE B 112 -8.73 -86.22 -8.77
C PHE B 112 -7.28 -86.38 -8.32
N GLU B 113 -7.10 -86.93 -7.12
CA GLU B 113 -5.76 -87.13 -6.58
C GLU B 113 -4.92 -87.95 -7.54
N GLY B 114 -3.63 -87.61 -7.63
CA GLY B 114 -2.70 -88.38 -8.43
C GLY B 114 -2.75 -88.04 -9.90
N GLY B 115 -3.95 -87.81 -10.43
CA GLY B 115 -4.08 -87.40 -11.81
C GLY B 115 -3.19 -86.22 -12.13
N LEU B 116 -2.51 -86.27 -13.27
CA LEU B 116 -1.57 -85.22 -13.65
C LEU B 116 -2.17 -84.37 -14.76
N THR B 117 -1.85 -83.07 -14.71
CA THR B 117 -2.33 -82.12 -15.70
C THR B 117 -1.47 -80.85 -15.58
N SER B 118 -1.94 -79.77 -16.18
CA SER B 118 -1.19 -78.51 -16.19
C SER B 118 -2.02 -77.38 -16.80
N THR B 119 -2.43 -76.41 -15.97
CA THR B 119 -3.18 -75.26 -16.48
C THR B 119 -2.45 -74.60 -17.64
N ALA B 120 -1.12 -74.60 -17.62
CA ALA B 120 -0.36 -74.04 -18.73
C ALA B 120 -0.59 -74.82 -20.01
N PHE B 121 -0.72 -76.14 -19.91
CA PHE B 121 -0.90 -76.96 -21.10
C PHE B 121 -2.28 -76.74 -21.73
N ASN B 122 -3.33 -76.80 -20.92
CA ASN B 122 -4.68 -76.67 -21.45
C ASN B 122 -5.05 -75.23 -21.79
N GLU B 123 -4.28 -74.25 -21.34
CA GLU B 123 -4.52 -72.86 -21.69
C GLU B 123 -3.68 -72.38 -22.85
N VAL B 124 -2.61 -73.09 -23.21
CA VAL B 124 -1.68 -72.63 -24.22
C VAL B 124 -1.31 -73.78 -25.17
N ASP B 125 -0.55 -74.75 -24.65
CA ASP B 125 -0.01 -75.81 -25.50
C ASP B 125 -1.12 -76.58 -26.22
N ARG B 126 -2.12 -77.03 -25.47
CA ARG B 126 -3.16 -77.89 -26.05
C ARG B 126 -3.72 -77.29 -27.34
N HIS B 127 -4.14 -76.03 -27.29
CA HIS B 127 -4.84 -75.44 -28.42
C HIS B 127 -3.93 -75.20 -29.61
N VAL B 128 -2.63 -75.01 -29.37
CA VAL B 128 -1.68 -74.94 -30.49
C VAL B 128 -1.47 -76.33 -31.07
N LEU B 129 -1.52 -77.36 -30.24
CA LEU B 129 -1.38 -78.73 -30.71
C LEU B 129 -2.55 -79.19 -31.56
N SER B 130 -3.70 -78.53 -31.43
CA SER B 130 -4.88 -78.90 -32.20
C SER B 130 -5.00 -78.14 -33.51
N GLY B 131 -3.89 -77.63 -34.03
CA GLY B 131 -3.91 -76.88 -35.27
C GLY B 131 -4.42 -75.47 -35.15
N HIS B 132 -5.07 -75.11 -34.05
CA HIS B 132 -5.53 -73.75 -33.83
C HIS B 132 -4.41 -72.81 -33.40
N GLY B 133 -3.16 -73.13 -33.72
CA GLY B 133 -2.06 -72.30 -33.28
C GLY B 133 -2.16 -70.87 -33.81
N ASP B 134 -2.59 -70.71 -35.06
CA ASP B 134 -2.69 -69.39 -35.64
C ASP B 134 -3.91 -68.60 -35.16
N GLU B 135 -4.88 -69.27 -34.54
CA GLU B 135 -6.09 -68.59 -34.08
C GLU B 135 -5.75 -67.51 -33.06
N ALA B 136 -6.67 -66.55 -32.90
CA ALA B 136 -6.49 -65.46 -31.96
C ALA B 136 -6.70 -65.95 -30.54
N ALA B 137 -5.64 -65.89 -29.73
CA ALA B 137 -5.74 -66.25 -28.32
C ALA B 137 -6.24 -65.08 -27.48
N MET B 138 -5.73 -63.87 -27.73
CA MET B 138 -6.14 -62.68 -27.00
C MET B 138 -6.20 -61.49 -27.96
N ILE B 139 -6.93 -60.47 -27.53
CA ILE B 139 -6.97 -59.18 -28.20
C ILE B 139 -6.69 -58.13 -27.14
N PHE B 140 -5.57 -57.42 -27.29
CA PHE B 140 -5.22 -56.34 -26.37
C PHE B 140 -5.58 -55.00 -26.98
N GLU B 141 -6.01 -54.07 -26.12
CA GLU B 141 -6.36 -52.73 -26.54
C GLU B 141 -5.91 -51.78 -25.43
N GLY B 142 -4.96 -50.92 -25.76
CA GLY B 142 -4.48 -49.95 -24.79
C GLY B 142 -5.53 -48.93 -24.39
N ASP B 143 -5.22 -48.20 -23.32
CA ASP B 143 -6.19 -47.27 -22.76
C ASP B 143 -6.42 -46.08 -23.67
N ARG B 144 -5.36 -45.56 -24.29
CA ARG B 144 -5.45 -44.29 -25.00
C ARG B 144 -6.28 -44.43 -26.26
N TRP B 145 -7.00 -43.37 -26.58
CA TRP B 145 -8.09 -43.40 -27.54
C TRP B 145 -7.95 -42.25 -28.53
N ASN B 146 -8.27 -42.53 -29.80
CA ASN B 146 -8.24 -41.54 -30.86
C ASN B 146 -9.66 -41.31 -31.34
N MET B 147 -10.15 -40.07 -31.18
CA MET B 147 -11.56 -39.79 -31.40
C MET B 147 -11.91 -39.77 -32.88
N ALA B 148 -10.99 -39.36 -33.74
CA ALA B 148 -11.28 -39.23 -35.16
C ALA B 148 -11.01 -40.52 -35.94
N SER B 149 -10.30 -41.47 -35.36
CA SER B 149 -9.97 -42.69 -36.07
C SER B 149 -11.23 -43.43 -36.49
N GLU B 150 -11.08 -44.28 -37.50
CA GLU B 150 -12.18 -45.10 -38.03
C GLU B 150 -13.40 -44.25 -38.32
N GLY B 151 -13.17 -43.07 -38.90
CA GLY B 151 -14.24 -42.20 -39.34
C GLY B 151 -15.00 -41.51 -38.22
N GLY B 152 -14.29 -40.84 -37.32
CA GLY B 152 -14.92 -40.07 -36.26
C GLY B 152 -15.66 -40.90 -35.23
N ARG B 153 -15.63 -42.23 -35.33
CA ARG B 153 -16.33 -43.09 -34.39
C ARG B 153 -15.41 -43.65 -33.31
N GLY B 154 -14.10 -43.55 -33.51
CA GLY B 154 -13.17 -43.85 -32.45
C GLY B 154 -12.34 -45.09 -32.75
N GLY B 155 -11.20 -45.16 -32.07
CA GLY B 155 -10.34 -46.32 -32.13
C GLY B 155 -9.24 -46.22 -31.10
N PRO B 156 -8.64 -47.35 -30.75
CA PRO B 156 -7.49 -47.31 -29.85
C PRO B 156 -6.21 -46.97 -30.59
N VAL B 157 -5.34 -46.24 -29.89
CA VAL B 157 -4.00 -45.96 -30.44
C VAL B 157 -3.13 -47.21 -30.32
N ASP B 158 -3.34 -48.01 -29.28
CA ASP B 158 -2.57 -49.22 -29.02
C ASP B 158 -3.51 -50.41 -29.10
N SER B 159 -3.30 -51.27 -30.09
CA SER B 159 -4.05 -52.52 -30.19
C SER B 159 -3.15 -53.57 -30.81
N GLU B 160 -3.27 -54.80 -30.32
CA GLU B 160 -2.50 -55.93 -30.84
C GLU B 160 -3.35 -57.18 -30.81
N VAL B 161 -3.29 -57.94 -31.89
CA VAL B 161 -3.91 -59.26 -31.98
C VAL B 161 -2.82 -60.30 -31.79
N ILE B 162 -2.93 -61.09 -30.73
CA ILE B 162 -1.92 -62.06 -30.38
C ILE B 162 -2.47 -63.46 -30.62
N SER B 163 -1.65 -64.32 -31.21
CA SER B 163 -2.06 -65.65 -31.59
C SER B 163 -1.69 -66.65 -30.51
N ARG B 164 -2.27 -67.86 -30.63
CA ARG B 164 -1.95 -68.94 -29.71
C ARG B 164 -0.49 -69.34 -29.78
N ARG B 165 0.20 -69.03 -30.89
CA ARG B 165 1.60 -69.43 -31.04
C ARG B 165 2.54 -68.46 -30.32
N LYS B 166 2.30 -67.15 -30.43
CA LYS B 166 3.16 -66.22 -29.72
C LYS B 166 2.91 -66.29 -28.21
N LEU B 167 1.68 -66.63 -27.81
CA LEU B 167 1.42 -66.88 -26.40
C LEU B 167 2.31 -68.00 -25.89
N LEU B 168 2.49 -69.06 -26.70
CA LEU B 168 3.34 -70.16 -26.32
C LEU B 168 4.82 -69.74 -26.32
N LEU B 169 5.27 -69.08 -27.39
CA LEU B 169 6.67 -68.67 -27.48
C LEU B 169 7.06 -67.78 -26.31
N GLU B 170 6.36 -66.65 -26.14
CA GLU B 170 6.76 -65.69 -25.12
C GLU B 170 6.66 -66.30 -23.73
N SER B 171 5.52 -66.89 -23.40
CA SER B 171 5.37 -67.51 -22.09
C SER B 171 6.41 -68.62 -21.89
N ALA B 172 6.78 -69.32 -22.97
CA ALA B 172 7.88 -70.27 -22.88
C ALA B 172 9.18 -69.57 -22.54
N LYS B 173 9.40 -68.38 -23.09
CA LYS B 173 10.55 -67.59 -22.65
C LYS B 173 10.37 -67.12 -21.21
N CYS B 174 9.17 -66.61 -20.88
CA CYS B 174 8.90 -66.21 -19.50
C CYS B 174 9.13 -67.36 -18.54
N ALA B 175 8.75 -68.57 -18.94
CA ALA B 175 9.04 -69.74 -18.12
C ALA B 175 10.53 -69.90 -17.90
N LEU B 176 11.32 -69.79 -18.97
CA LEU B 176 12.76 -69.96 -18.86
C LEU B 176 13.40 -68.81 -18.08
N ALA B 177 12.84 -67.61 -18.20
CA ALA B 177 13.35 -66.49 -17.42
C ALA B 177 13.30 -66.79 -15.93
N LEU B 178 12.16 -67.31 -15.45
CA LEU B 178 12.04 -67.68 -14.05
C LEU B 178 13.14 -68.65 -13.65
N LYS B 179 13.40 -69.66 -14.48
CA LYS B 179 14.53 -70.55 -14.25
C LYS B 179 15.83 -69.76 -14.14
N ALA B 180 16.05 -68.82 -15.07
CA ALA B 180 17.29 -68.05 -15.07
C ALA B 180 17.48 -67.28 -13.77
N LEU B 181 16.39 -66.91 -13.10
CA LEU B 181 16.46 -66.15 -11.87
C LEU B 181 16.61 -67.03 -10.63
N GLY B 182 16.73 -68.35 -10.80
CA GLY B 182 17.00 -69.26 -9.71
C GLY B 182 15.78 -69.92 -9.11
N LEU B 183 14.59 -69.65 -9.64
CA LEU B 183 13.38 -70.21 -9.06
C LEU B 183 13.26 -71.69 -9.37
N GLU B 184 12.40 -72.36 -8.60
CA GLU B 184 12.14 -73.78 -8.79
C GLU B 184 10.64 -74.01 -8.65
N ALA B 185 10.23 -75.28 -8.76
CA ALA B 185 8.80 -75.58 -8.87
C ALA B 185 8.04 -75.20 -7.61
N GLY B 186 8.69 -75.21 -6.45
CA GLY B 186 7.97 -74.87 -5.22
C GLY B 186 7.85 -73.38 -4.96
N ASP B 187 8.82 -72.60 -5.43
CA ASP B 187 8.91 -71.19 -5.08
C ASP B 187 7.69 -70.42 -5.59
N ARG B 188 7.49 -69.24 -4.99
CA ARG B 188 6.36 -68.36 -5.33
C ARG B 188 6.89 -67.06 -5.92
N ILE B 189 6.00 -66.37 -6.65
CA ILE B 189 6.30 -65.05 -7.19
C ILE B 189 5.08 -64.15 -7.04
N ALA B 190 5.32 -62.86 -7.11
CA ALA B 190 4.27 -61.84 -6.95
C ALA B 190 4.19 -60.98 -8.19
N LEU B 191 2.97 -60.67 -8.60
CA LEU B 191 2.74 -59.84 -9.77
C LEU B 191 2.09 -58.54 -9.34
N ASN B 192 2.60 -57.45 -9.88
CA ASN B 192 2.05 -56.15 -9.66
C ASN B 192 2.13 -55.43 -11.01
N MET B 193 1.24 -55.80 -11.92
CA MET B 193 1.28 -55.31 -13.29
C MET B 193 -0.09 -54.85 -13.74
N PRO B 194 -0.15 -53.93 -14.70
CA PRO B 194 -1.43 -53.57 -15.29
C PRO B 194 -1.94 -54.68 -16.20
N SER B 195 -3.19 -54.51 -16.65
CA SER B 195 -3.83 -55.46 -17.55
C SER B 195 -3.22 -55.29 -18.95
N ILE B 196 -2.10 -55.96 -19.16
CA ILE B 196 -1.36 -55.89 -20.43
C ILE B 196 -0.94 -57.30 -20.82
N PRO B 197 -0.58 -57.50 -22.09
CA PRO B 197 -0.24 -58.86 -22.54
C PRO B 197 0.93 -59.49 -21.81
N GLU B 198 1.93 -58.70 -21.41
CA GLU B 198 3.10 -59.28 -20.75
C GLU B 198 2.74 -59.95 -19.44
N GLN B 199 1.75 -59.43 -18.71
CA GLN B 199 1.34 -60.09 -17.48
C GLN B 199 0.80 -61.49 -17.76
N ILE B 200 0.29 -61.72 -18.97
CA ILE B 200 -0.16 -63.06 -19.33
C ILE B 200 1.03 -63.96 -19.65
N TYR B 201 1.96 -63.46 -20.46
CA TYR B 201 3.12 -64.26 -20.81
C TYR B 201 3.80 -64.78 -19.56
N TRP B 202 3.88 -63.96 -18.52
CA TRP B 202 4.57 -64.36 -17.30
C TRP B 202 3.73 -65.35 -16.50
N THR B 203 2.46 -65.03 -16.26
CA THR B 203 1.65 -65.91 -15.44
C THR B 203 1.50 -67.28 -16.09
N GLU B 204 1.34 -67.32 -17.41
CA GLU B 204 1.24 -68.60 -18.10
C GLU B 204 2.58 -69.32 -18.14
N GLY B 205 3.69 -68.59 -18.00
CA GLY B 205 4.97 -69.23 -17.80
C GLY B 205 5.18 -69.69 -16.37
N ALA B 206 4.54 -69.01 -15.42
CA ALA B 206 4.57 -69.47 -14.04
C ALA B 206 3.76 -70.75 -13.88
N LYS B 207 2.57 -70.80 -14.47
CA LYS B 207 1.80 -72.03 -14.50
C LYS B 207 2.58 -73.15 -15.16
N ARG B 208 3.36 -72.80 -16.18
CA ARG B 208 4.12 -73.81 -16.92
C ARG B 208 5.12 -74.51 -16.01
N MET B 209 5.93 -73.72 -15.29
CA MET B 209 7.01 -74.23 -14.45
C MET B 209 6.56 -74.61 -13.05
N GLY B 210 5.25 -74.67 -12.81
CA GLY B 210 4.76 -75.01 -11.49
C GLY B 210 5.04 -73.97 -10.43
N ILE B 211 5.37 -72.75 -10.84
CA ILE B 211 5.65 -71.67 -9.89
C ILE B 211 4.33 -70.99 -9.54
N VAL B 212 4.03 -70.93 -8.25
CA VAL B 212 2.77 -70.36 -7.78
C VAL B 212 2.90 -68.85 -7.68
N TYR B 213 2.00 -68.14 -8.35
CA TYR B 213 2.02 -66.68 -8.40
C TYR B 213 0.87 -66.11 -7.60
N THR B 214 1.02 -64.85 -7.22
CA THR B 214 -0.05 -64.09 -6.55
C THR B 214 -0.24 -62.77 -7.31
N PRO B 215 -1.33 -62.60 -8.06
CA PRO B 215 -1.55 -61.35 -8.78
C PRO B 215 -2.07 -60.28 -7.83
N VAL B 216 -1.34 -59.17 -7.75
CA VAL B 216 -1.68 -58.09 -6.83
C VAL B 216 -2.10 -56.89 -7.67
N PHE B 217 -3.41 -56.65 -7.69
CA PHE B 217 -4.01 -55.44 -8.28
C PHE B 217 -3.21 -54.19 -7.92
N GLY B 218 -3.13 -53.24 -8.85
CA GLY B 218 -2.25 -52.11 -8.72
C GLY B 218 -2.84 -50.87 -8.08
N GLY B 219 -4.02 -50.96 -7.48
CA GLY B 219 -4.59 -49.82 -6.80
C GLY B 219 -4.31 -49.83 -5.30
N PHE B 220 -4.13 -51.02 -4.75
CA PHE B 220 -3.87 -51.19 -3.33
C PHE B 220 -2.60 -50.43 -2.94
N SER B 221 -2.40 -50.32 -1.63
CA SER B 221 -1.26 -49.59 -1.10
C SER B 221 0.03 -50.39 -1.31
N ASP B 222 1.15 -49.66 -1.25
CA ASP B 222 2.44 -50.34 -1.26
C ASP B 222 2.53 -51.32 -0.10
N LYS B 223 1.94 -50.97 1.05
CA LYS B 223 1.97 -51.87 2.21
C LYS B 223 1.15 -53.12 1.96
N THR B 224 0.01 -52.98 1.27
CA THR B 224 -0.75 -54.17 0.90
C THR B 224 0.11 -55.13 0.11
N LEU B 225 0.75 -54.63 -0.96
CA LEU B 225 1.65 -55.43 -1.78
C LEU B 225 2.78 -56.05 -0.96
N SER B 226 3.24 -55.35 0.08
CA SER B 226 4.27 -55.89 0.95
C SER B 226 3.76 -57.07 1.76
N ASP B 227 2.51 -56.99 2.25
CA ASP B 227 1.92 -58.09 2.99
C ASP B 227 1.78 -59.33 2.11
N ARG B 228 1.29 -59.15 0.88
CA ARG B 228 1.15 -60.28 -0.04
C ARG B 228 2.50 -60.94 -0.30
N ILE B 229 3.55 -60.13 -0.49
CA ILE B 229 4.86 -60.66 -0.81
C ILE B 229 5.41 -61.46 0.35
N ALA B 230 5.46 -60.86 1.54
CA ALA B 230 5.97 -61.56 2.71
C ALA B 230 5.15 -62.82 2.99
N ASP B 231 3.83 -62.72 2.93
CA ASP B 231 3.00 -63.86 3.29
C ASP B 231 3.12 -64.98 2.27
N ALA B 232 3.24 -64.62 1.00
CA ALA B 232 3.35 -65.61 -0.06
C ALA B 232 4.75 -66.22 -0.13
N GLY B 233 5.74 -65.57 0.46
CA GLY B 233 7.09 -66.07 0.40
C GLY B 233 7.73 -65.90 -0.96
N ALA B 234 7.36 -64.85 -1.69
CA ALA B 234 7.88 -64.59 -3.01
C ALA B 234 9.23 -63.89 -2.92
N ARG B 235 10.26 -64.51 -3.48
CA ARG B 235 11.60 -63.95 -3.50
C ARG B 235 11.88 -63.13 -4.76
N VAL B 236 10.94 -63.08 -5.71
CA VAL B 236 11.07 -62.24 -6.88
C VAL B 236 9.71 -61.64 -7.21
N VAL B 237 9.73 -60.48 -7.87
CA VAL B 237 8.52 -59.74 -8.23
C VAL B 237 8.59 -59.41 -9.71
N VAL B 238 7.42 -59.40 -10.36
CA VAL B 238 7.29 -59.02 -11.76
C VAL B 238 6.32 -57.85 -11.82
N THR B 239 6.83 -56.67 -12.14
CA THR B 239 6.00 -55.47 -12.23
C THR B 239 6.26 -54.78 -13.58
N ALA B 240 5.82 -53.53 -13.68
CA ALA B 240 6.04 -52.73 -14.87
C ALA B 240 6.44 -51.32 -14.46
N ASP B 241 7.09 -50.62 -15.37
CA ASP B 241 7.43 -49.22 -15.12
C ASP B 241 6.19 -48.40 -14.89
N GLY B 242 5.10 -48.73 -15.56
CA GLY B 242 3.86 -47.97 -15.42
C GLY B 242 2.82 -48.45 -16.43
N SER B 243 1.68 -47.77 -16.39
CA SER B 243 0.59 -48.05 -17.31
C SER B 243 -0.14 -46.74 -17.63
N TYR B 244 -1.02 -46.81 -18.63
CA TYR B 244 -1.81 -45.67 -19.06
C TYR B 244 -3.24 -45.85 -18.58
N ARG B 245 -3.68 -44.97 -17.68
CA ARG B 245 -5.04 -45.00 -17.16
C ARG B 245 -5.72 -43.68 -17.54
N ASN B 246 -6.81 -43.78 -18.30
CA ASN B 246 -7.55 -42.61 -18.72
C ASN B 246 -6.64 -41.59 -19.41
N ALA B 247 -5.71 -42.10 -20.21
CA ALA B 247 -4.80 -41.28 -20.99
C ALA B 247 -3.81 -40.52 -20.11
N GLN B 248 -3.43 -41.11 -18.98
CA GLN B 248 -2.44 -40.53 -18.09
C GLN B 248 -1.45 -41.63 -17.72
N MET B 249 -0.17 -41.28 -17.72
CA MET B 249 0.89 -42.21 -17.35
C MET B 249 0.91 -42.35 -15.83
N VAL B 250 0.67 -43.57 -15.34
CA VAL B 250 0.55 -43.87 -13.92
C VAL B 250 1.73 -44.76 -13.51
N PRO B 251 2.68 -44.26 -12.73
CA PRO B 251 3.80 -45.10 -12.32
C PRO B 251 3.34 -46.34 -11.56
N PHE B 252 4.12 -47.41 -11.72
CA PHE B 252 3.88 -48.67 -11.01
C PHE B 252 5.07 -49.01 -10.12
N LYS B 253 6.21 -49.42 -10.68
CA LYS B 253 7.38 -49.84 -9.94
C LYS B 253 7.75 -48.84 -8.84
N PRO B 254 8.01 -47.58 -9.15
CA PRO B 254 8.44 -46.64 -8.10
C PRO B 254 7.36 -46.32 -7.09
N SER B 255 6.08 -46.50 -7.42
CA SER B 255 5.04 -46.21 -6.47
C SER B 255 4.69 -47.42 -5.60
N TYR B 256 4.81 -48.64 -6.11
CA TYR B 256 4.33 -49.82 -5.40
C TYR B 256 5.47 -50.76 -5.05
N THR B 257 6.10 -51.42 -6.02
CA THR B 257 7.10 -52.42 -5.69
C THR B 257 8.27 -51.81 -4.91
N ASP B 258 8.78 -50.67 -5.40
CA ASP B 258 9.93 -50.05 -4.71
C ASP B 258 9.63 -49.80 -3.23
N PRO B 259 8.63 -49.00 -2.85
CA PRO B 259 8.37 -48.79 -1.43
C PRO B 259 8.01 -50.07 -0.68
N ALA B 260 7.36 -51.00 -1.37
CA ALA B 260 6.91 -52.21 -0.70
C ALA B 260 8.09 -53.02 -0.18
N LEU B 261 9.21 -52.97 -0.88
CA LEU B 261 10.39 -53.75 -0.52
C LEU B 261 11.37 -52.98 0.33
N ASP B 262 11.52 -51.68 0.08
CA ASP B 262 12.49 -50.89 0.81
C ASP B 262 11.99 -50.43 2.19
N ASN B 263 10.68 -50.19 2.32
CA ASN B 263 10.15 -49.48 3.49
C ASN B 263 9.46 -50.38 4.51
N PHE B 264 9.38 -51.68 4.26
CA PHE B 264 8.69 -52.59 5.16
C PHE B 264 9.52 -53.85 5.35
N ILE B 265 9.29 -54.51 6.48
CA ILE B 265 9.93 -55.78 6.80
C ILE B 265 8.90 -56.67 7.48
N ALA B 266 9.09 -57.97 7.35
CA ALA B 266 8.14 -58.92 7.89
C ALA B 266 8.26 -58.96 9.41
N VAL B 267 7.12 -59.15 10.07
CA VAL B 267 7.10 -59.14 11.54
C VAL B 267 8.05 -60.19 12.12
N PRO B 268 8.03 -61.45 11.68
CA PRO B 268 9.03 -62.40 12.19
C PRO B 268 10.45 -61.92 12.03
N VAL B 269 10.74 -61.24 10.92
CA VAL B 269 12.09 -60.75 10.69
C VAL B 269 12.42 -59.65 11.68
N ALA B 270 11.46 -58.79 11.97
CA ALA B 270 11.68 -57.71 12.93
C ALA B 270 11.98 -58.27 14.30
N MET B 271 11.14 -59.19 14.79
CA MET B 271 11.30 -59.67 16.16
C MET B 271 12.64 -60.38 16.34
N GLU B 272 13.10 -61.12 15.33
CA GLU B 272 14.38 -61.80 15.50
C GLU B 272 15.53 -60.81 15.40
N LEU B 273 15.41 -59.81 14.53
CA LEU B 273 16.39 -58.73 14.51
C LEU B 273 16.42 -58.00 15.84
N LEU B 274 15.25 -57.66 16.37
CA LEU B 274 15.17 -57.04 17.69
C LEU B 274 15.88 -57.90 18.72
N GLY B 275 15.73 -59.22 18.64
CA GLY B 275 16.38 -60.09 19.60
C GLY B 275 17.90 -60.07 19.49
N GLN B 276 18.41 -60.13 18.26
CA GLN B 276 19.85 -60.02 18.06
C GLN B 276 20.40 -58.77 18.73
N ALA B 277 19.76 -57.62 18.49
CA ALA B 277 20.22 -56.36 19.06
C ALA B 277 20.32 -56.42 20.57
N LEU B 278 19.49 -57.25 21.22
CA LEU B 278 19.49 -57.39 22.67
C LEU B 278 20.59 -58.33 23.19
N GLU B 279 21.70 -58.51 22.45
CA GLU B 279 22.78 -59.40 22.88
C GLU B 279 24.14 -58.68 22.89
N VAL B 284 24.97 -56.29 28.57
CA VAL B 284 24.09 -57.22 29.28
C VAL B 284 22.75 -56.55 29.60
N VAL B 285 21.69 -56.98 28.92
CA VAL B 285 20.37 -56.39 29.09
C VAL B 285 19.61 -57.17 30.14
N ALA B 286 18.99 -56.45 31.08
CA ALA B 286 18.23 -57.09 32.14
C ALA B 286 16.99 -57.77 31.57
N PRO B 287 16.64 -58.96 32.07
CA PRO B 287 15.45 -59.64 31.52
C PRO B 287 14.18 -58.82 31.61
N GLU B 288 13.97 -58.08 32.70
CA GLU B 288 12.77 -57.26 32.83
C GLU B 288 12.78 -56.11 31.83
N HIS B 289 13.96 -55.57 31.55
CA HIS B 289 14.07 -54.52 30.54
C HIS B 289 13.93 -55.10 29.14
N ALA B 290 14.55 -56.25 28.89
CA ALA B 290 14.44 -56.89 27.59
C ALA B 290 13.04 -57.42 27.35
N GLY B 291 12.40 -57.94 28.38
CA GLY B 291 11.07 -58.51 28.22
C GLY B 291 10.01 -57.45 27.93
N LEU B 292 10.15 -56.26 28.54
CA LEU B 292 9.21 -55.19 28.26
C LEU B 292 9.42 -54.61 26.87
N ILE B 293 10.66 -54.66 26.36
CA ILE B 293 10.92 -54.20 25.01
C ILE B 293 10.33 -55.16 23.98
N ARG B 294 10.54 -56.47 24.19
CA ARG B 294 9.94 -57.45 23.27
C ARG B 294 8.43 -57.39 23.32
N SER B 295 7.85 -57.23 24.52
CA SER B 295 6.40 -57.27 24.62
C SER B 295 5.77 -56.01 24.03
N GLU B 296 6.31 -54.84 24.39
CA GLU B 296 5.76 -53.60 23.85
C GLU B 296 5.86 -53.55 22.34
N VAL B 297 6.94 -54.10 21.78
CA VAL B 297 7.07 -54.20 20.33
C VAL B 297 6.07 -55.20 19.78
N ALA B 298 5.93 -56.34 20.44
CA ALA B 298 5.03 -57.37 19.96
C ALA B 298 3.60 -56.84 19.89
N GLY B 299 3.18 -56.07 20.89
CA GLY B 299 1.82 -55.55 20.89
C GLY B 299 1.56 -54.61 19.72
N LEU B 300 2.53 -53.76 19.40
CA LEU B 300 2.36 -52.87 18.26
C LEU B 300 2.45 -53.58 16.93
N LEU B 301 2.97 -54.81 16.91
CA LEU B 301 3.03 -55.60 15.70
C LEU B 301 1.97 -56.69 15.64
N ASP B 302 1.19 -56.89 16.71
CA ASP B 302 0.25 -58.00 16.75
C ASP B 302 -0.76 -57.86 15.62
N GLY B 303 -0.91 -58.93 14.83
CA GLY B 303 -1.85 -58.97 13.74
C GLY B 303 -1.33 -58.42 12.43
N GLU B 304 -0.07 -57.99 12.39
CA GLU B 304 0.50 -57.39 11.19
C GLU B 304 1.45 -58.38 10.53
N VAL B 305 1.50 -58.31 9.21
CA VAL B 305 2.41 -59.13 8.42
C VAL B 305 3.74 -58.44 8.21
N THR B 306 3.69 -57.21 7.70
CA THR B 306 4.87 -56.36 7.50
C THR B 306 4.59 -54.99 8.11
N VAL B 307 5.66 -54.32 8.52
CA VAL B 307 5.56 -53.02 9.18
C VAL B 307 6.78 -52.18 8.81
N GLU B 308 6.62 -50.87 8.94
CA GLU B 308 7.77 -49.98 8.82
C GLU B 308 8.68 -50.19 10.03
N ARG B 309 9.98 -50.00 9.82
CA ARG B 309 10.94 -50.23 10.90
C ARG B 309 10.69 -49.29 12.06
N SER B 310 10.03 -48.16 11.81
CA SER B 310 9.73 -47.21 12.88
C SER B 310 8.65 -47.73 13.81
N ASP B 311 7.78 -48.61 13.30
CA ASP B 311 6.79 -49.23 14.18
C ASP B 311 7.47 -49.98 15.32
N VAL B 312 8.59 -50.64 15.04
CA VAL B 312 9.32 -51.34 16.09
C VAL B 312 9.99 -50.35 17.03
N MET B 313 10.56 -49.27 16.47
CA MET B 313 11.27 -48.30 17.30
C MET B 313 10.32 -47.59 18.25
N ARG B 314 9.13 -47.21 17.77
CA ARG B 314 8.15 -46.61 18.65
C ARG B 314 7.84 -47.52 19.83
N GLY B 315 7.83 -48.83 19.61
CA GLY B 315 7.65 -49.76 20.71
C GLY B 315 8.80 -49.70 21.70
N VAL B 316 10.03 -49.79 21.19
CA VAL B 316 11.20 -49.70 22.06
C VAL B 316 11.14 -48.42 22.87
N GLY B 317 10.60 -47.35 22.30
CA GLY B 317 10.51 -46.09 23.01
C GLY B 317 9.51 -46.14 24.16
N LYS B 318 8.37 -46.79 23.95
CA LYS B 318 7.40 -46.92 25.03
C LYS B 318 7.98 -47.74 26.18
N ALA B 319 8.77 -48.77 25.86
CA ALA B 319 9.36 -49.61 26.89
C ALA B 319 10.42 -48.85 27.68
N LEU B 320 11.30 -48.11 27.00
CA LEU B 320 12.34 -47.38 27.70
C LEU B 320 11.76 -46.21 28.50
N THR B 321 10.70 -45.58 28.00
CA THR B 321 10.05 -44.51 28.75
C THR B 321 9.45 -45.03 30.05
N ALA B 322 8.69 -46.12 29.97
CA ALA B 322 8.16 -46.74 31.17
C ALA B 322 9.25 -47.01 32.18
N ILE B 323 10.42 -47.45 31.71
CA ILE B 323 11.54 -47.74 32.61
C ILE B 323 12.08 -46.47 33.24
N ALA B 324 12.15 -45.38 32.46
CA ALA B 324 12.70 -44.15 33.00
C ALA B 324 11.78 -43.56 34.05
N SER B 325 10.47 -43.72 33.89
CA SER B 325 9.53 -43.18 34.86
C SER B 325 9.36 -44.07 36.08
N GLY B 326 10.02 -45.23 36.13
CA GLY B 326 9.91 -46.13 37.26
C GLY B 326 8.64 -46.96 37.29
N GLU B 327 7.64 -46.61 36.48
CA GLU B 327 6.39 -47.36 36.47
C GLU B 327 6.60 -48.78 35.93
N ALA B 328 7.58 -48.98 35.07
CA ALA B 328 7.87 -50.32 34.60
C ALA B 328 8.32 -51.21 35.77
N ALA B 329 8.11 -52.50 35.61
CA ALA B 329 8.62 -53.44 36.59
C ALA B 329 10.14 -53.41 36.56
N GLY B 330 10.74 -53.46 37.72
CA GLY B 330 12.18 -53.51 37.82
C GLY B 330 12.79 -52.16 38.06
N GLY B 331 14.11 -52.11 37.87
CA GLY B 331 14.89 -50.94 38.16
C GLY B 331 15.25 -50.13 36.93
N ALA B 332 15.99 -49.05 37.19
CA ALA B 332 16.32 -48.09 36.16
C ALA B 332 17.39 -48.64 35.22
N MET B 333 17.35 -48.17 33.97
CA MET B 333 18.38 -48.46 33.00
C MET B 333 19.27 -47.24 32.85
N THR B 334 20.58 -47.46 32.80
CA THR B 334 21.50 -46.36 32.70
C THR B 334 21.27 -45.63 31.38
N PRO B 335 21.41 -44.31 31.34
CA PRO B 335 21.27 -43.61 30.06
C PRO B 335 22.17 -44.16 28.98
N ARG B 336 23.40 -44.57 29.34
CA ARG B 336 24.28 -45.15 28.32
C ARG B 336 23.68 -46.41 27.73
N GLN B 337 23.19 -47.31 28.59
CA GLN B 337 22.67 -48.58 28.10
C GLN B 337 21.46 -48.35 27.18
N ALA B 338 20.51 -47.52 27.62
CA ALA B 338 19.36 -47.22 26.78
C ALA B 338 19.80 -46.67 25.44
N ALA B 339 20.78 -45.75 25.47
CA ALA B 339 21.30 -45.19 24.22
C ALA B 339 21.87 -46.27 23.32
N GLN B 340 22.60 -47.22 23.90
CA GLN B 340 23.21 -48.29 23.11
C GLN B 340 22.15 -49.22 22.53
N LEU B 341 21.12 -49.57 23.31
CA LEU B 341 20.06 -50.43 22.79
C LEU B 341 19.37 -49.77 21.60
N ARG B 342 18.90 -48.53 21.78
CA ARG B 342 18.29 -47.82 20.66
C ARG B 342 19.19 -47.88 19.44
N ILE B 343 20.48 -47.61 19.63
CA ILE B 343 21.44 -47.65 18.53
C ILE B 343 21.54 -49.07 17.97
N ALA B 344 21.57 -50.07 18.84
CA ALA B 344 21.72 -51.44 18.38
C ALA B 344 20.55 -51.89 17.53
N ILE B 345 19.35 -51.43 17.89
CA ILE B 345 18.14 -51.92 17.23
C ILE B 345 17.93 -51.20 15.90
N ALA B 346 18.13 -49.88 15.87
CA ALA B 346 18.02 -49.16 14.61
C ALA B 346 19.00 -49.72 13.58
N SER B 347 20.26 -49.90 13.98
CA SER B 347 21.25 -50.43 13.05
C SER B 347 20.83 -51.78 12.50
N ALA B 348 20.33 -52.66 13.36
CA ALA B 348 19.93 -54.00 12.89
C ALA B 348 18.71 -53.95 11.97
N LEU B 349 17.77 -53.03 12.21
CA LEU B 349 16.56 -53.01 11.40
C LEU B 349 16.81 -52.45 10.01
N VAL B 350 17.64 -51.40 9.90
CA VAL B 350 17.89 -50.79 8.60
C VAL B 350 18.71 -51.72 7.73
N ASP B 351 19.67 -52.42 8.32
CA ASP B 351 20.51 -53.40 7.62
C ASP B 351 19.87 -54.77 7.59
N SER B 352 18.56 -54.82 7.38
CA SER B 352 17.87 -56.09 7.33
C SER B 352 18.24 -56.85 6.07
N PRO B 353 18.03 -58.17 6.05
CA PRO B 353 18.32 -58.92 4.84
C PRO B 353 17.43 -58.47 3.72
N PRO B 354 17.86 -58.63 2.47
CA PRO B 354 16.95 -58.37 1.35
C PRO B 354 15.79 -59.36 1.33
N ARG B 355 14.61 -58.86 0.96
CA ARG B 355 13.41 -59.67 0.90
C ARG B 355 13.18 -60.33 -0.45
N VAL B 356 13.96 -59.95 -1.45
CA VAL B 356 13.70 -60.30 -2.84
C VAL B 356 15.03 -60.50 -3.56
N ASP B 357 15.13 -61.61 -4.30
CA ASP B 357 16.34 -61.90 -5.05
C ASP B 357 16.46 -61.07 -6.33
N ALA B 358 15.33 -60.68 -6.91
CA ALA B 358 15.34 -59.95 -8.17
C ALA B 358 13.93 -59.44 -8.45
N VAL B 359 13.86 -58.33 -9.20
CA VAL B 359 12.60 -57.76 -9.65
C VAL B 359 12.64 -57.67 -11.17
N VAL B 360 11.55 -58.09 -11.82
CA VAL B 360 11.44 -58.04 -13.27
C VAL B 360 10.52 -56.88 -13.66
N VAL B 361 11.03 -55.96 -14.47
CA VAL B 361 10.35 -54.72 -14.80
C VAL B 361 10.07 -54.68 -16.29
N VAL B 362 8.79 -54.64 -16.64
CA VAL B 362 8.39 -54.52 -18.04
C VAL B 362 8.42 -53.06 -18.44
N LYS B 363 8.96 -52.78 -19.62
CA LYS B 363 8.94 -51.43 -20.19
C LYS B 363 7.65 -51.31 -20.98
N HIS B 364 6.67 -50.59 -20.40
CA HIS B 364 5.36 -50.40 -21.00
C HIS B 364 5.04 -48.93 -21.26
N THR B 365 5.22 -48.07 -20.27
CA THR B 365 5.02 -46.63 -20.45
C THR B 365 6.30 -45.93 -20.89
N ALA B 366 7.46 -46.42 -20.47
CA ALA B 366 8.75 -45.94 -20.93
C ALA B 366 8.98 -44.48 -20.54
N GLN B 367 8.70 -44.18 -19.29
CA GLN B 367 8.97 -42.83 -18.83
C GLN B 367 10.43 -42.69 -18.43
N PRO B 368 11.01 -41.51 -18.61
CA PRO B 368 12.41 -41.31 -18.23
C PRO B 368 12.58 -41.14 -16.72
N ASP B 369 13.84 -41.23 -16.29
CA ASP B 369 14.20 -41.13 -14.88
C ASP B 369 13.31 -42.04 -14.03
N LEU B 370 13.50 -43.34 -14.26
CA LEU B 370 12.79 -44.38 -13.53
C LEU B 370 13.66 -44.90 -12.41
N PRO B 371 13.34 -44.66 -11.14
CA PRO B 371 14.21 -45.16 -10.06
C PRO B 371 14.50 -46.63 -10.22
N TRP B 372 15.78 -46.98 -10.13
CA TRP B 372 16.25 -48.29 -10.55
C TRP B 372 17.34 -48.75 -9.60
N ASN B 373 17.08 -49.85 -8.89
CA ASN B 373 18.09 -50.51 -8.07
C ASN B 373 18.80 -51.51 -8.95
N GLU B 374 20.04 -51.21 -9.32
CA GLU B 374 20.76 -52.06 -10.26
C GLU B 374 21.06 -53.43 -9.67
N ALA B 375 20.85 -53.62 -8.37
CA ALA B 375 21.18 -54.88 -7.72
C ALA B 375 20.07 -55.92 -7.83
N ARG B 376 18.82 -55.49 -7.98
CA ARG B 376 17.70 -56.42 -8.10
C ARG B 376 16.86 -56.22 -9.35
N ASP B 377 17.00 -55.10 -10.06
CA ASP B 377 16.10 -54.77 -11.14
C ASP B 377 16.63 -55.27 -12.49
N HIS B 378 15.78 -55.99 -13.22
CA HIS B 378 16.08 -56.48 -14.56
C HIS B 378 14.94 -56.10 -15.49
N TRP B 379 15.28 -55.57 -16.66
CA TRP B 379 14.25 -55.34 -17.67
C TRP B 379 13.68 -56.67 -18.13
N SER B 380 12.35 -56.72 -18.27
CA SER B 380 11.72 -57.96 -18.71
C SER B 380 12.13 -58.30 -20.14
N HIS B 381 12.29 -57.29 -21.01
CA HIS B 381 12.66 -57.57 -22.38
C HIS B 381 14.04 -58.21 -22.46
N ASP B 382 14.94 -57.87 -21.55
CA ASP B 382 16.23 -58.53 -21.51
C ASP B 382 16.08 -60.00 -21.13
N LEU B 383 15.43 -60.27 -19.99
CA LEU B 383 15.31 -61.65 -19.52
C LEU B 383 14.57 -62.51 -20.53
N THR B 384 13.50 -61.99 -21.12
CA THR B 384 12.78 -62.75 -22.14
C THR B 384 13.66 -62.96 -23.36
N ALA B 385 14.38 -61.91 -23.78
CA ALA B 385 15.25 -62.03 -24.95
C ALA B 385 16.34 -63.06 -24.72
N ALA B 386 17.07 -62.94 -23.61
CA ALA B 386 18.06 -63.96 -23.27
C ALA B 386 17.42 -65.34 -23.25
N ALA B 387 16.25 -65.45 -22.62
CA ALA B 387 15.57 -66.74 -22.54
C ALA B 387 15.23 -67.27 -23.92
N GLY B 388 15.08 -66.39 -24.90
CA GLY B 388 14.90 -66.85 -26.26
C GLY B 388 16.16 -67.48 -26.83
N GLU B 389 17.30 -66.80 -26.69
CA GLU B 389 18.54 -67.36 -27.20
C GLU B 389 18.79 -68.74 -26.63
N GLU B 390 18.40 -68.98 -25.38
CA GLU B 390 18.50 -70.32 -24.81
C GLU B 390 17.42 -71.24 -25.36
N LEU B 391 16.23 -70.72 -25.65
CA LEU B 391 15.18 -71.53 -26.23
C LEU B 391 15.53 -71.96 -27.65
N LEU B 392 16.23 -71.10 -28.39
CA LEU B 392 16.69 -71.46 -29.73
C LEU B 392 17.76 -72.55 -29.65
N LYS B 393 18.84 -72.28 -28.92
CA LYS B 393 19.94 -73.24 -28.83
C LYS B 393 19.42 -74.61 -28.43
N ALA B 394 18.45 -74.66 -27.52
CA ALA B 394 17.88 -75.94 -27.12
C ALA B 394 17.13 -76.59 -28.27
N ALA B 395 16.37 -75.81 -29.03
CA ALA B 395 15.60 -76.38 -30.14
C ALA B 395 16.54 -76.91 -31.22
N ARG B 396 17.49 -76.09 -31.69
CA ARG B 396 18.35 -76.52 -32.78
C ARG B 396 19.17 -77.75 -32.37
N ASP B 397 19.60 -77.81 -31.10
CA ASP B 397 20.31 -78.98 -30.61
C ASP B 397 19.42 -80.22 -30.62
N ALA B 398 18.12 -80.06 -30.82
CA ALA B 398 17.21 -81.18 -31.02
C ALA B 398 17.01 -81.52 -32.49
N GLY B 399 17.77 -80.90 -33.39
CA GLY B 399 17.68 -81.15 -34.81
C GLY B 399 16.62 -80.30 -35.50
N PHE B 400 16.85 -78.98 -35.55
CA PHE B 400 15.91 -78.05 -36.17
C PHE B 400 16.57 -77.01 -37.07
N ASP B 401 17.77 -76.52 -36.75
CA ASP B 401 18.46 -75.50 -37.55
C ASP B 401 17.60 -74.24 -37.67
N VAL B 402 17.55 -73.50 -36.57
CA VAL B 402 16.81 -72.24 -36.51
C VAL B 402 17.75 -71.14 -36.03
N ALA B 403 18.01 -70.17 -36.90
CA ALA B 403 18.92 -69.07 -36.57
C ALA B 403 18.24 -68.06 -35.66
N ASP B 404 17.14 -67.47 -36.11
CA ASP B 404 16.43 -66.44 -35.36
C ASP B 404 14.97 -66.88 -35.14
N GLU B 405 14.31 -66.21 -34.18
CA GLU B 405 12.93 -66.55 -33.87
C GLU B 405 12.04 -66.42 -35.09
N GLU B 406 12.37 -65.50 -36.00
CA GLU B 406 11.59 -65.35 -37.23
C GLU B 406 11.42 -66.70 -37.93
N ALA B 407 12.52 -67.43 -38.09
CA ALA B 407 12.46 -68.73 -38.74
C ALA B 407 11.67 -69.74 -37.92
N LEU B 408 11.65 -69.58 -36.60
CA LEU B 408 10.94 -70.54 -35.75
C LEU B 408 9.44 -70.48 -36.00
N LEU B 409 8.89 -69.28 -36.15
CA LEU B 409 7.45 -69.13 -36.34
C LEU B 409 6.99 -69.54 -37.74
N ALA B 410 7.90 -69.97 -38.61
CA ALA B 410 7.53 -70.25 -39.99
C ALA B 410 7.14 -71.70 -40.24
N LEU B 411 7.44 -72.61 -39.31
CA LEU B 411 7.19 -74.03 -39.50
C LEU B 411 5.80 -74.39 -38.98
N SER B 412 5.48 -75.68 -38.95
CA SER B 412 4.15 -76.17 -38.64
C SER B 412 3.87 -76.11 -37.13
N ASP B 413 2.57 -76.20 -36.79
CA ASP B 413 2.18 -76.17 -35.38
C ASP B 413 2.74 -77.37 -34.64
N THR B 414 2.50 -78.58 -35.16
CA THR B 414 2.86 -79.79 -34.43
C THR B 414 4.35 -79.83 -34.10
N GLU B 415 5.20 -79.29 -34.98
CA GLU B 415 6.63 -79.24 -34.70
C GLU B 415 7.05 -77.94 -34.04
N PHE B 416 6.28 -76.87 -34.22
CA PHE B 416 6.52 -75.62 -33.50
C PHE B 416 6.51 -75.85 -31.99
N VAL B 417 5.63 -76.71 -31.51
CA VAL B 417 5.60 -77.03 -30.09
C VAL B 417 6.84 -77.85 -29.70
N ARG B 418 7.18 -78.85 -30.51
CA ARG B 418 8.31 -79.71 -30.16
C ARG B 418 9.61 -78.93 -30.07
N ALA B 419 9.74 -77.86 -30.88
CA ALA B 419 10.90 -76.98 -30.72
C ALA B 419 10.89 -76.29 -29.37
N ILE B 420 9.70 -75.88 -28.91
CA ILE B 420 9.58 -75.29 -27.58
C ILE B 420 9.88 -76.34 -26.52
N TRP B 421 9.23 -77.50 -26.63
CA TRP B 421 9.44 -78.57 -25.65
C TRP B 421 10.90 -78.98 -25.55
N ALA B 422 11.72 -78.63 -26.54
CA ALA B 422 13.13 -78.97 -26.49
C ALA B 422 13.81 -78.31 -25.31
N GLY B 423 13.56 -77.02 -25.11
CA GLY B 423 14.19 -76.27 -24.04
C GLY B 423 13.26 -75.97 -22.88
N ALA B 424 11.99 -75.68 -23.18
CA ALA B 424 11.00 -75.27 -22.18
C ALA B 424 9.80 -76.20 -22.23
N PRO B 425 9.91 -77.40 -21.68
CA PRO B 425 8.78 -78.34 -21.70
C PRO B 425 7.76 -77.99 -20.63
N VAL B 426 6.56 -78.50 -20.83
CA VAL B 426 5.51 -78.38 -19.82
C VAL B 426 5.91 -79.20 -18.60
N LEU B 427 5.43 -78.78 -17.43
CA LEU B 427 5.70 -79.46 -16.18
C LEU B 427 4.37 -80.00 -15.66
N ALA B 428 4.17 -81.31 -15.81
CA ALA B 428 2.98 -81.96 -15.31
C ALA B 428 2.96 -81.93 -13.80
N VAL B 429 1.79 -81.62 -13.22
CA VAL B 429 1.65 -81.46 -11.78
C VAL B 429 0.44 -82.24 -11.29
N ASP B 430 0.49 -82.64 -10.02
CA ASP B 430 -0.67 -83.23 -9.39
C ASP B 430 -1.85 -82.25 -9.46
N ALA B 431 -3.04 -82.79 -9.70
CA ALA B 431 -4.23 -81.95 -9.85
C ALA B 431 -4.45 -81.04 -8.65
N GLU B 432 -3.91 -81.39 -7.48
CA GLU B 432 -4.03 -80.58 -6.28
C GLU B 432 -2.88 -79.60 -6.12
N TYR B 433 -1.99 -79.53 -7.10
CA TYR B 433 -0.89 -78.58 -7.03
C TYR B 433 -1.45 -77.17 -7.02
N PRO B 434 -0.92 -76.27 -6.19
CA PRO B 434 -1.42 -74.89 -6.19
C PRO B 434 -1.16 -74.20 -7.52
N ASN B 435 -2.21 -73.61 -8.08
CA ASN B 435 -2.10 -72.83 -9.30
C ASN B 435 -1.70 -71.39 -9.01
N PHE B 436 -2.37 -70.75 -8.05
CA PHE B 436 -2.03 -69.39 -7.66
C PHE B 436 -2.63 -69.09 -6.29
N ILE B 437 -2.19 -67.98 -5.72
CA ILE B 437 -2.68 -67.47 -4.45
C ILE B 437 -3.25 -66.08 -4.70
N ILE B 438 -4.56 -65.94 -4.55
CA ILE B 438 -5.24 -64.68 -4.75
C ILE B 438 -5.83 -64.24 -3.41
N TYR B 439 -5.56 -62.98 -3.03
CA TYR B 439 -5.88 -62.47 -1.70
C TYR B 439 -7.17 -61.67 -1.74
N THR B 440 -8.06 -61.97 -0.79
CA THR B 440 -9.36 -61.31 -0.69
C THR B 440 -9.67 -60.99 0.75
N SER B 441 -10.34 -59.86 0.96
CA SER B 441 -10.61 -59.38 2.30
C SER B 441 -11.60 -60.29 3.02
N GLY B 442 -11.53 -60.27 4.35
CA GLY B 442 -12.44 -61.04 5.18
C GLY B 442 -13.00 -60.18 6.30
N SER B 443 -14.03 -60.71 6.98
CA SER B 443 -14.71 -59.94 8.01
C SER B 443 -13.76 -59.54 9.12
N THR B 444 -12.91 -60.46 9.55
CA THR B 444 -11.95 -60.19 10.60
C THR B 444 -10.56 -60.51 10.06
N GLY B 445 -9.57 -59.70 10.42
CA GLY B 445 -8.20 -59.93 10.03
C GLY B 445 -7.85 -59.26 8.71
N LYS B 446 -6.61 -59.48 8.30
CA LYS B 446 -6.13 -58.96 7.03
C LYS B 446 -6.50 -59.92 5.92
N PRO B 447 -6.47 -59.47 4.66
CA PRO B 447 -6.91 -60.34 3.56
C PRO B 447 -6.21 -61.70 3.61
N LYS B 448 -7.00 -62.74 3.46
CA LYS B 448 -6.48 -64.11 3.44
C LYS B 448 -6.16 -64.51 2.02
N GLY B 449 -5.14 -65.34 1.87
CA GLY B 449 -4.75 -65.82 0.55
C GLY B 449 -5.34 -67.18 0.24
N VAL B 450 -6.35 -67.22 -0.63
CA VAL B 450 -7.01 -68.48 -0.99
C VAL B 450 -6.24 -69.14 -2.12
N VAL B 451 -6.19 -70.47 -2.09
CA VAL B 451 -5.44 -71.25 -3.07
C VAL B 451 -6.41 -71.87 -4.06
N HIS B 452 -6.02 -71.90 -5.33
CA HIS B 452 -6.74 -72.63 -6.36
C HIS B 452 -5.78 -73.58 -7.05
N VAL B 453 -6.17 -74.85 -7.14
CA VAL B 453 -5.29 -75.89 -7.66
C VAL B 453 -5.40 -75.93 -9.18
N HIS B 454 -4.53 -76.72 -9.81
CA HIS B 454 -4.57 -76.84 -11.27
C HIS B 454 -5.80 -77.61 -11.73
N GLY B 455 -5.95 -78.86 -11.29
CA GLY B 455 -7.06 -79.69 -11.70
C GLY B 455 -8.23 -79.53 -10.76
N GLY B 456 -9.40 -79.22 -11.33
CA GLY B 456 -10.59 -79.00 -10.55
C GLY B 456 -11.02 -77.55 -10.62
N TYR B 457 -10.05 -76.63 -10.51
CA TYR B 457 -10.32 -75.23 -10.78
C TYR B 457 -10.47 -75.00 -12.28
N ALA B 458 -9.69 -75.70 -13.10
CA ALA B 458 -9.76 -75.53 -14.54
C ALA B 458 -10.98 -76.24 -15.11
N SER B 459 -11.07 -77.55 -14.91
CA SER B 459 -12.23 -78.30 -15.40
C SER B 459 -13.52 -77.68 -14.89
N GLY B 460 -13.51 -77.14 -13.67
CA GLY B 460 -14.69 -76.55 -13.09
C GLY B 460 -15.18 -75.34 -13.85
N VAL B 461 -14.29 -74.35 -14.04
CA VAL B 461 -14.69 -73.16 -14.79
C VAL B 461 -14.85 -73.48 -16.28
N ALA B 462 -13.98 -74.35 -16.81
CA ALA B 462 -14.05 -74.69 -18.22
C ALA B 462 -15.42 -75.26 -18.58
N ALA B 463 -16.10 -75.88 -17.61
CA ALA B 463 -17.44 -76.43 -17.82
C ALA B 463 -18.54 -75.39 -17.61
N THR B 464 -18.23 -74.25 -17.00
CA THR B 464 -19.23 -73.21 -16.81
C THR B 464 -19.42 -72.37 -18.08
N MET B 465 -18.43 -72.33 -18.96
CA MET B 465 -18.57 -71.55 -20.19
C MET B 465 -19.73 -72.04 -21.05
N PRO B 466 -19.85 -73.34 -21.36
CA PRO B 466 -21.00 -73.78 -22.16
C PRO B 466 -22.31 -73.78 -21.38
N ALA B 467 -22.27 -73.96 -20.06
CA ALA B 467 -23.50 -74.00 -19.27
C ALA B 467 -24.12 -72.61 -19.15
N ALA B 468 -23.39 -71.70 -18.49
CA ALA B 468 -23.91 -70.35 -18.26
C ALA B 468 -24.09 -69.61 -19.57
N PHE B 469 -23.00 -69.37 -20.28
CA PHE B 469 -23.06 -68.72 -21.57
C PHE B 469 -23.30 -69.76 -22.66
N GLY B 470 -23.52 -69.29 -23.88
CA GLY B 470 -23.57 -70.18 -25.02
C GLY B 470 -22.19 -70.37 -25.61
N ALA B 471 -21.18 -70.40 -24.75
CA ALA B 471 -19.80 -70.31 -25.20
C ALA B 471 -19.40 -71.54 -25.98
N GLU B 472 -19.05 -71.35 -27.24
CA GLU B 472 -18.46 -72.37 -28.09
C GLU B 472 -17.08 -71.93 -28.53
N PRO B 473 -16.20 -72.85 -28.89
CA PRO B 473 -14.85 -72.45 -29.31
C PRO B 473 -14.89 -71.44 -30.44
N GLY B 474 -13.76 -70.74 -30.61
CA GLY B 474 -13.64 -69.71 -31.63
C GLY B 474 -14.39 -68.43 -31.33
N ASP B 475 -15.21 -68.40 -30.28
CA ASP B 475 -15.94 -67.19 -29.92
C ASP B 475 -14.99 -66.16 -29.31
N VAL B 476 -15.52 -64.97 -29.08
CA VAL B 476 -14.76 -63.85 -28.55
C VAL B 476 -15.49 -63.31 -27.32
N MET B 477 -14.77 -63.20 -26.21
CA MET B 477 -15.34 -62.80 -24.93
C MET B 477 -14.64 -61.55 -24.42
N TYR B 478 -15.43 -60.64 -23.84
CA TYR B 478 -14.95 -59.38 -23.28
C TYR B 478 -15.23 -59.41 -21.79
N VAL B 479 -14.17 -59.46 -20.99
CA VAL B 479 -14.30 -59.48 -19.53
C VAL B 479 -13.73 -58.17 -18.99
N VAL B 480 -14.54 -57.46 -18.21
CA VAL B 480 -14.10 -56.26 -17.51
C VAL B 480 -13.55 -56.74 -16.16
N ALA B 481 -12.23 -56.82 -16.07
CA ALA B 481 -11.58 -57.35 -14.89
C ALA B 481 -10.08 -57.05 -14.98
N ASP B 482 -9.39 -57.29 -13.87
CA ASP B 482 -7.95 -57.20 -13.77
C ASP B 482 -7.40 -58.57 -13.36
N PRO B 483 -6.18 -58.92 -13.79
CA PRO B 483 -5.61 -60.18 -13.33
C PRO B 483 -5.57 -60.28 -11.80
N GLY B 484 -5.53 -59.15 -11.10
CA GLY B 484 -5.55 -59.16 -9.65
C GLY B 484 -6.89 -59.49 -9.03
N TRP B 485 -7.92 -59.67 -9.85
CA TRP B 485 -9.25 -60.04 -9.39
C TRP B 485 -9.53 -61.48 -9.81
N ILE B 486 -10.39 -62.15 -9.06
CA ILE B 486 -10.77 -63.52 -9.43
C ILE B 486 -11.44 -63.53 -10.80
N THR B 487 -12.22 -62.48 -11.09
CA THR B 487 -12.84 -62.35 -12.41
C THR B 487 -11.81 -62.47 -13.51
N GLY B 488 -10.62 -61.88 -13.29
CA GLY B 488 -9.60 -61.90 -14.32
C GLY B 488 -8.94 -63.26 -14.46
N GLN B 489 -8.54 -63.85 -13.33
CA GLN B 489 -7.85 -65.14 -13.37
C GLN B 489 -8.75 -66.24 -13.90
N SER B 490 -10.04 -66.20 -13.57
CA SER B 490 -10.94 -67.31 -13.88
C SER B 490 -11.46 -67.25 -15.30
N TYR B 491 -12.01 -66.10 -15.72
CA TYR B 491 -12.71 -65.99 -16.98
C TYR B 491 -12.02 -65.09 -18.00
N GLN B 492 -11.38 -64.00 -17.57
CA GLN B 492 -10.60 -63.22 -18.52
C GLN B 492 -9.44 -64.02 -19.07
N ILE B 493 -8.94 -64.99 -18.30
CA ILE B 493 -7.74 -65.74 -18.67
C ILE B 493 -8.07 -67.22 -18.81
N ALA B 494 -8.13 -67.92 -17.67
CA ALA B 494 -8.19 -69.38 -17.65
C ALA B 494 -9.35 -69.92 -18.49
N ALA B 495 -10.58 -69.66 -18.06
CA ALA B 495 -11.73 -70.26 -18.73
C ALA B 495 -11.81 -69.89 -20.20
N SER B 496 -11.24 -68.74 -20.57
CA SER B 496 -11.20 -68.38 -21.99
C SER B 496 -10.18 -69.23 -22.73
N LEU B 497 -8.91 -69.13 -22.35
CA LEU B 497 -7.88 -69.97 -22.93
C LEU B 497 -8.28 -71.45 -22.88
N LEU B 498 -8.83 -71.89 -21.76
CA LEU B 498 -9.23 -73.30 -21.64
C LEU B 498 -10.29 -73.64 -22.68
N SER B 499 -11.29 -72.78 -22.83
CA SER B 499 -12.37 -73.02 -23.78
C SER B 499 -12.03 -72.58 -25.20
N ARG B 500 -10.77 -72.28 -25.46
CA ARG B 500 -10.34 -71.74 -26.74
C ARG B 500 -11.27 -70.62 -27.19
N VAL B 501 -11.51 -69.68 -26.27
CA VAL B 501 -12.18 -68.43 -26.58
C VAL B 501 -11.15 -67.32 -26.56
N THR B 502 -11.34 -66.34 -27.42
CA THR B 502 -10.43 -65.21 -27.52
C THR B 502 -10.83 -64.16 -26.48
N THR B 503 -9.85 -63.71 -25.71
CA THR B 503 -10.08 -62.74 -24.65
C THR B 503 -9.86 -61.33 -25.16
N VAL B 504 -10.60 -60.39 -24.57
CA VAL B 504 -10.37 -58.97 -24.81
C VAL B 504 -9.70 -58.44 -23.55
N ILE B 505 -8.38 -58.21 -23.65
CA ILE B 505 -7.59 -57.70 -22.56
C ILE B 505 -7.57 -56.17 -22.70
N THR B 506 -8.42 -55.50 -21.94
CA THR B 506 -8.45 -54.05 -21.93
C THR B 506 -7.54 -53.52 -20.83
N GLU B 507 -6.65 -52.61 -21.19
CA GLU B 507 -5.83 -51.94 -20.17
C GLU B 507 -6.67 -50.95 -19.38
N GLY B 508 -7.54 -50.21 -20.05
CA GLY B 508 -8.22 -49.08 -19.46
C GLY B 508 -9.66 -49.37 -19.09
N SER B 509 -10.41 -48.30 -18.84
CA SER B 509 -11.78 -48.37 -18.38
C SER B 509 -12.71 -48.76 -19.52
N PRO B 510 -13.84 -49.40 -19.21
CA PRO B 510 -14.85 -49.66 -20.24
C PRO B 510 -15.75 -48.47 -20.56
N VAL B 511 -15.56 -47.32 -19.91
CA VAL B 511 -16.31 -46.11 -20.23
C VAL B 511 -15.38 -44.94 -20.47
N PHE B 512 -14.07 -45.22 -20.71
CA PHE B 512 -13.15 -44.15 -21.07
C PHE B 512 -12.90 -44.14 -22.56
N PRO B 513 -12.95 -43.00 -23.26
CA PRO B 513 -13.27 -41.65 -22.78
C PRO B 513 -14.76 -41.32 -22.76
N HIS B 514 -15.60 -42.22 -23.26
CA HIS B 514 -17.04 -42.05 -23.19
C HIS B 514 -17.71 -43.36 -22.83
N ALA B 515 -19.00 -43.28 -22.52
CA ALA B 515 -19.75 -44.46 -22.11
C ALA B 515 -19.76 -45.53 -23.19
N GLY B 516 -19.60 -45.13 -24.44
CA GLY B 516 -19.64 -46.06 -25.55
C GLY B 516 -18.31 -46.74 -25.86
N ARG B 517 -17.39 -46.73 -24.91
CA ARG B 517 -16.10 -47.37 -25.15
C ARG B 517 -16.25 -48.88 -25.21
N PHE B 518 -16.90 -49.47 -24.19
CA PHE B 518 -17.09 -50.91 -24.19
C PHE B 518 -17.91 -51.36 -25.39
N ALA B 519 -18.80 -50.50 -25.89
CA ALA B 519 -19.56 -50.82 -27.08
C ALA B 519 -18.66 -50.86 -28.31
N SER B 520 -17.80 -49.85 -28.47
CA SER B 520 -16.86 -49.85 -29.60
C SER B 520 -16.01 -51.11 -29.60
N ILE B 521 -15.51 -51.51 -28.43
CA ILE B 521 -14.76 -52.76 -28.33
C ILE B 521 -15.60 -53.92 -28.81
N ILE B 522 -16.87 -53.96 -28.39
CA ILE B 522 -17.75 -55.07 -28.75
C ILE B 522 -17.91 -55.14 -30.26
N GLU B 523 -18.14 -54.00 -30.90
CA GLU B 523 -18.32 -53.95 -32.35
C GLU B 523 -17.06 -54.41 -33.08
N ARG B 524 -15.97 -53.64 -32.96
CA ARG B 524 -14.78 -53.90 -33.76
C ARG B 524 -14.31 -55.34 -33.63
N TYR B 525 -14.56 -55.98 -32.49
CA TYR B 525 -14.11 -57.34 -32.24
C TYR B 525 -15.24 -58.36 -32.28
N GLY B 526 -16.48 -57.92 -32.42
CA GLY B 526 -17.59 -58.86 -32.49
C GLY B 526 -17.76 -59.66 -31.21
N VAL B 527 -17.59 -59.02 -30.05
CA VAL B 527 -17.70 -59.71 -28.78
C VAL B 527 -19.01 -60.48 -28.72
N ASN B 528 -18.93 -61.72 -28.24
CA ASN B 528 -20.11 -62.56 -28.11
C ASN B 528 -20.65 -62.64 -26.68
N VAL B 529 -19.78 -62.56 -25.68
CA VAL B 529 -20.22 -62.55 -24.29
C VAL B 529 -19.47 -61.46 -23.53
N PHE B 530 -20.17 -60.82 -22.60
CA PHE B 530 -19.69 -59.64 -21.92
C PHE B 530 -19.85 -59.85 -20.42
N LYS B 531 -18.74 -59.79 -19.69
CA LYS B 531 -18.73 -60.05 -18.25
C LYS B 531 -18.17 -58.82 -17.55
N ALA B 532 -19.02 -58.14 -16.76
CA ALA B 532 -18.62 -56.90 -16.12
C ALA B 532 -19.54 -56.62 -14.94
N GLY B 533 -19.02 -55.84 -13.99
CA GLY B 533 -19.79 -55.44 -12.80
C GLY B 533 -20.98 -54.58 -13.17
N VAL B 534 -21.51 -53.89 -12.19
CA VAL B 534 -22.65 -53.04 -12.36
C VAL B 534 -22.37 -51.55 -12.21
N THR B 535 -21.24 -51.20 -11.63
CA THR B 535 -20.94 -49.81 -11.32
C THR B 535 -20.85 -48.96 -12.58
N PHE B 536 -20.24 -49.50 -13.64
CA PHE B 536 -20.03 -48.68 -14.84
C PHE B 536 -21.33 -48.39 -15.58
N LEU B 537 -22.44 -49.02 -15.21
CA LEU B 537 -23.74 -48.69 -15.78
C LEU B 537 -24.49 -47.64 -14.97
N LYS B 538 -24.28 -47.61 -13.65
CA LYS B 538 -24.90 -46.58 -12.83
C LYS B 538 -24.39 -45.20 -13.20
N SER B 539 -23.11 -45.10 -13.55
CA SER B 539 -22.56 -43.80 -13.95
C SER B 539 -23.03 -43.42 -15.35
N VAL B 540 -23.17 -44.40 -16.24
CA VAL B 540 -23.67 -44.11 -17.58
C VAL B 540 -25.03 -43.45 -17.51
N MET B 541 -25.87 -43.89 -16.59
CA MET B 541 -27.22 -43.35 -16.46
C MET B 541 -27.27 -42.00 -15.78
N GLN B 542 -26.11 -41.44 -15.47
CA GLN B 542 -26.05 -40.16 -14.80
C GLN B 542 -26.64 -39.02 -15.62
N ASN B 543 -26.37 -39.02 -16.92
CA ASN B 543 -26.88 -38.05 -17.86
C ASN B 543 -27.40 -38.76 -19.10
N PRO B 544 -28.53 -38.32 -19.66
CA PRO B 544 -29.09 -39.02 -20.82
C PRO B 544 -28.17 -39.01 -22.02
N GLU B 545 -27.24 -38.06 -22.10
CA GLU B 545 -26.36 -37.97 -23.25
C GLU B 545 -25.46 -39.19 -23.36
N ASN B 546 -25.04 -39.78 -22.23
CA ASN B 546 -24.20 -40.98 -22.28
C ASN B 546 -24.88 -42.09 -23.06
N LEU B 547 -26.17 -42.19 -23.03
CA LEU B 547 -26.84 -43.26 -23.76
C LEU B 547 -26.63 -43.22 -25.26
N LYS B 548 -26.65 -42.04 -25.81
CA LYS B 548 -26.49 -41.83 -27.23
C LYS B 548 -25.14 -42.26 -27.69
N ASP B 549 -24.11 -42.02 -26.91
CA ASP B 549 -22.75 -42.44 -27.22
C ASP B 549 -22.68 -43.96 -27.34
N ILE B 550 -23.37 -44.71 -26.49
CA ILE B 550 -23.50 -46.15 -26.63
C ILE B 550 -24.31 -46.57 -27.86
N GLN B 551 -25.36 -45.87 -28.22
CA GLN B 551 -26.14 -46.27 -29.36
C GLN B 551 -25.42 -46.08 -30.69
N ARG B 552 -24.28 -45.43 -30.70
CA ARG B 552 -23.55 -45.21 -31.94
C ARG B 552 -22.85 -46.47 -32.46
N TYR B 553 -22.80 -47.55 -31.69
CA TYR B 553 -22.07 -48.76 -32.06
C TYR B 553 -23.03 -49.94 -32.14
N ASP B 554 -22.60 -50.98 -32.87
CA ASP B 554 -23.43 -52.14 -33.16
C ASP B 554 -23.13 -53.26 -32.18
N LEU B 555 -24.10 -53.60 -31.35
CA LEU B 555 -23.96 -54.63 -30.32
C LEU B 555 -24.67 -55.92 -30.70
N SER B 556 -25.11 -56.07 -31.95
CA SER B 556 -25.87 -57.25 -32.34
C SER B 556 -25.09 -58.53 -32.08
N SER B 557 -23.75 -58.48 -32.16
CA SER B 557 -22.95 -59.68 -31.96
C SER B 557 -23.06 -60.24 -30.56
N LEU B 558 -23.67 -59.50 -29.62
CA LEU B 558 -23.83 -59.99 -28.25
C LEU B 558 -25.01 -60.95 -28.19
N LYS B 559 -24.75 -62.16 -27.70
CA LYS B 559 -25.81 -63.11 -27.38
C LYS B 559 -26.03 -63.26 -25.88
N VAL B 560 -25.11 -62.79 -25.03
CA VAL B 560 -25.32 -62.81 -23.59
C VAL B 560 -24.36 -61.85 -22.91
N ALA B 561 -24.88 -61.05 -21.98
CA ALA B 561 -24.07 -60.31 -21.04
C ALA B 561 -24.39 -60.80 -19.63
N THR B 562 -23.62 -60.34 -18.65
CA THR B 562 -23.84 -60.78 -17.27
C THR B 562 -23.26 -59.78 -16.30
N PHE B 563 -24.05 -59.38 -15.30
CA PHE B 563 -23.55 -58.63 -14.16
C PHE B 563 -22.83 -59.58 -13.21
N CYS B 564 -21.76 -59.11 -12.58
CA CYS B 564 -20.82 -60.03 -11.96
C CYS B 564 -20.39 -59.64 -10.55
N ALA B 565 -20.04 -58.38 -10.33
CA ALA B 565 -19.23 -58.02 -9.17
C ALA B 565 -20.04 -57.53 -7.99
N GLU B 566 -21.34 -57.30 -8.14
CA GLU B 566 -22.08 -56.64 -7.07
C GLU B 566 -23.57 -56.74 -7.33
N PRO B 567 -24.41 -56.41 -6.34
CA PRO B 567 -25.86 -56.53 -6.54
C PRO B 567 -26.38 -55.63 -7.64
N VAL B 568 -27.34 -56.15 -8.41
CA VAL B 568 -27.98 -55.41 -9.50
C VAL B 568 -29.33 -54.94 -9.03
N SER B 569 -29.76 -53.81 -9.54
CA SER B 569 -31.10 -53.32 -9.29
C SER B 569 -32.01 -53.66 -10.45
N PRO B 570 -33.30 -53.92 -10.19
CA PRO B 570 -34.22 -54.18 -11.31
C PRO B 570 -34.18 -53.08 -12.38
N ALA B 571 -33.96 -51.83 -12.00
CA ALA B 571 -33.90 -50.75 -12.98
C ALA B 571 -32.61 -50.81 -13.79
N VAL B 572 -31.49 -51.13 -13.14
CA VAL B 572 -30.21 -51.19 -13.84
C VAL B 572 -30.20 -52.35 -14.84
N GLN B 573 -30.66 -53.52 -14.42
CA GLN B 573 -30.75 -54.64 -15.35
C GLN B 573 -31.77 -54.36 -16.44
N ALA B 574 -32.89 -53.73 -16.09
CA ALA B 574 -33.88 -53.37 -17.10
C ALA B 574 -33.27 -52.49 -18.18
N PHE B 575 -32.57 -51.44 -17.77
CA PHE B 575 -31.86 -50.59 -18.73
C PHE B 575 -30.86 -51.41 -19.53
N ALA B 576 -30.04 -52.20 -18.84
CA ALA B 576 -28.99 -52.95 -19.53
C ALA B 576 -29.58 -53.98 -20.48
N MET B 577 -30.79 -54.48 -20.21
CA MET B 577 -31.39 -55.48 -21.09
C MET B 577 -31.97 -54.84 -22.34
N GLU B 578 -32.37 -53.58 -22.29
CA GLU B 578 -32.93 -52.91 -23.45
C GLU B 578 -31.84 -52.39 -24.40
N HIS B 579 -30.77 -51.82 -23.84
CA HIS B 579 -29.82 -51.04 -24.62
C HIS B 579 -28.49 -51.75 -24.89
N ILE B 580 -28.20 -52.87 -24.23
CA ILE B 580 -26.98 -53.64 -24.47
C ILE B 580 -27.29 -55.00 -25.12
N THR B 581 -28.14 -55.79 -24.48
CA THR B 581 -28.55 -57.07 -25.05
C THR B 581 -29.75 -57.58 -24.26
N HIS B 582 -30.64 -58.28 -24.94
CA HIS B 582 -31.85 -58.77 -24.28
C HIS B 582 -31.52 -59.80 -23.20
N ARG B 583 -30.46 -60.58 -23.39
CA ARG B 583 -30.07 -61.60 -22.41
C ARG B 583 -28.96 -61.08 -21.50
N TYR B 584 -29.35 -60.14 -20.63
CA TYR B 584 -28.46 -59.61 -19.59
C TYR B 584 -28.80 -60.32 -18.30
N ILE B 585 -28.07 -61.40 -17.99
CA ILE B 585 -28.32 -62.22 -16.81
C ILE B 585 -27.54 -61.67 -15.62
N ASN B 586 -27.73 -62.28 -14.46
CA ASN B 586 -26.96 -61.96 -13.27
C ASN B 586 -26.29 -63.23 -12.78
N SER B 587 -25.07 -63.08 -12.26
CA SER B 587 -24.31 -64.21 -11.75
C SER B 587 -23.66 -63.80 -10.44
N TYR B 588 -23.76 -64.66 -9.43
CA TYR B 588 -23.19 -64.41 -8.11
C TYR B 588 -22.07 -65.41 -7.83
N TRP B 589 -20.92 -64.91 -7.42
CA TRP B 589 -19.82 -65.76 -7.02
C TRP B 589 -18.70 -64.87 -6.50
N ALA B 590 -17.87 -65.45 -5.63
CA ALA B 590 -16.81 -64.71 -4.96
C ALA B 590 -15.45 -65.30 -5.37
N THR B 591 -14.39 -64.76 -4.77
CA THR B 591 -13.05 -65.26 -5.03
C THR B 591 -12.94 -66.73 -4.65
N GLU B 592 -13.38 -67.06 -3.44
CA GLU B 592 -13.23 -68.43 -2.95
C GLU B 592 -13.96 -69.41 -3.86
N HIS B 593 -15.12 -69.02 -4.38
CA HIS B 593 -15.89 -69.92 -5.24
C HIS B 593 -15.09 -70.39 -6.44
N GLY B 594 -14.08 -69.63 -6.87
CA GLY B 594 -13.29 -69.98 -8.03
C GLY B 594 -13.98 -69.82 -9.36
N GLY B 595 -15.29 -69.62 -9.39
CA GLY B 595 -16.01 -69.46 -10.64
C GLY B 595 -17.47 -69.22 -10.37
N MET B 596 -18.25 -69.21 -11.45
CA MET B 596 -19.68 -68.93 -11.35
C MET B 596 -20.39 -70.07 -10.63
N VAL B 597 -21.11 -69.73 -9.55
CA VAL B 597 -21.89 -70.70 -8.80
C VAL B 597 -23.39 -70.41 -8.86
N TRP B 598 -23.79 -69.17 -9.13
CA TRP B 598 -25.18 -68.81 -9.37
C TRP B 598 -25.23 -68.02 -10.68
N THR B 599 -26.13 -68.39 -11.57
CA THR B 599 -26.16 -67.78 -12.90
C THR B 599 -27.48 -68.17 -13.58
N HIS B 600 -27.55 -67.94 -14.88
CA HIS B 600 -28.65 -68.39 -15.72
C HIS B 600 -28.10 -69.33 -16.78
N PHE B 601 -28.88 -70.34 -17.12
CA PHE B 601 -28.43 -71.40 -18.01
C PHE B 601 -28.74 -71.03 -19.46
N ALA B 602 -27.77 -71.25 -20.34
CA ALA B 602 -27.94 -70.95 -21.75
C ALA B 602 -28.75 -72.06 -22.41
N ASP B 603 -29.62 -71.66 -23.34
CA ASP B 603 -30.44 -72.62 -24.10
C ASP B 603 -31.36 -73.42 -23.18
N ALA B 604 -31.94 -72.75 -22.19
CA ALA B 604 -32.87 -73.38 -21.26
C ALA B 604 -34.31 -73.00 -21.58
N ASP B 605 -35.23 -73.85 -21.14
CA ASP B 605 -36.63 -73.72 -21.49
C ASP B 605 -37.56 -73.45 -20.31
N GLY B 606 -37.14 -73.72 -19.07
CA GLY B 606 -38.01 -73.58 -17.93
C GLY B 606 -37.57 -72.53 -16.92
N PHE B 607 -36.46 -71.86 -17.18
CA PHE B 607 -35.92 -70.86 -16.27
C PHE B 607 -36.08 -69.47 -16.87
N PRO B 608 -37.10 -68.72 -16.50
CA PRO B 608 -37.30 -67.40 -17.11
C PRO B 608 -36.17 -66.45 -16.76
N LEU B 609 -36.12 -65.35 -17.50
CA LEU B 609 -35.17 -64.28 -17.28
C LEU B 609 -35.94 -62.97 -17.36
N GLU B 610 -35.86 -62.17 -16.30
CA GLU B 610 -36.58 -60.91 -16.22
C GLU B 610 -35.76 -59.95 -15.38
N ALA B 611 -36.20 -58.68 -15.36
CA ALA B 611 -35.49 -57.63 -14.63
C ALA B 611 -35.86 -57.66 -13.15
N ASP B 612 -35.65 -58.83 -12.54
CA ASP B 612 -35.91 -59.03 -11.12
C ASP B 612 -34.64 -59.23 -10.31
N ALA B 613 -33.48 -59.28 -10.96
CA ALA B 613 -32.19 -59.48 -10.32
C ALA B 613 -32.00 -60.91 -9.81
N HIS B 614 -32.87 -61.84 -10.20
CA HIS B 614 -32.81 -63.20 -9.69
C HIS B 614 -31.74 -64.01 -10.42
N THR B 615 -31.29 -65.07 -9.77
CA THR B 615 -30.28 -65.96 -10.33
C THR B 615 -30.56 -67.38 -9.85
N TYR B 616 -30.27 -68.35 -10.72
CA TYR B 616 -30.50 -69.75 -10.43
C TYR B 616 -29.19 -70.48 -10.15
N PRO B 617 -29.13 -71.30 -9.10
CA PRO B 617 -27.89 -72.04 -8.85
C PRO B 617 -27.71 -73.15 -9.87
N LEU B 618 -26.45 -73.41 -10.22
CA LEU B 618 -26.16 -74.54 -11.06
C LEU B 618 -26.52 -75.82 -10.32
N PRO B 619 -26.77 -76.90 -11.06
CA PRO B 619 -27.15 -78.16 -10.39
C PRO B 619 -26.11 -78.65 -9.41
N TRP B 620 -24.83 -78.68 -9.81
CA TRP B 620 -23.79 -79.15 -8.92
C TRP B 620 -23.58 -78.23 -7.72
N ILE B 621 -24.26 -77.09 -7.68
CA ILE B 621 -24.22 -76.18 -6.54
C ILE B 621 -25.47 -76.42 -5.72
N MET B 622 -25.29 -76.96 -4.51
CA MET B 622 -26.41 -77.27 -3.63
C MET B 622 -26.66 -76.08 -2.71
N GLY B 623 -27.35 -75.07 -3.27
CA GLY B 623 -27.53 -73.81 -2.58
C GLY B 623 -28.82 -73.75 -1.81
N ASP B 624 -28.84 -72.86 -0.81
CA ASP B 624 -29.97 -72.76 0.11
C ASP B 624 -29.83 -71.49 0.93
N VAL B 625 -30.86 -71.19 1.71
CA VAL B 625 -30.86 -70.07 2.64
C VAL B 625 -31.24 -70.61 4.02
N TRP B 626 -30.39 -70.38 5.01
CA TRP B 626 -30.60 -70.86 6.37
C TRP B 626 -30.56 -69.67 7.33
N VAL B 627 -31.28 -69.79 8.45
CA VAL B 627 -31.39 -68.72 9.43
C VAL B 627 -31.24 -69.32 10.82
N GLU B 628 -30.39 -68.70 11.64
CA GLU B 628 -30.29 -69.07 13.04
C GLU B 628 -31.62 -68.78 13.75
N ASP B 629 -31.99 -69.67 14.68
CA ASP B 629 -33.28 -69.56 15.32
C ASP B 629 -33.20 -70.08 16.76
N ALA B 630 -34.11 -69.59 17.60
CA ALA B 630 -34.21 -70.09 18.96
C ALA B 630 -34.83 -71.48 19.00
N ASP B 631 -35.88 -71.71 18.21
CA ASP B 631 -36.42 -73.05 18.06
C ASP B 631 -35.34 -74.00 17.55
N GLY B 632 -34.60 -73.59 16.52
CA GLY B 632 -33.39 -74.27 16.10
C GLY B 632 -33.52 -75.76 15.89
N SER B 633 -34.30 -76.18 14.90
CA SER B 633 -34.38 -77.59 14.57
C SER B 633 -33.04 -78.14 14.10
N SER B 634 -32.38 -77.42 13.19
CA SER B 634 -31.00 -77.71 12.75
C SER B 634 -30.86 -79.10 12.12
N ASN B 635 -31.93 -79.61 11.51
CA ASN B 635 -31.87 -80.89 10.81
C ASN B 635 -31.58 -80.69 9.33
N GLY B 636 -32.50 -80.04 8.61
CA GLY B 636 -32.24 -79.53 7.27
C GLY B 636 -31.94 -80.58 6.21
N PRO B 637 -31.57 -80.10 5.00
CA PRO B 637 -31.23 -81.01 3.89
C PRO B 637 -29.74 -81.31 3.81
N VAL B 638 -29.11 -81.50 4.98
CA VAL B 638 -27.66 -81.63 5.03
C VAL B 638 -27.21 -82.88 4.32
N GLU B 639 -25.94 -82.87 3.90
CA GLU B 639 -25.27 -84.06 3.39
C GLU B 639 -24.17 -84.57 4.31
N TYR B 640 -23.40 -83.66 4.92
CA TYR B 640 -22.31 -84.00 5.82
C TYR B 640 -22.59 -83.42 7.19
N GLU B 641 -22.31 -84.19 8.24
CA GLU B 641 -22.74 -83.87 9.59
C GLU B 641 -21.56 -83.58 10.50
N ARG B 642 -21.85 -82.87 11.60
CA ARG B 642 -20.91 -82.60 12.67
C ARG B 642 -21.48 -83.09 14.00
N ASP B 643 -20.62 -83.12 15.01
CA ASP B 643 -21.02 -83.52 16.36
C ASP B 643 -21.39 -82.31 17.21
N THR B 644 -20.47 -81.37 17.38
CA THR B 644 -20.71 -80.19 18.18
C THR B 644 -19.81 -79.03 17.75
N PRO B 650 -27.47 -73.57 15.78
CA PRO B 650 -28.92 -73.52 15.89
C PRO B 650 -29.55 -72.85 14.68
N TRP B 651 -30.05 -73.64 13.73
CA TRP B 651 -30.45 -73.08 12.45
C TRP B 651 -31.65 -73.84 11.90
N ARG B 652 -32.25 -73.24 10.88
CA ARG B 652 -33.38 -73.84 10.17
C ARG B 652 -33.37 -73.36 8.73
N VAL B 653 -34.11 -74.07 7.89
CA VAL B 653 -34.19 -73.72 6.47
C VAL B 653 -35.19 -72.58 6.32
N ALA B 654 -34.74 -71.47 5.72
CA ALA B 654 -35.59 -70.30 5.59
C ALA B 654 -36.76 -70.56 4.64
N GLU B 655 -37.90 -69.98 4.96
CA GLU B 655 -39.03 -70.08 4.04
C GLU B 655 -38.84 -69.12 2.87
N ASP B 656 -39.60 -69.38 1.81
CA ASP B 656 -39.45 -68.63 0.56
C ASP B 656 -39.70 -67.14 0.78
N GLY B 657 -38.69 -66.33 0.48
CA GLY B 657 -38.78 -64.89 0.69
C GLY B 657 -38.26 -64.42 2.03
N GLU B 658 -37.39 -65.19 2.69
CA GLU B 658 -36.84 -64.81 3.99
C GLU B 658 -35.33 -64.67 3.85
N LYS B 659 -34.82 -63.49 4.18
CA LYS B 659 -33.40 -63.23 4.04
C LYS B 659 -32.62 -64.02 5.09
N GLY B 660 -31.57 -64.68 4.65
CA GLY B 660 -30.72 -65.43 5.55
C GLY B 660 -29.34 -65.61 4.94
N GLU B 661 -28.58 -66.51 5.53
CA GLU B 661 -27.25 -66.81 5.01
C GLU B 661 -27.35 -67.75 3.81
N ILE B 662 -26.71 -67.37 2.71
CA ILE B 662 -26.61 -68.23 1.54
C ILE B 662 -25.49 -69.24 1.80
N VAL B 663 -25.79 -70.53 1.60
CA VAL B 663 -24.89 -71.59 2.00
C VAL B 663 -24.78 -72.61 0.87
N ILE B 664 -23.75 -73.45 0.96
CA ILE B 664 -23.53 -74.55 0.04
C ILE B 664 -23.43 -75.84 0.85
N ALA B 665 -24.24 -76.84 0.47
CA ALA B 665 -24.29 -78.08 1.23
C ALA B 665 -23.11 -78.98 0.89
N LEU B 666 -22.83 -79.17 -0.40
CA LEU B 666 -21.73 -80.02 -0.83
C LEU B 666 -20.72 -79.22 -1.62
N PRO B 667 -19.46 -79.63 -1.59
CA PRO B 667 -18.41 -78.90 -2.33
C PRO B 667 -18.44 -79.24 -3.81
N TYR B 668 -17.46 -78.67 -4.52
CA TYR B 668 -17.29 -78.92 -5.94
C TYR B 668 -15.81 -78.74 -6.27
N PRO B 669 -15.38 -79.18 -7.44
CA PRO B 669 -13.94 -79.13 -7.75
C PRO B 669 -13.32 -77.74 -7.70
N TYR B 670 -13.94 -76.75 -8.33
CA TYR B 670 -13.30 -75.44 -8.48
C TYR B 670 -13.53 -74.54 -7.27
N LEU B 671 -13.62 -75.11 -6.08
CA LEU B 671 -13.70 -74.36 -4.84
C LEU B 671 -12.32 -74.34 -4.20
N THR B 672 -11.96 -73.20 -3.61
CA THR B 672 -10.70 -73.12 -2.89
C THR B 672 -10.57 -74.28 -1.92
N ARG B 673 -9.37 -74.84 -1.84
CA ARG B 673 -9.13 -76.00 -0.98
C ARG B 673 -8.73 -75.60 0.43
N THR B 674 -7.88 -74.58 0.58
CA THR B 674 -7.46 -74.14 1.89
C THR B 674 -6.98 -72.69 1.78
N ILE B 675 -6.52 -72.14 2.90
CA ILE B 675 -5.89 -70.83 2.93
C ILE B 675 -4.38 -71.05 2.93
N TRP B 676 -3.65 -70.14 2.28
CA TRP B 676 -2.21 -70.31 2.14
C TRP B 676 -1.51 -70.13 3.49
N GLY B 677 -0.74 -71.14 3.88
CA GLY B 677 -0.07 -71.12 5.16
C GLY B 677 0.64 -72.43 5.37
N ASP B 678 1.18 -72.62 6.56
CA ASP B 678 1.94 -73.82 6.88
C ASP B 678 3.11 -73.96 5.90
N VAL B 679 3.77 -72.84 5.62
CA VAL B 679 4.76 -72.79 4.55
C VAL B 679 5.94 -73.70 4.84
N GLU B 680 6.27 -73.90 6.11
CA GLU B 680 7.40 -74.76 6.43
C GLU B 680 7.19 -76.18 5.91
N ASN B 681 5.94 -76.64 5.86
CA ASN B 681 5.62 -78.00 5.45
C ASN B 681 5.23 -78.10 3.98
N PHE B 682 5.46 -77.06 3.18
CA PHE B 682 5.10 -77.04 1.76
C PHE B 682 6.37 -77.35 0.97
N THR B 683 6.61 -78.64 0.78
CA THR B 683 7.76 -79.12 0.01
C THR B 683 7.25 -79.90 -1.19
N VAL B 684 7.88 -79.67 -2.35
CA VAL B 684 7.46 -80.31 -3.59
C VAL B 684 8.53 -81.30 -4.01
N GLU B 685 8.08 -82.40 -4.62
CA GLU B 685 8.95 -83.45 -5.14
C GLU B 685 9.06 -83.24 -6.65
N HIS B 686 10.20 -82.72 -7.09
CA HIS B 686 10.44 -82.37 -8.49
C HIS B 686 11.41 -83.38 -9.09
N VAL B 687 10.89 -84.28 -9.93
CA VAL B 687 11.70 -85.29 -10.60
C VAL B 687 11.37 -85.22 -12.09
N GLY B 688 12.37 -84.87 -12.89
CA GLY B 688 12.14 -84.71 -14.31
C GLY B 688 11.15 -83.58 -14.57
N ASN B 689 10.10 -83.90 -15.32
CA ASN B 689 9.02 -82.95 -15.63
C ASN B 689 7.72 -83.39 -14.97
N LEU B 690 7.80 -83.79 -13.70
CA LEU B 690 6.62 -84.15 -12.94
C LEU B 690 6.81 -83.69 -11.49
N ALA B 691 5.86 -82.89 -10.99
CA ALA B 691 5.95 -82.34 -9.65
C ALA B 691 4.71 -82.67 -8.83
N ARG B 692 4.92 -82.79 -7.52
CA ARG B 692 3.90 -83.26 -6.60
C ARG B 692 4.00 -82.42 -5.34
N VAL B 693 2.85 -82.21 -4.69
CA VAL B 693 2.80 -81.53 -3.41
C VAL B 693 2.86 -82.59 -2.30
N ALA B 694 3.91 -82.53 -1.50
CA ALA B 694 4.12 -83.53 -0.46
C ALA B 694 2.94 -83.57 0.50
N GLY B 695 2.41 -84.77 0.73
CA GLY B 695 1.30 -84.94 1.62
C GLY B 695 1.59 -84.40 3.00
N GLY B 696 0.53 -84.22 3.80
CA GLY B 696 0.66 -83.63 5.11
C GLY B 696 0.41 -82.14 5.16
N TRP B 697 0.43 -81.47 4.01
CA TRP B 697 0.26 -80.02 3.94
C TRP B 697 -1.11 -79.69 3.36
N ARG B 698 -1.94 -79.03 4.15
CA ARG B 698 -3.28 -78.64 3.77
C ARG B 698 -3.47 -77.15 3.98
N GLY B 699 -2.43 -76.36 3.73
CA GLY B 699 -2.46 -74.94 3.98
C GLY B 699 -2.83 -74.65 5.42
N ASP B 700 -3.50 -73.52 5.64
CA ASP B 700 -4.02 -73.17 6.95
C ASP B 700 -5.34 -73.92 7.13
N GLU B 701 -5.21 -75.21 7.44
CA GLU B 701 -6.37 -76.08 7.57
C GLU B 701 -7.41 -75.51 8.53
N VAL B 702 -6.99 -75.18 9.75
CA VAL B 702 -7.95 -74.82 10.79
C VAL B 702 -8.65 -73.52 10.44
N ARG B 703 -7.89 -72.50 10.03
CA ARG B 703 -8.50 -71.21 9.73
C ARG B 703 -9.44 -71.32 8.54
N TYR B 704 -9.12 -72.20 7.59
CA TYR B 704 -10.00 -72.39 6.44
C TYR B 704 -11.34 -72.97 6.89
N ALA B 705 -11.33 -73.89 7.86
CA ALA B 705 -12.57 -74.48 8.35
C ALA B 705 -13.30 -73.51 9.28
N ASP B 706 -12.58 -72.88 10.21
CA ASP B 706 -13.22 -71.97 11.15
C ASP B 706 -13.92 -70.81 10.44
N THR B 707 -13.46 -70.46 9.23
CA THR B 707 -13.97 -69.29 8.54
C THR B 707 -15.18 -69.60 7.65
N TYR B 708 -15.17 -70.76 6.99
CA TYR B 708 -16.13 -71.05 5.94
C TYR B 708 -17.11 -72.17 6.26
N TRP B 709 -16.71 -73.17 7.06
CA TRP B 709 -17.47 -74.41 7.17
C TRP B 709 -18.10 -74.64 8.54
N ARG B 710 -17.44 -74.23 9.62
CA ARG B 710 -17.97 -74.54 10.95
C ARG B 710 -19.10 -73.61 11.37
N ARG B 711 -19.66 -72.83 10.45
CA ARG B 711 -20.75 -71.91 10.78
C ARG B 711 -21.88 -72.65 11.48
N TRP B 712 -22.42 -73.67 10.83
CA TRP B 712 -23.65 -74.30 11.30
C TRP B 712 -23.35 -75.47 12.24
N LYS B 713 -24.23 -75.64 13.23
CA LYS B 713 -24.05 -76.62 14.27
C LYS B 713 -24.61 -77.96 13.79
N GLY B 714 -23.75 -78.98 13.77
CA GLY B 714 -24.15 -80.29 13.29
C GLY B 714 -24.23 -80.41 11.78
N ALA B 715 -23.41 -79.66 11.04
CA ALA B 715 -23.46 -79.69 9.59
C ALA B 715 -22.19 -79.07 9.03
N TRP B 716 -21.68 -79.68 7.95
CA TRP B 716 -20.56 -79.14 7.18
C TRP B 716 -21.11 -78.42 5.96
N ALA B 717 -21.15 -77.10 6.01
CA ALA B 717 -21.67 -76.31 4.90
C ALA B 717 -20.84 -75.04 4.75
N TYR B 718 -20.51 -74.70 3.50
CA TYR B 718 -19.76 -73.49 3.20
C TYR B 718 -20.67 -72.27 3.31
N THR B 719 -20.16 -71.22 3.98
CA THR B 719 -20.93 -69.99 4.19
C THR B 719 -20.08 -68.80 3.73
N GLN B 720 -20.36 -68.31 2.53
CA GLN B 720 -19.63 -67.16 2.00
C GLN B 720 -19.86 -65.91 2.83
N GLY B 721 -21.03 -65.79 3.46
CA GLY B 721 -21.34 -64.62 4.25
C GLY B 721 -22.15 -63.59 3.48
N ASP B 722 -23.14 -64.05 2.72
CA ASP B 722 -23.97 -63.18 1.91
C ASP B 722 -25.44 -63.38 2.27
N PHE B 723 -26.21 -62.29 2.24
CA PHE B 723 -27.64 -62.35 2.46
C PHE B 723 -28.34 -62.70 1.15
N ALA B 724 -29.24 -63.69 1.21
CA ALA B 724 -30.00 -64.10 0.04
C ALA B 724 -31.28 -64.78 0.50
N MET B 725 -32.38 -64.49 -0.19
CA MET B 725 -33.67 -65.10 0.07
C MET B 725 -34.07 -65.99 -1.11
N ARG B 726 -34.51 -67.20 -0.82
CA ARG B 726 -34.97 -68.08 -1.88
C ARG B 726 -36.39 -67.73 -2.28
N HIS B 727 -36.78 -68.18 -3.46
CA HIS B 727 -38.10 -67.95 -4.00
C HIS B 727 -38.67 -69.26 -4.52
N PRO B 728 -39.98 -69.34 -4.75
CA PRO B 728 -40.58 -70.63 -5.14
C PRO B 728 -40.00 -71.20 -6.43
N ASP B 729 -39.77 -70.36 -7.45
CA ASP B 729 -39.34 -70.87 -8.75
C ASP B 729 -37.90 -71.36 -8.77
N GLY B 730 -37.21 -71.40 -7.63
CA GLY B 730 -35.85 -71.89 -7.58
C GLY B 730 -34.79 -70.84 -7.82
N SER B 731 -35.09 -69.57 -7.54
CA SER B 731 -34.13 -68.48 -7.71
C SER B 731 -33.86 -67.83 -6.36
N PHE B 732 -32.81 -67.01 -6.33
CA PHE B 732 -32.39 -66.29 -5.14
C PHE B 732 -32.11 -64.86 -5.49
N SER B 733 -32.57 -63.94 -4.64
CA SER B 733 -32.22 -62.53 -4.74
C SER B 733 -31.27 -62.18 -3.59
N LEU B 734 -30.20 -61.48 -3.91
CA LEU B 734 -29.19 -61.10 -2.94
C LEU B 734 -29.43 -59.67 -2.48
N HIS B 735 -29.18 -59.42 -1.19
CA HIS B 735 -29.49 -58.13 -0.57
C HIS B 735 -28.31 -57.57 0.22
N GLY B 736 -27.09 -58.02 -0.10
CA GLY B 736 -25.90 -57.47 0.50
C GLY B 736 -25.13 -58.50 1.28
N ARG B 737 -23.88 -58.14 1.58
CA ARG B 737 -23.02 -58.98 2.38
C ARG B 737 -23.57 -59.07 3.79
N SER B 738 -23.52 -60.27 4.37
CA SER B 738 -24.08 -60.48 5.70
C SER B 738 -23.09 -60.12 6.81
N ASP B 739 -21.82 -60.47 6.65
CA ASP B 739 -20.82 -60.25 7.68
C ASP B 739 -20.28 -58.83 7.57
N ASP B 740 -19.14 -58.54 8.22
CA ASP B 740 -18.62 -57.18 8.33
C ASP B 740 -17.64 -56.88 7.20
N VAL B 741 -18.16 -57.00 5.98
CA VAL B 741 -17.41 -56.75 4.76
C VAL B 741 -18.27 -55.92 3.83
N ILE B 742 -17.65 -54.94 3.17
CA ILE B 742 -18.33 -54.07 2.22
C ILE B 742 -17.68 -54.23 0.86
N ASN B 743 -18.46 -54.05 -0.19
CA ASN B 743 -17.93 -54.01 -1.56
C ASN B 743 -18.18 -52.60 -2.11
N VAL B 744 -17.11 -51.82 -2.20
CA VAL B 744 -17.16 -50.47 -2.76
C VAL B 744 -16.84 -50.61 -4.24
N SER B 745 -17.88 -50.59 -5.07
CA SER B 745 -17.74 -50.75 -6.52
C SER B 745 -17.14 -52.11 -6.89
N GLY B 746 -17.59 -53.17 -6.21
CA GLY B 746 -17.08 -54.51 -6.44
C GLY B 746 -15.78 -54.84 -5.74
N HIS B 747 -15.11 -53.87 -5.14
CA HIS B 747 -13.88 -54.11 -4.38
C HIS B 747 -14.27 -54.57 -2.97
N ARG B 748 -13.99 -55.83 -2.67
CA ARG B 748 -14.38 -56.43 -1.40
C ARG B 748 -13.36 -56.06 -0.32
N ILE B 749 -13.79 -55.24 0.65
CA ILE B 749 -12.92 -54.73 1.72
C ILE B 749 -13.54 -55.06 3.06
N GLY B 750 -12.69 -55.39 4.04
CA GLY B 750 -13.15 -55.64 5.39
C GLY B 750 -13.23 -54.37 6.22
N THR B 751 -14.28 -54.26 7.02
CA THR B 751 -14.47 -53.05 7.83
C THR B 751 -13.33 -52.89 8.82
N GLU B 752 -12.90 -53.97 9.46
CA GLU B 752 -11.81 -53.89 10.40
C GLU B 752 -10.57 -53.31 9.76
N GLU B 753 -10.33 -53.65 8.50
CA GLU B 753 -9.18 -53.11 7.77
C GLU B 753 -9.20 -51.60 7.78
N ILE B 754 -10.37 -51.01 7.51
CA ILE B 754 -10.48 -49.56 7.48
C ILE B 754 -10.39 -49.00 8.90
N GLU B 755 -10.89 -49.73 9.89
CA GLU B 755 -10.82 -49.25 11.27
C GLU B 755 -9.38 -49.24 11.77
N GLY B 756 -8.62 -50.30 11.49
CA GLY B 756 -7.24 -50.35 11.95
C GLY B 756 -6.40 -49.23 11.40
N ALA B 757 -6.52 -48.98 10.09
CA ALA B 757 -5.76 -47.89 9.48
C ALA B 757 -6.11 -46.55 10.14
N ILE B 758 -7.36 -46.37 10.56
CA ILE B 758 -7.73 -45.14 11.26
C ILE B 758 -7.13 -45.13 12.66
N LEU B 759 -7.18 -46.26 13.35
CA LEU B 759 -6.64 -46.35 14.70
C LEU B 759 -5.13 -46.17 14.72
N ARG B 760 -4.47 -46.35 13.57
CA ARG B 760 -3.04 -46.07 13.47
C ARG B 760 -2.72 -44.66 13.95
N ASP B 761 -3.67 -43.73 13.81
CA ASP B 761 -3.45 -42.37 14.28
C ASP B 761 -3.14 -42.34 15.77
N LYS B 762 -3.74 -43.24 16.55
CA LYS B 762 -3.45 -43.30 17.97
C LYS B 762 -2.02 -43.76 18.20
N ALA B 763 -1.54 -44.72 17.41
CA ALA B 763 -0.19 -45.23 17.57
C ALA B 763 0.87 -44.25 17.09
N LEU B 764 0.52 -43.29 16.23
CA LEU B 764 1.49 -42.37 15.66
C LEU B 764 1.49 -40.98 16.29
N ASP B 765 0.44 -40.64 17.01
CA ASP B 765 0.27 -39.29 17.56
C ASP B 765 -0.22 -39.42 18.98
N PRO B 766 0.60 -39.08 19.98
CA PRO B 766 0.10 -39.13 21.37
C PRO B 766 -1.03 -38.17 21.62
N ASN B 767 -1.18 -37.14 20.78
CA ASN B 767 -2.27 -36.16 20.88
C ASN B 767 -3.44 -36.52 19.98
N SER B 768 -3.57 -37.79 19.61
CA SER B 768 -4.59 -38.18 18.64
C SER B 768 -5.97 -38.01 19.25
N PRO B 769 -6.92 -37.40 18.53
CA PRO B 769 -8.28 -37.27 19.05
C PRO B 769 -9.15 -38.49 18.85
N VAL B 770 -8.61 -39.59 18.33
CA VAL B 770 -9.37 -40.80 18.10
C VAL B 770 -9.37 -41.63 19.37
N GLY B 771 -10.57 -42.00 19.84
CA GLY B 771 -10.69 -42.92 20.95
C GLY B 771 -11.06 -44.30 20.46
N ASN B 772 -12.17 -44.39 19.76
CA ASN B 772 -12.61 -45.64 19.14
C ASN B 772 -13.27 -45.33 17.82
N VAL B 773 -13.35 -46.34 16.96
CA VAL B 773 -13.81 -46.14 15.59
C VAL B 773 -14.62 -47.34 15.16
N ILE B 774 -15.63 -47.08 14.34
CA ILE B 774 -16.41 -48.13 13.67
C ILE B 774 -16.70 -47.65 12.26
N VAL B 775 -16.53 -48.52 11.27
CA VAL B 775 -16.85 -48.21 9.89
C VAL B 775 -17.99 -49.11 9.43
N ILE B 776 -18.88 -48.55 8.60
CA ILE B 776 -20.06 -49.23 8.11
C ILE B 776 -20.20 -48.91 6.63
N GLY B 777 -20.69 -49.89 5.88
CA GLY B 777 -21.08 -49.65 4.51
C GLY B 777 -22.41 -48.92 4.44
N ALA B 778 -22.39 -47.64 4.04
CA ALA B 778 -23.60 -46.83 3.92
C ALA B 778 -24.07 -46.82 2.48
N PRO B 779 -25.34 -47.09 2.19
CA PRO B 779 -25.78 -47.13 0.80
C PRO B 779 -25.44 -45.85 0.04
N HIS B 780 -25.07 -46.02 -1.23
CA HIS B 780 -24.66 -44.93 -2.10
C HIS B 780 -25.32 -45.10 -3.46
N SER B 781 -25.82 -44.00 -4.01
CA SER B 781 -26.48 -44.06 -5.31
C SER B 781 -25.54 -44.58 -6.40
N GLN B 782 -24.28 -44.27 -6.29
CA GLN B 782 -23.39 -44.65 -7.34
C GLN B 782 -22.71 -45.96 -7.24
N LYS B 783 -22.18 -46.24 -6.09
CA LYS B 783 -21.29 -47.38 -5.92
C LYS B 783 -21.83 -48.38 -4.90
N GLY B 784 -23.13 -48.41 -4.69
CA GLY B 784 -23.70 -49.43 -3.81
C GLY B 784 -23.52 -49.11 -2.33
N VAL B 785 -22.28 -49.02 -1.92
CA VAL B 785 -21.95 -48.60 -0.57
C VAL B 785 -20.64 -47.85 -0.58
N THR B 786 -20.51 -46.94 0.35
CA THR B 786 -19.32 -46.15 0.55
C THR B 786 -18.96 -46.17 2.02
N PRO B 787 -17.69 -46.35 2.38
CA PRO B 787 -17.35 -46.44 3.80
C PRO B 787 -17.65 -45.13 4.53
N ILE B 788 -18.28 -45.24 5.69
CA ILE B 788 -18.44 -44.14 6.63
C ILE B 788 -17.76 -44.53 7.92
N ALA B 789 -16.95 -43.62 8.46
CA ALA B 789 -16.16 -43.87 9.65
C ALA B 789 -16.76 -43.07 10.81
N PHE B 790 -17.41 -43.79 11.72
CA PHE B 790 -17.86 -43.21 12.98
C PHE B 790 -16.73 -43.35 14.00
N VAL B 791 -16.50 -42.27 14.70
CA VAL B 791 -15.45 -42.18 15.70
C VAL B 791 -15.85 -41.50 16.99
N THR B 792 -15.57 -42.11 18.12
CA THR B 792 -15.79 -41.43 19.39
C THR B 792 -14.53 -40.70 19.78
N PRO B 793 -14.59 -39.40 20.04
CA PRO B 793 -13.38 -38.70 20.46
C PRO B 793 -12.93 -39.17 21.84
N VAL B 794 -11.71 -38.77 22.20
CA VAL B 794 -11.18 -38.99 23.53
C VAL B 794 -11.61 -37.84 24.43
N GLU B 795 -11.64 -38.12 25.73
CA GLU B 795 -12.22 -37.20 26.69
C GLU B 795 -11.73 -35.77 26.47
N GLY B 796 -12.67 -34.87 26.23
CA GLY B 796 -12.36 -33.47 26.06
C GLY B 796 -11.81 -33.09 24.71
N ARG B 797 -11.95 -33.95 23.70
CA ARG B 797 -11.38 -33.68 22.39
C ARG B 797 -12.46 -33.75 21.31
N ARG B 798 -12.26 -32.94 20.27
CA ARG B 798 -13.13 -32.87 19.11
C ARG B 798 -12.41 -33.51 17.93
N LEU B 799 -12.91 -33.26 16.72
CA LEU B 799 -12.37 -33.86 15.50
C LEU B 799 -12.30 -32.77 14.43
N THR B 800 -11.17 -32.08 14.39
CA THR B 800 -11.00 -30.95 13.48
C THR B 800 -11.09 -31.44 12.03
N GLN B 801 -11.14 -30.48 11.10
CA GLN B 801 -11.09 -30.83 9.69
C GLN B 801 -9.71 -31.29 9.27
N ASP B 802 -8.67 -30.78 9.93
CA ASP B 802 -7.32 -31.29 9.69
C ASP B 802 -7.22 -32.76 10.10
N ASP B 803 -7.86 -33.13 11.21
CA ASP B 803 -7.84 -34.52 11.66
C ASP B 803 -8.47 -35.43 10.63
N LYS B 804 -9.67 -35.10 10.17
CA LYS B 804 -10.35 -35.94 9.17
C LYS B 804 -9.48 -36.13 7.93
N ARG B 805 -8.70 -35.10 7.56
CA ARG B 805 -7.80 -35.23 6.42
C ARG B 805 -6.66 -36.19 6.74
N ARG B 806 -6.05 -36.06 7.92
CA ARG B 806 -4.95 -36.94 8.28
C ARG B 806 -5.41 -38.40 8.31
N LEU B 807 -6.50 -38.67 9.04
CA LEU B 807 -7.06 -40.01 9.11
C LEU B 807 -7.47 -40.52 7.74
N THR B 808 -7.94 -39.64 6.86
CA THR B 808 -8.33 -40.04 5.52
C THR B 808 -7.10 -40.49 4.72
N ASP B 809 -6.06 -39.66 4.66
CA ASP B 809 -4.82 -40.08 4.02
C ASP B 809 -4.23 -41.31 4.69
N LEU B 810 -4.47 -41.46 5.99
CA LEU B 810 -3.91 -42.59 6.73
C LEU B 810 -4.52 -43.92 6.28
N VAL B 811 -5.74 -43.88 5.75
CA VAL B 811 -6.34 -45.09 5.18
C VAL B 811 -5.84 -45.31 3.76
N ARG B 812 -5.63 -44.23 3.00
CA ARG B 812 -5.11 -44.37 1.65
C ARG B 812 -3.71 -44.97 1.66
N THR B 813 -2.84 -44.45 2.52
CA THR B 813 -1.47 -44.94 2.57
C THR B 813 -1.38 -46.33 3.19
N GLU B 814 -2.29 -46.66 4.10
CA GLU B 814 -2.25 -47.98 4.72
C GLU B 814 -2.83 -49.05 3.80
N LYS B 815 -4.11 -48.92 3.43
CA LYS B 815 -4.78 -49.96 2.67
C LYS B 815 -4.85 -49.63 1.19
N GLY B 816 -5.42 -48.49 0.85
CA GLY B 816 -5.58 -48.10 -0.54
C GLY B 816 -6.66 -47.06 -0.69
N ALA B 817 -6.59 -46.33 -1.80
CA ALA B 817 -7.51 -45.23 -2.02
C ALA B 817 -8.96 -45.68 -2.12
N VAL B 818 -9.21 -46.93 -2.51
CA VAL B 818 -10.58 -47.38 -2.69
C VAL B 818 -11.27 -47.57 -1.33
N ALA B 819 -10.51 -47.89 -0.28
CA ALA B 819 -11.04 -48.15 1.05
C ALA B 819 -11.20 -46.89 1.88
N VAL B 820 -11.03 -45.71 1.28
CA VAL B 820 -11.01 -44.47 2.06
C VAL B 820 -12.44 -44.05 2.36
N PRO B 821 -12.76 -43.71 3.62
CA PRO B 821 -14.12 -43.25 3.92
C PRO B 821 -14.46 -41.97 3.18
N GLN B 822 -15.74 -41.85 2.81
CA GLN B 822 -16.22 -40.60 2.24
C GLN B 822 -16.39 -39.51 3.30
N ASP B 823 -16.65 -39.89 4.55
CA ASP B 823 -16.92 -38.92 5.60
C ASP B 823 -16.57 -39.53 6.94
N PHE B 824 -16.19 -38.67 7.88
CA PHE B 824 -15.89 -39.06 9.25
C PHE B 824 -16.93 -38.42 10.16
N ILE B 825 -17.69 -39.25 10.88
CA ILE B 825 -18.78 -38.80 11.74
C ILE B 825 -18.34 -38.96 13.19
N GLU B 826 -18.65 -37.95 14.00
CA GLU B 826 -18.23 -37.90 15.39
C GLU B 826 -19.41 -38.26 16.29
N LEU B 827 -19.19 -39.19 17.21
CA LEU B 827 -20.23 -39.61 18.15
C LEU B 827 -19.68 -39.61 19.57
N SER B 828 -20.57 -39.38 20.52
CA SER B 828 -20.18 -39.38 21.93
C SER B 828 -19.87 -40.80 22.40
N GLU B 829 -20.65 -41.77 21.96
CA GLU B 829 -20.45 -43.14 22.38
C GLU B 829 -21.04 -44.05 21.31
N PHE B 830 -20.74 -45.34 21.43
CA PHE B 830 -21.27 -46.35 20.53
C PHE B 830 -22.24 -47.27 21.27
N PRO B 831 -23.10 -47.98 20.54
CA PRO B 831 -23.98 -48.96 21.19
C PRO B 831 -23.18 -50.12 21.72
N GLU B 832 -22.88 -50.13 23.01
CA GLU B 832 -22.07 -51.18 23.62
C GLU B 832 -22.93 -51.98 24.59
N THR B 833 -22.84 -53.31 24.51
CA THR B 833 -23.51 -54.17 25.47
C THR B 833 -23.02 -53.88 26.89
N ARG B 834 -23.77 -54.37 27.88
CA ARG B 834 -23.38 -54.18 29.28
C ARG B 834 -21.98 -54.73 29.55
N SER B 835 -21.51 -55.67 28.75
CA SER B 835 -20.14 -56.14 28.87
C SER B 835 -19.15 -55.11 28.33
N GLY B 836 -19.53 -54.35 27.30
CA GLY B 836 -18.66 -53.36 26.69
C GLY B 836 -18.48 -53.52 25.20
N LYS B 837 -18.89 -54.65 24.62
CA LYS B 837 -18.66 -54.95 23.21
C LYS B 837 -19.60 -54.13 22.34
N TYR B 838 -19.07 -53.53 21.29
CA TYR B 838 -19.88 -52.72 20.38
C TYR B 838 -20.85 -53.60 19.61
N MET B 839 -21.93 -52.97 19.13
CA MET B 839 -22.98 -53.66 18.38
C MET B 839 -22.88 -53.18 16.93
N ARG B 840 -21.94 -53.77 16.19
CA ARG B 840 -21.77 -53.43 14.78
C ARG B 840 -23.05 -53.67 14.00
N ARG B 841 -23.75 -54.77 14.31
CA ARG B 841 -25.00 -55.07 13.62
C ARG B 841 -26.00 -53.92 13.79
N MET B 842 -26.25 -53.51 15.04
CA MET B 842 -27.20 -52.43 15.28
C MET B 842 -26.81 -51.17 14.52
N VAL B 843 -25.54 -50.78 14.61
CA VAL B 843 -25.10 -49.58 13.91
C VAL B 843 -25.35 -49.71 12.42
N ARG B 844 -24.99 -50.86 11.83
CA ARG B 844 -25.22 -51.06 10.41
C ARG B 844 -26.70 -50.95 10.08
N ALA B 845 -27.55 -51.53 10.93
CA ALA B 845 -28.99 -51.47 10.70
C ALA B 845 -29.46 -50.02 10.59
N VAL B 846 -29.10 -49.19 11.58
CA VAL B 846 -29.55 -47.80 11.57
C VAL B 846 -29.12 -47.12 10.28
N VAL B 847 -27.90 -47.41 9.80
CA VAL B 847 -27.38 -46.74 8.62
C VAL B 847 -28.14 -47.17 7.37
N GLU B 848 -28.46 -48.46 7.25
CA GLU B 848 -29.15 -48.98 6.08
C GLU B 848 -30.65 -48.70 6.10
N GLY B 849 -31.19 -48.20 7.21
CA GLY B 849 -32.61 -47.92 7.32
C GLY B 849 -33.47 -49.12 7.61
N GLY B 850 -32.89 -50.28 7.86
CA GLY B 850 -33.63 -51.51 8.07
C GLY B 850 -34.03 -51.72 9.51
N GLU B 851 -34.36 -52.97 9.84
CA GLU B 851 -34.84 -53.31 11.16
C GLU B 851 -33.68 -53.41 12.16
N VAL B 852 -33.91 -52.91 13.37
CA VAL B 852 -32.91 -52.96 14.42
C VAL B 852 -33.11 -54.24 15.22
N LEU B 858 -31.57 -55.68 21.68
CA LEU B 858 -31.55 -54.54 22.59
C LEU B 858 -31.01 -54.97 23.95
N ARG B 859 -29.72 -54.68 24.16
CA ARG B 859 -28.95 -55.32 25.22
C ARG B 859 -27.79 -54.40 25.61
N ASN B 860 -28.10 -53.16 26.00
CA ASN B 860 -27.05 -52.17 26.19
C ASN B 860 -27.66 -50.94 26.83
N PRO B 861 -26.83 -50.04 27.37
CA PRO B 861 -27.28 -48.66 27.62
C PRO B 861 -27.51 -47.90 26.33
N GLU B 862 -28.72 -47.45 26.05
CA GLU B 862 -29.05 -47.03 24.67
C GLU B 862 -28.75 -45.65 23.96
N SER B 863 -27.77 -45.68 23.05
CA SER B 863 -27.31 -44.57 22.23
C SER B 863 -27.73 -44.51 20.77
N LEU B 864 -28.71 -45.26 20.33
CA LEU B 864 -29.14 -45.25 18.97
C LEU B 864 -29.64 -43.93 18.50
N ASP B 865 -30.31 -43.15 19.33
CA ASP B 865 -30.78 -41.90 18.87
C ASP B 865 -29.66 -40.95 18.45
N GLU B 866 -28.52 -40.89 19.11
CA GLU B 866 -27.45 -40.01 18.62
C GLU B 866 -26.98 -40.44 17.23
N LEU B 867 -26.94 -41.75 17.00
CA LEU B 867 -26.54 -42.24 15.68
C LEU B 867 -27.59 -41.87 14.63
N ALA B 868 -28.86 -42.14 14.93
CA ALA B 868 -29.94 -41.85 13.99
C ALA B 868 -29.80 -40.44 13.44
N ARG B 869 -29.77 -39.45 14.33
CA ARG B 869 -29.74 -38.08 13.87
C ARG B 869 -28.47 -37.78 13.09
N ALA B 870 -27.37 -38.46 13.40
CA ALA B 870 -26.13 -38.24 12.66
C ALA B 870 -26.20 -38.88 11.28
N VAL B 871 -26.85 -40.03 11.17
CA VAL B 871 -27.05 -40.66 9.86
C VAL B 871 -28.01 -39.81 9.02
N ASP B 872 -29.14 -39.41 9.60
CA ASP B 872 -30.07 -38.53 8.88
C ASP B 872 -29.33 -37.33 8.30
N GLY B 873 -28.53 -36.65 9.12
CA GLY B 873 -27.76 -35.51 8.62
C GLY B 873 -26.91 -35.88 7.43
N TRP B 874 -26.23 -37.02 7.49
CA TRP B 874 -25.40 -37.45 6.36
C TRP B 874 -26.27 -37.87 5.18
N LYS B 875 -27.39 -38.53 5.45
CA LYS B 875 -28.26 -38.95 4.35
C LYS B 875 -28.81 -37.77 3.59
N ARG B 876 -29.11 -36.67 4.31
CA ARG B 876 -29.64 -35.47 3.66
C ARG B 876 -28.56 -34.79 2.82
N ARG B 877 -27.39 -34.57 3.40
CA ARG B 877 -26.27 -34.03 2.62
C ARG B 877 -26.00 -34.91 1.40
N GLN B 878 -25.98 -36.23 1.60
CA GLN B 878 -25.67 -37.14 0.50
C GLN B 878 -26.75 -37.06 -0.58
N SER B 879 -28.02 -36.89 -0.18
CA SER B 879 -29.07 -36.81 -1.18
C SER B 879 -28.91 -35.57 -2.05
N LEU B 880 -28.51 -34.47 -1.45
CA LEU B 880 -28.34 -33.26 -2.20
C LEU B 880 -27.25 -33.38 -3.22
N SER B 881 -26.16 -34.02 -2.88
CA SER B 881 -25.08 -34.20 -3.83
C SER B 881 -25.56 -34.93 -5.07
N ASP B 882 -26.44 -35.91 -4.91
CA ASP B 882 -26.89 -36.74 -6.03
C ASP B 882 -28.07 -36.13 -6.77
N THR B 883 -28.67 -35.05 -6.26
CA THR B 883 -29.74 -34.36 -6.95
C THR B 883 -29.32 -33.04 -7.57
N GLN B 884 -28.22 -32.43 -7.11
CA GLN B 884 -27.83 -31.11 -7.62
C GLN B 884 -27.54 -31.19 -9.11
N ALA B 885 -28.17 -30.28 -9.86
CA ALA B 885 -27.95 -30.15 -11.29
C ALA B 885 -27.23 -28.86 -11.63
N LEU B 886 -26.51 -28.28 -10.67
CA LEU B 886 -25.76 -27.05 -10.92
C LEU B 886 -24.40 -27.33 -11.52
N PHE B 887 -23.71 -28.40 -11.07
CA PHE B 887 -22.34 -28.69 -11.45
C PHE B 887 -22.19 -30.11 -11.98
N GLU B 888 -21.45 -30.24 -13.07
CA GLU B 888 -20.92 -31.51 -13.54
C GLU B 888 -19.40 -31.41 -13.50
N ARG B 889 -18.75 -32.38 -12.85
CA ARG B 889 -17.33 -32.28 -12.58
C ARG B 889 -16.57 -33.33 -13.39
N TYR B 890 -15.73 -32.86 -14.30
CA TYR B 890 -14.78 -33.72 -14.99
C TYR B 890 -13.39 -33.54 -14.38
N ARG B 891 -12.45 -34.36 -14.85
CA ARG B 891 -11.10 -34.34 -14.27
C ARG B 891 -10.44 -32.97 -14.49
N PHE B 892 -10.61 -32.40 -15.67
CA PHE B 892 -9.99 -31.12 -15.98
C PHE B 892 -11.02 -30.07 -16.38
N PHE B 893 -12.28 -30.27 -16.05
CA PHE B 893 -13.33 -29.34 -16.44
C PHE B 893 -14.47 -29.37 -15.45
N THR B 894 -15.12 -28.24 -15.31
CA THR B 894 -16.36 -28.12 -14.56
C THR B 894 -17.36 -27.38 -15.42
N ILE B 895 -18.62 -27.81 -15.36
CA ILE B 895 -19.70 -27.20 -16.12
C ILE B 895 -20.73 -26.69 -15.13
N GLN B 896 -21.06 -25.40 -15.25
CA GLN B 896 -21.97 -24.73 -14.34
C GLN B 896 -23.20 -24.30 -15.14
N TYR B 897 -24.30 -25.01 -14.95
CA TYR B 897 -25.54 -24.68 -15.61
C TYR B 897 -26.29 -23.62 -14.82
N ASN B 898 -26.88 -22.67 -15.54
CA ASN B 898 -27.73 -21.65 -14.95
C ASN B 898 -28.91 -21.41 -15.87
N LEU B 899 -30.09 -21.28 -15.29
CA LEU B 899 -31.31 -21.13 -16.08
C LEU B 899 -31.51 -19.67 -16.45
N VAL B 900 -31.60 -19.39 -17.74
CA VAL B 900 -31.87 -18.05 -18.25
C VAL B 900 -33.35 -17.85 -18.54
N ALA B 901 -34.01 -18.88 -19.09
CA ALA B 901 -35.43 -18.81 -19.43
C ALA B 901 -36.06 -20.17 -19.16
N PRO B 902 -37.39 -20.32 -19.30
CA PRO B 902 -38.02 -21.58 -18.89
C PRO B 902 -37.42 -22.82 -19.51
N GLY B 903 -37.19 -22.82 -20.81
CA GLY B 903 -36.64 -23.98 -21.48
C GLY B 903 -35.24 -23.75 -22.01
N LYS B 904 -34.55 -22.74 -21.47
CA LYS B 904 -33.25 -22.33 -21.97
C LYS B 904 -32.30 -22.16 -20.79
N ARG B 905 -31.26 -23.00 -20.75
CA ARG B 905 -30.20 -22.91 -19.75
C ARG B 905 -28.89 -22.57 -20.43
N VAL B 906 -28.01 -21.90 -19.69
CA VAL B 906 -26.66 -21.62 -20.15
C VAL B 906 -25.70 -22.50 -19.40
N ALA B 907 -24.64 -22.93 -20.07
CA ALA B 907 -23.58 -23.72 -19.48
C ALA B 907 -22.30 -22.89 -19.44
N THR B 908 -21.46 -23.16 -18.45
CA THR B 908 -20.18 -22.46 -18.30
C THR B 908 -19.09 -23.50 -18.06
N VAL B 909 -18.34 -23.82 -19.10
CA VAL B 909 -17.27 -24.80 -19.02
C VAL B 909 -16.00 -24.07 -18.57
N THR B 910 -15.40 -24.54 -17.49
CA THR B 910 -14.21 -23.93 -16.91
C THR B 910 -13.05 -24.92 -16.93
N VAL B 911 -12.01 -24.61 -17.69
CA VAL B 911 -10.80 -25.41 -17.65
C VAL B 911 -10.19 -25.31 -16.27
N LYS B 912 -9.67 -26.41 -15.80
CA LYS B 912 -8.95 -26.42 -14.58
C LYS B 912 -7.89 -27.51 -14.56
N ASN B 913 -6.74 -27.25 -15.13
CA ASN B 913 -5.64 -28.17 -15.07
C ASN B 913 -4.69 -27.25 -14.36
N PRO B 914 -4.43 -27.51 -13.11
CA PRO B 914 -3.81 -26.45 -12.36
C PRO B 914 -2.53 -25.81 -12.66
N PRO B 915 -1.49 -26.44 -13.23
CA PRO B 915 -0.32 -25.55 -13.30
C PRO B 915 -0.49 -24.32 -14.14
N VAL B 916 -0.96 -24.48 -15.36
CA VAL B 916 -1.24 -23.36 -16.27
C VAL B 916 -2.42 -23.56 -17.22
N ASN B 917 -3.39 -24.39 -16.89
CA ASN B 917 -4.48 -24.76 -17.73
C ASN B 917 -4.02 -25.34 -19.05
N ALA B 918 -2.97 -26.14 -19.05
CA ALA B 918 -2.55 -26.76 -20.29
C ALA B 918 -3.57 -27.80 -20.73
N LEU B 919 -3.50 -28.17 -22.00
CA LEU B 919 -4.41 -29.16 -22.57
C LEU B 919 -3.62 -30.43 -22.86
N ASN B 920 -3.71 -31.39 -21.93
CA ASN B 920 -3.16 -32.72 -22.16
C ASN B 920 -4.22 -33.59 -22.85
N GLU B 921 -3.85 -34.83 -23.15
CA GLU B 921 -4.73 -35.67 -23.96
C GLU B 921 -6.05 -35.94 -23.24
N ARG B 922 -5.98 -36.23 -21.93
CA ARG B 922 -7.22 -36.52 -21.22
C ARG B 922 -8.16 -35.32 -21.25
N ALA B 923 -7.62 -34.13 -20.98
CA ALA B 923 -8.43 -32.92 -21.10
C ALA B 923 -9.06 -32.82 -22.49
N LEU B 924 -8.27 -33.05 -23.54
CA LEU B 924 -8.80 -33.02 -24.89
C LEU B 924 -9.90 -34.06 -25.07
N ASP B 925 -9.69 -35.27 -24.55
CA ASP B 925 -10.70 -36.31 -24.61
C ASP B 925 -11.99 -35.82 -23.95
N GLU B 926 -11.89 -35.27 -22.75
CA GLU B 926 -13.07 -34.73 -22.07
C GLU B 926 -13.72 -33.63 -22.90
N LEU B 927 -12.91 -32.76 -23.50
CA LEU B 927 -13.44 -31.60 -24.21
C LEU B 927 -14.25 -32.03 -25.43
N VAL B 928 -13.95 -33.19 -26.00
CA VAL B 928 -14.76 -33.70 -27.09
C VAL B 928 -16.12 -34.13 -26.59
N ILE B 929 -16.17 -34.78 -25.42
CA ILE B 929 -17.45 -35.20 -24.88
C ILE B 929 -18.27 -33.99 -24.46
N ILE B 930 -17.64 -33.05 -23.74
CA ILE B 930 -18.33 -31.83 -23.34
C ILE B 930 -18.90 -31.12 -24.56
N ALA B 931 -18.12 -31.02 -25.64
CA ALA B 931 -18.55 -30.27 -26.80
C ALA B 931 -19.72 -30.95 -27.51
N GLU B 932 -19.63 -32.26 -27.71
CA GLU B 932 -20.72 -32.98 -28.37
C GLU B 932 -21.98 -32.97 -27.52
N HIS B 933 -21.85 -33.29 -26.23
CA HIS B 933 -23.00 -33.37 -25.34
C HIS B 933 -23.78 -32.06 -25.32
N LEU B 934 -23.08 -30.96 -25.07
CA LEU B 934 -23.77 -29.67 -25.03
C LEU B 934 -24.40 -29.33 -26.37
N ALA B 935 -23.90 -29.90 -27.46
CA ALA B 935 -24.52 -29.66 -28.76
C ALA B 935 -25.83 -30.43 -28.89
N ARG B 936 -25.87 -31.66 -28.36
CA ARG B 936 -27.09 -32.46 -28.39
C ARG B 936 -28.06 -32.10 -27.29
N LYS B 937 -27.61 -31.40 -26.25
CA LYS B 937 -28.45 -31.11 -25.10
C LYS B 937 -29.29 -29.87 -25.42
N ASP B 938 -30.38 -30.10 -26.15
CA ASP B 938 -31.30 -29.02 -26.51
C ASP B 938 -31.72 -28.20 -25.30
N ASP B 939 -31.67 -28.81 -24.11
CA ASP B 939 -31.88 -28.08 -22.85
C ASP B 939 -31.02 -26.82 -22.79
N VAL B 940 -29.80 -26.87 -23.34
CA VAL B 940 -28.85 -25.76 -23.30
C VAL B 940 -29.03 -24.88 -24.53
N ALA B 941 -29.01 -23.57 -24.32
CA ALA B 941 -29.17 -22.60 -25.40
C ALA B 941 -27.84 -22.02 -25.88
N ALA B 942 -26.85 -21.95 -24.99
CA ALA B 942 -25.57 -21.39 -25.32
C ALA B 942 -24.51 -22.03 -24.42
N VAL B 943 -23.25 -21.68 -24.67
CA VAL B 943 -22.12 -22.24 -23.97
C VAL B 943 -21.09 -21.14 -23.79
N VAL B 944 -20.52 -21.05 -22.60
CA VAL B 944 -19.44 -20.11 -22.32
C VAL B 944 -18.23 -20.92 -21.87
N PHE B 945 -17.09 -20.69 -22.53
CA PHE B 945 -15.82 -21.28 -22.16
C PHE B 945 -14.94 -20.24 -21.49
N THR B 946 -14.26 -20.64 -20.41
CA THR B 946 -13.36 -19.75 -19.70
C THR B 946 -12.35 -20.61 -18.93
N GLY B 947 -11.42 -19.93 -18.27
CA GLY B 947 -10.38 -20.64 -17.56
C GLY B 947 -10.33 -20.34 -16.08
N SER B 948 -9.69 -21.24 -15.33
CA SER B 948 -9.56 -21.09 -13.90
C SER B 948 -8.39 -20.18 -13.55
N GLY B 949 -8.50 -19.51 -12.40
CA GLY B 949 -7.46 -18.62 -11.95
C GLY B 949 -7.38 -17.36 -12.79
N THR B 950 -6.40 -16.52 -12.46
CA THR B 950 -6.24 -15.22 -13.09
C THR B 950 -5.07 -15.15 -14.04
N ALA B 951 -4.26 -16.21 -14.15
CA ALA B 951 -3.06 -16.14 -14.94
C ALA B 951 -3.30 -16.46 -16.41
N SER B 952 -3.94 -17.59 -16.70
CA SER B 952 -4.04 -18.03 -18.08
C SER B 952 -5.42 -18.61 -18.37
N PHE B 953 -5.86 -18.39 -19.60
CA PHE B 953 -7.04 -19.05 -20.14
C PHE B 953 -6.71 -20.50 -20.48
N VAL B 954 -5.91 -20.69 -21.51
CA VAL B 954 -5.23 -21.96 -21.79
C VAL B 954 -3.87 -21.62 -22.36
N ALA B 955 -2.80 -22.01 -21.68
CA ALA B 955 -1.47 -21.58 -22.07
C ALA B 955 -0.85 -22.47 -23.14
N GLY B 956 -1.49 -23.56 -23.51
CA GLY B 956 -1.08 -24.34 -24.66
C GLY B 956 -1.31 -25.81 -24.42
N ALA B 957 -0.67 -26.62 -25.23
CA ALA B 957 -0.71 -28.06 -25.05
C ALA B 957 0.36 -28.48 -24.06
N ASP B 958 0.12 -29.61 -23.39
CA ASP B 958 1.11 -30.15 -22.48
C ASP B 958 2.37 -30.52 -23.25
N ILE B 959 3.43 -29.71 -23.09
CA ILE B 959 4.65 -29.91 -23.87
C ILE B 959 5.46 -31.08 -23.33
N ARG B 960 5.52 -31.23 -22.01
CA ARG B 960 6.19 -32.38 -21.43
C ARG B 960 5.59 -33.67 -21.97
N GLN B 961 4.27 -33.69 -22.16
CA GLN B 961 3.62 -34.89 -22.65
C GLN B 961 4.02 -35.21 -24.07
N MET B 962 4.18 -34.17 -24.91
CA MET B 962 4.57 -34.39 -26.29
C MET B 962 6.02 -34.84 -26.42
N LEU B 963 6.83 -34.63 -25.38
CA LEU B 963 8.22 -35.07 -25.41
C LEU B 963 8.40 -36.46 -24.82
N GLU B 964 7.75 -36.75 -23.69
CA GLU B 964 8.00 -37.96 -22.94
C GLU B 964 6.99 -39.08 -23.18
N GLU B 965 5.85 -38.78 -23.80
CA GLU B 965 4.78 -39.77 -23.97
C GLU B 965 4.40 -39.96 -25.44
N VAL B 966 5.28 -39.60 -26.36
CA VAL B 966 5.03 -39.76 -27.78
C VAL B 966 6.30 -40.25 -28.46
N ASN B 967 6.33 -41.53 -28.84
CA ASN B 967 7.48 -42.08 -29.55
C ASN B 967 7.05 -42.79 -30.84
N SER B 968 5.82 -42.58 -31.28
CA SER B 968 5.33 -43.15 -32.52
C SER B 968 4.40 -42.15 -33.18
N VAL B 969 4.09 -42.40 -34.45
CA VAL B 969 3.16 -41.53 -35.17
C VAL B 969 1.74 -41.74 -34.68
N GLU B 970 1.38 -42.98 -34.34
CA GLU B 970 0.03 -43.26 -33.85
C GLU B 970 -0.26 -42.48 -32.59
N GLU B 971 0.73 -42.39 -31.70
CA GLU B 971 0.57 -41.60 -30.48
C GLU B 971 0.52 -40.12 -30.78
N ALA B 972 1.23 -39.68 -31.82
CA ALA B 972 1.31 -38.26 -32.12
C ALA B 972 0.00 -37.73 -32.68
N LYS B 973 -0.53 -38.38 -33.73
CA LYS B 973 -1.69 -37.81 -34.41
C LYS B 973 -2.96 -37.87 -33.55
N ALA B 974 -2.93 -38.54 -32.40
CA ALA B 974 -4.09 -38.55 -31.52
C ALA B 974 -4.40 -37.16 -30.97
N LEU B 975 -3.35 -36.38 -30.65
CA LEU B 975 -3.60 -35.07 -30.07
C LEU B 975 -4.31 -34.13 -31.04
N PRO B 976 -3.83 -33.92 -32.27
CA PRO B 976 -4.56 -33.01 -33.17
C PRO B 976 -5.90 -33.56 -33.58
N ASP B 977 -5.98 -34.87 -33.84
CA ASP B 977 -7.24 -35.44 -34.28
C ASP B 977 -8.34 -35.17 -33.27
N ASN B 978 -8.03 -35.33 -31.98
CA ASN B 978 -9.03 -35.09 -30.95
C ASN B 978 -9.22 -33.60 -30.69
N ALA B 979 -8.12 -32.85 -30.72
CA ALA B 979 -8.21 -31.41 -30.45
C ALA B 979 -8.95 -30.70 -31.57
N GLN B 980 -8.56 -30.98 -32.82
CA GLN B 980 -9.31 -30.46 -33.95
C GLN B 980 -10.78 -30.84 -33.84
N LEU B 981 -11.05 -32.08 -33.46
CA LEU B 981 -12.43 -32.57 -33.38
C LEU B 981 -13.20 -31.82 -32.31
N ALA B 982 -12.62 -31.67 -31.11
CA ALA B 982 -13.30 -30.87 -30.10
C ALA B 982 -13.62 -29.49 -30.62
N PHE B 983 -12.61 -28.80 -31.14
CA PHE B 983 -12.78 -27.44 -31.64
C PHE B 983 -13.77 -27.39 -32.81
N ARG B 984 -13.77 -28.41 -33.66
CA ARG B 984 -14.72 -28.43 -34.78
C ARG B 984 -16.14 -28.62 -34.28
N THR B 985 -16.32 -29.41 -33.22
CA THR B 985 -17.65 -29.56 -32.62
C THR B 985 -18.18 -28.22 -32.14
N ILE B 986 -17.32 -27.44 -31.49
CA ILE B 986 -17.69 -26.09 -31.06
C ILE B 986 -18.05 -25.24 -32.27
N GLU B 987 -17.18 -25.22 -33.28
CA GLU B 987 -17.33 -24.34 -34.42
C GLU B 987 -18.62 -24.62 -35.19
N GLU B 988 -18.98 -25.91 -35.31
CA GLU B 988 -20.11 -26.31 -36.11
C GLU B 988 -21.38 -26.50 -35.30
N MET B 989 -21.31 -26.23 -34.00
CA MET B 989 -22.48 -26.31 -33.14
C MET B 989 -23.56 -25.34 -33.63
N ASP B 990 -24.81 -25.63 -33.24
CA ASP B 990 -25.95 -24.76 -33.52
C ASP B 990 -26.31 -23.91 -32.29
N LYS B 991 -25.34 -23.60 -31.43
CA LYS B 991 -25.55 -22.76 -30.26
C LYS B 991 -24.40 -21.78 -30.13
N PRO B 992 -24.66 -20.53 -29.77
CA PRO B 992 -23.55 -19.58 -29.60
C PRO B 992 -22.61 -20.06 -28.50
N CYS B 993 -21.32 -20.06 -28.81
CA CYS B 993 -20.27 -20.52 -27.90
C CYS B 993 -19.32 -19.36 -27.69
N ILE B 994 -19.35 -18.77 -26.50
CA ILE B 994 -18.53 -17.62 -26.18
C ILE B 994 -17.29 -18.10 -25.44
N ALA B 995 -16.18 -17.41 -25.70
CA ALA B 995 -14.92 -17.61 -24.99
C ALA B 995 -14.70 -16.41 -24.08
N ALA B 996 -14.80 -16.63 -22.77
CA ALA B 996 -14.49 -15.59 -21.79
C ALA B 996 -13.03 -15.78 -21.37
N ILE B 997 -12.15 -14.99 -21.97
CA ILE B 997 -10.71 -15.19 -21.88
C ILE B 997 -10.18 -14.31 -20.74
N GLN B 998 -10.02 -14.91 -19.56
CA GLN B 998 -9.55 -14.17 -18.39
C GLN B 998 -8.04 -14.26 -18.17
N GLY B 999 -7.32 -15.01 -19.00
CA GLY B 999 -5.88 -15.09 -18.93
C GLY B 999 -5.32 -15.37 -20.30
N VAL B 1000 -4.00 -15.45 -20.39
CA VAL B 1000 -3.36 -15.59 -21.69
C VAL B 1000 -3.95 -16.79 -22.42
N ALA B 1001 -4.05 -16.69 -23.74
CA ALA B 1001 -4.44 -17.79 -24.60
C ALA B 1001 -3.31 -17.99 -25.62
N LEU B 1002 -2.56 -19.07 -25.47
CA LEU B 1002 -1.34 -19.30 -26.23
C LEU B 1002 -1.40 -20.66 -26.89
N GLY B 1003 -1.07 -20.71 -28.17
CA GLY B 1003 -1.01 -21.98 -28.87
C GLY B 1003 -2.36 -22.67 -28.87
N GLY B 1004 -2.39 -23.89 -28.37
CA GLY B 1004 -3.64 -24.62 -28.28
C GLY B 1004 -4.73 -23.80 -27.63
N GLY B 1005 -4.36 -22.96 -26.65
CA GLY B 1005 -5.34 -22.07 -26.04
C GLY B 1005 -5.87 -21.05 -27.01
N MET B 1006 -4.98 -20.43 -27.79
CA MET B 1006 -5.43 -19.56 -28.86
C MET B 1006 -6.31 -20.32 -29.84
N GLU B 1007 -5.91 -21.54 -30.21
CA GLU B 1007 -6.70 -22.36 -31.13
C GLU B 1007 -8.03 -22.76 -30.52
N PHE B 1008 -8.11 -22.82 -29.20
CA PHE B 1008 -9.38 -23.03 -28.53
C PHE B 1008 -10.32 -21.85 -28.74
N ALA B 1009 -9.86 -20.66 -28.37
CA ALA B 1009 -10.68 -19.46 -28.53
C ALA B 1009 -11.06 -19.26 -30.00
N LEU B 1010 -10.15 -19.55 -30.93
CA LEU B 1010 -10.42 -19.33 -32.34
C LEU B 1010 -11.56 -20.18 -32.86
N ALA B 1011 -11.94 -21.23 -32.13
CA ALA B 1011 -13.02 -22.11 -32.55
C ALA B 1011 -14.38 -21.65 -32.04
N CYS B 1012 -14.41 -20.75 -31.06
CA CYS B 1012 -15.69 -20.23 -30.58
C CYS B 1012 -16.24 -19.19 -31.55
N HIS B 1013 -17.52 -18.87 -31.39
CA HIS B 1013 -18.16 -17.89 -32.26
C HIS B 1013 -17.92 -16.45 -31.81
N TYR B 1014 -17.69 -16.22 -30.51
CA TYR B 1014 -17.43 -14.89 -30.00
C TYR B 1014 -16.35 -14.98 -28.95
N ARG B 1015 -15.45 -14.00 -28.94
CA ARG B 1015 -14.32 -13.94 -28.01
C ARG B 1015 -14.37 -12.59 -27.30
N VAL B 1016 -14.42 -12.62 -25.98
CA VAL B 1016 -14.33 -11.41 -25.16
C VAL B 1016 -13.25 -11.65 -24.12
N ALA B 1017 -12.25 -10.78 -24.11
CA ALA B 1017 -11.03 -11.02 -23.36
C ALA B 1017 -10.85 -9.95 -22.30
N GLU B 1018 -10.01 -10.26 -21.33
CA GLU B 1018 -9.61 -9.26 -20.37
C GLU B 1018 -8.48 -8.43 -20.94
N PRO B 1019 -8.31 -7.19 -20.46
CA PRO B 1019 -7.18 -6.39 -20.93
C PRO B 1019 -5.83 -7.03 -20.70
N LYS B 1020 -5.68 -7.83 -19.64
CA LYS B 1020 -4.37 -8.38 -19.32
C LYS B 1020 -4.04 -9.61 -20.13
N ALA B 1021 -4.97 -10.10 -20.94
CA ALA B 1021 -4.74 -11.32 -21.71
C ALA B 1021 -3.78 -11.08 -22.86
N ARG B 1022 -2.94 -12.07 -23.12
CA ARG B 1022 -2.00 -12.05 -24.23
C ARG B 1022 -2.27 -13.25 -25.13
N PHE B 1023 -1.86 -13.13 -26.38
CA PHE B 1023 -2.23 -14.11 -27.39
C PHE B 1023 -1.05 -14.38 -28.30
N GLY B 1024 -0.93 -15.63 -28.74
CA GLY B 1024 0.17 -15.99 -29.61
C GLY B 1024 0.07 -17.45 -30.00
N GLN B 1025 0.86 -17.79 -31.02
CA GLN B 1025 1.02 -19.15 -31.51
C GLN B 1025 2.51 -19.47 -31.42
N PRO B 1026 3.02 -19.78 -30.24
CA PRO B 1026 4.46 -20.02 -30.08
C PRO B 1026 4.92 -21.43 -30.39
N GLU B 1027 4.07 -22.26 -30.99
CA GLU B 1027 4.45 -23.64 -31.25
C GLU B 1027 5.75 -23.74 -32.04
N ILE B 1028 6.05 -22.73 -32.86
CA ILE B 1028 7.24 -22.81 -33.68
C ILE B 1028 8.49 -22.73 -32.82
N ASN B 1029 8.39 -22.12 -31.63
CA ASN B 1029 9.52 -22.13 -30.71
C ASN B 1029 9.98 -23.55 -30.41
N LEU B 1030 9.06 -24.51 -30.36
CA LEU B 1030 9.37 -25.90 -30.07
C LEU B 1030 9.71 -26.69 -31.33
N ARG B 1031 10.01 -26.02 -32.44
CA ARG B 1031 10.20 -26.67 -33.73
C ARG B 1031 8.95 -27.41 -34.18
N LEU B 1032 7.79 -26.95 -33.70
CA LEU B 1032 6.49 -27.48 -34.05
C LEU B 1032 5.73 -26.46 -34.90
N LEU B 1033 4.42 -26.57 -34.91
CA LEU B 1033 3.55 -25.63 -35.62
C LEU B 1033 2.17 -25.70 -34.97
N PRO B 1034 1.31 -24.71 -35.21
CA PRO B 1034 -0.09 -24.85 -34.77
C PRO B 1034 -0.69 -26.14 -35.29
N GLY B 1035 -1.13 -27.02 -34.38
CA GLY B 1035 -1.62 -28.33 -34.78
C GLY B 1035 -3.11 -28.52 -34.59
N TYR B 1036 -3.73 -27.68 -33.77
CA TYR B 1036 -5.14 -27.78 -33.46
C TYR B 1036 -5.99 -26.75 -34.21
N GLY B 1037 -5.57 -26.37 -35.42
CA GLY B 1037 -6.35 -25.50 -36.28
C GLY B 1037 -5.79 -24.11 -36.49
N GLY B 1038 -4.64 -23.79 -35.89
CA GLY B 1038 -4.12 -22.44 -36.02
C GLY B 1038 -3.85 -22.05 -37.46
N THR B 1039 -3.19 -22.93 -38.22
CA THR B 1039 -2.80 -22.59 -39.58
C THR B 1039 -3.99 -22.26 -40.47
N GLN B 1040 -5.21 -22.58 -40.05
CA GLN B 1040 -6.42 -22.34 -40.81
C GLN B 1040 -7.25 -21.23 -40.20
N ARG B 1041 -7.73 -21.43 -38.97
CA ARG B 1041 -8.67 -20.48 -38.39
C ARG B 1041 -8.02 -19.12 -38.19
N LEU B 1042 -6.70 -19.08 -37.95
CA LEU B 1042 -6.06 -17.80 -37.65
C LEU B 1042 -5.85 -16.98 -38.92
N PRO B 1043 -5.19 -17.51 -39.94
CA PRO B 1043 -5.11 -16.73 -41.19
C PRO B 1043 -6.48 -16.41 -41.77
N ARG B 1044 -7.39 -17.37 -41.77
CA ARG B 1044 -8.70 -17.11 -42.36
C ARG B 1044 -9.44 -16.01 -41.60
N LEU B 1045 -9.40 -16.04 -40.27
CA LEU B 1045 -10.12 -15.04 -39.49
C LEU B 1045 -9.52 -13.65 -39.71
N LEU B 1046 -8.20 -13.53 -39.53
CA LEU B 1046 -7.56 -12.23 -39.67
C LEU B 1046 -7.59 -11.73 -41.10
N ALA B 1047 -7.48 -12.64 -42.06
CA ALA B 1047 -7.63 -12.25 -43.46
C ALA B 1047 -9.02 -11.69 -43.70
N ASP B 1048 -10.03 -12.26 -43.05
CA ASP B 1048 -11.41 -11.80 -43.28
C ASP B 1048 -11.64 -10.39 -42.74
N GLY B 1049 -10.97 -10.03 -41.64
CA GLY B 1049 -11.13 -8.71 -41.06
C GLY B 1049 -10.06 -7.72 -41.41
N GLY B 1050 -9.06 -8.10 -42.20
CA GLY B 1050 -7.95 -7.23 -42.49
C GLY B 1050 -7.33 -7.43 -43.86
N GLY B 1051 -7.80 -8.42 -44.60
CA GLY B 1051 -7.32 -8.61 -45.96
C GLY B 1051 -5.86 -8.98 -45.98
N GLU B 1052 -5.15 -8.49 -47.00
CA GLU B 1052 -3.74 -8.82 -47.14
C GLU B 1052 -2.99 -8.57 -45.85
N THR B 1053 -3.14 -7.38 -45.27
CA THR B 1053 -2.49 -7.10 -44.00
C THR B 1053 -2.90 -8.10 -42.94
N GLY B 1054 -4.15 -8.60 -43.00
CA GLY B 1054 -4.61 -9.55 -42.01
C GLY B 1054 -3.90 -10.88 -42.12
N LEU B 1055 -3.81 -11.41 -43.34
CA LEU B 1055 -3.04 -12.63 -43.56
C LEU B 1055 -1.58 -12.42 -43.16
N ARG B 1056 -0.97 -11.36 -43.68
CA ARG B 1056 0.38 -11.01 -43.29
C ARG B 1056 0.57 -11.08 -41.78
N ASP B 1057 -0.33 -10.46 -41.02
CA ASP B 1057 -0.20 -10.45 -39.58
C ASP B 1057 -0.39 -11.85 -38.99
N ALA B 1058 -1.30 -12.63 -39.59
CA ALA B 1058 -1.44 -14.01 -39.14
C ALA B 1058 -0.16 -14.80 -39.32
N LEU B 1059 0.66 -14.42 -40.30
CA LEU B 1059 1.93 -15.09 -40.51
C LEU B 1059 2.98 -14.62 -39.52
N ASP B 1060 2.93 -13.35 -39.10
CA ASP B 1060 3.82 -12.89 -38.04
C ASP B 1060 3.68 -13.78 -36.81
N LEU B 1061 2.43 -14.07 -36.43
CA LEU B 1061 2.18 -14.79 -35.19
C LEU B 1061 2.55 -16.27 -35.31
N ILE B 1062 2.48 -16.84 -36.51
CA ILE B 1062 2.77 -18.25 -36.70
C ILE B 1062 4.25 -18.47 -36.93
N LEU B 1063 4.84 -17.73 -37.87
CA LEU B 1063 6.26 -17.90 -38.16
C LEU B 1063 7.13 -17.28 -37.06
N GLY B 1064 6.69 -16.15 -36.51
CA GLY B 1064 7.47 -15.47 -35.50
C GLY B 1064 7.27 -16.04 -34.11
N GLY B 1065 6.05 -16.48 -33.82
CA GLY B 1065 5.76 -17.17 -32.58
C GLY B 1065 5.83 -16.31 -31.33
N ARG B 1066 5.51 -15.03 -31.43
CA ARG B 1066 5.58 -14.15 -30.28
C ARG B 1066 4.19 -13.60 -29.96
N ALA B 1067 4.01 -13.29 -28.68
CA ALA B 1067 2.70 -12.92 -28.17
C ALA B 1067 2.42 -11.44 -28.36
N ILE B 1068 1.16 -11.08 -28.17
CA ILE B 1068 0.69 -9.72 -28.32
C ILE B 1068 -0.25 -9.41 -27.15
N ASP B 1069 -0.35 -8.13 -26.81
CA ASP B 1069 -1.26 -7.74 -25.75
C ASP B 1069 -2.70 -7.70 -26.27
N ALA B 1070 -3.64 -7.51 -25.34
CA ALA B 1070 -5.06 -7.59 -25.69
C ALA B 1070 -5.47 -6.48 -26.65
N ASP B 1071 -4.87 -5.30 -26.53
CA ASP B 1071 -5.15 -4.22 -27.48
C ASP B 1071 -4.83 -4.66 -28.90
N ALA B 1072 -3.65 -5.26 -29.11
CA ALA B 1072 -3.27 -5.70 -30.44
C ALA B 1072 -4.24 -6.75 -30.96
N ALA B 1073 -4.54 -7.76 -30.14
CA ALA B 1073 -5.45 -8.81 -30.56
C ALA B 1073 -6.79 -8.23 -31.01
N LEU B 1074 -7.29 -7.22 -30.31
CA LEU B 1074 -8.57 -6.63 -30.69
C LEU B 1074 -8.47 -5.95 -32.05
N ALA B 1075 -7.38 -5.20 -32.28
CA ALA B 1075 -7.25 -4.46 -33.53
C ALA B 1075 -7.15 -5.38 -34.73
N VAL B 1076 -6.41 -6.48 -34.60
CA VAL B 1076 -6.19 -7.35 -35.74
C VAL B 1076 -7.40 -8.23 -36.04
N GLY B 1077 -8.32 -8.36 -35.09
CA GLY B 1077 -9.50 -9.18 -35.26
C GLY B 1077 -9.46 -10.49 -34.51
N ALA B 1078 -8.42 -10.74 -33.71
CA ALA B 1078 -8.33 -12.00 -32.98
C ALA B 1078 -9.47 -12.14 -31.98
N VAL B 1079 -9.76 -11.10 -31.22
CA VAL B 1079 -10.91 -11.06 -30.32
C VAL B 1079 -11.84 -9.96 -30.79
N ASP B 1080 -13.04 -9.94 -30.22
CA ASP B 1080 -14.10 -9.03 -30.65
C ASP B 1080 -14.43 -7.96 -29.62
N ALA B 1081 -14.09 -8.19 -28.36
CA ALA B 1081 -14.46 -7.26 -27.30
C ALA B 1081 -13.51 -7.46 -26.15
N LEU B 1082 -13.26 -6.38 -25.43
CA LEU B 1082 -12.48 -6.41 -24.20
C LEU B 1082 -13.38 -5.98 -23.05
N ALA B 1083 -13.08 -6.51 -21.86
CA ALA B 1083 -13.81 -6.18 -20.64
C ALA B 1083 -13.10 -5.03 -19.94
N ASP B 1084 -13.44 -3.81 -20.33
CA ASP B 1084 -12.76 -2.62 -19.83
C ASP B 1084 -13.26 -2.25 -18.44
N GLY B 1085 -12.38 -1.58 -17.67
CA GLY B 1085 -12.76 -1.07 -16.37
C GLY B 1085 -13.12 -2.20 -15.42
N SER B 1086 -14.25 -2.06 -14.74
CA SER B 1086 -14.75 -3.09 -13.84
C SER B 1086 -15.59 -4.13 -14.54
N ASP B 1087 -15.63 -4.11 -15.87
CA ASP B 1087 -16.27 -5.17 -16.62
C ASP B 1087 -15.46 -6.46 -16.47
N ASN B 1088 -16.16 -7.59 -16.56
CA ASN B 1088 -15.56 -8.89 -16.34
C ASN B 1088 -15.90 -9.79 -17.52
N ALA B 1089 -14.87 -10.43 -18.10
CA ALA B 1089 -15.06 -11.16 -19.35
C ALA B 1089 -16.16 -12.21 -19.23
N LEU B 1090 -16.24 -12.90 -18.09
CA LEU B 1090 -17.27 -13.92 -17.92
C LEU B 1090 -18.65 -13.28 -17.84
N SER B 1091 -18.78 -12.24 -17.02
CA SER B 1091 -20.07 -11.56 -16.85
C SER B 1091 -20.53 -10.94 -18.17
N HIS B 1092 -19.61 -10.34 -18.91
CA HIS B 1092 -19.93 -9.82 -20.23
C HIS B 1092 -20.53 -10.92 -21.10
N ALA B 1093 -19.83 -12.05 -21.19
CA ALA B 1093 -20.32 -13.19 -21.96
C ALA B 1093 -21.76 -13.53 -21.58
N HIS B 1094 -22.03 -13.65 -20.28
CA HIS B 1094 -23.36 -14.01 -19.85
C HIS B 1094 -24.34 -12.87 -20.03
N ALA B 1095 -23.86 -11.63 -20.00
CA ALA B 1095 -24.73 -10.52 -20.38
C ALA B 1095 -25.11 -10.63 -21.85
N MET B 1096 -24.26 -11.26 -22.66
CA MET B 1096 -24.57 -11.43 -24.08
C MET B 1096 -25.57 -12.55 -24.30
N VAL B 1097 -25.45 -13.66 -23.56
CA VAL B 1097 -26.41 -14.74 -23.75
C VAL B 1097 -27.77 -14.32 -23.21
N ARG B 1098 -27.76 -13.55 -22.11
CA ARG B 1098 -29.02 -13.10 -21.52
C ARG B 1098 -29.83 -12.30 -22.53
N GLU B 1099 -29.18 -11.37 -23.22
CA GLU B 1099 -29.85 -10.64 -24.29
C GLU B 1099 -30.07 -11.51 -25.52
N PHE B 1100 -29.26 -12.56 -25.71
CA PHE B 1100 -29.48 -13.47 -26.81
C PHE B 1100 -30.78 -14.27 -26.64
N VAL B 1101 -31.16 -14.55 -25.39
CA VAL B 1101 -32.39 -15.29 -25.14
C VAL B 1101 -33.60 -14.41 -25.45
N ARG B 1102 -33.58 -13.16 -25.00
CA ARG B 1102 -34.77 -12.32 -25.14
C ARG B 1102 -34.89 -11.68 -26.51
N SER B 1103 -33.77 -11.43 -27.20
CA SER B 1103 -33.80 -10.74 -28.47
C SER B 1103 -33.49 -11.62 -29.67
N GLY B 1104 -33.06 -12.87 -29.47
CA GLY B 1104 -32.88 -13.79 -30.58
C GLY B 1104 -31.93 -13.26 -31.64
N ASP B 1105 -32.39 -13.24 -32.89
CA ASP B 1105 -31.55 -12.85 -34.02
C ASP B 1105 -31.12 -11.37 -33.95
N ASP B 1106 -31.79 -10.55 -33.14
CA ASP B 1106 -31.46 -9.14 -33.04
C ASP B 1106 -30.34 -8.85 -32.04
N SER B 1107 -29.98 -9.82 -31.20
CA SER B 1107 -28.91 -9.63 -30.25
C SER B 1107 -27.56 -9.67 -30.95
N ALA B 1108 -26.61 -8.89 -30.43
CA ALA B 1108 -25.25 -8.92 -30.95
C ALA B 1108 -24.75 -10.35 -31.04
N LEU B 1109 -25.06 -11.16 -30.03
CA LEU B 1109 -24.62 -12.55 -30.03
C LEU B 1109 -25.35 -13.36 -31.09
N GLY B 1110 -26.62 -13.04 -31.35
CA GLY B 1110 -27.34 -13.65 -32.45
C GLY B 1110 -26.73 -13.24 -33.78
N LYS B 1111 -26.67 -11.93 -34.02
CA LYS B 1111 -25.96 -11.42 -35.18
C LYS B 1111 -24.58 -12.04 -35.30
N ALA B 1112 -23.86 -12.17 -34.17
CA ALA B 1112 -22.49 -12.66 -34.20
C ALA B 1112 -22.44 -14.15 -34.53
N PHE B 1113 -23.38 -14.94 -34.01
CA PHE B 1113 -23.36 -16.37 -34.27
C PHE B 1113 -23.78 -16.66 -35.71
N ALA B 1114 -24.76 -15.91 -36.22
CA ALA B 1114 -25.20 -16.10 -37.60
C ALA B 1114 -24.10 -15.70 -38.58
N ALA B 1115 -23.38 -14.61 -38.29
CA ALA B 1115 -22.28 -14.19 -39.15
C ALA B 1115 -21.14 -15.20 -39.13
N ARG B 1116 -20.74 -15.65 -37.94
CA ARG B 1116 -19.68 -16.64 -37.86
C ARG B 1116 -20.07 -17.93 -38.56
N LYS B 1117 -21.36 -18.30 -38.52
CA LYS B 1117 -21.82 -19.47 -39.24
C LYS B 1117 -21.44 -19.38 -40.72
N THR B 1118 -21.77 -18.25 -41.36
CA THR B 1118 -21.43 -18.08 -42.77
C THR B 1118 -19.92 -17.93 -42.95
N GLN B 1119 -19.21 -17.41 -41.95
CA GLN B 1119 -17.77 -17.22 -42.07
C GLN B 1119 -17.05 -18.56 -42.16
N THR B 1120 -17.40 -19.50 -41.26
CA THR B 1120 -16.71 -20.80 -41.25
C THR B 1120 -16.91 -21.55 -42.55
N GLN B 1121 -18.15 -21.59 -43.06
CA GLN B 1121 -18.42 -22.34 -44.28
C GLN B 1121 -17.71 -21.73 -45.48
N SER B 1122 -17.34 -20.46 -45.43
CA SER B 1122 -16.52 -19.87 -46.48
C SER B 1122 -15.07 -20.28 -46.36
N TRP B 1123 -14.61 -20.64 -45.15
CA TRP B 1123 -13.24 -21.11 -44.97
C TRP B 1123 -13.02 -22.49 -45.58
N HIS B 1124 -14.10 -23.24 -45.85
CA HIS B 1124 -13.96 -24.54 -46.50
C HIS B 1124 -13.70 -24.43 -48.00
N GLU B 1125 -13.79 -23.23 -48.57
CA GLU B 1125 -13.50 -23.00 -49.97
C GLU B 1125 -12.18 -22.27 -50.12
N PRO B 1126 -11.50 -22.39 -51.26
CA PRO B 1126 -10.21 -21.71 -51.43
C PRO B 1126 -10.37 -20.21 -51.28
N ALA B 1127 -9.41 -19.59 -50.59
CA ALA B 1127 -9.45 -18.16 -50.36
C ALA B 1127 -9.14 -17.39 -51.63
N SER B 1128 -9.57 -16.13 -51.65
CA SER B 1128 -9.41 -15.25 -52.80
C SER B 1128 -8.23 -14.28 -52.65
N ILE B 1129 -7.40 -14.46 -51.62
CA ILE B 1129 -6.24 -13.61 -51.35
C ILE B 1129 -4.97 -14.36 -51.76
N ASP B 1130 -4.05 -13.64 -52.40
CA ASP B 1130 -2.80 -14.24 -52.86
C ASP B 1130 -1.87 -14.45 -51.68
N LEU B 1131 -1.71 -15.71 -51.27
CA LEU B 1131 -0.80 -16.04 -50.17
C LEU B 1131 0.65 -15.82 -50.56
N ASP B 1132 0.97 -16.03 -51.84
CA ASP B 1132 2.36 -15.97 -52.28
C ASP B 1132 2.88 -14.54 -52.26
N ALA B 1133 2.02 -13.58 -52.62
CA ALA B 1133 2.44 -12.18 -52.67
C ALA B 1133 2.77 -11.66 -51.28
N VAL B 1134 1.85 -11.83 -50.32
CA VAL B 1134 2.09 -11.33 -48.98
C VAL B 1134 3.37 -11.91 -48.41
N LEU B 1135 3.69 -13.16 -48.76
CA LEU B 1135 4.91 -13.79 -48.27
C LEU B 1135 6.16 -13.10 -48.79
N GLU B 1136 6.04 -12.25 -49.81
CA GLU B 1136 7.18 -11.47 -50.29
C GLU B 1136 7.52 -10.30 -49.38
N ASP B 1137 6.77 -10.12 -48.30
CA ASP B 1137 7.02 -9.01 -47.38
C ASP B 1137 8.44 -9.10 -46.82
N GLU B 1138 9.11 -7.95 -46.79
CA GLU B 1138 10.50 -7.92 -46.32
C GLU B 1138 10.63 -8.48 -44.91
N PHE B 1139 9.66 -8.20 -44.05
CA PHE B 1139 9.75 -8.68 -42.67
C PHE B 1139 9.44 -10.16 -42.56
N LEU B 1140 8.42 -10.63 -43.26
CA LEU B 1140 8.15 -12.06 -43.27
C LEU B 1140 9.34 -12.84 -43.81
N GLN B 1141 10.13 -12.23 -44.69
CA GLN B 1141 11.37 -12.85 -45.12
C GLN B 1141 12.44 -12.78 -44.03
N ARG B 1142 12.55 -11.64 -43.36
CA ARG B 1142 13.46 -11.55 -42.21
C ARG B 1142 13.22 -12.70 -41.24
N ILE B 1143 11.96 -13.04 -41.00
CA ILE B 1143 11.63 -14.13 -40.09
C ILE B 1143 12.19 -15.45 -40.63
N LEU B 1144 11.85 -15.78 -41.88
CA LEU B 1144 12.28 -17.05 -42.46
C LEU B 1144 13.79 -17.25 -42.30
N ASN B 1145 14.56 -16.23 -42.65
CA ASN B 1145 16.01 -16.29 -42.44
C ASN B 1145 16.33 -16.47 -40.97
N GLN B 1146 15.54 -15.87 -40.07
CA GLN B 1146 15.75 -16.06 -38.64
C GLN B 1146 15.49 -17.50 -38.24
N LEU B 1147 14.43 -18.10 -38.79
CA LEU B 1147 14.13 -19.49 -38.51
C LEU B 1147 15.27 -20.39 -38.95
N GLU B 1148 15.83 -20.12 -40.13
CA GLU B 1148 17.00 -20.86 -40.56
C GLU B 1148 18.12 -20.73 -39.54
N TRP B 1149 18.40 -19.51 -39.10
CA TRP B 1149 19.46 -19.27 -38.13
C TRP B 1149 19.24 -20.01 -36.82
N ALA B 1150 17.98 -20.21 -36.43
CA ALA B 1150 17.65 -20.80 -35.14
C ALA B 1150 17.25 -22.27 -35.22
N GLY B 1151 17.37 -22.90 -36.40
CA GLY B 1151 17.08 -24.31 -36.53
C GLY B 1151 15.62 -24.66 -36.60
N ARG B 1152 14.75 -23.68 -36.84
CA ARG B 1152 13.30 -23.90 -36.94
C ARG B 1152 12.81 -23.80 -38.38
N ASP B 1153 13.71 -23.74 -39.34
CA ASP B 1153 13.32 -23.62 -40.74
C ASP B 1153 12.46 -24.80 -41.19
N LYS B 1154 12.72 -26.00 -40.66
CA LYS B 1154 11.91 -27.14 -41.04
C LYS B 1154 10.48 -26.97 -40.53
N ALA B 1155 10.35 -26.58 -39.27
CA ALA B 1155 9.02 -26.29 -38.72
C ALA B 1155 8.32 -25.21 -39.55
N GLY B 1156 9.04 -24.17 -39.93
CA GLY B 1156 8.46 -23.14 -40.78
C GLY B 1156 7.89 -23.71 -42.07
N GLU B 1157 8.62 -24.64 -42.70
CA GLU B 1157 8.13 -25.27 -43.93
C GLU B 1157 6.83 -26.04 -43.68
N ARG B 1158 6.80 -26.85 -42.61
CA ARG B 1158 5.58 -27.58 -42.29
C ARG B 1158 4.42 -26.64 -42.05
N ALA B 1159 4.66 -25.56 -41.29
CA ALA B 1159 3.63 -24.56 -41.04
C ALA B 1159 3.08 -24.01 -42.34
N LEU B 1160 3.95 -23.46 -43.19
CA LEU B 1160 3.49 -22.85 -44.42
C LEU B 1160 2.88 -23.87 -45.36
N ASP B 1161 3.23 -25.16 -45.24
CA ASP B 1161 2.58 -26.18 -46.04
C ASP B 1161 1.10 -26.28 -45.70
N ALA B 1162 0.80 -26.37 -44.40
CA ALA B 1162 -0.59 -26.47 -43.98
C ALA B 1162 -1.35 -25.19 -44.26
N VAL B 1163 -0.73 -24.03 -43.99
CA VAL B 1163 -1.34 -22.77 -44.38
C VAL B 1163 -1.69 -22.79 -45.86
N ARG B 1164 -0.70 -23.09 -46.71
CA ARG B 1164 -0.91 -23.05 -48.15
C ARG B 1164 -1.91 -24.10 -48.60
N THR B 1165 -1.85 -25.30 -48.02
CA THR B 1165 -2.79 -26.35 -48.41
C THR B 1165 -4.24 -25.92 -48.15
N GLY B 1166 -4.52 -25.53 -46.91
CA GLY B 1166 -5.87 -25.09 -46.59
C GLY B 1166 -6.29 -23.85 -47.35
N TRP B 1167 -5.33 -22.99 -47.69
CA TRP B 1167 -5.63 -21.75 -48.39
C TRP B 1167 -6.12 -22.01 -49.82
N THR B 1168 -5.76 -23.15 -50.41
CA THR B 1168 -6.13 -23.45 -51.78
C THR B 1168 -7.11 -24.61 -51.91
N GLN B 1169 -7.17 -25.51 -50.94
CA GLN B 1169 -8.04 -26.68 -51.00
C GLN B 1169 -9.11 -26.68 -49.91
N GLY B 1170 -9.31 -25.55 -49.24
CA GLY B 1170 -10.29 -25.49 -48.17
C GLY B 1170 -9.73 -25.86 -46.81
N MET B 1171 -10.31 -25.27 -45.77
CA MET B 1171 -9.84 -25.52 -44.41
C MET B 1171 -9.78 -27.02 -44.11
N THR B 1172 -10.82 -27.77 -44.52
CA THR B 1172 -10.81 -29.21 -44.33
C THR B 1172 -9.49 -29.81 -44.80
N ALA B 1173 -9.20 -29.65 -46.10
CA ALA B 1173 -7.96 -30.17 -46.65
C ALA B 1173 -6.75 -29.63 -45.91
N GLY B 1174 -6.80 -28.38 -45.45
CA GLY B 1174 -5.71 -27.85 -44.67
C GLY B 1174 -5.61 -28.53 -43.32
N LEU B 1175 -6.71 -28.56 -42.56
CA LEU B 1175 -6.71 -29.16 -41.23
C LEU B 1175 -6.17 -30.58 -41.28
N GLU B 1176 -6.64 -31.38 -42.22
CA GLU B 1176 -6.10 -32.72 -42.41
C GLU B 1176 -4.58 -32.66 -42.56
N CYS B 1177 -4.09 -31.70 -43.36
CA CYS B 1177 -2.66 -31.58 -43.58
C CYS B 1177 -1.94 -31.11 -42.33
N GLU B 1178 -2.47 -30.07 -41.67
CA GLU B 1178 -1.87 -29.55 -40.46
C GLU B 1178 -1.64 -30.63 -39.41
N ALA B 1179 -2.63 -31.52 -39.22
CA ALA B 1179 -2.51 -32.52 -38.18
C ALA B 1179 -1.38 -33.50 -38.49
N GLN B 1180 -1.21 -33.87 -39.76
CA GLN B 1180 -0.17 -34.83 -40.13
C GLN B 1180 1.22 -34.23 -39.90
N ARG B 1181 1.42 -32.99 -40.36
CA ARG B 1181 2.70 -32.31 -40.13
C ARG B 1181 2.98 -32.16 -38.63
N PHE B 1182 1.96 -31.81 -37.85
CA PHE B 1182 2.15 -31.66 -36.41
C PHE B 1182 2.60 -32.98 -35.79
N ALA B 1183 1.92 -34.07 -36.14
CA ALA B 1183 2.31 -35.36 -35.59
C ALA B 1183 3.69 -35.75 -36.07
N GLU B 1184 4.00 -35.46 -37.33
CA GLU B 1184 5.35 -35.71 -37.84
C GLU B 1184 6.38 -34.87 -37.12
N ALA B 1185 6.08 -33.58 -36.89
CA ALA B 1185 7.03 -32.69 -36.24
C ALA B 1185 7.38 -33.18 -34.83
N ILE B 1186 6.40 -33.70 -34.11
CA ILE B 1186 6.66 -34.13 -32.74
C ILE B 1186 7.72 -35.23 -32.74
N ILE B 1187 7.40 -36.37 -33.35
CA ILE B 1187 8.31 -37.51 -33.34
C ILE B 1187 9.57 -37.28 -34.15
N ASP B 1188 9.66 -36.15 -34.86
CA ASP B 1188 10.86 -35.82 -35.63
C ASP B 1188 12.04 -35.61 -34.69
N PRO B 1189 13.09 -36.42 -34.76
CA PRO B 1189 14.27 -36.15 -33.93
C PRO B 1189 14.78 -34.73 -34.05
N GLU B 1190 14.70 -34.14 -35.25
CA GLU B 1190 15.12 -32.76 -35.48
C GLU B 1190 13.97 -31.78 -35.35
N GLY B 1191 12.84 -32.20 -34.80
CA GLY B 1191 11.71 -31.31 -34.59
C GLY B 1191 11.39 -31.11 -33.12
N GLY B 1192 10.26 -31.68 -32.68
CA GLY B 1192 9.83 -31.46 -31.31
C GLY B 1192 10.76 -32.09 -30.29
N LYS B 1193 11.31 -33.27 -30.62
CA LYS B 1193 12.22 -33.93 -29.70
C LYS B 1193 13.43 -33.06 -29.39
N THR B 1194 13.83 -32.21 -30.34
CA THR B 1194 14.88 -31.22 -30.10
C THR B 1194 14.31 -29.92 -29.53
N GLY B 1195 13.26 -29.38 -30.17
CA GLY B 1195 12.72 -28.10 -29.74
C GLY B 1195 12.21 -28.12 -28.30
N ILE B 1196 11.49 -29.17 -27.92
CA ILE B 1196 10.87 -29.20 -26.60
C ILE B 1196 11.93 -29.39 -25.52
N GLN B 1197 12.84 -30.35 -25.71
CA GLN B 1197 13.93 -30.50 -24.76
C GLN B 1197 14.71 -29.19 -24.61
N GLN B 1198 14.91 -28.47 -25.72
CA GLN B 1198 15.65 -27.23 -25.66
C GLN B 1198 14.91 -26.20 -24.81
N PHE B 1199 13.61 -26.06 -25.04
CA PHE B 1199 12.82 -25.11 -24.25
C PHE B 1199 12.82 -25.49 -22.78
N MET B 1200 12.76 -26.78 -22.48
CA MET B 1200 12.66 -27.23 -21.11
C MET B 1200 13.99 -27.17 -20.38
N ASP B 1201 15.12 -27.17 -21.11
CA ASP B 1201 16.42 -26.98 -20.50
C ASP B 1201 16.86 -25.52 -20.50
N LYS B 1202 15.99 -24.61 -20.93
CA LYS B 1202 16.30 -23.19 -20.97
C LYS B 1202 17.51 -22.90 -21.86
N GLN B 1203 17.55 -23.55 -23.02
CA GLN B 1203 18.59 -23.36 -24.01
C GLN B 1203 17.97 -23.14 -25.39
N SER B 1204 16.90 -22.36 -25.43
CA SER B 1204 16.24 -22.13 -26.70
C SER B 1204 16.80 -20.88 -27.36
N PRO B 1205 17.05 -20.91 -28.67
CA PRO B 1205 17.42 -19.68 -29.34
C PRO B 1205 16.31 -18.68 -29.25
N PRO B 1206 16.61 -17.39 -29.29
CA PRO B 1206 15.56 -16.39 -29.20
C PRO B 1206 14.64 -16.44 -30.40
N LEU B 1207 13.42 -16.00 -30.21
CA LEU B 1207 12.52 -15.78 -31.31
C LEU B 1207 12.83 -14.45 -31.98
N PRO B 1208 12.38 -14.26 -33.23
CA PRO B 1208 12.54 -12.95 -33.86
C PRO B 1208 11.77 -11.88 -33.11
N VAL B 1209 12.03 -10.64 -33.50
CA VAL B 1209 11.34 -9.49 -32.93
C VAL B 1209 10.00 -9.33 -33.62
N ARG B 1210 9.18 -8.41 -33.11
CA ARG B 1210 7.93 -8.05 -33.76
C ARG B 1210 8.19 -6.91 -34.74
N ARG B 1211 7.25 -6.71 -35.68
CA ARG B 1211 7.39 -5.62 -36.65
C ARG B 1211 7.69 -4.30 -35.96
N ASP B 1212 6.92 -3.98 -34.92
CA ASP B 1212 7.08 -2.74 -34.18
C ASP B 1212 8.31 -2.74 -33.27
N GLY B 1213 9.21 -3.73 -33.40
CA GLY B 1213 10.40 -3.80 -32.58
C GLY B 1213 11.71 -3.95 -33.34
N VAL B 1214 11.84 -3.25 -34.46
CA VAL B 1214 13.03 -3.28 -35.29
C VAL B 1214 13.81 -2.00 -35.02
N TRP B 1215 14.96 -2.13 -34.37
CA TRP B 1215 15.87 -1.01 -34.11
C TRP B 1215 17.15 -1.24 -34.90
N GLU B 1216 17.37 -0.42 -35.92
CA GLU B 1216 18.55 -0.50 -36.76
C GLU B 1216 19.41 0.74 -36.55
N ASP B 1217 20.71 0.52 -36.35
CA ASP B 1217 21.61 1.62 -35.99
C ASP B 1217 21.62 2.70 -37.06
N ASP B 1218 21.73 2.29 -38.33
CA ASP B 1218 21.91 3.26 -39.41
C ASP B 1218 20.69 4.14 -39.64
N GLN B 1219 19.51 3.73 -39.16
CA GLN B 1219 18.29 4.49 -39.39
C GLN B 1219 17.87 5.33 -38.18
N HIS B 1220 18.67 5.33 -37.11
CA HIS B 1220 18.28 6.02 -35.88
C HIS B 1220 18.22 7.52 -36.09
N GLU B 1221 19.35 8.12 -36.48
CA GLU B 1221 19.45 9.57 -36.55
C GLU B 1221 18.45 10.14 -37.56
N ALA B 1222 18.20 9.42 -38.65
CA ALA B 1222 17.19 9.86 -39.61
C ALA B 1222 15.80 9.85 -38.98
N THR B 1223 15.45 8.75 -38.29
CA THR B 1223 14.14 8.68 -37.63
C THR B 1223 14.01 9.76 -36.57
N LYS B 1224 15.03 9.93 -35.73
CA LYS B 1224 15.02 10.98 -34.74
C LYS B 1224 14.68 12.34 -35.37
N THR B 1225 15.45 12.74 -36.38
CA THR B 1225 15.27 14.07 -36.95
C THR B 1225 13.91 14.19 -37.64
N ALA B 1226 13.45 13.13 -38.29
CA ALA B 1226 12.15 13.18 -38.96
C ALA B 1226 11.02 13.35 -37.96
N LEU B 1227 11.03 12.55 -36.89
CA LEU B 1227 10.06 12.71 -35.82
C LEU B 1227 10.13 14.09 -35.17
N ILE B 1228 11.31 14.69 -35.11
CA ILE B 1228 11.43 16.02 -34.54
C ILE B 1228 10.91 17.08 -35.49
N GLU B 1229 11.05 16.87 -36.80
CA GLU B 1229 10.45 17.78 -37.76
C GLU B 1229 8.94 17.87 -37.55
N ALA B 1230 8.28 16.72 -37.37
CA ALA B 1230 6.90 16.72 -36.92
C ALA B 1230 6.86 17.00 -35.43
N GLY B 1231 5.68 17.12 -34.87
CA GLY B 1231 5.56 17.33 -33.44
C GLY B 1231 5.51 16.04 -32.68
N ASP B 1232 6.24 15.02 -33.13
CA ASP B 1232 6.10 13.67 -32.61
C ASP B 1232 7.18 13.28 -31.62
N LEU B 1233 8.24 14.07 -31.51
CA LEU B 1233 9.33 13.78 -30.58
C LEU B 1233 10.00 15.07 -30.18
N LEU B 1234 10.07 15.34 -28.86
CA LEU B 1234 10.75 16.53 -28.39
C LEU B 1234 12.26 16.33 -28.41
N PRO B 1235 13.03 17.31 -28.86
CA PRO B 1235 14.48 17.20 -28.77
C PRO B 1235 14.90 16.97 -27.32
N LEU B 1236 16.08 16.41 -27.12
CA LEU B 1236 16.58 16.14 -25.80
C LEU B 1236 16.92 17.45 -25.18
N GLY B 1237 16.57 17.64 -23.92
CA GLY B 1237 16.73 18.90 -23.23
C GLY B 1237 15.58 19.88 -23.41
N ALA B 1238 14.61 19.56 -24.26
CA ALA B 1238 13.56 20.50 -24.60
C ALA B 1238 12.80 20.94 -23.35
N PRO B 1239 12.48 22.22 -23.23
CA PRO B 1239 11.64 22.64 -22.10
C PRO B 1239 10.29 21.97 -22.18
N PHE B 1240 9.74 21.66 -21.00
CA PHE B 1240 8.44 21.02 -20.92
C PHE B 1240 7.67 21.68 -19.78
N TYR B 1241 6.55 22.34 -20.13
CA TYR B 1241 5.70 23.01 -19.16
C TYR B 1241 4.48 22.14 -18.86
N PRO B 1242 4.46 21.41 -17.75
CA PRO B 1242 3.33 20.51 -17.46
C PRO B 1242 1.97 21.21 -17.54
N GLY B 1243 1.00 20.50 -18.11
CA GLY B 1243 -0.31 21.05 -18.30
C GLY B 1243 -0.47 21.85 -19.57
N VAL B 1244 0.63 22.24 -20.20
CA VAL B 1244 0.62 23.13 -21.37
C VAL B 1244 1.21 22.44 -22.59
N THR B 1245 2.43 21.91 -22.47
CA THR B 1245 3.10 21.27 -23.58
C THR B 1245 2.43 19.95 -23.94
N ALA B 1246 2.28 19.72 -25.24
CA ALA B 1246 1.68 18.48 -25.73
C ALA B 1246 2.65 17.32 -25.51
N ILE B 1247 2.15 16.26 -24.88
CA ILE B 1247 2.97 15.09 -24.60
C ILE B 1247 3.28 14.40 -25.93
N PRO B 1248 4.55 14.30 -26.34
CA PRO B 1248 4.84 13.70 -27.63
C PRO B 1248 4.54 12.21 -27.61
N PRO B 1249 4.23 11.61 -28.76
CA PRO B 1249 4.06 10.16 -28.80
C PRO B 1249 5.37 9.39 -28.74
N LYS B 1250 6.48 9.98 -29.17
CA LYS B 1250 7.76 9.30 -29.20
C LYS B 1250 8.75 10.01 -28.29
N GLN B 1251 9.83 9.31 -27.97
CA GLN B 1251 10.84 9.87 -27.07
C GLN B 1251 12.16 9.17 -27.35
N LEU B 1252 13.22 9.74 -26.78
CA LEU B 1252 14.56 9.19 -26.85
C LEU B 1252 14.91 8.58 -25.50
N ALA B 1253 15.77 7.58 -25.52
CA ALA B 1253 16.13 6.86 -24.31
C ALA B 1253 17.35 6.01 -24.59
N PHE B 1254 18.00 5.56 -23.51
CA PHE B 1254 19.18 4.71 -23.60
C PHE B 1254 18.84 3.30 -23.14
N GLY B 1255 19.47 2.33 -23.78
CA GLY B 1255 19.31 0.95 -23.34
C GLY B 1255 19.77 -0.02 -24.42
N ILE B 1256 19.16 -1.20 -24.40
CA ILE B 1256 19.50 -2.32 -25.26
C ILE B 1256 18.28 -2.74 -26.03
N ALA B 1257 18.49 -3.17 -27.27
CA ALA B 1257 17.41 -3.74 -28.07
C ALA B 1257 17.84 -5.10 -28.60
N ARG B 1258 16.84 -5.91 -28.94
CA ARG B 1258 17.12 -7.19 -29.59
C ARG B 1258 17.60 -6.97 -31.00
N ASP B 1259 18.54 -7.80 -31.43
CA ASP B 1259 19.05 -7.69 -32.78
C ASP B 1259 17.91 -7.95 -33.77
N PRO B 1260 17.67 -7.07 -34.74
CA PRO B 1260 16.56 -7.32 -35.66
C PRO B 1260 16.70 -8.61 -36.44
N ASP B 1261 17.91 -9.07 -36.69
CA ASP B 1261 18.10 -10.22 -37.55
C ASP B 1261 17.96 -11.53 -36.78
N THR B 1262 18.45 -11.59 -35.54
CA THR B 1262 18.45 -12.82 -34.78
C THR B 1262 17.50 -12.80 -33.59
N GLY B 1263 17.14 -11.63 -33.08
CA GLY B 1263 16.30 -11.50 -31.90
C GLY B 1263 17.05 -11.51 -30.60
N ALA B 1264 18.35 -11.68 -30.63
CA ALA B 1264 19.12 -11.79 -29.39
C ALA B 1264 19.36 -10.40 -28.80
N PRO B 1265 19.21 -10.24 -27.48
CA PRO B 1265 19.56 -8.96 -26.86
C PRO B 1265 21.00 -8.57 -27.17
N ARG B 1266 21.17 -7.34 -27.66
CA ARG B 1266 22.51 -6.83 -28.01
C ARG B 1266 23.24 -6.33 -26.76
N PHE B 1267 23.48 -7.26 -25.83
CA PHE B 1267 24.28 -6.97 -24.65
C PHE B 1267 25.72 -6.64 -25.02
N GLY B 1268 26.43 -6.04 -24.06
CA GLY B 1268 27.83 -5.75 -24.23
C GLY B 1268 28.34 -4.64 -23.32
N PRO B 1269 29.56 -4.18 -23.56
CA PRO B 1269 30.12 -3.08 -22.76
C PRO B 1269 29.32 -1.80 -22.95
N PRO B 1270 28.99 -1.09 -21.86
CA PRO B 1270 28.17 0.13 -22.01
C PRO B 1270 28.66 1.12 -23.04
N GLU B 1271 29.96 1.43 -23.08
CA GLU B 1271 30.43 2.49 -23.96
C GLU B 1271 30.21 2.19 -25.44
N THR B 1272 30.06 0.92 -25.82
CA THR B 1272 29.82 0.57 -27.21
C THR B 1272 28.42 0.02 -27.47
N HIS B 1273 27.72 -0.46 -26.44
CA HIS B 1273 26.45 -1.13 -26.65
C HIS B 1273 25.24 -0.41 -26.07
N GLU B 1274 25.42 0.44 -25.06
CA GLU B 1274 24.30 1.28 -24.61
C GLU B 1274 24.01 2.32 -25.69
N ARG B 1275 22.87 2.17 -26.36
CA ARG B 1275 22.53 2.99 -27.52
C ARG B 1275 21.34 3.90 -27.21
N GLU B 1276 21.34 5.08 -27.84
CA GLU B 1276 20.18 5.95 -27.83
C GLU B 1276 19.14 5.43 -28.80
N LEU B 1277 17.90 5.29 -28.33
CA LEU B 1277 16.85 4.64 -29.10
C LEU B 1277 15.61 5.52 -29.14
N VAL B 1278 14.81 5.30 -30.18
CA VAL B 1278 13.50 5.92 -30.34
C VAL B 1278 12.48 4.90 -29.88
N VAL B 1279 11.81 5.19 -28.78
CA VAL B 1279 10.81 4.31 -28.20
C VAL B 1279 9.52 5.11 -28.02
N ASN B 1280 8.52 4.46 -27.45
CA ASN B 1280 7.24 5.09 -27.23
C ASN B 1280 7.22 5.79 -25.87
N THR B 1281 6.44 6.87 -25.77
CA THR B 1281 6.19 7.48 -24.47
C THR B 1281 5.12 6.66 -23.75
N PRO B 1282 5.32 6.30 -22.49
CA PRO B 1282 4.36 5.42 -21.83
C PRO B 1282 3.12 6.19 -21.40
N LYS B 1283 2.02 5.43 -21.24
CA LYS B 1283 0.79 5.96 -20.73
C LYS B 1283 0.58 5.47 -19.32
N PRO B 1284 0.31 6.34 -18.35
CA PRO B 1284 0.17 5.88 -16.96
C PRO B 1284 -1.11 5.11 -16.73
N GLY B 1285 -1.03 4.10 -15.89
CA GLY B 1285 -2.19 3.45 -15.35
C GLY B 1285 -2.91 4.31 -14.33
N ALA B 1286 -3.93 3.71 -13.71
CA ALA B 1286 -4.75 4.43 -12.75
C ALA B 1286 -3.97 4.81 -11.50
N ASN B 1287 -2.92 4.05 -11.16
CA ASN B 1287 -2.11 4.33 -9.98
C ASN B 1287 -0.72 4.85 -10.37
N GLU B 1288 -0.55 5.29 -11.61
CA GLU B 1288 0.76 5.65 -12.12
C GLU B 1288 0.78 7.13 -12.48
N ALA B 1289 1.97 7.72 -12.43
CA ALA B 1289 2.20 9.05 -12.97
C ALA B 1289 3.08 8.95 -14.21
N LEU B 1290 2.87 9.88 -15.14
CA LEU B 1290 3.80 10.10 -16.24
C LEU B 1290 4.68 11.29 -15.90
N ILE B 1291 5.99 11.10 -15.98
CA ILE B 1291 6.95 12.12 -15.56
C ILE B 1291 7.90 12.45 -16.70
N TYR B 1292 8.28 13.72 -16.79
CA TYR B 1292 9.30 14.20 -17.71
C TYR B 1292 10.60 14.32 -16.92
N LEU B 1293 11.61 13.58 -17.35
CA LEU B 1293 12.81 13.41 -16.55
C LEU B 1293 13.78 14.57 -16.81
N LEU B 1294 14.15 15.25 -15.75
CA LEU B 1294 15.17 16.28 -15.80
C LEU B 1294 16.58 15.71 -15.66
N SER B 1295 16.71 14.60 -14.94
CA SER B 1295 17.98 13.93 -14.73
C SER B 1295 17.68 12.49 -14.35
N SER B 1296 18.71 11.66 -14.35
CA SER B 1296 18.56 10.29 -13.90
C SER B 1296 19.82 9.83 -13.18
N GLU B 1297 19.61 9.06 -12.12
CA GLU B 1297 20.71 8.48 -11.36
C GLU B 1297 21.47 7.50 -12.22
N VAL B 1298 22.78 7.47 -12.03
CA VAL B 1298 23.63 6.54 -12.76
C VAL B 1298 24.08 5.45 -11.79
N ASN B 1299 23.34 4.34 -11.76
CA ASN B 1299 23.57 3.30 -10.76
C ASN B 1299 24.16 2.04 -11.38
N PHE B 1300 24.81 1.25 -10.53
CA PHE B 1300 25.50 0.07 -11.03
C PHE B 1300 24.54 -0.98 -11.55
N ASN B 1301 23.33 -1.04 -11.01
CA ASN B 1301 22.35 -1.97 -11.56
C ASN B 1301 22.03 -1.66 -13.01
N ASP B 1302 22.21 -0.40 -13.45
CA ASP B 1302 22.10 -0.12 -14.88
C ASP B 1302 23.05 -0.99 -15.67
N ILE B 1303 24.27 -1.16 -15.18
CA ILE B 1303 25.31 -1.88 -15.91
C ILE B 1303 25.01 -3.37 -15.94
N TRP B 1304 24.66 -3.96 -14.80
CA TRP B 1304 24.36 -5.39 -14.77
C TRP B 1304 23.35 -5.74 -15.84
N ALA B 1305 22.35 -4.87 -16.03
CA ALA B 1305 21.32 -5.12 -17.04
C ALA B 1305 21.88 -4.94 -18.44
N LEU B 1306 22.49 -3.78 -18.70
CA LEU B 1306 23.02 -3.48 -20.03
C LEU B 1306 23.97 -4.57 -20.51
N THR B 1307 24.74 -5.16 -19.60
CA THR B 1307 25.65 -6.24 -19.96
C THR B 1307 24.96 -7.59 -20.01
N GLY B 1308 23.85 -7.77 -19.30
CA GLY B 1308 23.22 -9.06 -19.21
C GLY B 1308 23.84 -9.99 -18.19
N ILE B 1309 24.66 -9.47 -17.30
CA ILE B 1309 25.37 -10.28 -16.30
C ILE B 1309 24.67 -10.09 -14.96
N PRO B 1310 24.34 -11.16 -14.23
CA PRO B 1310 24.35 -12.57 -14.60
C PRO B 1310 23.00 -13.07 -15.12
N VAL B 1311 22.04 -12.17 -15.25
CA VAL B 1311 20.69 -12.46 -15.69
C VAL B 1311 20.22 -11.50 -16.76
N SER B 1312 19.49 -11.97 -17.75
CA SER B 1312 19.05 -11.09 -18.83
C SER B 1312 17.81 -10.33 -18.38
N PRO B 1313 17.80 -9.00 -18.43
CA PRO B 1313 16.57 -8.27 -18.11
C PRO B 1313 15.41 -8.64 -19.02
N PHE B 1314 15.68 -9.14 -20.22
CA PHE B 1314 14.60 -9.50 -21.13
C PHE B 1314 13.82 -10.71 -20.66
N ASP B 1315 14.37 -11.48 -19.71
CA ASP B 1315 13.67 -12.66 -19.20
C ASP B 1315 12.50 -12.30 -18.30
N ALA B 1316 12.40 -11.05 -17.85
CA ALA B 1316 11.34 -10.61 -16.96
C ALA B 1316 10.23 -9.86 -17.66
N HIS B 1317 10.29 -9.73 -18.99
CA HIS B 1317 9.23 -9.06 -19.75
C HIS B 1317 9.29 -9.57 -21.17
N ASP B 1318 8.30 -9.17 -21.98
CA ASP B 1318 8.17 -9.66 -23.34
C ASP B 1318 8.31 -8.54 -24.36
N GLU B 1319 9.14 -7.53 -24.05
CA GLU B 1319 9.39 -6.42 -24.94
C GLU B 1319 10.70 -6.62 -25.71
N ASP B 1320 10.80 -5.94 -26.84
CA ASP B 1320 11.97 -6.05 -27.70
C ASP B 1320 13.05 -5.02 -27.39
N VAL B 1321 12.87 -4.22 -26.34
CA VAL B 1321 13.85 -3.22 -25.94
C VAL B 1321 13.85 -3.12 -24.42
N GLN B 1322 15.01 -2.77 -23.87
CA GLN B 1322 15.19 -2.58 -22.43
C GLN B 1322 15.76 -1.20 -22.17
N ILE B 1323 15.07 -0.40 -21.36
CA ILE B 1323 15.55 0.91 -20.92
C ILE B 1323 15.88 0.82 -19.45
N THR B 1324 17.13 1.10 -19.09
CA THR B 1324 17.52 1.09 -17.68
C THR B 1324 17.31 2.47 -17.08
N GLY B 1325 17.55 2.56 -15.76
CA GLY B 1325 17.48 3.83 -15.06
C GLY B 1325 16.65 3.76 -13.81
N SER B 1326 17.28 3.91 -12.65
CA SER B 1326 16.64 3.77 -11.34
C SER B 1326 16.84 5.07 -10.56
N GLY B 1327 15.97 6.04 -10.81
CA GLY B 1327 15.95 7.27 -10.06
C GLY B 1327 16.24 8.48 -10.92
N GLY B 1328 16.04 9.64 -10.31
CA GLY B 1328 16.35 10.91 -10.95
C GLY B 1328 15.36 11.97 -10.52
N LEU B 1329 15.55 13.15 -11.11
CA LEU B 1329 14.69 14.31 -10.88
C LEU B 1329 13.76 14.51 -12.07
N ALA B 1330 12.49 14.81 -11.77
CA ALA B 1330 11.48 14.85 -12.82
C ALA B 1330 10.39 15.88 -12.50
N LEU B 1331 9.55 16.12 -13.49
CA LEU B 1331 8.31 16.88 -13.35
C LEU B 1331 7.11 15.96 -13.61
N VAL B 1332 6.04 16.13 -12.85
CA VAL B 1332 4.85 15.32 -13.07
C VAL B 1332 4.15 15.80 -14.33
N ALA B 1333 4.02 14.91 -15.32
CA ALA B 1333 3.38 15.23 -16.58
C ALA B 1333 1.91 14.80 -16.63
N ALA B 1334 1.52 13.77 -15.90
CA ALA B 1334 0.16 13.29 -15.92
C ALA B 1334 -0.03 12.38 -14.71
N LEU B 1335 -1.29 12.15 -14.34
CA LEU B 1335 -1.62 11.33 -13.18
C LEU B 1335 -2.81 10.43 -13.48
N GLY B 1336 -2.71 9.16 -13.09
CA GLY B 1336 -3.83 8.26 -13.24
C GLY B 1336 -4.98 8.63 -12.32
N SER B 1337 -6.15 8.08 -12.64
CA SER B 1337 -7.36 8.47 -11.93
C SER B 1337 -7.18 8.41 -10.41
N GLU B 1338 -6.54 7.35 -9.90
CA GLU B 1338 -6.48 7.18 -8.46
C GLU B 1338 -5.45 8.09 -7.82
N LEU B 1339 -4.39 8.47 -8.55
CA LEU B 1339 -3.45 9.44 -8.00
C LEU B 1339 -4.11 10.79 -7.81
N LYS B 1340 -4.97 11.18 -8.75
CA LYS B 1340 -5.75 12.40 -8.58
C LYS B 1340 -6.70 12.30 -7.40
N GLU B 1341 -7.23 11.11 -7.13
CA GLU B 1341 -8.06 10.95 -5.95
C GLU B 1341 -7.24 11.10 -4.69
N GLU B 1342 -6.00 10.60 -4.70
CA GLU B 1342 -5.16 10.68 -3.51
C GLU B 1342 -4.92 12.13 -3.13
N GLY B 1343 -4.69 12.98 -4.12
CA GLY B 1343 -4.43 14.38 -3.87
C GLY B 1343 -3.08 14.71 -3.27
N ARG B 1344 -2.16 13.75 -3.20
CA ARG B 1344 -0.82 14.04 -2.70
C ARG B 1344 0.06 14.70 -3.78
N LEU B 1345 0.11 14.09 -4.97
CA LEU B 1345 0.86 14.61 -6.10
C LEU B 1345 0.00 15.53 -6.94
N GLN B 1346 0.64 16.20 -7.90
CA GLN B 1346 -0.02 17.21 -8.70
C GLN B 1346 0.79 17.43 -9.98
N VAL B 1347 0.09 17.51 -11.12
CA VAL B 1347 0.77 17.83 -12.37
C VAL B 1347 1.54 19.12 -12.20
N GLY B 1348 2.83 19.08 -12.51
CA GLY B 1348 3.71 20.22 -12.33
C GLY B 1348 4.61 20.13 -11.11
N ASP B 1349 4.40 19.14 -10.26
CA ASP B 1349 5.26 18.97 -9.11
C ASP B 1349 6.67 18.57 -9.54
N LEU B 1350 7.66 19.20 -8.95
CA LEU B 1350 9.04 18.75 -9.07
C LEU B 1350 9.24 17.61 -8.09
N VAL B 1351 9.67 16.44 -8.58
CA VAL B 1351 9.77 15.24 -7.76
C VAL B 1351 11.08 14.51 -8.05
N SER B 1352 11.60 13.84 -7.03
CA SER B 1352 12.64 12.85 -7.20
C SER B 1352 12.00 11.46 -7.26
N VAL B 1353 12.69 10.54 -7.92
CA VAL B 1353 12.15 9.22 -8.22
C VAL B 1353 12.78 8.21 -7.28
N TYR B 1354 11.93 7.38 -6.68
CA TYR B 1354 12.33 6.17 -5.96
C TYR B 1354 12.01 4.96 -6.86
N SER B 1355 12.97 4.05 -6.97
CA SER B 1355 12.92 3.04 -8.03
C SER B 1355 12.15 1.78 -7.65
N GLY B 1356 11.78 1.60 -6.38
CA GLY B 1356 11.10 0.38 -5.98
C GLY B 1356 9.62 0.36 -6.39
N THR B 1357 9.19 -0.80 -6.88
CA THR B 1357 7.81 -1.05 -7.25
C THR B 1357 7.31 -2.31 -6.56
N SER B 1358 6.04 -2.30 -6.11
CA SER B 1358 5.49 -3.44 -5.38
C SER B 1358 4.00 -3.56 -5.66
N GLU B 1359 3.40 -4.63 -5.14
CA GLU B 1359 1.95 -4.84 -5.23
C GLU B 1359 1.27 -3.96 -4.20
N LEU B 1360 1.06 -2.70 -4.59
CA LEU B 1360 0.50 -1.72 -3.67
C LEU B 1360 -0.88 -2.12 -3.13
N LEU B 1361 -1.54 -3.11 -3.75
CA LEU B 1361 -2.87 -3.53 -3.32
C LEU B 1361 -2.85 -4.83 -2.53
N SER B 1362 -1.68 -5.33 -2.18
CA SER B 1362 -1.58 -6.53 -1.38
C SER B 1362 -1.84 -6.24 0.09
N PRO B 1363 -2.46 -7.18 0.82
CA PRO B 1363 -2.54 -7.03 2.27
C PRO B 1363 -1.19 -7.01 2.95
N LEU B 1364 -0.19 -7.63 2.32
CA LEU B 1364 1.14 -7.72 2.90
C LEU B 1364 1.86 -6.38 2.96
N ALA B 1365 1.33 -5.34 2.31
CA ALA B 1365 1.97 -4.03 2.33
C ALA B 1365 2.21 -3.54 3.76
N GLY B 1366 1.32 -3.89 4.68
CA GLY B 1366 1.49 -3.45 6.06
C GLY B 1366 2.80 -3.90 6.64
N ASP B 1367 3.29 -5.07 6.22
CA ASP B 1367 4.55 -5.64 6.64
C ASP B 1367 5.70 -4.83 6.03
N ASP B 1368 6.02 -5.11 4.77
CA ASP B 1368 7.03 -4.33 4.06
C ASP B 1368 6.76 -4.42 2.57
N PRO B 1369 6.55 -3.29 1.90
CA PRO B 1369 6.37 -3.36 0.42
C PRO B 1369 7.48 -4.13 -0.26
N MET B 1370 8.68 -4.17 0.32
CA MET B 1370 9.77 -4.96 -0.25
C MET B 1370 9.42 -6.44 -0.33
N TYR B 1371 8.43 -6.90 0.45
CA TYR B 1371 8.08 -8.31 0.45
C TYR B 1371 6.74 -8.55 -0.22
N ALA B 1372 6.27 -7.60 -1.06
CA ALA B 1372 4.97 -7.69 -1.72
C ALA B 1372 5.17 -7.54 -3.23
N GLY B 1373 5.80 -8.54 -3.83
CA GLY B 1373 6.04 -8.50 -5.26
C GLY B 1373 6.89 -7.32 -5.67
N PHE B 1374 8.03 -7.16 -5.01
CA PHE B 1374 8.89 -6.02 -5.25
C PHE B 1374 9.72 -6.20 -6.53
N ALA B 1375 10.03 -5.08 -7.18
CA ALA B 1375 10.93 -5.08 -8.32
C ALA B 1375 11.53 -3.68 -8.48
N ILE B 1376 12.81 -3.63 -8.83
CA ILE B 1376 13.48 -2.37 -9.11
C ILE B 1376 13.21 -1.98 -10.57
N GLN B 1377 12.71 -0.76 -10.76
CA GLN B 1377 12.45 -0.26 -12.10
C GLN B 1377 13.76 -0.07 -12.86
N GLY B 1378 13.72 -0.30 -14.17
CA GLY B 1378 14.86 -0.10 -15.03
C GLY B 1378 15.79 -1.29 -15.03
N TYR B 1379 15.92 -1.95 -13.89
CA TYR B 1379 16.76 -3.13 -13.76
C TYR B 1379 15.96 -4.42 -13.90
N GLU B 1380 14.79 -4.47 -13.26
CA GLU B 1380 13.90 -5.62 -13.28
C GLU B 1380 12.55 -5.27 -13.90
N THR B 1381 12.51 -4.21 -14.71
CA THR B 1381 11.30 -3.84 -15.44
C THR B 1381 11.70 -3.46 -16.86
N LYS B 1382 10.69 -3.36 -17.72
CA LYS B 1382 10.96 -3.12 -19.14
C LYS B 1382 11.55 -1.74 -19.38
N THR B 1383 11.16 -0.73 -18.61
CA THR B 1383 11.59 0.64 -18.85
C THR B 1383 12.14 1.27 -17.58
N GLY B 1384 12.89 2.35 -17.77
CA GLY B 1384 13.56 3.02 -16.67
C GLY B 1384 13.71 4.52 -16.90
N SER B 1385 14.50 5.17 -16.04
CA SER B 1385 14.61 6.62 -16.02
C SER B 1385 15.63 7.19 -16.99
N HIS B 1386 16.42 6.35 -17.68
CA HIS B 1386 17.31 6.83 -18.72
C HIS B 1386 16.47 7.05 -19.99
N ALA B 1387 15.56 8.02 -19.88
CA ALA B 1387 14.65 8.36 -20.97
C ALA B 1387 14.07 9.73 -20.71
N GLN B 1388 13.36 10.26 -21.71
CA GLN B 1388 12.74 11.57 -21.54
C GLN B 1388 11.50 11.47 -20.65
N PHE B 1389 10.71 10.41 -20.85
CA PHE B 1389 9.46 10.22 -20.13
C PHE B 1389 9.46 8.84 -19.49
N LEU B 1390 8.70 8.72 -18.41
CA LEU B 1390 8.64 7.46 -17.68
C LEU B 1390 7.32 7.41 -16.93
N THR B 1391 6.77 6.20 -16.82
CA THR B 1391 5.64 5.96 -15.93
C THR B 1391 6.13 5.31 -14.65
N VAL B 1392 5.55 5.75 -13.54
CA VAL B 1392 5.93 5.31 -12.19
C VAL B 1392 4.67 5.14 -11.38
N GLN B 1393 4.72 4.21 -10.43
CA GLN B 1393 3.69 4.15 -9.39
C GLN B 1393 3.74 5.39 -8.54
N GLY B 1394 2.59 5.76 -8.00
CA GLY B 1394 2.49 6.88 -7.08
C GLY B 1394 3.63 6.99 -6.09
N PRO B 1395 3.82 5.97 -5.21
CA PRO B 1395 4.77 6.14 -4.10
C PRO B 1395 6.23 6.12 -4.54
N GLN B 1396 6.48 6.08 -5.84
CA GLN B 1396 7.82 6.31 -6.35
C GLN B 1396 8.21 7.78 -6.36
N LEU B 1397 7.24 8.70 -6.28
CA LEU B 1397 7.49 10.14 -6.38
C LEU B 1397 7.48 10.81 -5.02
N HIS B 1398 8.46 11.69 -4.80
CA HIS B 1398 8.69 12.31 -3.51
C HIS B 1398 9.02 13.78 -3.67
N ARG B 1399 8.76 14.54 -2.61
CA ARG B 1399 9.16 15.94 -2.56
C ARG B 1399 10.63 16.01 -2.17
N PRO B 1400 11.51 16.59 -2.99
CA PRO B 1400 12.90 16.70 -2.58
C PRO B 1400 13.05 17.64 -1.39
N PRO B 1401 14.01 17.40 -0.51
CA PRO B 1401 14.38 18.43 0.46
C PRO B 1401 14.62 19.76 -0.24
N ALA B 1402 14.14 20.84 0.39
CA ALA B 1402 14.06 22.13 -0.31
C ALA B 1402 15.44 22.71 -0.59
N ASP B 1403 16.38 22.56 0.34
CA ASP B 1403 17.64 23.28 0.23
C ASP B 1403 18.64 22.59 -0.68
N LEU B 1404 18.26 21.51 -1.35
CA LEU B 1404 19.14 20.84 -2.29
C LEU B 1404 19.11 21.52 -3.66
N THR B 1405 20.22 21.44 -4.38
CA THR B 1405 20.24 21.91 -5.76
C THR B 1405 19.56 20.86 -6.65
N LEU B 1406 19.17 21.27 -7.86
CA LEU B 1406 18.49 20.35 -8.76
C LEU B 1406 19.39 19.19 -9.17
N GLU B 1407 20.71 19.40 -9.25
CA GLU B 1407 21.60 18.27 -9.51
C GLU B 1407 21.60 17.30 -8.34
N GLN B 1408 21.47 17.79 -7.12
CA GLN B 1408 21.48 16.93 -5.94
C GLN B 1408 20.20 16.13 -5.81
N ALA B 1409 19.06 16.74 -6.16
CA ALA B 1409 17.77 16.17 -5.80
C ALA B 1409 17.55 14.80 -6.42
N GLY B 1410 18.02 14.60 -7.65
CA GLY B 1410 17.76 13.35 -8.35
C GLY B 1410 18.95 12.42 -8.43
N ALA B 1411 19.82 12.46 -7.42
CA ALA B 1411 21.11 11.80 -7.47
C ALA B 1411 21.30 10.67 -6.48
N TYR B 1412 20.55 10.61 -5.38
CA TYR B 1412 20.93 9.84 -4.22
C TYR B 1412 19.93 8.79 -3.76
N THR B 1413 18.70 8.78 -4.26
CA THR B 1413 17.67 8.00 -3.59
C THR B 1413 17.95 6.49 -3.62
N LEU B 1414 18.65 6.00 -4.65
CA LEU B 1414 18.97 4.58 -4.68
C LEU B 1414 20.13 4.25 -3.75
N ASN B 1415 21.28 4.89 -3.95
CA ASN B 1415 22.44 4.56 -3.13
C ASN B 1415 22.17 4.87 -1.66
N LEU B 1416 21.68 6.08 -1.38
CA LEU B 1416 21.52 6.51 0.02
C LEU B 1416 20.32 5.84 0.68
N GLY B 1417 19.24 5.58 -0.09
CA GLY B 1417 18.13 4.83 0.46
C GLY B 1417 18.54 3.42 0.86
N THR B 1418 19.31 2.74 0.00
CA THR B 1418 19.85 1.42 0.34
C THR B 1418 20.73 1.48 1.58
N VAL B 1419 21.62 2.47 1.65
CA VAL B 1419 22.51 2.61 2.79
C VAL B 1419 21.71 2.87 4.06
N ALA B 1420 20.63 3.64 3.94
CA ALA B 1420 19.79 3.96 5.10
C ALA B 1420 19.12 2.72 5.66
N ARG B 1421 18.57 1.86 4.80
CA ARG B 1421 18.01 0.59 5.25
C ARG B 1421 19.08 -0.31 5.82
N CYS B 1422 20.24 -0.36 5.16
CA CYS B 1422 21.32 -1.22 5.61
C CYS B 1422 21.80 -0.84 6.99
N LEU B 1423 21.99 0.46 7.23
CA LEU B 1423 22.59 0.90 8.49
C LEU B 1423 21.57 0.98 9.61
N PHE B 1424 20.41 1.60 9.34
CA PHE B 1424 19.48 1.95 10.41
C PHE B 1424 18.40 0.90 10.61
N THR B 1425 18.00 0.17 9.58
CA THR B 1425 17.01 -0.89 9.70
C THR B 1425 17.66 -2.26 9.94
N THR B 1426 18.61 -2.64 9.09
CA THR B 1426 19.16 -4.00 9.14
C THR B 1426 20.21 -4.13 10.23
N LEU B 1427 21.28 -3.33 10.15
CA LEU B 1427 22.33 -3.41 11.15
C LEU B 1427 21.91 -2.77 12.48
N GLU B 1428 21.11 -1.71 12.42
CA GLU B 1428 20.79 -0.89 13.59
C GLU B 1428 22.07 -0.47 14.32
N ILE B 1429 22.84 0.40 13.66
CA ILE B 1429 24.16 0.77 14.14
C ILE B 1429 24.05 1.59 15.41
N GLN B 1430 24.99 1.36 16.33
CA GLN B 1430 25.02 2.04 17.62
C GLN B 1430 26.18 3.02 17.68
N ALA B 1431 25.89 4.24 18.13
CA ALA B 1431 26.90 5.28 18.21
C ALA B 1431 28.08 4.84 19.07
N GLY B 1432 29.28 5.27 18.66
CA GLY B 1432 30.50 4.96 19.36
C GLY B 1432 31.17 3.67 18.92
N LYS B 1433 30.45 2.81 18.19
CA LYS B 1433 30.99 1.55 17.75
C LYS B 1433 31.78 1.70 16.46
N THR B 1434 32.54 0.68 16.12
CA THR B 1434 33.40 0.71 14.94
C THR B 1434 32.68 0.13 13.73
N ALA B 1435 33.06 0.62 12.56
CA ALA B 1435 32.42 0.22 11.32
C ALA B 1435 33.47 0.13 10.22
N PHE B 1436 33.36 -0.91 9.40
CA PHE B 1436 34.27 -1.14 8.28
C PHE B 1436 33.46 -1.18 6.99
N VAL B 1437 33.75 -0.26 6.08
CA VAL B 1437 32.98 -0.10 4.85
C VAL B 1437 33.85 -0.43 3.65
N GLU B 1438 33.29 -1.19 2.71
CA GLU B 1438 33.93 -1.43 1.42
C GLU B 1438 33.62 -0.30 0.46
N GLY B 1439 34.55 -0.09 -0.48
CA GLY B 1439 34.33 0.93 -1.50
C GLY B 1439 34.00 2.28 -0.91
N SER B 1440 34.63 2.62 0.22
CA SER B 1440 34.28 3.80 1.00
C SER B 1440 34.50 5.11 0.26
N ALA B 1441 35.11 5.07 -0.91
CA ALA B 1441 35.48 6.29 -1.62
C ALA B 1441 34.53 6.66 -2.76
N THR B 1442 33.62 5.77 -3.16
CA THR B 1442 32.64 6.08 -4.20
C THR B 1442 31.27 5.53 -3.81
N GLY B 1443 30.27 5.91 -4.62
CA GLY B 1443 28.92 5.38 -4.52
C GLY B 1443 28.39 5.07 -3.12
N THR B 1444 27.84 3.86 -2.97
CA THR B 1444 27.21 3.48 -1.71
C THR B 1444 28.21 3.42 -0.56
N GLY B 1445 29.41 2.89 -0.82
CA GLY B 1445 30.42 2.85 0.23
C GLY B 1445 30.67 4.21 0.85
N LEU B 1446 30.75 5.25 0.00
CA LEU B 1446 30.94 6.60 0.52
C LEU B 1446 29.70 7.08 1.28
N ASP B 1447 28.51 6.81 0.74
CA ASP B 1447 27.30 7.18 1.46
C ASP B 1447 27.24 6.49 2.81
N ALA B 1448 27.73 5.25 2.90
CA ALA B 1448 27.76 4.54 4.16
C ALA B 1448 28.84 5.07 5.08
N LEU B 1449 30.06 5.23 4.56
CA LEU B 1449 31.12 5.91 5.30
C LEU B 1449 30.58 7.19 5.94
N LYS B 1450 30.13 8.12 5.09
CA LYS B 1450 29.64 9.40 5.60
C LYS B 1450 28.51 9.22 6.60
N SER B 1451 27.56 8.33 6.31
CA SER B 1451 26.36 8.22 7.15
C SER B 1451 26.70 7.62 8.51
N SER B 1452 27.62 6.66 8.54
CA SER B 1452 28.01 6.06 9.81
C SER B 1452 28.83 7.03 10.66
N VAL B 1453 29.75 7.76 10.02
CA VAL B 1453 30.49 8.81 10.73
C VAL B 1453 29.52 9.75 11.42
N ARG B 1454 28.52 10.25 10.69
CA ARG B 1454 27.56 11.19 11.25
C ARG B 1454 26.73 10.54 12.33
N THR B 1455 26.53 9.22 12.27
CA THR B 1455 25.80 8.53 13.32
C THR B 1455 26.63 8.39 14.59
N GLY B 1456 27.92 8.65 14.53
CA GLY B 1456 28.77 8.63 15.70
C GLY B 1456 29.71 7.44 15.82
N LEU B 1457 29.97 6.73 14.74
CA LEU B 1457 30.80 5.53 14.79
C LEU B 1457 32.24 5.86 14.41
N ALA B 1458 33.12 4.90 14.67
CA ALA B 1458 34.52 5.01 14.31
C ALA B 1458 34.71 4.20 13.03
N VAL B 1459 34.57 4.87 11.89
CA VAL B 1459 34.42 4.22 10.60
C VAL B 1459 35.79 4.09 9.93
N THR B 1460 36.11 2.87 9.49
CA THR B 1460 37.29 2.61 8.68
C THR B 1460 36.83 2.19 7.29
N GLY B 1461 37.57 2.65 6.27
CA GLY B 1461 37.16 2.45 4.89
C GLY B 1461 38.20 1.66 4.12
N LEU B 1462 37.73 0.97 3.07
CA LEU B 1462 38.58 0.18 2.19
C LEU B 1462 38.63 0.85 0.82
N VAL B 1463 39.84 1.06 0.30
CA VAL B 1463 40.04 1.73 -0.98
C VAL B 1463 41.06 0.95 -1.79
N SER B 1464 41.24 1.37 -3.05
CA SER B 1464 42.21 0.76 -3.96
C SER B 1464 43.23 1.77 -4.48
N SER B 1465 43.36 2.91 -3.83
CA SER B 1465 44.35 3.91 -4.20
C SER B 1465 44.61 4.80 -3.00
N GLU B 1466 45.83 5.35 -2.96
CA GLU B 1466 46.18 6.24 -1.85
C GLU B 1466 45.41 7.55 -1.93
N ASP B 1467 45.06 8.02 -3.13
CA ASP B 1467 44.20 9.19 -3.23
C ASP B 1467 42.86 8.95 -2.56
N ARG B 1468 42.26 7.78 -2.79
CA ARG B 1468 40.97 7.49 -2.19
C ARG B 1468 41.06 7.38 -0.68
N ALA B 1469 42.20 6.91 -0.16
CA ALA B 1469 42.37 6.84 1.29
C ALA B 1469 42.35 8.23 1.92
N GLU B 1470 43.08 9.18 1.32
CA GLU B 1470 43.03 10.56 1.81
C GLU B 1470 41.62 11.11 1.67
N PHE B 1471 40.92 10.76 0.60
CA PHE B 1471 39.57 11.26 0.39
C PHE B 1471 38.65 10.85 1.54
N VAL B 1472 38.75 9.59 1.99
CA VAL B 1472 37.84 9.15 3.04
C VAL B 1472 38.29 9.68 4.40
N LYS B 1473 39.58 9.97 4.57
CA LYS B 1473 40.03 10.56 5.82
C LYS B 1473 39.56 11.99 5.96
N SER B 1474 39.34 12.67 4.83
CA SER B 1474 38.74 14.00 4.85
C SER B 1474 37.23 13.95 5.08
N HIS B 1475 36.63 12.76 5.11
CA HIS B 1475 35.22 12.60 5.43
C HIS B 1475 35.01 12.09 6.85
N GLY B 1476 36.05 12.12 7.69
CA GLY B 1476 35.89 11.81 9.09
C GLY B 1476 36.16 10.37 9.46
N SER B 1477 36.92 9.64 8.66
CA SER B 1477 37.27 8.28 9.02
C SER B 1477 38.45 8.26 9.98
N VAL B 1478 38.43 7.27 10.88
CA VAL B 1478 39.59 7.03 11.75
C VAL B 1478 40.74 6.42 10.97
N GLY B 1479 40.48 5.87 9.79
CA GLY B 1479 41.56 5.33 8.98
C GLY B 1479 41.05 4.89 7.63
N ALA B 1480 41.99 4.51 6.78
CA ALA B 1480 41.67 3.96 5.47
C ALA B 1480 42.65 2.85 5.17
N ILE B 1481 42.14 1.78 4.55
CA ILE B 1481 42.95 0.63 4.18
C ILE B 1481 42.95 0.50 2.66
N ASN B 1482 44.13 0.26 2.09
CA ASN B 1482 44.28 0.12 0.65
C ASN B 1482 44.41 -1.36 0.32
N ARG B 1483 43.38 -1.92 -0.31
CA ARG B 1483 43.39 -3.33 -0.64
C ARG B 1483 44.42 -3.66 -1.72
N LYS B 1484 44.83 -2.67 -2.52
CA LYS B 1484 45.88 -2.84 -3.52
C LYS B 1484 47.29 -2.66 -2.95
N ASP B 1485 47.42 -2.27 -1.69
CA ASP B 1485 48.72 -2.18 -1.04
C ASP B 1485 49.42 -3.53 -1.11
N PRO B 1486 50.63 -3.64 -1.68
CA PRO B 1486 51.24 -4.96 -1.87
C PRO B 1486 51.44 -5.74 -0.58
N GLU B 1487 51.52 -5.06 0.58
CA GLU B 1487 51.62 -5.76 1.84
C GLU B 1487 50.46 -6.72 2.06
N ILE B 1488 49.27 -6.40 1.54
CA ILE B 1488 48.07 -7.18 1.83
C ILE B 1488 47.27 -7.52 0.59
N ALA B 1489 47.68 -7.09 -0.60
CA ALA B 1489 46.84 -7.23 -1.78
C ALA B 1489 46.52 -8.70 -2.09
N ASP B 1490 47.50 -9.59 -1.94
CA ASP B 1490 47.33 -10.98 -2.33
C ASP B 1490 46.44 -11.77 -1.39
N CYS B 1491 46.02 -11.19 -0.27
CA CYS B 1491 45.18 -11.90 0.69
C CYS B 1491 43.69 -11.74 0.41
N PHE B 1492 43.32 -10.95 -0.59
CA PHE B 1492 41.91 -10.72 -0.89
C PHE B 1492 41.49 -11.76 -1.92
N THR B 1493 41.12 -12.94 -1.43
CA THR B 1493 40.70 -14.06 -2.27
C THR B 1493 39.65 -14.85 -1.52
N PRO B 1494 38.86 -15.66 -2.23
CA PRO B 1494 37.96 -16.60 -1.54
C PRO B 1494 38.75 -17.55 -0.66
N VAL B 1495 38.00 -18.34 0.10
CA VAL B 1495 38.57 -19.33 1.01
C VAL B 1495 38.74 -20.63 0.24
N PRO B 1496 39.89 -21.30 0.30
CA PRO B 1496 40.09 -22.52 -0.49
C PRO B 1496 39.23 -23.70 -0.01
N ASP B 1497 39.21 -24.75 -0.86
CA ASP B 1497 38.45 -25.95 -0.58
C ASP B 1497 39.13 -26.86 0.42
N ASP B 1498 40.45 -26.90 0.44
CA ASP B 1498 41.18 -27.81 1.33
C ASP B 1498 41.13 -27.24 2.75
N PRO B 1499 40.59 -27.98 3.74
CA PRO B 1499 40.43 -27.38 5.07
C PRO B 1499 41.72 -26.87 5.70
N ASP B 1500 42.85 -27.56 5.50
CA ASP B 1500 44.11 -27.04 6.00
C ASP B 1500 44.53 -25.81 5.21
N GLU B 1501 44.43 -25.88 3.88
CA GLU B 1501 44.74 -24.74 3.05
C GLU B 1501 43.89 -23.54 3.41
N ALA B 1502 42.66 -23.77 3.86
CA ALA B 1502 41.74 -22.69 4.23
C ALA B 1502 42.07 -22.09 5.59
N ARG B 1503 42.66 -22.89 6.48
CA ARG B 1503 43.18 -22.36 7.73
C ARG B 1503 44.45 -21.57 7.50
N GLN B 1504 45.21 -21.89 6.47
CA GLN B 1504 46.34 -21.06 6.10
C GLN B 1504 45.85 -19.74 5.51
N TRP B 1505 44.77 -19.81 4.73
CA TRP B 1505 44.11 -18.59 4.24
C TRP B 1505 43.81 -17.63 5.37
N GLU B 1506 43.25 -18.16 6.47
CA GLU B 1506 42.89 -17.32 7.61
C GLU B 1506 44.12 -16.73 8.29
N ALA B 1507 45.22 -17.47 8.33
CA ALA B 1507 46.44 -16.94 8.93
C ALA B 1507 46.99 -15.79 8.10
N ASP B 1508 46.93 -15.91 6.77
CA ASP B 1508 47.46 -14.91 5.86
C ASP B 1508 46.77 -13.56 5.97
N GLY B 1509 45.68 -13.46 6.72
CA GLY B 1509 45.00 -12.20 6.87
C GLY B 1509 45.37 -11.43 8.11
N GLU B 1510 46.23 -11.98 8.97
CA GLU B 1510 46.58 -11.27 10.20
C GLU B 1510 47.18 -9.90 9.91
N LYS B 1511 47.89 -9.76 8.79
CA LYS B 1511 48.42 -8.45 8.46
C LYS B 1511 47.31 -7.49 8.08
N LEU B 1512 46.22 -8.01 7.52
CA LEU B 1512 45.05 -7.18 7.24
C LEU B 1512 44.34 -6.81 8.55
N LEU B 1513 44.23 -7.77 9.47
CA LEU B 1513 43.60 -7.47 10.75
C LEU B 1513 44.48 -6.57 11.61
N ASP B 1514 45.80 -6.73 11.52
CA ASP B 1514 46.69 -5.84 12.25
C ASP B 1514 46.51 -4.39 11.82
N ALA B 1515 46.44 -4.15 10.51
CA ALA B 1515 46.25 -2.79 10.02
C ALA B 1515 44.96 -2.18 10.57
N TYR B 1516 43.90 -2.98 10.69
CA TYR B 1516 42.64 -2.46 11.22
C TYR B 1516 42.78 -2.11 12.70
N ARG B 1517 43.37 -3.02 13.49
CA ARG B 1517 43.50 -2.76 14.91
C ARG B 1517 44.41 -1.57 15.19
N GLU B 1518 45.42 -1.36 14.34
CA GLU B 1518 46.39 -0.28 14.57
C GLU B 1518 45.75 1.09 14.48
N THR B 1519 44.66 1.22 13.71
CA THR B 1519 43.98 2.49 13.55
C THR B 1519 42.64 2.53 14.30
N ASN B 1520 42.36 1.53 15.15
CA ASN B 1520 41.16 1.51 15.97
C ASN B 1520 41.48 1.15 17.42
N GLY B 1521 42.63 1.59 17.91
CA GLY B 1521 42.95 1.40 19.31
C GLY B 1521 42.90 -0.04 19.75
N GLY B 1522 42.98 -0.97 18.81
CA GLY B 1522 43.15 -2.37 19.11
C GLY B 1522 41.94 -3.25 18.86
N LYS B 1523 40.78 -2.68 18.55
CA LYS B 1523 39.61 -3.51 18.34
C LYS B 1523 39.38 -3.75 16.86
N LEU B 1524 38.32 -4.49 16.56
CA LEU B 1524 37.93 -4.85 15.21
C LEU B 1524 36.60 -4.19 14.91
N ALA B 1525 35.96 -4.63 13.82
CA ALA B 1525 34.76 -3.97 13.31
C ALA B 1525 33.52 -4.53 14.01
N ASP B 1526 32.78 -3.66 14.70
CA ASP B 1526 31.50 -4.06 15.27
C ASP B 1526 30.42 -4.15 14.20
N TYR B 1527 30.59 -3.46 13.07
CA TYR B 1527 29.68 -3.52 11.95
C TYR B 1527 30.48 -3.50 10.66
N VAL B 1528 30.06 -4.32 9.69
CA VAL B 1528 30.68 -4.35 8.38
C VAL B 1528 29.62 -4.05 7.34
N VAL B 1529 29.99 -3.32 6.30
CA VAL B 1529 29.14 -3.06 5.16
C VAL B 1529 29.88 -3.57 3.93
N SER B 1530 29.27 -4.52 3.22
CA SER B 1530 29.93 -5.23 2.13
C SER B 1530 29.10 -5.19 0.86
N HIS B 1531 29.77 -5.08 -0.28
CA HIS B 1531 29.09 -5.12 -1.59
C HIS B 1531 30.02 -5.61 -2.69
N ALA B 1532 31.32 -5.65 -2.43
CA ALA B 1532 32.31 -5.98 -3.45
C ALA B 1532 32.27 -7.46 -3.85
N GLY B 1533 31.81 -8.34 -2.97
CA GLY B 1533 31.46 -9.69 -3.36
C GLY B 1533 32.41 -10.82 -3.03
N GLU B 1534 32.41 -11.83 -3.89
CA GLU B 1534 33.00 -13.14 -3.59
C GLU B 1534 34.46 -13.04 -3.15
N ARG B 1535 35.19 -12.01 -3.60
CA ARG B 1535 36.62 -11.88 -3.32
C ARG B 1535 36.92 -10.88 -2.21
N ALA B 1536 35.92 -10.13 -1.75
CA ALA B 1536 36.09 -9.18 -0.68
C ALA B 1536 35.38 -9.57 0.59
N PHE B 1537 34.19 -10.18 0.46
CA PHE B 1537 33.38 -10.54 1.62
C PHE B 1537 34.11 -11.46 2.61
N PRO B 1538 34.94 -12.42 2.19
CA PRO B 1538 35.60 -13.28 3.18
C PRO B 1538 36.49 -12.52 4.15
N ARG B 1539 37.27 -11.55 3.65
CA ARG B 1539 38.13 -10.76 4.53
C ARG B 1539 37.32 -9.73 5.31
N SER B 1540 36.28 -9.17 4.69
CA SER B 1540 35.40 -8.27 5.41
C SER B 1540 34.80 -8.97 6.63
N PHE B 1541 34.35 -10.22 6.46
CA PHE B 1541 33.82 -10.97 7.60
C PHE B 1541 34.90 -11.27 8.63
N GLN B 1542 36.14 -11.52 8.18
CA GLN B 1542 37.19 -11.80 9.13
C GLN B 1542 37.47 -10.61 10.04
N LEU B 1543 37.17 -9.40 9.58
CA LEU B 1543 37.43 -8.18 10.34
C LEU B 1543 36.39 -7.94 11.42
N LEU B 1544 35.33 -8.74 11.47
CA LEU B 1544 34.30 -8.57 12.48
C LEU B 1544 34.86 -8.82 13.89
N ALA B 1545 34.58 -7.87 14.77
CA ALA B 1545 34.85 -8.07 16.19
C ALA B 1545 33.98 -9.19 16.74
N GLU B 1546 34.12 -9.50 18.01
CA GLU B 1546 33.25 -10.50 18.61
C GLU B 1546 31.87 -9.88 18.78
N GLY B 1547 30.84 -10.66 18.48
CA GLY B 1547 29.49 -10.13 18.53
C GLY B 1547 29.20 -9.10 17.47
N GLY B 1548 29.93 -9.13 16.36
CA GLY B 1548 29.77 -8.13 15.32
C GLY B 1548 28.78 -8.55 14.26
N ARG B 1549 28.18 -7.57 13.61
CA ARG B 1549 27.12 -7.81 12.63
C ARG B 1549 27.55 -7.26 11.27
N LEU B 1550 27.47 -8.09 10.25
CA LEU B 1550 27.80 -7.72 8.88
C LEU B 1550 26.56 -7.81 8.02
N ALA B 1551 26.38 -6.80 7.18
CA ALA B 1551 25.33 -6.79 6.17
C ALA B 1551 25.96 -6.56 4.81
N PHE B 1552 25.30 -7.07 3.77
CA PHE B 1552 25.73 -6.80 2.40
C PHE B 1552 24.53 -6.68 1.48
N TYR B 1553 24.73 -5.94 0.39
CA TYR B 1553 23.67 -5.74 -0.60
C TYR B 1553 24.16 -5.93 -2.03
N GLY B 1554 25.34 -6.51 -2.23
CA GLY B 1554 25.84 -6.75 -3.57
C GLY B 1554 26.99 -7.72 -3.53
N ALA B 1555 27.36 -8.21 -4.71
CA ALA B 1555 28.45 -9.18 -4.78
C ALA B 1555 29.11 -9.06 -6.16
N SER B 1556 29.85 -7.96 -6.34
CA SER B 1556 30.36 -7.59 -7.65
C SER B 1556 31.44 -8.55 -8.13
N SER B 1557 32.34 -8.97 -7.23
CA SER B 1557 33.40 -9.91 -7.59
C SER B 1557 32.86 -11.30 -7.92
N GLY B 1558 31.68 -11.64 -7.43
CA GLY B 1558 31.16 -12.98 -7.61
C GLY B 1558 30.20 -13.35 -6.49
N TYR B 1559 29.39 -14.38 -6.77
CA TYR B 1559 28.31 -14.79 -5.88
C TYR B 1559 28.67 -15.99 -5.02
N HIS B 1560 29.89 -16.50 -5.14
CA HIS B 1560 30.31 -17.68 -4.38
C HIS B 1560 30.93 -17.22 -3.06
N PHE B 1561 30.05 -16.83 -2.14
CA PHE B 1561 30.50 -16.32 -0.85
C PHE B 1561 31.06 -17.43 0.01
N SER B 1562 32.10 -17.09 0.77
CA SER B 1562 32.82 -18.04 1.62
C SER B 1562 33.36 -17.29 2.81
N PHE B 1563 33.56 -18.01 3.91
CA PHE B 1563 34.12 -17.36 5.10
C PHE B 1563 34.57 -18.40 6.10
N MET B 1564 35.41 -17.96 7.00
CA MET B 1564 36.01 -18.83 7.99
C MET B 1564 35.25 -18.62 9.30
N GLY B 1565 34.68 -19.70 9.82
CA GLY B 1565 33.88 -19.61 11.01
C GLY B 1565 34.60 -18.85 12.10
N LYS B 1566 33.89 -17.94 12.75
CA LYS B 1566 34.47 -17.23 13.87
C LYS B 1566 34.45 -18.12 15.11
N GLY B 1567 35.27 -17.75 16.09
CA GLY B 1567 35.38 -18.54 17.30
C GLY B 1567 34.25 -18.24 18.28
N GLY B 1568 33.75 -19.29 18.93
CA GLY B 1568 32.73 -19.16 19.95
C GLY B 1568 31.62 -20.18 19.83
N GLU B 1569 30.92 -20.47 20.93
CA GLU B 1569 29.74 -21.33 20.86
C GLU B 1569 28.72 -20.87 21.91
N ALA B 1570 27.48 -21.29 21.70
CA ALA B 1570 26.35 -20.80 22.48
C ALA B 1570 25.26 -21.86 22.54
N ARG B 1571 24.39 -21.72 23.53
CA ARG B 1571 23.35 -22.73 23.75
C ARG B 1571 22.31 -22.65 22.64
N PRO B 1572 21.78 -23.79 22.18
CA PRO B 1572 20.75 -23.74 21.14
C PRO B 1572 19.58 -22.82 21.46
N ASP B 1573 19.05 -22.87 22.69
CA ASP B 1573 17.92 -22.00 22.99
C ASP B 1573 18.32 -20.54 22.88
N GLU B 1574 19.49 -20.19 23.40
CA GLU B 1574 19.97 -18.81 23.32
C GLU B 1574 20.01 -18.32 21.87
N MET B 1575 20.53 -19.15 20.96
CA MET B 1575 20.57 -18.78 19.56
C MET B 1575 19.17 -18.62 18.99
N LEU B 1576 18.28 -19.56 19.29
CA LEU B 1576 16.90 -19.45 18.82
C LEU B 1576 16.27 -18.16 19.30
N ALA B 1577 16.70 -17.65 20.46
CA ALA B 1577 16.17 -16.40 20.97
C ALA B 1577 16.70 -15.21 20.17
N ARG B 1578 18.00 -15.18 19.92
CA ARG B 1578 18.54 -14.12 19.07
C ARG B 1578 17.79 -14.06 17.75
N ALA B 1579 17.39 -15.23 17.24
CA ALA B 1579 16.62 -15.31 16.01
C ALA B 1579 15.15 -15.02 16.23
N ASN B 1580 14.74 -14.80 17.47
CA ASN B 1580 13.37 -14.41 17.81
C ASN B 1580 12.37 -15.50 17.44
N LEU B 1581 12.75 -16.75 17.69
CA LEU B 1581 11.84 -17.85 17.40
C LEU B 1581 10.56 -17.70 18.21
N ARG B 1582 9.43 -17.99 17.54
CA ARG B 1582 8.11 -17.87 18.15
C ARG B 1582 7.41 -19.22 18.10
N GLY B 1583 6.51 -19.43 19.07
CA GLY B 1583 5.66 -20.60 19.04
C GLY B 1583 4.89 -20.70 17.75
N GLY B 1584 4.85 -21.90 17.16
CA GLY B 1584 4.14 -22.13 15.93
C GLY B 1584 4.95 -21.91 14.67
N GLU B 1585 6.16 -21.38 14.77
CA GLU B 1585 7.00 -21.22 13.60
C GLU B 1585 7.60 -22.56 13.19
N SER B 1586 7.71 -22.76 11.89
CA SER B 1586 8.21 -24.02 11.34
C SER B 1586 9.73 -24.00 11.33
N VAL B 1587 10.34 -25.10 11.81
CA VAL B 1587 11.79 -25.20 11.99
C VAL B 1587 12.31 -26.42 11.26
N LEU B 1588 13.45 -26.27 10.59
CA LEU B 1588 14.20 -27.38 10.02
C LEU B 1588 15.48 -27.56 10.81
N LEU B 1589 15.79 -28.82 11.12
CA LEU B 1589 16.96 -29.17 11.91
C LEU B 1589 17.68 -30.33 11.24
N TYR B 1590 19.01 -30.23 11.18
CA TYR B 1590 19.85 -31.30 10.67
C TYR B 1590 20.38 -32.14 11.83
N TYR B 1591 20.34 -33.45 11.66
CA TYR B 1591 20.79 -34.41 12.66
C TYR B 1591 21.89 -35.28 12.08
N GLY B 1592 22.93 -35.54 12.89
CA GLY B 1592 24.03 -36.39 12.48
C GLY B 1592 24.70 -35.92 11.21
N PRO B 1593 25.06 -34.63 11.17
CA PRO B 1593 25.50 -34.05 9.88
C PRO B 1593 26.74 -34.69 9.32
N GLY B 1594 27.79 -34.80 10.13
CA GLY B 1594 29.07 -35.25 9.60
C GLY B 1594 29.06 -36.71 9.19
N SER B 1595 28.60 -37.57 10.09
CA SER B 1595 28.89 -39.00 9.99
C SER B 1595 27.61 -39.81 9.90
N HIS B 1596 27.77 -41.12 10.12
CA HIS B 1596 26.66 -42.06 10.22
C HIS B 1596 26.48 -42.60 11.64
N GLU B 1597 27.21 -42.06 12.61
CA GLU B 1597 26.92 -42.36 14.00
C GLU B 1597 25.50 -41.93 14.33
N LEU B 1598 24.75 -42.82 14.99
CA LEU B 1598 23.33 -42.54 15.26
C LEU B 1598 23.15 -41.53 16.39
N ALA B 1599 24.05 -41.50 17.36
CA ALA B 1599 23.91 -40.59 18.50
C ALA B 1599 24.47 -39.22 18.13
N ASP B 1600 23.65 -38.19 18.27
CA ASP B 1600 24.06 -36.80 18.04
C ASP B 1600 23.53 -35.99 19.20
N GLU B 1601 24.31 -35.97 20.30
CA GLU B 1601 23.87 -35.30 21.52
C GLU B 1601 23.40 -33.89 21.23
N LYS B 1602 24.25 -33.09 20.57
CA LYS B 1602 23.91 -31.70 20.34
C LYS B 1602 22.63 -31.57 19.54
N GLY B 1603 22.44 -32.45 18.55
CA GLY B 1603 21.20 -32.43 17.79
C GLY B 1603 19.99 -32.57 18.68
N LEU B 1604 20.10 -33.37 19.74
CA LEU B 1604 18.97 -33.55 20.65
C LEU B 1604 18.73 -32.31 21.50
N GLU B 1605 19.80 -31.64 21.95
CA GLU B 1605 19.65 -30.34 22.60
C GLU B 1605 18.84 -29.41 21.72
N MET B 1606 19.19 -29.36 20.43
CA MET B 1606 18.49 -28.49 19.51
C MET B 1606 17.02 -28.88 19.43
N VAL B 1607 16.73 -30.19 19.45
CA VAL B 1607 15.33 -30.63 19.42
C VAL B 1607 14.61 -30.18 20.68
N GLU B 1608 15.18 -30.51 21.84
CA GLU B 1608 14.57 -30.10 23.10
C GLU B 1608 14.33 -28.60 23.12
N ALA B 1609 15.36 -27.82 22.79
CA ALA B 1609 15.22 -26.37 22.75
C ALA B 1609 14.06 -25.96 21.85
N ALA B 1610 13.99 -26.53 20.64
CA ALA B 1610 12.95 -26.15 19.68
C ALA B 1610 11.57 -26.55 20.16
N ARG B 1611 11.45 -27.69 20.86
CA ARG B 1611 10.13 -28.08 21.34
C ARG B 1611 9.71 -27.28 22.55
N LEU B 1612 10.66 -26.89 23.41
CA LEU B 1612 10.33 -26.03 24.53
C LEU B 1612 9.77 -24.70 24.04
N MET B 1613 10.17 -24.25 22.87
CA MET B 1613 9.61 -23.06 22.28
C MET B 1613 8.42 -23.37 21.37
N LYS B 1614 7.90 -24.59 21.45
CA LYS B 1614 6.62 -24.95 20.84
C LYS B 1614 6.65 -24.75 19.33
N ALA B 1615 7.73 -25.19 18.71
CA ALA B 1615 7.93 -25.01 17.29
C ALA B 1615 7.58 -26.27 16.52
N ARG B 1616 7.05 -26.08 15.32
CA ARG B 1616 6.88 -27.18 14.38
C ARG B 1616 8.23 -27.51 13.77
N MET B 1617 8.63 -28.78 13.87
CA MET B 1617 9.98 -29.20 13.59
C MET B 1617 9.98 -30.31 12.55
N VAL B 1618 10.97 -30.26 11.66
CA VAL B 1618 11.29 -31.35 10.75
C VAL B 1618 12.78 -31.66 10.90
N ILE B 1619 13.12 -32.93 10.98
CA ILE B 1619 14.50 -33.36 11.17
C ILE B 1619 15.01 -34.00 9.88
N VAL B 1620 16.16 -33.53 9.41
CA VAL B 1620 16.88 -34.16 8.33
C VAL B 1620 18.05 -34.90 8.94
N THR B 1621 18.15 -36.20 8.64
CA THR B 1621 19.27 -37.03 9.07
C THR B 1621 20.16 -37.37 7.88
N THR B 1622 21.36 -37.84 8.20
CA THR B 1622 22.23 -38.39 7.16
C THR B 1622 21.75 -39.75 6.72
N SER B 1623 21.56 -40.67 7.67
CA SER B 1623 21.30 -42.07 7.38
C SER B 1623 19.91 -42.50 7.84
N ASP B 1624 19.48 -43.66 7.34
CA ASP B 1624 18.23 -44.26 7.78
C ASP B 1624 18.32 -44.71 9.24
N GLY B 1625 19.48 -45.22 9.66
CA GLY B 1625 19.64 -45.61 11.04
C GLY B 1625 19.49 -44.44 12.00
N GLN B 1626 19.78 -43.23 11.55
CA GLN B 1626 19.59 -42.06 12.40
C GLN B 1626 18.12 -41.70 12.51
N ARG B 1627 17.38 -41.78 11.39
CA ARG B 1627 15.93 -41.60 11.45
C ARG B 1627 15.30 -42.60 12.40
N GLU B 1628 15.70 -43.87 12.31
CA GLU B 1628 15.08 -44.91 13.12
C GLU B 1628 15.47 -44.76 14.58
N PHE B 1629 16.64 -44.21 14.83
CA PHE B 1629 17.05 -43.93 16.21
C PHE B 1629 16.18 -42.83 16.82
N LEU B 1630 15.90 -41.77 16.06
CA LEU B 1630 15.06 -40.69 16.56
C LEU B 1630 13.65 -41.19 16.86
N GLN B 1631 13.14 -42.09 16.03
CA GLN B 1631 11.76 -42.56 16.18
C GLN B 1631 11.53 -43.32 17.48
N SER B 1632 12.58 -43.62 18.24
CA SER B 1632 12.44 -44.30 19.52
C SER B 1632 12.48 -43.35 20.71
N LEU B 1633 12.56 -42.04 20.46
CA LEU B 1633 12.71 -41.06 21.52
C LEU B 1633 11.39 -40.40 21.91
N GLY B 1634 10.25 -40.92 21.43
CA GLY B 1634 8.97 -40.37 21.80
C GLY B 1634 8.82 -38.89 21.52
N LEU B 1635 9.26 -38.45 20.35
CA LEU B 1635 9.20 -37.05 19.96
C LEU B 1635 7.99 -36.74 19.10
N GLU B 1636 7.01 -37.64 19.04
CA GLU B 1636 5.94 -37.47 18.08
C GLU B 1636 5.18 -36.16 18.31
N ASP B 1637 5.00 -35.76 19.57
CA ASP B 1637 4.31 -34.51 19.86
C ASP B 1637 5.09 -33.28 19.41
N ALA B 1638 6.37 -33.43 19.09
CA ALA B 1638 7.20 -32.30 18.71
C ALA B 1638 7.59 -32.34 17.24
N VAL B 1639 8.02 -33.48 16.74
CA VAL B 1639 8.55 -33.58 15.37
C VAL B 1639 7.44 -34.01 14.43
N GLU B 1640 7.24 -33.24 13.36
CA GLU B 1640 6.21 -33.59 12.39
C GLU B 1640 6.65 -34.73 11.48
N GLY B 1641 7.94 -34.85 11.22
CA GLY B 1641 8.43 -35.90 10.35
C GLY B 1641 9.94 -35.83 10.26
N ILE B 1642 10.52 -36.96 9.84
CA ILE B 1642 11.96 -37.11 9.73
C ILE B 1642 12.28 -37.69 8.36
N VAL B 1643 13.17 -37.03 7.64
CA VAL B 1643 13.59 -37.45 6.32
C VAL B 1643 15.10 -37.67 6.36
N SER B 1644 15.55 -38.77 5.74
CA SER B 1644 16.97 -39.08 5.67
C SER B 1644 17.43 -38.89 4.25
N ILE B 1645 18.56 -38.21 4.07
CA ILE B 1645 19.04 -37.97 2.71
C ILE B 1645 19.43 -39.30 2.09
N GLU B 1646 19.88 -40.27 2.90
CA GLU B 1646 20.09 -41.62 2.39
C GLU B 1646 18.86 -42.12 1.66
N GLY B 1647 17.69 -42.00 2.30
CA GLY B 1647 16.46 -42.44 1.66
C GLY B 1647 16.14 -41.64 0.41
N LEU B 1648 16.45 -40.34 0.43
CA LEU B 1648 16.20 -39.51 -0.74
C LEU B 1648 17.06 -39.96 -1.91
N LYS B 1649 18.31 -40.33 -1.66
CA LYS B 1649 19.16 -40.84 -2.73
C LYS B 1649 18.64 -42.17 -3.24
N ARG B 1650 18.06 -42.99 -2.35
CA ARG B 1650 17.55 -44.28 -2.76
C ARG B 1650 16.35 -44.13 -3.69
N ARG B 1651 15.48 -43.15 -3.42
CA ARG B 1651 14.24 -42.97 -4.16
C ARG B 1651 14.37 -42.09 -5.40
N LEU B 1652 15.38 -41.22 -5.46
CA LEU B 1652 15.60 -40.33 -6.60
C LEU B 1652 17.08 -40.44 -6.99
N SER B 1653 17.35 -41.10 -8.12
CA SER B 1653 18.73 -41.44 -8.45
C SER B 1653 19.55 -40.22 -8.83
N ASP B 1654 18.92 -39.11 -9.21
CA ASP B 1654 19.63 -37.91 -9.58
C ASP B 1654 19.73 -36.89 -8.45
N PHE B 1655 19.23 -37.22 -7.26
CA PHE B 1655 19.34 -36.30 -6.13
C PHE B 1655 20.78 -36.20 -5.66
N HIS B 1656 21.27 -34.97 -5.52
CA HIS B 1656 22.62 -34.71 -5.07
C HIS B 1656 22.56 -33.92 -3.77
N TRP B 1657 23.32 -34.37 -2.77
CA TRP B 1657 23.44 -33.67 -1.50
C TRP B 1657 24.87 -33.14 -1.39
N PRO B 1658 25.11 -31.86 -1.67
CA PRO B 1658 26.50 -31.38 -1.80
C PRO B 1658 27.22 -31.26 -0.47
N ASP B 1659 28.55 -31.43 -0.53
CA ASP B 1659 29.42 -31.22 0.63
C ASP B 1659 29.69 -29.75 0.87
N THR B 1660 29.64 -28.95 -0.20
CA THR B 1660 29.82 -27.52 -0.12
C THR B 1660 29.08 -26.91 -1.31
N LEU B 1661 29.02 -25.58 -1.36
CA LEU B 1661 28.45 -24.91 -2.50
C LEU B 1661 29.23 -25.32 -3.76
N PRO B 1662 28.60 -25.92 -4.76
CA PRO B 1662 29.33 -26.27 -5.99
C PRO B 1662 29.76 -25.03 -6.74
N ARG B 1663 31.07 -24.91 -7.00
CA ARG B 1663 31.61 -23.75 -7.67
C ARG B 1663 31.27 -23.77 -9.16
N LEU B 1664 30.66 -22.69 -9.64
CA LEU B 1664 30.23 -22.57 -11.01
C LEU B 1664 31.15 -21.63 -11.78
N PRO B 1665 31.15 -21.70 -13.11
CA PRO B 1665 31.92 -20.74 -13.90
C PRO B 1665 31.37 -19.34 -13.71
N ASP B 1666 32.26 -18.36 -13.83
CA ASP B 1666 31.81 -16.98 -13.66
C ASP B 1666 30.89 -16.59 -14.80
N ALA B 1667 29.83 -15.84 -14.47
CA ALA B 1667 28.83 -15.46 -15.47
C ALA B 1667 29.39 -14.54 -16.54
N ARG B 1668 30.54 -13.91 -16.29
CA ARG B 1668 31.16 -13.09 -17.33
C ARG B 1668 31.81 -13.96 -18.40
N THR B 1669 32.73 -14.82 -17.99
CA THR B 1669 33.58 -15.53 -18.93
C THR B 1669 32.89 -16.72 -19.58
N ASP B 1670 31.84 -17.25 -18.97
CA ASP B 1670 31.20 -18.47 -19.45
C ASP B 1670 29.78 -18.57 -18.90
N ILE B 1671 28.85 -17.78 -19.46
CA ILE B 1671 27.53 -17.65 -18.86
C ILE B 1671 26.65 -18.86 -19.16
N GLU B 1672 26.85 -19.51 -20.31
CA GLU B 1672 25.98 -20.61 -20.68
C GLU B 1672 26.18 -21.79 -19.76
N ASN B 1673 27.42 -22.02 -19.32
CA ASN B 1673 27.70 -23.08 -18.35
C ASN B 1673 27.39 -22.65 -16.92
N PHE B 1674 27.40 -21.36 -16.63
CA PHE B 1674 26.97 -20.87 -15.33
C PHE B 1674 25.48 -21.10 -15.13
N LYS B 1675 24.69 -20.80 -16.14
CA LYS B 1675 23.24 -21.01 -16.02
C LYS B 1675 22.91 -22.48 -15.86
N ILE B 1676 23.67 -23.37 -16.50
CA ILE B 1676 23.42 -24.79 -16.36
C ILE B 1676 23.70 -25.22 -14.92
N GLY B 1677 24.77 -24.70 -14.32
CA GLY B 1677 25.11 -25.07 -12.96
C GLY B 1677 24.09 -24.59 -11.95
N VAL B 1678 23.54 -23.39 -12.16
CA VAL B 1678 22.48 -22.89 -11.30
C VAL B 1678 21.25 -23.79 -11.39
N ARG B 1679 20.91 -24.23 -12.61
CA ARG B 1679 19.71 -25.04 -12.79
C ARG B 1679 19.88 -26.43 -12.21
N ALA B 1680 21.05 -27.05 -12.42
CA ALA B 1680 21.30 -28.36 -11.84
C ALA B 1680 21.22 -28.32 -10.33
N TYR B 1681 21.79 -27.29 -9.72
CA TYR B 1681 21.69 -27.12 -8.29
C TYR B 1681 20.23 -27.13 -7.85
N GLN B 1682 19.41 -26.34 -8.55
CA GLN B 1682 18.02 -26.24 -8.16
C GLN B 1682 17.27 -27.53 -8.43
N GLN B 1683 17.55 -28.20 -9.55
CA GLN B 1683 16.73 -29.33 -9.96
C GLN B 1683 17.10 -30.62 -9.24
N ASN B 1684 18.37 -30.81 -8.90
CA ASN B 1684 18.82 -32.06 -8.30
C ASN B 1684 19.05 -31.96 -6.80
N THR B 1685 18.93 -30.76 -6.22
CA THR B 1685 19.18 -30.57 -4.80
C THR B 1685 18.02 -29.83 -4.14
N MET B 1686 17.77 -28.59 -4.56
CA MET B 1686 16.81 -27.76 -3.83
C MET B 1686 15.38 -28.24 -4.05
N LYS B 1687 15.01 -28.48 -5.31
CA LYS B 1687 13.65 -28.93 -5.59
C LYS B 1687 13.33 -30.28 -4.95
N PRO B 1688 14.12 -31.35 -5.16
CA PRO B 1688 13.82 -32.61 -4.45
C PRO B 1688 13.86 -32.49 -2.94
N PHE B 1689 14.81 -31.72 -2.39
CA PHE B 1689 14.95 -31.61 -0.95
C PHE B 1689 13.86 -30.74 -0.35
N GLY B 1690 13.50 -29.65 -1.02
CA GLY B 1690 12.43 -28.81 -0.54
C GLY B 1690 11.08 -29.48 -0.64
N THR B 1691 10.85 -30.24 -1.70
CA THR B 1691 9.62 -31.02 -1.80
C THR B 1691 9.46 -31.94 -0.61
N ALA B 1692 10.48 -32.76 -0.33
CA ALA B 1692 10.37 -33.72 0.77
C ALA B 1692 10.15 -33.01 2.10
N VAL B 1693 10.91 -31.95 2.35
CA VAL B 1693 10.68 -31.17 3.57
C VAL B 1693 9.29 -30.54 3.55
N GLY B 1694 8.84 -30.10 2.38
CA GLY B 1694 7.56 -29.41 2.30
C GLY B 1694 6.39 -30.31 2.62
N LYS B 1695 6.49 -31.58 2.25
CA LYS B 1695 5.38 -32.50 2.52
C LYS B 1695 5.20 -32.70 4.02
N LEU B 1696 6.29 -32.65 4.80
CA LEU B 1696 6.19 -32.83 6.24
C LEU B 1696 5.84 -31.53 6.97
N LEU B 1697 6.19 -30.38 6.41
CA LEU B 1697 5.85 -29.10 7.02
C LEU B 1697 4.51 -28.56 6.56
N ARG B 1698 3.85 -29.22 5.61
CA ARG B 1698 2.51 -28.83 5.22
C ARG B 1698 1.62 -28.69 6.45
N SER B 1699 0.87 -27.60 6.50
CA SER B 1699 -0.15 -27.38 7.52
C SER B 1699 -1.04 -26.23 7.06
N PRO B 1700 -2.23 -26.10 7.63
CA PRO B 1700 -3.08 -24.95 7.30
C PRO B 1700 -2.38 -23.61 7.47
N GLY B 1701 -1.47 -23.49 8.44
CA GLY B 1701 -0.72 -22.26 8.61
C GLY B 1701 0.44 -22.13 7.66
N ASN B 1702 1.00 -23.24 7.21
CA ASN B 1702 2.10 -23.24 6.24
C ASN B 1702 1.73 -24.22 5.12
N PRO B 1703 0.91 -23.77 4.16
CA PRO B 1703 0.56 -24.64 3.03
C PRO B 1703 1.77 -25.14 2.25
N ARG B 1704 2.69 -24.24 1.86
CA ARG B 1704 3.84 -24.63 1.06
C ARG B 1704 4.92 -25.32 1.87
N GLY B 1705 4.78 -25.42 3.18
CA GLY B 1705 5.72 -26.15 4.00
C GLY B 1705 7.14 -25.61 4.01
N VAL B 1706 7.28 -24.30 4.07
CA VAL B 1706 8.62 -23.70 4.01
C VAL B 1706 9.12 -23.45 5.42
N PRO B 1707 10.39 -23.73 5.72
CA PRO B 1707 10.90 -23.41 7.06
C PRO B 1707 10.97 -21.91 7.27
N ASP B 1708 10.56 -21.48 8.46
CA ASP B 1708 10.82 -20.10 8.87
C ASP B 1708 12.23 -19.94 9.39
N LEU B 1709 12.81 -21.03 9.91
CA LEU B 1709 14.12 -20.98 10.55
C LEU B 1709 14.82 -22.31 10.33
N VAL B 1710 16.11 -22.27 10.04
CA VAL B 1710 16.93 -23.47 9.92
C VAL B 1710 17.96 -23.47 11.04
N ILE B 1711 18.09 -24.61 11.70
CA ILE B 1711 19.16 -24.84 12.66
C ILE B 1711 20.26 -25.56 11.89
N GLU B 1712 21.23 -24.80 11.39
CA GLU B 1712 22.40 -25.39 10.74
C GLU B 1712 23.33 -26.02 11.77
N ARG B 1713 24.37 -26.70 11.27
CA ARG B 1713 25.28 -27.47 12.11
C ARG B 1713 26.71 -27.19 11.71
N ALA B 1714 27.56 -26.92 12.70
CA ALA B 1714 28.93 -26.50 12.42
C ALA B 1714 29.74 -27.57 11.68
N GLY B 1715 29.39 -28.84 11.86
CA GLY B 1715 30.15 -29.94 11.29
C GLY B 1715 29.91 -30.25 9.83
N GLN B 1716 29.16 -29.41 9.11
CA GLN B 1716 28.95 -29.60 7.68
C GLN B 1716 28.97 -28.23 7.02
N ASP B 1717 28.87 -28.22 5.69
CA ASP B 1717 28.84 -26.99 4.91
C ASP B 1717 27.62 -27.03 3.97
N THR B 1718 26.44 -27.06 4.56
CA THR B 1718 25.20 -27.08 3.82
C THR B 1718 24.49 -25.72 3.83
N LEU B 1719 25.24 -24.65 4.15
CA LEU B 1719 24.62 -23.36 4.39
C LEU B 1719 23.92 -22.83 3.15
N GLY B 1720 24.49 -23.11 1.97
CA GLY B 1720 23.86 -22.69 0.73
C GLY B 1720 22.46 -23.27 0.59
N VAL B 1721 22.33 -24.57 0.81
CA VAL B 1721 21.02 -25.20 0.74
C VAL B 1721 20.07 -24.55 1.73
N SER B 1722 20.51 -24.40 2.98
CA SER B 1722 19.63 -23.89 4.03
C SER B 1722 19.17 -22.46 3.75
N THR B 1723 20.09 -21.59 3.35
CA THR B 1723 19.69 -20.23 2.98
C THR B 1723 18.78 -20.22 1.77
N SER B 1724 18.96 -21.17 0.85
CA SER B 1724 18.10 -21.27 -0.32
C SER B 1724 16.74 -21.89 -0.03
N LEU B 1725 16.59 -22.61 1.08
CA LEU B 1725 15.33 -23.26 1.43
C LEU B 1725 14.50 -22.44 2.41
N VAL B 1726 15.13 -21.81 3.38
CA VAL B 1726 14.45 -21.00 4.38
C VAL B 1726 13.61 -19.92 3.68
N LYS B 1727 12.50 -19.53 4.29
CA LYS B 1727 11.58 -18.63 3.63
C LYS B 1727 12.30 -17.35 3.20
N PRO B 1728 11.84 -16.72 2.13
CA PRO B 1728 12.38 -15.41 1.77
C PRO B 1728 11.93 -14.34 2.76
N PHE B 1729 12.68 -13.24 2.79
CA PHE B 1729 12.24 -12.05 3.51
C PHE B 1729 12.19 -12.29 5.01
N GLY B 1730 13.35 -12.37 5.65
CA GLY B 1730 13.41 -12.60 7.07
C GLY B 1730 13.64 -14.03 7.49
N GLY B 1731 13.74 -14.95 6.53
CA GLY B 1731 14.14 -16.31 6.87
C GLY B 1731 15.49 -16.32 7.57
N ARG B 1732 15.58 -17.12 8.63
CA ARG B 1732 16.74 -17.15 9.51
C ARG B 1732 17.42 -18.52 9.48
N VAL B 1733 18.75 -18.50 9.53
CA VAL B 1733 19.56 -19.69 9.74
C VAL B 1733 20.44 -19.44 10.96
N ILE B 1734 20.51 -20.42 11.87
CA ILE B 1734 21.28 -20.26 13.10
C ILE B 1734 22.31 -21.37 13.20
N TYR B 1735 23.45 -21.01 13.78
CA TYR B 1735 24.47 -21.93 14.23
C TYR B 1735 24.63 -21.75 15.72
N ALA B 1736 24.77 -22.85 16.46
CA ALA B 1736 25.09 -22.77 17.87
C ALA B 1736 26.44 -23.39 18.23
N GLU B 1737 27.02 -24.19 17.35
CA GLU B 1737 28.23 -24.91 17.67
C GLU B 1737 29.46 -24.10 17.25
N GLU B 1738 30.62 -24.56 17.72
CA GLU B 1738 31.89 -23.90 17.40
C GLU B 1738 32.19 -24.03 15.91
N MET B 1739 32.39 -22.90 15.25
CA MET B 1739 32.68 -22.86 13.82
C MET B 1739 34.13 -22.55 13.51
N ALA B 1740 35.01 -22.46 14.52
CA ALA B 1740 36.41 -22.12 14.27
C ALA B 1740 37.10 -23.16 13.41
N GLY B 1741 37.96 -22.67 12.51
CA GLY B 1741 38.78 -23.54 11.67
C GLY B 1741 38.04 -24.20 10.54
N ARG B 1742 36.86 -23.71 10.18
CA ARG B 1742 36.07 -24.30 9.12
C ARG B 1742 35.58 -23.22 8.18
N ARG B 1743 35.45 -23.60 6.90
CA ARG B 1743 34.89 -22.75 5.87
C ARG B 1743 33.42 -23.11 5.65
N TYR B 1744 32.61 -22.08 5.40
CA TYR B 1744 31.21 -22.21 5.07
C TYR B 1744 30.95 -21.38 3.82
N THR B 1745 29.86 -21.69 3.11
CA THR B 1745 29.64 -21.13 1.80
C THR B 1745 28.15 -20.99 1.51
N PHE B 1746 27.82 -20.02 0.66
CA PHE B 1746 26.44 -19.86 0.22
C PHE B 1746 26.40 -18.96 -1.01
N TYR B 1747 25.22 -18.94 -1.65
CA TYR B 1747 24.99 -18.17 -2.86
C TYR B 1747 24.52 -16.78 -2.45
N ALA B 1748 25.31 -15.75 -2.80
CA ALA B 1748 25.05 -14.41 -2.28
C ALA B 1748 23.65 -13.91 -2.55
N PRO B 1749 23.12 -13.95 -3.78
CA PRO B 1749 21.77 -13.41 -4.02
C PRO B 1749 20.72 -14.00 -3.11
N GLN B 1750 20.87 -15.27 -2.73
CA GLN B 1750 19.87 -15.90 -1.89
C GLN B 1750 19.74 -15.22 -0.53
N VAL B 1751 20.80 -14.55 -0.07
CA VAL B 1751 20.78 -13.91 1.24
C VAL B 1751 20.41 -12.43 1.15
N TRP B 1752 20.97 -11.67 0.22
CA TRP B 1752 20.70 -10.24 0.21
C TRP B 1752 19.39 -9.90 -0.51
N THR B 1753 19.20 -10.40 -1.74
CA THR B 1753 18.01 -10.03 -2.50
C THR B 1753 16.73 -10.46 -1.79
N ARG B 1754 16.80 -11.55 -1.03
CA ARG B 1754 15.70 -12.00 -0.21
C ARG B 1754 15.85 -11.58 1.25
N GLN B 1755 16.90 -10.84 1.57
CA GLN B 1755 17.16 -10.34 2.92
C GLN B 1755 16.93 -11.43 3.96
N ARG B 1756 17.82 -12.41 3.94
CA ARG B 1756 17.84 -13.49 4.92
C ARG B 1756 18.93 -13.22 5.96
N ARG B 1757 18.77 -13.84 7.12
CA ARG B 1757 19.64 -13.56 8.25
C ARG B 1757 20.30 -14.85 8.73
N ILE B 1758 21.59 -14.75 9.05
CA ILE B 1758 22.37 -15.85 9.57
C ILE B 1758 22.89 -15.42 10.95
N TYR B 1759 22.44 -16.10 12.00
CA TYR B 1759 22.89 -15.83 13.36
C TYR B 1759 23.89 -16.91 13.76
N MET B 1760 25.10 -16.50 14.12
CA MET B 1760 26.12 -17.42 14.56
C MET B 1760 26.51 -17.08 16.00
N PRO B 1761 27.18 -18.01 16.71
CA PRO B 1761 27.44 -17.75 18.14
C PRO B 1761 28.03 -16.39 18.40
N SER B 1762 29.05 -15.98 17.62
CA SER B 1762 29.75 -14.74 17.87
C SER B 1762 29.78 -13.80 16.65
N ALA B 1763 28.95 -14.06 15.64
CA ALA B 1763 28.91 -13.25 14.43
C ALA B 1763 27.53 -13.35 13.80
N GLU B 1764 27.19 -12.35 12.98
CA GLU B 1764 25.90 -12.32 12.30
C GLU B 1764 26.07 -11.74 10.90
N ILE B 1765 25.38 -12.36 9.93
CA ILE B 1765 25.36 -11.90 8.54
C ILE B 1765 23.92 -11.62 8.18
N PHE B 1766 23.59 -10.35 7.93
CA PHE B 1766 22.23 -9.94 7.61
C PHE B 1766 22.19 -9.43 6.18
N GLY B 1767 21.42 -10.12 5.33
CA GLY B 1767 21.19 -9.61 3.98
C GLY B 1767 20.30 -8.38 4.01
N THR B 1768 20.61 -7.44 3.14
CA THR B 1768 19.80 -6.24 3.00
C THR B 1768 19.74 -5.86 1.53
N HIS B 1769 18.60 -5.33 1.11
CA HIS B 1769 18.31 -5.04 -0.30
C HIS B 1769 17.51 -3.74 -0.34
N LEU B 1770 17.99 -2.80 -1.15
CA LEU B 1770 17.37 -1.50 -1.37
C LEU B 1770 16.62 -0.95 -0.16
N CYS B 1771 15.40 -0.43 -0.36
CA CYS B 1771 14.56 0.10 0.72
C CYS B 1771 13.13 0.18 0.18
N ASN B 1772 12.18 0.37 1.09
CA ASN B 1772 10.80 0.64 0.72
C ASN B 1772 10.55 2.15 0.71
N ALA B 1773 9.40 2.54 0.15
CA ALA B 1773 9.10 3.96 -0.06
C ALA B 1773 8.97 4.74 1.25
N TYR B 1774 8.56 4.08 2.33
CA TYR B 1774 8.49 4.79 3.61
C TYR B 1774 9.87 5.15 4.13
N GLU B 1775 10.85 4.27 3.95
CA GLU B 1775 12.20 4.58 4.38
C GLU B 1775 12.79 5.74 3.59
N VAL B 1776 12.40 5.87 2.32
CA VAL B 1776 12.80 7.05 1.54
C VAL B 1776 12.30 8.33 2.21
N THR B 1777 11.05 8.35 2.66
CA THR B 1777 10.55 9.55 3.30
C THR B 1777 11.32 9.83 4.58
N MET B 1778 11.67 8.78 5.33
CA MET B 1778 12.53 8.96 6.50
C MET B 1778 13.91 9.49 6.11
N MET B 1779 14.47 8.96 5.03
CA MET B 1779 15.78 9.41 4.56
C MET B 1779 15.75 10.90 4.24
N ASN B 1780 14.78 11.31 3.43
CA ASN B 1780 14.69 12.72 3.05
C ASN B 1780 14.38 13.59 4.25
N GLU B 1781 13.74 13.04 5.27
CA GLU B 1781 13.58 13.75 6.53
C GLU B 1781 14.93 14.00 7.19
N MET B 1782 15.82 13.02 7.14
CA MET B 1782 17.16 13.18 7.71
C MET B 1782 18.02 14.11 6.86
N VAL B 1783 17.88 14.04 5.54
CA VAL B 1783 18.61 14.97 4.67
C VAL B 1783 18.21 16.41 5.00
N ALA B 1784 16.91 16.63 5.24
CA ALA B 1784 16.45 17.96 5.57
C ALA B 1784 17.02 18.43 6.91
N ALA B 1785 17.12 17.51 7.88
CA ALA B 1785 17.57 17.86 9.23
C ALA B 1785 19.08 17.92 9.36
N GLY B 1786 19.84 17.60 8.31
CA GLY B 1786 21.28 17.57 8.38
C GLY B 1786 21.88 16.24 8.76
N LEU B 1787 21.10 15.34 9.35
CA LEU B 1787 21.63 14.05 9.79
C LEU B 1787 22.29 13.28 8.66
N LEU B 1788 21.79 13.46 7.42
CA LEU B 1788 22.37 12.83 6.25
C LEU B 1788 22.83 13.92 5.28
N ASP B 1789 23.77 13.56 4.41
CA ASP B 1789 24.35 14.52 3.48
C ASP B 1789 24.36 13.93 2.08
N VAL B 1790 23.72 14.62 1.14
CA VAL B 1790 23.67 14.20 -0.25
C VAL B 1790 25.01 14.54 -0.90
N THR B 1791 25.78 13.52 -1.25
CA THR B 1791 26.98 13.73 -2.05
C THR B 1791 26.64 14.46 -3.34
N GLU B 1792 27.36 15.55 -3.62
CA GLU B 1792 27.14 16.31 -4.85
C GLU B 1792 27.57 15.50 -6.07
N PRO B 1793 26.67 15.18 -6.99
CA PRO B 1793 27.03 14.26 -8.07
C PRO B 1793 27.99 14.88 -9.07
N THR B 1794 28.68 13.99 -9.77
CA THR B 1794 29.42 14.34 -10.98
C THR B 1794 28.43 14.38 -12.14
N MET B 1795 28.13 15.56 -12.65
CA MET B 1795 27.13 15.69 -13.68
C MET B 1795 27.71 15.31 -15.04
N VAL B 1796 26.89 14.64 -15.83
CA VAL B 1796 27.30 14.12 -17.14
C VAL B 1796 26.23 14.49 -18.15
N PRO B 1797 26.59 14.93 -19.35
CA PRO B 1797 25.58 15.20 -20.39
C PRO B 1797 24.90 13.90 -20.85
N TRP B 1798 23.81 14.08 -21.59
CA TRP B 1798 23.05 12.93 -22.07
C TRP B 1798 23.94 11.98 -22.85
N GLU B 1799 24.78 12.51 -23.66
CA GLU B 1799 25.66 11.72 -24.49
C GLU B 1799 26.76 11.02 -23.73
N GLY B 1800 27.07 11.48 -22.56
CA GLY B 1800 28.14 10.89 -21.79
C GLY B 1800 27.73 9.73 -20.92
N LEU B 1801 26.47 9.30 -21.01
CA LEU B 1801 26.00 8.24 -20.12
C LEU B 1801 26.74 6.94 -20.36
N PRO B 1802 26.84 6.41 -21.59
CA PRO B 1802 27.63 5.18 -21.77
C PRO B 1802 29.02 5.27 -21.17
N GLU B 1803 29.70 6.41 -21.31
CA GLU B 1803 31.04 6.55 -20.73
C GLU B 1803 31.01 6.49 -19.22
N ALA B 1804 29.97 7.08 -18.61
CA ALA B 1804 29.87 7.04 -17.14
C ALA B 1804 29.64 5.61 -16.66
N HIS B 1805 28.81 4.86 -17.36
CA HIS B 1805 28.61 3.46 -17.01
C HIS B 1805 29.91 2.70 -17.10
N GLN B 1806 30.63 2.86 -18.22
CA GLN B 1806 31.90 2.16 -18.41
C GLN B 1806 32.93 2.58 -17.37
N ALA B 1807 32.98 3.87 -17.04
CA ALA B 1807 33.90 4.34 -16.02
C ALA B 1807 33.63 3.67 -14.68
N MET B 1808 32.35 3.45 -14.34
CA MET B 1808 32.02 2.71 -13.12
C MET B 1808 32.48 1.26 -13.23
N TRP B 1809 32.22 0.64 -14.38
CA TRP B 1809 32.56 -0.77 -14.59
C TRP B 1809 34.06 -1.00 -14.51
N ASP B 1810 34.85 -0.06 -15.04
CA ASP B 1810 36.30 -0.16 -15.01
C ASP B 1810 36.89 0.39 -13.72
N ASN B 1811 36.06 0.87 -12.80
CA ASN B 1811 36.56 1.47 -11.57
C ASN B 1811 37.49 2.63 -11.85
N ARG B 1812 37.11 3.48 -12.80
CA ARG B 1812 37.84 4.70 -13.14
C ARG B 1812 37.00 5.92 -12.83
N HIS B 1813 36.19 5.86 -11.77
CA HIS B 1813 35.31 6.97 -11.42
C HIS B 1813 36.05 8.29 -11.50
N SER B 1814 35.42 9.28 -12.15
CA SER B 1814 35.91 10.65 -12.10
C SER B 1814 35.41 11.40 -10.87
N GLY B 1815 34.32 10.94 -10.26
CA GLY B 1815 33.84 11.47 -9.00
C GLY B 1815 33.13 10.41 -8.18
N ALA B 1816 32.52 10.80 -7.06
CA ALA B 1816 31.92 9.81 -6.18
C ALA B 1816 30.75 9.10 -6.87
N THR B 1817 29.87 9.86 -7.51
CA THR B 1817 28.65 9.30 -8.09
C THR B 1817 28.21 10.14 -9.29
N TYR B 1818 27.70 9.47 -10.32
CA TYR B 1818 27.34 10.09 -11.58
C TYR B 1818 25.84 10.38 -11.68
N VAL B 1819 25.52 11.43 -12.43
CA VAL B 1819 24.15 11.79 -12.78
C VAL B 1819 24.12 12.33 -14.21
N VAL B 1820 23.15 11.92 -14.99
CA VAL B 1820 23.07 12.34 -16.34
C VAL B 1820 22.13 13.52 -16.47
N ASN B 1821 22.53 14.54 -17.19
CA ASN B 1821 21.70 15.70 -17.44
C ASN B 1821 20.77 15.41 -18.61
N HIS B 1822 19.46 15.46 -18.36
CA HIS B 1822 18.47 15.36 -19.44
C HIS B 1822 18.04 16.74 -19.95
N ALA B 1823 17.61 17.63 -19.05
CA ALA B 1823 17.09 18.93 -19.47
C ALA B 1823 17.27 19.99 -18.38
N LEU B 1824 18.40 19.96 -17.68
CA LEU B 1824 18.71 21.03 -16.74
C LEU B 1824 19.47 22.13 -17.48
N PRO B 1825 18.93 23.35 -17.55
CA PRO B 1825 19.56 24.39 -18.38
C PRO B 1825 20.80 25.01 -17.76
N ALA B 1826 20.96 24.92 -16.45
CA ALA B 1826 22.17 25.41 -15.79
C ALA B 1826 22.33 24.63 -14.50
N MET B 1827 23.57 24.59 -14.02
CA MET B 1827 23.85 23.96 -12.74
C MET B 1827 23.73 24.99 -11.63
N GLY B 1828 23.33 24.52 -10.46
CA GLY B 1828 23.13 25.37 -9.31
C GLY B 1828 21.69 25.76 -9.06
N LEU B 1829 20.79 25.56 -10.01
CA LEU B 1829 19.40 25.93 -9.80
C LEU B 1829 18.85 25.20 -8.59
N THR B 1830 17.85 25.79 -7.96
CA THR B 1830 17.32 25.23 -6.72
C THR B 1830 15.80 25.17 -6.62
N THR B 1831 15.05 25.78 -7.54
CA THR B 1831 13.60 25.69 -7.50
C THR B 1831 13.05 25.38 -8.89
N LYS B 1832 11.83 24.82 -8.88
CA LYS B 1832 11.10 24.56 -10.12
C LYS B 1832 10.95 25.83 -10.93
N ASP B 1833 10.65 26.94 -10.26
CA ASP B 1833 10.40 28.19 -10.99
C ASP B 1833 11.69 28.70 -11.63
N GLU B 1834 12.84 28.49 -10.99
CA GLU B 1834 14.10 28.81 -11.65
C GLU B 1834 14.30 27.97 -12.89
N LEU B 1835 13.96 26.68 -12.83
CA LEU B 1835 14.07 25.81 -14.00
C LEU B 1835 13.27 26.37 -15.17
N LEU B 1836 11.99 26.61 -14.96
CA LEU B 1836 11.13 27.08 -16.04
C LEU B 1836 11.56 28.45 -16.53
N GLU B 1837 12.01 29.31 -15.62
CA GLU B 1837 12.45 30.64 -16.03
C GLU B 1837 13.66 30.56 -16.94
N TYR B 1838 14.65 29.73 -16.59
CA TYR B 1838 15.82 29.60 -17.44
C TYR B 1838 15.49 28.99 -18.79
N TRP B 1839 14.46 28.16 -18.84
CA TRP B 1839 14.09 27.54 -20.11
C TRP B 1839 13.57 28.57 -21.11
N VAL B 1840 12.65 29.44 -20.67
CA VAL B 1840 12.13 30.47 -21.56
C VAL B 1840 13.22 31.48 -21.92
N ALA B 1841 14.20 31.67 -21.03
CA ALA B 1841 15.29 32.60 -21.32
C ALA B 1841 16.26 32.03 -22.33
N ALA B 1842 16.43 30.71 -22.37
CA ALA B 1842 17.40 30.10 -23.29
C ALA B 1842 16.93 30.16 -24.73
N GLN B 1843 15.63 30.08 -24.97
CA GLN B 1843 15.08 30.20 -26.30
C GLN B 1843 15.46 31.54 -26.93
#